data_4Q0E
#
_entry.id   4Q0E
#
_cell.length_a   213.629
_cell.length_b   115.540
_cell.length_c   217.973
_cell.angle_alpha   90.00
_cell.angle_beta   94.56
_cell.angle_gamma   90.00
#
_symmetry.space_group_name_H-M   'C 1 2 1'
#
loop_
_entity.id
_entity.type
_entity.pdbx_description
1 polymer 'Bifunctional dihydrofolate reductase-thymidylate synthase'
2 non-polymer 'NADPH DIHYDRO-NICOTINAMIDE-ADENINE-DINUCLEOTIDE PHOSPHATE'
3 non-polymer "5-FLUORO-2'-DEOXYURIDINE-5'-MONOPHOSPHATE"
4 non-polymer 'N-{4-[(2-amino-4-hydroxy-7H-pyrrolo[2,3-d]pyrimidin-5-yl)methyl]benzoyl}-L-glutamic acid'
5 water water
#
_entity_poly.entity_id   1
_entity_poly.type   'polypeptide(L)'
_entity_poly.pdbx_seq_one_letter_code
;MSEKNVSIVVAASVLSSGIGINGQLPWSISEDLKFFSKITNNKCDSNKKNALIMGRKTWDSIGRRPLKNRIIVVISSSLP
QDEADPNVVVFRNLEDSIENLMNDDSIENIFVCGGESIYRDALKDNFVDRIYLTRVALEDIEFDTYFPEIPETFLPVYMS
QTFCTKNISYDFMIFEKQEKKTLQNCDPARGQLKSIDDTVDLLGEIFGIRKMGNRHKFPKEEIYNTPSIRFGREHYEFQY
LDLLSRVLENGAYRENRTGISTYSIFGQMMRFDMRESFPLLTTKKVAIRSIFEELIWFIKGDTNGNHLIEKKVYIWSGNG
SKEYLERIGLGHREENDLGPIYGFQWRHYNGEYKTMHDDYTGVGVDQLAKLIETLKNNPKDRRHILTAWNPSALSQMALP
PCHVLSQYYVTNDNCLSCNLYQRSCDLGLGSPFNIASYAILTMMLAQVCGYEPGELAIFIGDAHIYENHLTQLKEQLSRT
PRPFPQLKFKRKVENIEDFKWEDIELIGYYPYPTIKMDMAV
;
_entity_poly.pdbx_strand_id   A,B,C,D,E
#
loop_
_chem_comp.id
_chem_comp.type
_chem_comp.name
_chem_comp.formula
2XB non-polymer 'N-{4-[(2-amino-4-hydroxy-7H-pyrrolo[2,3-d]pyrimidin-5-yl)methyl]benzoyl}-L-glutamic acid' 'C19 H19 N5 O6'
NDP non-polymer 'NADPH DIHYDRO-NICOTINAMIDE-ADENINE-DINUCLEOTIDE PHOSPHATE' 'C21 H30 N7 O17 P3'
UFP DNA linking 5-FLUORO-2'-DEOXYURIDINE-5'-MONOPHOSPHATE 'C9 H12 F N2 O8 P'
#
# COMPACT_ATOMS: atom_id res chain seq x y z
N GLU A 3 2.17 -2.50 -45.08
CA GLU A 3 3.20 -3.23 -44.36
C GLU A 3 3.43 -2.63 -42.98
N LYS A 4 3.54 -3.49 -41.97
CA LYS A 4 3.74 -3.05 -40.60
C LYS A 4 4.72 -3.98 -39.90
N ASN A 5 5.50 -3.44 -38.97
CA ASN A 5 6.55 -4.20 -38.30
C ASN A 5 6.00 -5.14 -37.22
N VAL A 6 6.41 -6.40 -37.28
CA VAL A 6 5.98 -7.38 -36.30
C VAL A 6 7.17 -7.94 -35.53
N SER A 7 7.29 -7.56 -34.27
CA SER A 7 8.42 -7.96 -33.45
C SER A 7 8.02 -8.99 -32.38
N ILE A 8 8.95 -9.85 -32.01
CA ILE A 8 8.69 -10.83 -30.96
C ILE A 8 9.42 -10.42 -29.68
N VAL A 9 8.69 -10.40 -28.58
CA VAL A 9 9.28 -10.09 -27.27
C VAL A 9 9.16 -11.32 -26.38
N VAL A 10 10.29 -11.79 -25.86
CA VAL A 10 10.31 -13.02 -25.09
C VAL A 10 11.50 -13.09 -24.12
N ALA A 11 11.24 -13.58 -22.91
CA ALA A 11 12.30 -13.84 -21.95
C ALA A 11 12.46 -15.35 -21.76
N ALA A 12 13.58 -15.88 -22.24
CA ALA A 12 13.84 -17.30 -22.14
C ALA A 12 15.13 -17.58 -21.37
N SER A 13 15.27 -18.80 -20.86
CA SER A 13 16.49 -19.19 -20.18
C SER A 13 17.64 -19.24 -21.18
N VAL A 14 18.86 -19.12 -20.70
CA VAL A 14 20.05 -19.03 -21.56
C VAL A 14 20.31 -20.27 -22.42
N LEU A 15 20.15 -21.47 -21.85
CA LEU A 15 20.46 -22.72 -22.57
C LEU A 15 19.30 -23.56 -23.13
N SER A 16 18.29 -23.87 -22.30
CA SER A 16 17.12 -24.63 -22.74
C SER A 16 16.02 -23.74 -23.33
N SER A 17 16.16 -22.43 -23.16
CA SER A 17 15.20 -21.45 -23.64
C SER A 17 13.79 -21.62 -23.05
N GLY A 18 13.74 -21.98 -21.77
CA GLY A 18 12.47 -22.10 -21.08
C GLY A 18 11.87 -20.74 -20.79
N ILE A 19 10.55 -20.62 -20.99
CA ILE A 19 9.85 -19.37 -20.76
C ILE A 19 8.76 -19.39 -19.67
N GLY A 20 8.31 -20.58 -19.29
CA GLY A 20 7.25 -20.72 -18.31
C GLY A 20 7.21 -22.05 -17.57
N ILE A 21 6.53 -22.05 -16.41
CA ILE A 21 6.33 -23.26 -15.64
C ILE A 21 5.00 -23.21 -14.87
N ASN A 22 4.17 -24.24 -15.08
CA ASN A 22 2.88 -24.35 -14.40
C ASN A 22 1.96 -23.14 -14.56
N GLY A 23 1.97 -22.56 -15.75
CA GLY A 23 1.09 -21.44 -16.05
C GLY A 23 1.60 -20.11 -15.54
N GLN A 24 2.88 -20.04 -15.22
CA GLN A 24 3.50 -18.80 -14.77
C GLN A 24 5.00 -18.76 -15.07
N LEU A 25 5.61 -17.61 -14.82
CA LEU A 25 7.03 -17.43 -15.09
C LEU A 25 7.91 -18.10 -14.03
N PRO A 26 9.02 -18.70 -14.47
CA PRO A 26 9.99 -19.35 -13.57
C PRO A 26 10.94 -18.35 -12.91
N TRP A 27 10.63 -17.07 -13.00
CA TRP A 27 11.43 -16.02 -12.38
C TRP A 27 10.61 -14.76 -12.13
N SER A 28 11.16 -13.85 -11.32
CA SER A 28 10.52 -12.57 -11.05
C SER A 28 11.52 -11.45 -11.22
N ILE A 29 11.54 -10.84 -12.40
CA ILE A 29 12.47 -9.75 -12.70
C ILE A 29 11.71 -8.49 -13.12
N SER A 30 11.65 -7.52 -12.21
CA SER A 30 10.91 -6.29 -12.46
C SER A 30 11.48 -5.51 -13.64
N GLU A 31 12.79 -5.55 -13.79
CA GLU A 31 13.46 -4.87 -14.90
C GLU A 31 13.05 -5.45 -16.23
N ASP A 32 12.77 -6.76 -16.25
CA ASP A 32 12.37 -7.44 -17.48
C ASP A 32 10.96 -7.07 -17.89
N LEU A 33 10.04 -7.08 -16.92
CA LEU A 33 8.66 -6.71 -17.16
C LEU A 33 8.59 -5.24 -17.59
N LYS A 34 9.40 -4.42 -16.94
CA LYS A 34 9.47 -3.00 -17.27
C LYS A 34 10.00 -2.85 -18.70
N PHE A 35 11.00 -3.65 -19.05
CA PHE A 35 11.54 -3.66 -20.41
C PHE A 35 10.47 -4.00 -21.43
N PHE A 36 9.64 -4.99 -21.07
CA PHE A 36 8.51 -5.38 -21.90
C PHE A 36 7.57 -4.20 -22.09
N SER A 37 7.20 -3.56 -20.98
CA SER A 37 6.23 -2.48 -20.99
C SER A 37 6.71 -1.31 -21.84
N LYS A 38 8.01 -1.09 -21.85
CA LYS A 38 8.59 0.08 -22.52
C LYS A 38 8.80 -0.20 -23.99
N ILE A 39 9.25 -1.42 -24.27
CA ILE A 39 9.48 -1.87 -25.64
C ILE A 39 8.17 -2.08 -26.38
N THR A 40 7.07 -2.23 -25.63
CA THR A 40 5.76 -2.39 -26.25
C THR A 40 5.00 -1.07 -26.31
N ASN A 41 5.40 -0.12 -25.48
CA ASN A 41 4.78 1.21 -25.48
C ASN A 41 5.49 2.19 -26.41
N ASN A 42 6.60 1.73 -27.01
CA ASN A 42 7.37 2.58 -27.90
C ASN A 42 6.65 2.85 -29.22
N LYS A 43 6.37 4.12 -29.51
CA LYS A 43 5.65 4.49 -30.71
C LYS A 43 5.95 5.93 -31.13
N CYS A 44 5.62 6.27 -32.38
CA CYS A 44 5.82 7.61 -32.89
C CYS A 44 4.54 8.43 -32.88
N ASP A 45 3.48 7.86 -33.46
CA ASP A 45 2.19 8.54 -33.54
C ASP A 45 1.43 8.42 -32.24
N SER A 46 1.00 9.56 -31.69
CA SER A 46 0.23 9.58 -30.45
C SER A 46 -1.20 9.11 -30.69
N ASN A 47 -1.65 9.25 -31.93
CA ASN A 47 -3.01 8.85 -32.31
C ASN A 47 -3.10 7.35 -32.58
N LYS A 48 -1.97 6.67 -32.53
CA LYS A 48 -1.93 5.23 -32.78
C LYS A 48 -1.57 4.44 -31.53
N LYS A 49 -1.83 3.14 -31.56
CA LYS A 49 -1.50 2.24 -30.46
C LYS A 49 -0.75 1.03 -31.00
N ASN A 50 -0.21 0.22 -30.09
CA ASN A 50 0.46 -1.02 -30.47
C ASN A 50 -0.40 -2.24 -30.11
N ALA A 51 -0.45 -3.20 -31.04
CA ALA A 51 -1.24 -4.42 -30.82
C ALA A 51 -0.38 -5.52 -30.23
N LEU A 52 -0.90 -6.18 -29.20
CA LEU A 52 -0.15 -7.24 -28.53
C LEU A 52 -0.85 -8.59 -28.70
N ILE A 53 -0.25 -9.46 -29.51
CA ILE A 53 -0.81 -10.78 -29.76
C ILE A 53 -0.26 -11.78 -28.74
N MET A 54 -1.15 -12.53 -28.12
CA MET A 54 -0.76 -13.52 -27.13
C MET A 54 -1.73 -14.70 -27.11
N GLY A 55 -1.26 -15.83 -26.61
CA GLY A 55 -2.10 -17.02 -26.51
C GLY A 55 -3.16 -16.89 -25.44
N ARG A 56 -4.09 -17.83 -25.41
CA ARG A 56 -5.17 -17.82 -24.43
C ARG A 56 -4.63 -18.03 -23.02
N LYS A 57 -3.69 -18.97 -22.89
CA LYS A 57 -3.11 -19.30 -21.61
C LYS A 57 -2.26 -18.16 -21.07
N THR A 58 -1.60 -17.43 -21.97
CA THR A 58 -0.85 -16.25 -21.58
C THR A 58 -1.82 -15.16 -21.13
N TRP A 59 -2.96 -15.06 -21.81
CA TRP A 59 -4.00 -14.11 -21.45
C TRP A 59 -4.57 -14.44 -20.07
N ASP A 60 -4.54 -15.73 -19.72
CA ASP A 60 -4.95 -16.15 -18.39
C ASP A 60 -3.85 -15.83 -17.38
N SER A 61 -2.61 -15.89 -17.84
CA SER A 61 -1.45 -15.66 -16.98
C SER A 61 -1.42 -14.24 -16.42
N ILE A 62 -1.84 -13.27 -17.22
CA ILE A 62 -1.85 -11.87 -16.78
C ILE A 62 -3.12 -11.52 -16.02
N GLY A 63 -3.93 -12.51 -15.71
CA GLY A 63 -5.10 -12.25 -14.93
C GLY A 63 -6.21 -11.71 -15.74
N ARG A 64 -6.15 -11.95 -17.03
CA ARG A 64 -7.18 -11.50 -17.95
C ARG A 64 -7.54 -10.03 -17.76
N ARG A 65 -6.52 -9.20 -17.57
CA ARG A 65 -6.71 -7.76 -17.43
C ARG A 65 -5.87 -7.03 -18.47
N PRO A 66 -6.48 -6.05 -19.16
CA PRO A 66 -5.84 -5.35 -20.28
C PRO A 66 -4.64 -4.52 -19.87
N LEU A 67 -3.72 -4.30 -20.81
CA LEU A 67 -2.55 -3.45 -20.58
C LEU A 67 -2.82 -2.06 -21.13
N LYS A 68 -2.51 -1.05 -20.33
CA LYS A 68 -2.82 0.33 -20.70
C LYS A 68 -2.05 0.80 -21.93
N ASN A 69 -2.71 1.65 -22.72
CA ASN A 69 -2.12 2.24 -23.93
C ASN A 69 -1.73 1.21 -24.99
N ARG A 70 -2.30 0.02 -24.88
CA ARG A 70 -2.02 -1.06 -25.83
C ARG A 70 -3.28 -1.87 -26.08
N ILE A 71 -3.34 -2.55 -27.22
CA ILE A 71 -4.48 -3.38 -27.56
C ILE A 71 -4.09 -4.85 -27.55
N ILE A 72 -4.58 -5.59 -26.56
CA ILE A 72 -4.24 -7.01 -26.42
C ILE A 72 -5.08 -7.88 -27.35
N VAL A 73 -4.39 -8.66 -28.18
CA VAL A 73 -5.05 -9.58 -29.09
C VAL A 73 -4.90 -11.01 -28.60
N VAL A 74 -6.01 -11.61 -28.18
CA VAL A 74 -5.99 -12.95 -27.63
C VAL A 74 -6.31 -13.99 -28.69
N ILE A 75 -5.46 -15.00 -28.81
CA ILE A 75 -5.69 -16.09 -29.76
C ILE A 75 -6.36 -17.25 -29.02
N SER A 76 -7.61 -17.53 -29.38
CA SER A 76 -8.36 -18.61 -28.75
C SER A 76 -9.48 -19.10 -29.65
N SER A 77 -9.77 -20.40 -29.54
CA SER A 77 -10.83 -21.02 -30.32
C SER A 77 -12.11 -21.11 -29.50
N SER A 78 -12.02 -20.77 -28.22
CA SER A 78 -13.15 -20.87 -27.30
C SER A 78 -13.64 -19.51 -26.82
N LEU A 79 -12.72 -18.57 -26.61
CA LEU A 79 -13.10 -17.27 -26.10
C LEU A 79 -14.01 -16.55 -27.09
N PRO A 80 -15.05 -15.90 -26.57
CA PRO A 80 -15.99 -15.10 -27.40
C PRO A 80 -15.52 -13.67 -27.85
N GLN A 81 -16.12 -13.05 -28.89
CA GLN A 81 -15.56 -11.82 -29.43
C GLN A 81 -16.10 -10.65 -28.65
N ASP A 82 -15.44 -10.38 -27.53
CA ASP A 82 -16.02 -9.61 -26.47
C ASP A 82 -15.89 -8.19 -26.92
N GLU A 83 -17.00 -7.71 -27.44
CA GLU A 83 -17.10 -6.38 -28.02
C GLU A 83 -17.22 -5.31 -26.93
N ALA A 84 -17.28 -5.75 -25.68
CA ALA A 84 -17.38 -4.84 -24.55
C ALA A 84 -16.09 -4.05 -24.38
N ASP A 85 -15.02 -4.74 -24.03
CA ASP A 85 -13.71 -4.12 -23.85
C ASP A 85 -13.09 -3.76 -25.20
N PRO A 86 -12.88 -2.46 -25.45
CA PRO A 86 -12.32 -1.99 -26.71
C PRO A 86 -10.79 -2.12 -26.75
N ASN A 87 -10.21 -2.57 -25.64
CA ASN A 87 -8.76 -2.72 -25.55
C ASN A 87 -8.32 -4.18 -25.71
N VAL A 88 -9.29 -5.08 -25.73
CA VAL A 88 -9.01 -6.50 -25.90
C VAL A 88 -9.86 -7.07 -27.03
N VAL A 89 -9.23 -7.85 -27.90
CA VAL A 89 -9.92 -8.46 -29.04
C VAL A 89 -9.48 -9.91 -29.22
N VAL A 90 -10.41 -10.76 -29.64
CA VAL A 90 -10.12 -12.19 -29.81
C VAL A 90 -10.25 -12.64 -31.26
N PHE A 91 -9.24 -13.38 -31.73
CA PHE A 91 -9.27 -13.96 -33.08
C PHE A 91 -9.18 -15.48 -33.00
N ARG A 92 -9.78 -16.14 -33.98
CA ARG A 92 -9.77 -17.60 -34.09
C ARG A 92 -8.40 -18.22 -34.37
N ASN A 93 -7.64 -17.58 -35.26
CA ASN A 93 -6.33 -18.09 -35.66
C ASN A 93 -5.31 -16.96 -35.80
N LEU A 94 -4.03 -17.32 -35.80
CA LEU A 94 -2.96 -16.33 -35.84
C LEU A 94 -2.91 -15.57 -37.17
N GLU A 95 -3.13 -16.28 -38.27
CA GLU A 95 -3.09 -15.66 -39.60
C GLU A 95 -4.17 -14.60 -39.74
N ASP A 96 -5.39 -14.95 -39.37
CA ASP A 96 -6.52 -14.03 -39.40
C ASP A 96 -6.30 -12.89 -38.41
N SER A 97 -5.56 -13.18 -37.35
CA SER A 97 -5.27 -12.20 -36.31
C SER A 97 -4.44 -11.05 -36.86
N ILE A 98 -3.60 -11.35 -37.85
CA ILE A 98 -2.77 -10.32 -38.48
C ILE A 98 -3.56 -9.62 -39.58
N GLU A 99 -4.68 -9.02 -39.19
CA GLU A 99 -5.46 -8.14 -40.05
C GLU A 99 -5.09 -6.69 -39.77
N ASN A 100 -4.25 -6.49 -38.76
CA ASN A 100 -3.76 -5.17 -38.38
C ASN A 100 -2.98 -4.51 -39.52
N LEU A 101 -2.45 -5.34 -40.42
CA LEU A 101 -1.77 -4.85 -41.60
C LEU A 101 -2.77 -4.22 -42.57
N MET A 102 -3.71 -5.03 -43.03
CA MET A 102 -4.64 -4.63 -44.08
C MET A 102 -5.62 -3.56 -43.62
N ASN A 103 -5.90 -3.56 -42.30
CA ASN A 103 -6.92 -2.69 -41.67
C ASN A 103 -6.51 -2.02 -40.34
N ASP A 104 -7.37 -1.15 -39.82
CA ASP A 104 -7.17 -0.47 -38.52
C ASP A 104 -5.92 0.41 -38.32
N ASP A 105 -5.74 1.37 -39.23
CA ASP A 105 -4.53 2.17 -39.35
C ASP A 105 -4.20 2.85 -38.02
N SER A 106 -4.96 2.51 -36.99
CA SER A 106 -4.75 3.03 -35.65
C SER A 106 -3.67 2.23 -34.94
N ILE A 107 -3.18 1.19 -35.59
CA ILE A 107 -2.09 0.37 -35.06
C ILE A 107 -0.78 0.75 -35.75
N GLU A 108 0.24 1.03 -34.96
CA GLU A 108 1.54 1.44 -35.50
C GLU A 108 2.52 0.28 -35.56
N ASN A 109 2.52 -0.55 -34.52
CA ASN A 109 3.40 -1.70 -34.44
C ASN A 109 2.69 -2.93 -33.90
N ILE A 110 3.18 -4.11 -34.27
CA ILE A 110 2.60 -5.37 -33.83
C ILE A 110 3.63 -6.20 -33.06
N PHE A 111 3.24 -6.69 -31.89
CA PHE A 111 4.14 -7.48 -31.07
C PHE A 111 3.56 -8.84 -30.72
N VAL A 112 4.34 -9.86 -31.07
CA VAL A 112 3.98 -11.22 -30.84
C VAL A 112 4.61 -11.44 -29.50
N CYS A 113 3.67 -11.57 -28.64
CA CYS A 113 3.91 -11.40 -27.21
C CYS A 113 3.92 -12.60 -26.32
N GLY A 114 3.54 -13.80 -26.87
CA GLY A 114 3.54 -14.88 -25.93
C GLY A 114 3.12 -16.17 -26.53
N GLY A 115 3.49 -17.20 -25.62
CA GLY A 115 2.79 -18.41 -25.99
C GLY A 115 3.60 -19.28 -26.94
N GLU A 116 4.10 -20.40 -26.44
CA GLU A 116 4.96 -21.27 -27.23
C GLU A 116 4.20 -21.74 -28.46
N SER A 117 2.91 -22.03 -28.27
CA SER A 117 2.04 -22.42 -29.37
C SER A 117 1.89 -21.26 -30.35
N ILE A 118 2.02 -20.03 -29.86
CA ILE A 118 1.96 -18.84 -30.69
C ILE A 118 3.31 -18.53 -31.34
N TYR A 119 4.36 -18.55 -30.53
CA TYR A 119 5.73 -18.30 -31.02
C TYR A 119 6.09 -19.24 -32.17
N ARG A 120 5.86 -20.52 -31.94
CA ARG A 120 6.28 -21.56 -32.87
C ARG A 120 5.65 -21.42 -34.26
N ASP A 121 4.36 -21.15 -34.31
CA ASP A 121 3.70 -20.98 -35.61
C ASP A 121 3.70 -19.53 -36.11
N ALA A 122 4.25 -18.63 -35.30
CA ALA A 122 4.51 -17.26 -35.77
C ALA A 122 5.86 -17.26 -36.47
N LEU A 123 6.72 -18.18 -36.06
CA LEU A 123 8.01 -18.37 -36.71
C LEU A 123 7.88 -19.29 -37.92
N LYS A 124 7.08 -20.34 -37.79
CA LYS A 124 6.91 -21.34 -38.84
C LYS A 124 6.28 -20.75 -40.10
N ASP A 125 5.33 -19.82 -39.93
CA ASP A 125 4.65 -19.21 -41.04
C ASP A 125 5.32 -17.90 -41.47
N ASN A 126 6.41 -17.58 -40.81
CA ASN A 126 7.22 -16.41 -41.14
C ASN A 126 6.45 -15.09 -41.13
N PHE A 127 6.10 -14.62 -39.93
CA PHE A 127 5.37 -13.37 -39.78
C PHE A 127 6.18 -12.37 -38.97
N VAL A 128 7.28 -12.85 -38.38
CA VAL A 128 8.07 -12.04 -37.46
C VAL A 128 9.25 -11.35 -38.15
N ASP A 129 9.39 -10.06 -37.90
CA ASP A 129 10.48 -9.28 -38.46
C ASP A 129 11.64 -9.14 -37.47
N ARG A 130 11.30 -8.89 -36.21
CA ARG A 130 12.31 -8.66 -35.18
C ARG A 130 12.05 -9.52 -33.95
N ILE A 131 13.11 -9.83 -33.21
CA ILE A 131 12.98 -10.63 -31.99
C ILE A 131 13.71 -9.98 -30.82
N TYR A 132 12.98 -9.67 -29.77
CA TYR A 132 13.58 -9.12 -28.55
C TYR A 132 13.73 -10.22 -27.50
N LEU A 133 14.91 -10.85 -27.48
CA LEU A 133 15.15 -11.96 -26.58
C LEU A 133 15.83 -11.54 -25.28
N THR A 134 15.21 -11.90 -24.16
CA THR A 134 15.80 -11.62 -22.84
C THR A 134 16.33 -12.92 -22.25
N ARG A 135 17.61 -13.20 -22.48
CA ARG A 135 18.22 -14.42 -21.98
C ARG A 135 18.38 -14.36 -20.46
N VAL A 136 17.93 -15.40 -19.77
CA VAL A 136 18.01 -15.47 -18.32
C VAL A 136 18.91 -16.62 -17.86
N ALA A 137 19.74 -16.37 -16.84
CA ALA A 137 20.77 -17.31 -16.43
C ALA A 137 20.36 -18.26 -15.31
N LEU A 138 19.42 -19.15 -15.61
CA LEU A 138 19.08 -20.26 -14.74
C LEU A 138 18.80 -21.45 -15.63
N GLU A 139 19.10 -22.66 -15.15
CA GLU A 139 18.77 -23.85 -15.92
C GLU A 139 18.53 -25.09 -15.06
N ASP A 140 18.85 -25.00 -13.77
CA ASP A 140 18.68 -26.13 -12.88
C ASP A 140 17.29 -26.14 -12.25
N ILE A 141 16.30 -25.65 -13.00
CA ILE A 141 14.91 -25.64 -12.55
C ILE A 141 14.02 -26.38 -13.53
N GLU A 142 12.71 -26.35 -13.30
CA GLU A 142 11.77 -27.09 -14.15
C GLU A 142 11.00 -26.18 -15.10
N PHE A 143 10.91 -26.60 -16.36
CA PHE A 143 10.13 -25.87 -17.36
C PHE A 143 9.09 -26.78 -17.99
N ASP A 144 8.03 -26.19 -18.51
CA ASP A 144 7.02 -26.94 -19.26
C ASP A 144 6.68 -26.23 -20.57
N THR A 145 7.17 -25.00 -20.70
CA THR A 145 6.93 -24.20 -21.89
C THR A 145 8.24 -23.55 -22.35
N TYR A 146 8.64 -23.84 -23.58
CA TYR A 146 9.92 -23.39 -24.09
C TYR A 146 9.77 -22.41 -25.25
N PHE A 147 10.84 -21.70 -25.57
CA PHE A 147 10.87 -20.83 -26.73
C PHE A 147 11.56 -21.54 -27.89
N PRO A 148 10.88 -21.63 -29.04
CA PRO A 148 11.38 -22.35 -30.22
C PRO A 148 12.72 -21.82 -30.71
N GLU A 149 13.56 -22.70 -31.24
CA GLU A 149 14.88 -22.33 -31.73
C GLU A 149 14.79 -21.34 -32.88
N ILE A 150 15.53 -20.24 -32.76
CA ILE A 150 15.52 -19.19 -33.78
C ILE A 150 16.09 -19.69 -35.11
N PRO A 151 15.30 -19.58 -36.18
CA PRO A 151 15.71 -20.01 -37.53
C PRO A 151 16.91 -19.22 -38.04
N GLU A 152 17.59 -19.75 -39.05
CA GLU A 152 18.80 -19.14 -39.58
C GLU A 152 18.53 -17.84 -40.34
N THR A 153 17.26 -17.54 -40.57
CA THR A 153 16.87 -16.32 -41.28
C THR A 153 17.09 -15.09 -40.41
N PHE A 154 17.26 -15.30 -39.11
CA PHE A 154 17.50 -14.21 -38.17
C PHE A 154 18.97 -14.12 -37.80
N LEU A 155 19.42 -12.89 -37.53
CA LEU A 155 20.79 -12.66 -37.10
C LEU A 155 20.83 -11.66 -35.95
N PRO A 156 21.63 -11.96 -34.91
CA PRO A 156 21.78 -11.04 -33.78
C PRO A 156 22.47 -9.75 -34.20
N VAL A 157 21.96 -8.62 -33.73
CA VAL A 157 22.53 -7.33 -34.06
C VAL A 157 22.88 -6.55 -32.80
N TYR A 158 22.49 -7.11 -31.66
CA TYR A 158 22.73 -6.45 -30.37
C TYR A 158 22.77 -7.46 -29.22
N MET A 159 23.66 -7.20 -28.27
CA MET A 159 23.75 -8.01 -27.05
C MET A 159 24.20 -7.14 -25.90
N SER A 160 23.25 -6.77 -25.04
CA SER A 160 23.53 -5.86 -23.93
C SER A 160 24.49 -6.45 -22.92
N GLN A 161 24.94 -5.60 -21.99
CA GLN A 161 25.79 -6.06 -20.90
C GLN A 161 24.96 -6.93 -19.97
N THR A 162 25.64 -7.72 -19.14
CA THR A 162 24.95 -8.59 -18.21
C THR A 162 24.39 -7.80 -17.03
N PHE A 163 23.09 -7.93 -16.80
CA PHE A 163 22.45 -7.26 -15.67
C PHE A 163 22.14 -8.26 -14.56
N CYS A 164 21.94 -7.76 -13.36
CA CYS A 164 21.70 -8.62 -12.20
C CYS A 164 20.51 -8.16 -11.38
N THR A 165 19.61 -9.10 -11.11
CA THR A 165 18.46 -8.87 -10.24
C THR A 165 18.19 -10.11 -9.41
N LYS A 166 18.26 -9.95 -8.08
CA LYS A 166 18.14 -11.07 -7.14
C LYS A 166 19.17 -12.14 -7.45
N ASN A 167 20.40 -11.72 -7.70
CA ASN A 167 21.51 -12.61 -8.03
C ASN A 167 21.29 -13.42 -9.31
N ILE A 168 20.43 -12.91 -10.20
CA ILE A 168 20.17 -13.55 -11.48
C ILE A 168 20.73 -12.72 -12.63
N SER A 169 21.56 -13.35 -13.46
CA SER A 169 22.16 -12.67 -14.61
C SER A 169 21.22 -12.72 -15.81
N TYR A 170 21.18 -11.63 -16.58
CA TYR A 170 20.36 -11.60 -17.79
C TYR A 170 20.84 -10.60 -18.84
N ASP A 171 20.53 -10.89 -20.11
CA ASP A 171 20.95 -10.04 -21.21
C ASP A 171 19.82 -9.74 -22.20
N PHE A 172 19.92 -8.60 -22.87
CA PHE A 172 18.92 -8.19 -23.84
C PHE A 172 19.53 -8.26 -25.22
N MET A 173 18.88 -9.01 -26.10
CA MET A 173 19.36 -9.14 -27.48
C MET A 173 18.27 -8.87 -28.52
N ILE A 174 18.71 -8.41 -29.68
CA ILE A 174 17.81 -8.14 -30.80
C ILE A 174 18.23 -8.96 -32.02
N PHE A 175 17.28 -9.71 -32.57
CA PHE A 175 17.51 -10.50 -33.76
C PHE A 175 16.72 -9.92 -34.93
N GLU A 176 17.41 -9.68 -36.04
CA GLU A 176 16.76 -9.09 -37.20
C GLU A 176 16.72 -10.07 -38.36
N LYS A 177 15.63 -10.06 -39.11
CA LYS A 177 15.47 -10.97 -40.25
C LYS A 177 16.07 -10.37 -41.51
N GLN A 178 17.33 -10.68 -41.77
CA GLN A 178 18.01 -10.16 -42.96
C GLN A 178 18.51 -11.30 -43.83
N LEU A 193 28.52 7.58 -44.70
CA LEU A 193 28.54 7.81 -46.14
C LEU A 193 29.72 7.11 -46.80
N LYS A 194 29.57 6.81 -48.08
CA LYS A 194 30.62 6.13 -48.84
C LYS A 194 31.90 6.96 -49.00
N SER A 195 31.75 8.28 -49.01
CA SER A 195 32.88 9.19 -49.27
C SER A 195 34.05 9.02 -48.31
N ILE A 196 33.78 9.04 -47.00
CA ILE A 196 34.82 8.90 -46.00
C ILE A 196 35.53 7.54 -46.12
N ASP A 197 34.74 6.48 -46.28
CA ASP A 197 35.28 5.14 -46.43
C ASP A 197 36.21 5.06 -47.65
N ASP A 198 35.76 5.61 -48.77
CA ASP A 198 36.56 5.63 -49.98
C ASP A 198 37.86 6.39 -49.79
N THR A 199 37.77 7.56 -49.15
CA THR A 199 38.94 8.39 -48.89
C THR A 199 39.96 7.66 -48.03
N VAL A 200 39.50 7.07 -46.94
CA VAL A 200 40.36 6.32 -46.03
C VAL A 200 41.01 5.12 -46.73
N ASP A 201 40.24 4.44 -47.57
CA ASP A 201 40.76 3.32 -48.34
C ASP A 201 41.86 3.78 -49.30
N LEU A 202 41.62 4.89 -49.99
CA LEU A 202 42.58 5.44 -50.93
C LEU A 202 43.87 5.86 -50.22
N LEU A 203 43.73 6.52 -49.07
CA LEU A 203 44.90 6.89 -48.27
C LEU A 203 45.63 5.64 -47.79
N GLY A 204 44.87 4.57 -47.56
CA GLY A 204 45.44 3.29 -47.16
C GLY A 204 46.16 2.61 -48.31
N GLU A 205 45.84 3.02 -49.53
CA GLU A 205 46.49 2.49 -50.72
C GLU A 205 47.77 3.27 -51.00
N ILE A 206 47.69 4.59 -50.90
CA ILE A 206 48.84 5.46 -51.10
C ILE A 206 49.91 5.20 -50.05
N PHE A 207 49.61 5.57 -48.80
CA PHE A 207 50.49 5.26 -47.68
C PHE A 207 50.27 3.80 -47.29
N GLY A 208 51.36 3.09 -46.97
CA GLY A 208 51.25 1.70 -46.59
C GLY A 208 51.19 1.54 -45.09
N ILE A 209 52.29 1.04 -44.52
CA ILE A 209 52.40 0.88 -43.09
C ILE A 209 52.61 2.25 -42.44
N ARG A 210 52.88 3.25 -43.28
CA ARG A 210 53.02 4.63 -42.82
C ARG A 210 51.75 5.11 -42.15
N LYS A 211 50.60 4.78 -42.75
CA LYS A 211 49.31 5.10 -42.18
C LYS A 211 49.01 4.16 -41.02
N MET A 212 48.89 4.74 -39.82
CA MET A 212 48.67 3.96 -38.60
C MET A 212 47.38 3.16 -38.64
N GLY A 213 46.40 3.65 -39.40
CA GLY A 213 45.13 2.95 -39.56
C GLY A 213 45.30 1.59 -40.20
N ASN A 214 46.32 1.45 -41.04
CA ASN A 214 46.61 0.18 -41.70
C ASN A 214 47.39 -0.77 -40.79
N ARG A 215 47.93 -0.22 -39.70
CA ARG A 215 48.65 -1.03 -38.73
C ARG A 215 47.65 -1.64 -37.75
N HIS A 216 46.49 -1.01 -37.64
CA HIS A 216 45.41 -1.50 -36.79
C HIS A 216 44.19 -1.81 -37.64
N LYS A 217 44.31 -2.78 -38.54
CA LYS A 217 43.23 -3.16 -39.44
C LYS A 217 42.07 -3.81 -38.67
N PHE A 218 40.85 -3.51 -39.12
CA PHE A 218 39.66 -4.10 -38.52
C PHE A 218 39.63 -5.59 -38.87
N PRO A 219 39.37 -6.44 -37.86
CA PRO A 219 39.37 -7.90 -38.04
C PRO A 219 38.42 -8.36 -39.14
N LYS A 220 38.85 -9.37 -39.90
CA LYS A 220 38.03 -9.94 -40.96
C LYS A 220 36.86 -10.72 -40.36
N GLU A 221 35.82 -10.93 -41.16
CA GLU A 221 34.62 -11.63 -40.71
C GLU A 221 34.93 -13.06 -40.28
N GLU A 222 35.90 -13.68 -40.93
CA GLU A 222 36.25 -15.07 -40.65
C GLU A 222 36.80 -15.27 -39.24
N ILE A 223 37.33 -14.20 -38.66
CA ILE A 223 37.89 -14.26 -37.31
C ILE A 223 37.22 -13.27 -36.36
N TYR A 224 36.05 -12.77 -36.76
CA TYR A 224 35.30 -11.83 -35.95
C TYR A 224 34.14 -12.54 -35.25
N ASN A 225 34.18 -12.58 -33.92
CA ASN A 225 33.17 -13.28 -33.13
C ASN A 225 31.78 -12.68 -33.30
N THR A 226 30.85 -13.49 -33.81
CA THR A 226 29.49 -13.05 -34.12
C THR A 226 29.49 -11.79 -34.97
N PRO A 227 29.83 -11.94 -36.27
CA PRO A 227 30.02 -10.82 -37.19
C PRO A 227 28.74 -10.00 -37.40
N SER A 228 27.58 -10.63 -37.26
CA SER A 228 26.31 -9.96 -37.50
C SER A 228 26.07 -8.82 -36.52
N ILE A 229 26.57 -8.97 -35.29
CA ILE A 229 26.49 -7.91 -34.30
C ILE A 229 27.57 -6.87 -34.57
N ARG A 230 27.17 -5.75 -35.18
CA ARG A 230 28.12 -4.73 -35.60
C ARG A 230 28.14 -3.52 -34.66
N PHE A 231 26.96 -2.94 -34.43
CA PHE A 231 26.86 -1.72 -33.63
C PHE A 231 26.36 -1.99 -32.21
N GLY A 232 25.91 -3.22 -31.96
CA GLY A 232 25.34 -3.56 -30.67
C GLY A 232 26.18 -4.53 -29.86
N ARG A 233 27.50 -4.42 -29.98
CA ARG A 233 28.40 -5.30 -29.23
C ARG A 233 28.64 -4.76 -27.82
N GLU A 234 27.57 -4.71 -27.04
CA GLU A 234 27.61 -4.09 -25.71
C GLU A 234 28.17 -5.02 -24.65
N HIS A 235 27.99 -6.33 -24.83
CA HIS A 235 28.48 -7.33 -23.88
C HIS A 235 29.99 -7.16 -23.71
N TYR A 236 30.46 -7.25 -22.47
CA TYR A 236 31.86 -6.92 -22.17
C TYR A 236 32.83 -8.08 -22.37
N GLU A 237 32.30 -9.23 -22.79
CA GLU A 237 33.16 -10.34 -23.19
C GLU A 237 33.71 -10.04 -24.57
N PHE A 238 33.01 -9.15 -25.27
CA PHE A 238 33.45 -8.67 -26.58
C PHE A 238 34.71 -7.83 -26.43
N GLN A 239 34.93 -7.27 -25.25
CA GLN A 239 36.15 -6.51 -24.98
C GLN A 239 37.37 -7.41 -25.08
N TYR A 240 37.17 -8.69 -24.80
CA TYR A 240 38.22 -9.69 -24.87
C TYR A 240 38.24 -10.40 -26.23
N LEU A 241 37.07 -10.75 -26.71
CA LEU A 241 36.95 -11.48 -27.98
C LEU A 241 37.39 -10.63 -29.18
N ASP A 242 37.01 -9.36 -29.17
CA ASP A 242 37.42 -8.46 -30.25
C ASP A 242 38.92 -8.21 -30.18
N LEU A 243 39.48 -8.25 -28.98
CA LEU A 243 40.92 -8.16 -28.82
C LEU A 243 41.58 -9.39 -29.43
N LEU A 244 40.99 -10.55 -29.17
CA LEU A 244 41.45 -11.81 -29.75
C LEU A 244 41.44 -11.73 -31.27
N SER A 245 40.39 -11.13 -31.82
CA SER A 245 40.28 -10.93 -33.26
C SER A 245 41.34 -9.97 -33.77
N ARG A 246 41.62 -8.94 -32.99
CA ARG A 246 42.58 -7.91 -33.38
C ARG A 246 44.01 -8.43 -33.41
N VAL A 247 44.37 -9.22 -32.40
CA VAL A 247 45.65 -9.90 -32.38
C VAL A 247 45.72 -10.92 -33.50
N LEU A 248 44.61 -11.62 -33.73
CA LEU A 248 44.52 -12.64 -34.77
C LEU A 248 44.64 -12.03 -36.17
N GLU A 249 44.37 -10.72 -36.27
CA GLU A 249 44.41 -10.02 -37.55
C GLU A 249 45.75 -9.29 -37.79
N ASN A 250 46.15 -8.48 -36.82
CA ASN A 250 47.32 -7.62 -36.98
C ASN A 250 48.57 -8.15 -36.26
N GLY A 251 48.47 -9.36 -35.74
CA GLY A 251 49.54 -9.94 -34.96
C GLY A 251 50.82 -10.20 -35.72
N ALA A 252 51.89 -9.50 -35.33
CA ALA A 252 53.20 -9.72 -35.93
C ALA A 252 53.81 -11.01 -35.40
N TYR A 253 54.08 -11.95 -36.31
CA TYR A 253 54.69 -13.23 -35.93
C TYR A 253 56.12 -13.03 -35.44
N ARG A 254 56.32 -13.17 -34.13
CA ARG A 254 57.61 -12.94 -33.51
C ARG A 254 57.98 -14.03 -32.49
N GLU A 255 59.29 -14.22 -32.31
CA GLU A 255 59.88 -15.16 -31.35
C GLU A 255 59.97 -14.63 -29.92
N ASN A 256 60.20 -15.53 -28.97
CA ASN A 256 60.31 -15.16 -27.56
C ASN A 256 61.23 -16.10 -26.79
N ARG A 257 61.19 -16.00 -25.46
CA ARG A 257 62.06 -16.81 -24.61
C ARG A 257 61.76 -18.30 -24.72
N THR A 258 60.50 -18.63 -25.03
CA THR A 258 60.10 -20.02 -25.21
C THR A 258 60.28 -20.43 -26.67
N GLY A 259 60.25 -21.73 -26.93
CA GLY A 259 60.42 -22.24 -28.27
C GLY A 259 59.19 -21.97 -29.15
N ILE A 260 58.10 -21.60 -28.52
CA ILE A 260 56.85 -21.32 -29.24
C ILE A 260 56.72 -19.83 -29.56
N SER A 261 56.71 -19.51 -30.85
CA SER A 261 56.58 -18.13 -31.31
C SER A 261 55.13 -17.64 -31.18
N THR A 262 54.96 -16.34 -31.08
CA THR A 262 53.63 -15.75 -30.90
C THR A 262 53.31 -14.71 -31.96
N TYR A 263 52.02 -14.50 -32.20
CA TYR A 263 51.55 -13.38 -33.00
C TYR A 263 51.24 -12.24 -32.04
N SER A 264 51.95 -11.13 -32.16
CA SER A 264 51.88 -10.09 -31.14
C SER A 264 51.50 -8.69 -31.64
N ILE A 265 50.67 -8.01 -30.85
CA ILE A 265 50.37 -6.60 -31.05
C ILE A 265 50.69 -5.85 -29.75
N PHE A 266 50.81 -4.53 -29.84
CA PHE A 266 51.23 -3.73 -28.69
C PHE A 266 50.27 -2.60 -28.39
N GLY A 267 49.93 -2.42 -27.11
CA GLY A 267 49.05 -1.34 -26.68
C GLY A 267 47.58 -1.62 -26.90
N GLN A 268 46.95 -2.28 -25.93
CA GLN A 268 45.53 -2.61 -26.03
C GLN A 268 44.84 -2.38 -24.69
N MET A 269 43.52 -2.54 -24.66
CA MET A 269 42.78 -2.44 -23.39
C MET A 269 41.45 -3.16 -23.43
N MET A 270 40.97 -3.54 -22.26
CA MET A 270 39.67 -4.20 -22.10
C MET A 270 38.95 -3.60 -20.91
N ARG A 271 37.67 -3.28 -21.08
CA ARG A 271 36.87 -2.74 -19.99
C ARG A 271 35.88 -3.78 -19.52
N PHE A 272 35.53 -3.72 -18.23
CA PHE A 272 34.63 -4.70 -17.65
C PHE A 272 33.75 -4.08 -16.57
N ASP A 273 32.51 -4.54 -16.50
CA ASP A 273 31.58 -4.13 -15.46
C ASP A 273 31.57 -5.19 -14.36
N MET A 274 31.58 -4.74 -13.12
CA MET A 274 31.55 -5.65 -11.98
C MET A 274 30.36 -5.35 -11.07
N ARG A 275 29.66 -4.27 -11.38
CA ARG A 275 28.48 -3.89 -10.60
C ARG A 275 27.32 -4.84 -10.81
N GLU A 276 27.02 -5.14 -12.07
CA GLU A 276 25.86 -5.95 -12.40
C GLU A 276 26.24 -7.37 -12.84
N SER A 277 27.53 -7.69 -12.81
CA SER A 277 28.00 -9.02 -13.22
C SER A 277 29.42 -9.30 -12.75
N PHE A 278 29.96 -10.43 -13.19
CA PHE A 278 31.33 -10.81 -12.89
C PHE A 278 32.03 -11.28 -14.15
N PRO A 279 33.09 -10.56 -14.56
CA PRO A 279 33.79 -10.81 -15.83
C PRO A 279 34.46 -12.17 -15.91
N LEU A 280 33.67 -13.23 -15.90
CA LEU A 280 34.19 -14.58 -16.12
C LEU A 280 33.70 -15.07 -17.47
N LEU A 281 34.65 -15.42 -18.34
CA LEU A 281 34.33 -15.79 -19.72
C LEU A 281 33.38 -16.99 -19.81
N THR A 282 32.45 -16.91 -20.75
CA THR A 282 31.46 -17.97 -20.94
C THR A 282 31.73 -18.78 -22.20
N THR A 283 32.56 -18.23 -23.09
CA THR A 283 32.92 -18.92 -24.33
C THR A 283 33.86 -20.08 -24.05
N LYS A 284 34.38 -20.14 -22.83
CA LYS A 284 35.26 -21.22 -22.41
C LYS A 284 35.11 -21.41 -20.89
N LYS A 285 34.97 -22.66 -20.46
CA LYS A 285 34.86 -22.96 -19.05
C LYS A 285 36.16 -22.68 -18.33
N VAL A 286 36.19 -21.62 -17.54
CA VAL A 286 37.40 -21.19 -16.84
C VAL A 286 37.47 -21.74 -15.43
N ALA A 287 38.59 -22.33 -15.06
CA ALA A 287 38.79 -22.88 -13.72
C ALA A 287 38.85 -21.76 -12.69
N ILE A 288 37.69 -21.37 -12.16
CA ILE A 288 37.61 -20.28 -11.19
C ILE A 288 38.36 -20.61 -9.90
N ARG A 289 38.24 -21.85 -9.46
CA ARG A 289 38.85 -22.28 -8.20
C ARG A 289 40.36 -22.07 -8.19
N SER A 290 41.01 -22.41 -9.31
CA SER A 290 42.44 -22.24 -9.45
C SER A 290 42.81 -20.76 -9.39
N ILE A 291 41.97 -19.94 -10.02
CA ILE A 291 42.17 -18.50 -10.03
C ILE A 291 42.12 -17.93 -8.61
N PHE A 292 41.06 -18.28 -7.89
CA PHE A 292 40.90 -17.83 -6.51
C PHE A 292 42.06 -18.30 -5.65
N GLU A 293 42.37 -19.59 -5.73
CA GLU A 293 43.42 -20.18 -4.92
C GLU A 293 44.75 -19.49 -5.17
N GLU A 294 44.99 -19.13 -6.43
CA GLU A 294 46.21 -18.40 -6.79
C GLU A 294 46.16 -17.00 -6.20
N LEU A 295 44.97 -16.41 -6.19
CA LEU A 295 44.80 -15.05 -5.67
C LEU A 295 45.09 -14.96 -4.18
N ILE A 296 44.47 -15.84 -3.39
CA ILE A 296 44.73 -15.85 -1.96
C ILE A 296 46.14 -16.36 -1.66
N TRP A 297 46.69 -17.13 -2.59
CA TRP A 297 48.09 -17.54 -2.49
C TRP A 297 48.98 -16.30 -2.59
N PHE A 298 48.58 -15.37 -3.45
CA PHE A 298 49.29 -14.09 -3.57
C PHE A 298 49.11 -13.27 -2.30
N ILE A 299 47.87 -13.13 -1.86
CA ILE A 299 47.54 -12.28 -0.72
C ILE A 299 48.32 -12.65 0.54
N LYS A 300 48.48 -13.95 0.77
CA LYS A 300 49.24 -14.43 1.93
C LYS A 300 50.72 -14.12 1.80
N GLY A 301 51.17 -13.81 0.58
CA GLY A 301 52.57 -13.51 0.33
C GLY A 301 53.39 -14.78 0.20
N ASP A 302 52.71 -15.89 -0.07
CA ASP A 302 53.36 -17.19 -0.20
C ASP A 302 54.03 -17.33 -1.57
N THR A 303 55.24 -17.88 -1.58
CA THR A 303 55.97 -18.08 -2.83
C THR A 303 56.20 -19.57 -3.10
N ASN A 304 55.76 -20.41 -2.16
CA ASN A 304 55.88 -21.85 -2.30
C ASN A 304 54.87 -22.39 -3.31
N GLY A 305 55.38 -22.89 -4.43
CA GLY A 305 54.52 -23.43 -5.47
C GLY A 305 53.82 -24.70 -5.05
N ASN A 306 54.43 -25.45 -4.15
CA ASN A 306 53.86 -26.69 -3.67
C ASN A 306 52.52 -26.45 -2.98
N HIS A 307 52.42 -25.33 -2.26
CA HIS A 307 51.18 -24.98 -1.57
C HIS A 307 50.03 -24.85 -2.57
N LEU A 308 50.37 -24.46 -3.79
CA LEU A 308 49.39 -24.36 -4.87
C LEU A 308 49.15 -25.74 -5.48
N ILE A 309 50.22 -26.53 -5.57
CA ILE A 309 50.13 -27.88 -6.13
C ILE A 309 49.40 -28.84 -5.19
N GLU A 310 49.59 -28.64 -3.89
CA GLU A 310 48.92 -29.46 -2.88
C GLU A 310 47.40 -29.33 -2.97
N LYS A 311 46.94 -28.17 -3.42
CA LYS A 311 45.51 -27.92 -3.58
C LYS A 311 45.08 -28.18 -5.02
N LYS A 312 45.86 -28.99 -5.73
CA LYS A 312 45.58 -29.38 -7.11
C LYS A 312 45.42 -28.21 -8.07
N VAL A 313 46.32 -27.24 -7.96
CA VAL A 313 46.38 -26.12 -8.89
C VAL A 313 47.77 -26.12 -9.53
N TYR A 314 47.83 -26.42 -10.82
CA TYR A 314 49.10 -26.65 -11.50
C TYR A 314 49.46 -25.58 -12.52
N ILE A 315 49.04 -24.34 -12.27
CA ILE A 315 49.34 -23.26 -13.21
C ILE A 315 50.77 -22.75 -13.05
N TRP A 316 51.37 -23.01 -11.90
CA TRP A 316 52.75 -22.62 -11.66
C TRP A 316 53.69 -23.83 -11.60
N SER A 317 53.34 -24.87 -12.35
CA SER A 317 54.14 -26.09 -12.37
C SER A 317 55.33 -25.95 -13.32
N GLY A 318 55.04 -25.57 -14.55
CA GLY A 318 56.05 -25.42 -15.58
C GLY A 318 57.11 -24.38 -15.25
N ASN A 319 56.68 -23.26 -14.67
CA ASN A 319 57.59 -22.19 -14.30
C ASN A 319 58.26 -22.43 -12.94
N GLY A 320 58.06 -23.63 -12.40
CA GLY A 320 58.62 -23.98 -11.12
C GLY A 320 59.57 -25.16 -11.17
N SER A 321 59.41 -26.00 -12.19
CA SER A 321 60.19 -27.24 -12.34
C SER A 321 61.70 -27.03 -12.20
N LYS A 322 62.38 -28.07 -11.75
CA LYS A 322 63.82 -28.04 -11.52
C LYS A 322 64.58 -27.73 -12.81
N GLU A 323 64.11 -28.30 -13.91
CA GLU A 323 64.75 -28.10 -15.22
C GLU A 323 64.66 -26.65 -15.65
N TYR A 324 63.47 -26.06 -15.52
CA TYR A 324 63.25 -24.67 -15.89
C TYR A 324 64.05 -23.71 -15.01
N LEU A 325 64.11 -24.03 -13.71
CA LEU A 325 64.85 -23.21 -12.77
C LEU A 325 66.35 -23.24 -13.05
N GLU A 326 66.87 -24.44 -13.29
CA GLU A 326 68.29 -24.59 -13.60
C GLU A 326 68.60 -23.94 -14.95
N ARG A 327 67.62 -23.93 -15.84
CA ARG A 327 67.77 -23.34 -17.16
C ARG A 327 67.87 -21.81 -17.10
N ILE A 328 67.09 -21.20 -16.22
CA ILE A 328 67.08 -19.74 -16.10
C ILE A 328 68.11 -19.23 -15.09
N GLY A 329 69.01 -20.11 -14.68
CA GLY A 329 70.10 -19.74 -13.79
C GLY A 329 69.74 -19.75 -12.31
N LEU A 330 68.77 -20.59 -11.95
CA LEU A 330 68.35 -20.71 -10.56
C LEU A 330 68.39 -22.18 -10.14
N GLY A 331 69.50 -22.85 -10.42
CA GLY A 331 69.65 -24.26 -10.09
C GLY A 331 69.82 -24.50 -8.60
N HIS A 332 70.20 -23.46 -7.88
CA HIS A 332 70.37 -23.54 -6.44
C HIS A 332 69.03 -23.58 -5.74
N ARG A 333 68.00 -23.27 -6.48
CA ARG A 333 66.64 -23.18 -6.00
C ARG A 333 65.99 -24.51 -5.70
N GLU A 334 65.05 -24.52 -4.79
CA GLU A 334 64.34 -25.77 -4.51
C GLU A 334 63.34 -26.10 -5.60
N GLU A 335 62.79 -27.32 -5.55
CA GLU A 335 61.90 -27.85 -6.59
C GLU A 335 60.78 -26.92 -7.03
N ASN A 336 60.22 -26.14 -6.10
CA ASN A 336 59.11 -25.24 -6.44
C ASN A 336 59.20 -23.85 -5.81
N ASP A 337 60.41 -23.44 -5.45
CA ASP A 337 60.61 -22.11 -4.89
C ASP A 337 60.65 -21.07 -6.01
N LEU A 338 59.58 -20.32 -6.17
CA LEU A 338 59.44 -19.38 -7.26
C LEU A 338 60.17 -18.05 -7.02
N GLY A 339 60.57 -17.82 -5.78
CA GLY A 339 61.30 -16.61 -5.44
C GLY A 339 60.38 -15.43 -5.17
N PRO A 340 60.97 -14.23 -5.06
CA PRO A 340 60.24 -13.00 -4.74
C PRO A 340 59.26 -12.57 -5.83
N ILE A 341 58.31 -13.47 -6.09
CA ILE A 341 57.19 -13.30 -7.02
C ILE A 341 55.93 -12.75 -6.35
N TYR A 342 54.86 -12.57 -7.08
CA TYR A 342 53.81 -11.70 -6.63
C TYR A 342 53.40 -12.16 -5.25
N GLY A 343 52.89 -11.24 -4.47
CA GLY A 343 52.57 -11.49 -3.08
C GLY A 343 53.73 -11.13 -2.18
N PHE A 344 54.92 -11.61 -2.53
CA PHE A 344 56.12 -11.27 -1.78
C PHE A 344 56.45 -9.81 -1.98
N GLN A 345 56.10 -9.28 -3.15
CA GLN A 345 56.28 -7.86 -3.43
C GLN A 345 55.10 -7.06 -2.92
N TRP A 346 53.97 -7.75 -2.70
CA TRP A 346 52.78 -7.10 -2.17
C TRP A 346 52.89 -6.91 -0.67
N ARG A 347 53.48 -7.89 0.02
CA ARG A 347 53.53 -7.88 1.47
C ARG A 347 54.92 -7.56 2.02
N HIS A 348 55.96 -7.81 1.23
CA HIS A 348 57.33 -7.60 1.68
C HIS A 348 58.19 -7.01 0.58
N TYR A 349 57.84 -5.81 0.10
CA TYR A 349 58.57 -5.17 -0.97
C TYR A 349 60.00 -4.82 -0.54
N ASN A 350 60.94 -5.04 -1.46
CA ASN A 350 62.37 -4.83 -1.21
C ASN A 350 62.94 -5.69 -0.09
N GLY A 351 62.24 -6.78 0.25
CA GLY A 351 62.70 -7.70 1.27
C GLY A 351 63.68 -8.70 0.70
N GLU A 352 64.81 -8.86 1.38
CA GLU A 352 65.84 -9.81 0.93
C GLU A 352 65.33 -11.24 0.98
N TYR A 353 65.13 -11.83 -0.19
CA TYR A 353 64.57 -13.18 -0.29
C TYR A 353 65.65 -14.24 -0.10
N LYS A 354 65.36 -15.22 0.76
CA LYS A 354 66.24 -16.36 0.96
C LYS A 354 65.64 -17.59 0.30
N THR A 355 64.81 -18.31 1.06
CA THR A 355 64.09 -19.46 0.52
C THR A 355 62.59 -19.32 0.77
N MET A 356 61.81 -20.27 0.28
CA MET A 356 60.36 -20.24 0.46
C MET A 356 59.96 -20.71 1.85
N HIS A 357 60.93 -21.19 2.61
CA HIS A 357 60.68 -21.74 3.93
C HIS A 357 60.88 -20.70 5.02
N ASP A 358 61.66 -19.68 4.73
CA ASP A 358 61.95 -18.63 5.71
C ASP A 358 60.70 -17.83 6.06
N ASP A 359 60.71 -17.23 7.26
CA ASP A 359 59.57 -16.46 7.74
C ASP A 359 59.82 -14.97 7.53
N TYR A 360 59.23 -14.42 6.47
CA TYR A 360 59.46 -13.03 6.10
C TYR A 360 58.46 -12.08 6.76
N THR A 361 58.01 -12.43 7.97
CA THR A 361 57.05 -11.59 8.67
C THR A 361 57.68 -10.29 9.16
N GLY A 362 56.98 -9.18 8.95
CA GLY A 362 57.44 -7.89 9.41
C GLY A 362 58.51 -7.23 8.53
N VAL A 363 59.12 -8.01 7.65
CA VAL A 363 60.17 -7.50 6.78
C VAL A 363 59.59 -6.95 5.49
N GLY A 364 60.31 -6.01 4.87
CA GLY A 364 59.87 -5.41 3.63
C GLY A 364 58.71 -4.45 3.82
N VAL A 365 58.20 -3.93 2.71
CA VAL A 365 57.08 -3.00 2.75
C VAL A 365 55.77 -3.70 2.40
N ASP A 366 54.82 -3.65 3.33
CA ASP A 366 53.52 -4.28 3.12
C ASP A 366 52.62 -3.35 2.30
N GLN A 367 52.69 -3.48 0.99
CA GLN A 367 51.91 -2.64 0.09
C GLN A 367 50.40 -2.86 0.23
N LEU A 368 50.00 -4.13 0.38
CA LEU A 368 48.59 -4.49 0.46
C LEU A 368 47.89 -3.88 1.67
N ALA A 369 48.53 -3.99 2.83
CA ALA A 369 47.98 -3.46 4.08
C ALA A 369 47.81 -1.94 4.00
N LYS A 370 48.87 -1.27 3.58
CA LYS A 370 48.84 0.18 3.43
C LYS A 370 47.82 0.59 2.38
N LEU A 371 47.63 -0.27 1.40
CA LEU A 371 46.64 -0.04 0.33
C LEU A 371 45.24 -0.04 0.91
N ILE A 372 44.94 -1.06 1.70
CA ILE A 372 43.63 -1.15 2.36
C ILE A 372 43.40 0.03 3.29
N GLU A 373 44.38 0.28 4.16
CA GLU A 373 44.29 1.36 5.14
C GLU A 373 44.08 2.71 4.47
N THR A 374 44.77 2.93 3.36
CA THR A 374 44.63 4.18 2.61
C THR A 374 43.28 4.24 1.90
N LEU A 375 42.82 3.08 1.43
CA LEU A 375 41.53 2.98 0.75
C LEU A 375 40.37 3.34 1.68
N LYS A 376 40.46 2.94 2.94
CA LYS A 376 39.37 3.23 3.87
C LYS A 376 39.55 4.55 4.64
N ASN A 377 40.79 4.98 4.83
CA ASN A 377 41.06 6.24 5.53
C ASN A 377 41.14 7.46 4.61
N ASN A 378 41.39 7.21 3.33
CA ASN A 378 41.47 8.29 2.36
C ASN A 378 41.10 7.80 0.95
N PRO A 379 39.78 7.66 0.69
CA PRO A 379 39.29 7.09 -0.56
C PRO A 379 39.61 7.94 -1.78
N LYS A 380 39.51 9.26 -1.64
CA LYS A 380 39.72 10.16 -2.77
C LYS A 380 41.21 10.41 -3.06
N ASP A 381 42.07 9.60 -2.46
CA ASP A 381 43.50 9.67 -2.73
C ASP A 381 43.79 9.17 -4.13
N ARG A 382 44.78 9.76 -4.78
CA ARG A 382 45.03 9.51 -6.19
C ARG A 382 46.28 8.67 -6.26
N ARG A 383 46.67 8.12 -5.11
CA ARG A 383 47.76 7.13 -5.05
C ARG A 383 47.53 5.59 -4.78
N HIS A 384 46.31 5.04 -4.82
CA HIS A 384 46.10 3.68 -4.37
C HIS A 384 46.78 2.74 -5.32
N ILE A 385 48.06 2.48 -5.10
CA ILE A 385 48.83 1.69 -6.06
C ILE A 385 49.49 0.45 -5.44
N LEU A 386 49.32 -0.68 -6.12
CA LEU A 386 50.00 -1.92 -5.76
C LEU A 386 50.88 -2.37 -6.90
N THR A 387 52.19 -2.38 -6.69
CA THR A 387 53.15 -2.76 -7.73
C THR A 387 53.88 -4.05 -7.40
N ALA A 388 54.43 -4.70 -8.42
CA ALA A 388 55.17 -5.94 -8.24
C ALA A 388 56.49 -5.91 -8.97
N TRP A 389 56.74 -4.85 -9.71
CA TRP A 389 57.97 -4.73 -10.49
C TRP A 389 59.11 -4.18 -9.66
N ASN A 390 60.00 -5.08 -9.24
CA ASN A 390 61.17 -4.70 -8.45
C ASN A 390 62.46 -5.10 -9.15
N PRO A 391 63.12 -4.12 -9.80
CA PRO A 391 64.36 -4.31 -10.56
C PRO A 391 65.46 -5.01 -9.76
N SER A 392 65.48 -4.81 -8.45
CA SER A 392 66.49 -5.40 -7.60
C SER A 392 66.24 -6.89 -7.37
N ALA A 393 64.99 -7.31 -7.56
CA ALA A 393 64.61 -8.70 -7.29
C ALA A 393 64.27 -9.49 -8.54
N LEU A 394 64.26 -8.83 -9.69
CA LEU A 394 63.91 -9.47 -10.96
C LEU A 394 64.77 -10.68 -11.28
N SER A 395 66.06 -10.62 -10.94
CA SER A 395 66.99 -11.69 -11.24
C SER A 395 66.70 -12.94 -10.42
N GLN A 396 66.12 -12.77 -9.23
CA GLN A 396 65.82 -13.88 -8.35
C GLN A 396 64.48 -14.54 -8.66
N MET A 397 63.58 -13.78 -9.27
CA MET A 397 62.24 -14.26 -9.58
C MET A 397 62.26 -15.35 -10.64
N ALA A 398 61.39 -16.35 -10.49
CA ALA A 398 61.26 -17.42 -11.47
C ALA A 398 60.64 -16.87 -12.75
N LEU A 399 59.82 -15.84 -12.59
CA LEU A 399 59.18 -15.19 -13.72
C LEU A 399 58.78 -13.77 -13.34
N PRO A 400 59.34 -12.77 -14.03
CA PRO A 400 59.04 -11.35 -13.81
C PRO A 400 57.55 -11.06 -13.93
N PRO A 401 57.06 -10.05 -13.21
CA PRO A 401 55.63 -9.74 -13.14
C PRO A 401 55.01 -9.43 -14.50
N CYS A 402 53.97 -10.19 -14.86
CA CYS A 402 53.23 -9.92 -16.08
C CYS A 402 52.16 -8.87 -15.80
N HIS A 403 51.35 -9.12 -14.79
CA HIS A 403 50.48 -8.10 -14.35
C HIS A 403 51.30 -7.33 -13.44
N VAL A 404 51.82 -6.24 -13.98
CA VAL A 404 52.85 -5.47 -13.28
C VAL A 404 52.33 -4.56 -12.16
N LEU A 405 51.50 -3.59 -12.53
CA LEU A 405 51.08 -2.57 -11.57
C LEU A 405 49.58 -2.31 -11.62
N SER A 406 48.97 -2.14 -10.45
CA SER A 406 47.54 -1.87 -10.37
C SER A 406 47.24 -0.61 -9.58
N GLN A 407 46.17 0.09 -9.96
CA GLN A 407 45.74 1.29 -9.25
C GLN A 407 44.25 1.19 -8.96
N TYR A 408 43.83 1.66 -7.79
CA TYR A 408 42.44 1.55 -7.31
C TYR A 408 41.77 2.88 -7.12
N TYR A 409 40.49 2.94 -7.43
CA TYR A 409 39.76 4.19 -7.35
C TYR A 409 38.47 3.99 -6.57
N VAL A 410 38.18 4.93 -5.68
CA VAL A 410 36.91 4.92 -4.98
C VAL A 410 36.05 6.01 -5.59
N THR A 411 34.92 5.63 -6.15
CA THR A 411 34.00 6.59 -6.75
C THR A 411 33.18 7.32 -5.69
N ASN A 412 32.41 8.32 -6.12
CA ASN A 412 31.60 9.12 -5.20
C ASN A 412 30.44 8.33 -4.60
N ASP A 413 29.97 7.32 -5.31
CA ASP A 413 28.89 6.47 -4.82
C ASP A 413 29.42 5.21 -4.16
N ASN A 414 30.60 5.34 -3.55
CA ASN A 414 31.23 4.25 -2.79
C ASN A 414 31.43 2.95 -3.57
N CYS A 415 31.89 3.06 -4.81
CA CYS A 415 32.24 1.89 -5.60
C CYS A 415 33.74 1.80 -5.81
N LEU A 416 34.25 0.58 -5.94
CA LEU A 416 35.68 0.36 -6.08
C LEU A 416 36.04 -0.10 -7.50
N SER A 417 36.76 0.75 -8.22
CA SER A 417 37.21 0.44 -9.57
C SER A 417 38.70 0.08 -9.58
N CYS A 418 39.09 -0.77 -10.50
CA CYS A 418 40.47 -1.27 -10.57
C CYS A 418 41.07 -1.16 -11.97
N ASN A 419 42.27 -0.59 -12.05
CA ASN A 419 43.03 -0.57 -13.29
C ASN A 419 44.27 -1.43 -13.16
N LEU A 420 44.54 -2.25 -14.18
CA LEU A 420 45.70 -3.12 -14.14
C LEU A 420 46.53 -3.01 -15.41
N TYR A 421 47.83 -2.81 -15.27
CA TYR A 421 48.72 -2.81 -16.43
C TYR A 421 49.44 -4.15 -16.54
N GLN A 422 49.42 -4.72 -17.74
CA GLN A 422 50.00 -6.02 -17.99
C GLN A 422 51.01 -5.95 -19.13
N ARG A 423 52.28 -6.17 -18.82
CA ARG A 423 53.36 -6.06 -19.80
C ARG A 423 53.26 -7.12 -20.88
N SER A 424 52.86 -8.32 -20.49
CA SER A 424 52.75 -9.44 -21.42
C SER A 424 51.48 -10.21 -21.15
N CYS A 425 50.76 -10.58 -22.21
CA CYS A 425 49.45 -11.22 -22.06
C CYS A 425 49.29 -12.45 -22.93
N ASP A 426 49.12 -13.61 -22.29
CA ASP A 426 48.77 -14.82 -23.01
C ASP A 426 47.26 -14.86 -23.17
N LEU A 427 46.77 -14.49 -24.35
CA LEU A 427 45.34 -14.43 -24.61
C LEU A 427 44.66 -15.79 -24.53
N GLY A 428 45.45 -16.86 -24.52
CA GLY A 428 44.92 -18.21 -24.43
C GLY A 428 44.77 -18.69 -23.00
N LEU A 429 45.78 -18.44 -22.17
CA LEU A 429 45.79 -18.93 -20.80
C LEU A 429 45.76 -17.82 -19.76
N GLY A 430 46.75 -16.93 -19.82
CA GLY A 430 46.93 -15.91 -18.82
C GLY A 430 45.80 -14.89 -18.70
N SER A 431 45.29 -14.41 -19.83
CA SER A 431 44.31 -13.33 -19.85
C SER A 431 43.04 -13.55 -19.01
N PRO A 432 42.29 -14.65 -19.25
CA PRO A 432 41.05 -14.83 -18.48
C PRO A 432 41.34 -14.95 -16.99
N PHE A 433 42.43 -15.65 -16.67
CA PHE A 433 42.87 -15.80 -15.29
C PHE A 433 43.16 -14.45 -14.65
N ASN A 434 43.81 -13.57 -15.38
CA ASN A 434 44.12 -12.23 -14.87
C ASN A 434 42.87 -11.40 -14.65
N ILE A 435 41.97 -11.41 -15.64
CA ILE A 435 40.71 -10.67 -15.54
C ILE A 435 39.93 -11.10 -14.30
N ALA A 436 39.69 -12.41 -14.19
CA ALA A 436 38.93 -12.93 -13.06
C ALA A 436 39.65 -12.69 -11.73
N SER A 437 40.97 -12.83 -11.73
CA SER A 437 41.77 -12.67 -10.52
C SER A 437 41.67 -11.26 -9.97
N TYR A 438 41.87 -10.27 -10.82
CA TYR A 438 41.80 -8.89 -10.37
C TYR A 438 40.36 -8.42 -10.13
N ALA A 439 39.41 -9.10 -10.76
CA ALA A 439 38.00 -8.84 -10.45
C ALA A 439 37.70 -9.29 -9.02
N ILE A 440 38.07 -10.52 -8.69
CA ILE A 440 37.87 -11.07 -7.35
C ILE A 440 38.62 -10.24 -6.32
N LEU A 441 39.85 -9.85 -6.65
CA LEU A 441 40.66 -9.02 -5.76
C LEU A 441 39.99 -7.68 -5.50
N THR A 442 39.42 -7.10 -6.56
CA THR A 442 38.72 -5.83 -6.42
C THR A 442 37.51 -5.99 -5.50
N MET A 443 36.82 -7.11 -5.64
CA MET A 443 35.66 -7.39 -4.79
C MET A 443 36.06 -7.58 -3.32
N MET A 444 37.18 -8.27 -3.10
CA MET A 444 37.71 -8.48 -1.76
C MET A 444 38.06 -7.16 -1.11
N LEU A 445 38.85 -6.34 -1.82
CA LEU A 445 39.23 -5.03 -1.34
C LEU A 445 37.99 -4.15 -1.10
N ALA A 446 36.94 -4.39 -1.87
CA ALA A 446 35.69 -3.65 -1.71
C ALA A 446 34.99 -4.04 -0.41
N GLN A 447 34.92 -5.34 -0.14
CA GLN A 447 34.25 -5.80 1.07
C GLN A 447 35.04 -5.45 2.33
N VAL A 448 36.35 -5.57 2.27
CA VAL A 448 37.22 -5.29 3.40
C VAL A 448 37.21 -3.79 3.75
N CYS A 449 37.18 -2.95 2.72
CA CYS A 449 37.17 -1.50 2.93
C CYS A 449 35.75 -0.95 3.01
N GLY A 450 34.76 -1.83 2.87
CA GLY A 450 33.37 -1.44 2.99
C GLY A 450 32.80 -0.73 1.77
N TYR A 451 33.22 -1.16 0.59
CA TYR A 451 32.71 -0.61 -0.66
C TYR A 451 32.03 -1.68 -1.50
N GLU A 452 31.59 -1.30 -2.70
CA GLU A 452 31.01 -2.23 -3.65
C GLU A 452 31.85 -2.26 -4.92
N PRO A 453 31.86 -3.40 -5.62
CA PRO A 453 32.63 -3.51 -6.86
C PRO A 453 32.15 -2.53 -7.94
N GLY A 454 33.09 -2.03 -8.74
CA GLY A 454 32.75 -1.06 -9.77
C GLY A 454 33.12 -1.56 -11.16
N GLU A 455 34.19 -0.98 -11.71
CA GLU A 455 34.64 -1.33 -13.06
C GLU A 455 36.07 -1.85 -13.05
N LEU A 456 36.41 -2.68 -14.03
CA LEU A 456 37.75 -3.23 -14.17
C LEU A 456 38.33 -2.93 -15.54
N ALA A 457 39.38 -2.10 -15.58
CA ALA A 457 40.04 -1.75 -16.83
C ALA A 457 41.44 -2.37 -16.89
N ILE A 458 41.67 -3.19 -17.90
CA ILE A 458 42.97 -3.84 -18.07
C ILE A 458 43.69 -3.31 -19.31
N PHE A 459 44.84 -2.69 -19.09
CA PHE A 459 45.67 -2.13 -20.15
C PHE A 459 46.82 -3.08 -20.44
N ILE A 460 46.89 -3.55 -21.68
CA ILE A 460 47.84 -4.60 -22.07
C ILE A 460 48.97 -4.08 -22.96
N GLY A 461 50.21 -4.44 -22.59
CA GLY A 461 51.35 -4.13 -23.42
C GLY A 461 51.49 -5.09 -24.58
N ASP A 462 52.23 -6.19 -24.37
CA ASP A 462 52.43 -7.19 -25.42
C ASP A 462 51.28 -8.19 -25.45
N ALA A 463 50.24 -7.88 -26.22
CA ALA A 463 49.11 -8.80 -26.37
C ALA A 463 49.41 -9.79 -27.47
N HIS A 464 49.63 -11.05 -27.10
CA HIS A 464 50.08 -12.06 -28.04
C HIS A 464 49.33 -13.38 -27.96
N ILE A 465 49.34 -14.11 -29.07
CA ILE A 465 48.77 -15.46 -29.11
C ILE A 465 49.82 -16.47 -29.56
N TYR A 466 50.07 -17.48 -28.73
CA TYR A 466 51.03 -18.53 -29.08
C TYR A 466 50.52 -19.34 -30.26
N GLU A 467 51.45 -19.76 -31.12
CA GLU A 467 51.09 -20.42 -32.38
C GLU A 467 50.45 -21.80 -32.19
N ASN A 468 50.55 -22.35 -30.98
CA ASN A 468 49.92 -23.63 -30.68
C ASN A 468 48.53 -23.49 -30.08
N HIS A 469 48.03 -22.26 -30.04
CA HIS A 469 46.70 -21.99 -29.51
C HIS A 469 45.75 -21.51 -30.60
N LEU A 470 46.25 -21.51 -31.84
CA LEU A 470 45.50 -20.97 -32.98
C LEU A 470 44.15 -21.64 -33.20
N THR A 471 44.16 -22.94 -33.48
CA THR A 471 42.93 -23.68 -33.75
C THR A 471 41.96 -23.62 -32.56
N GLN A 472 42.53 -23.61 -31.36
CA GLN A 472 41.74 -23.56 -30.13
C GLN A 472 40.99 -22.24 -29.99
N LEU A 473 41.71 -21.14 -30.16
CA LEU A 473 41.10 -19.81 -30.03
C LEU A 473 40.15 -19.51 -31.19
N LYS A 474 40.48 -20.04 -32.37
CA LYS A 474 39.60 -19.91 -33.53
C LYS A 474 38.34 -20.73 -33.29
N GLU A 475 38.45 -21.78 -32.50
CA GLU A 475 37.29 -22.56 -32.07
C GLU A 475 36.47 -21.77 -31.06
N GLN A 476 37.16 -21.08 -30.15
CA GLN A 476 36.50 -20.27 -29.13
C GLN A 476 35.73 -19.11 -29.74
N LEU A 477 36.25 -18.56 -30.84
CA LEU A 477 35.62 -17.44 -31.51
C LEU A 477 34.31 -17.83 -32.22
N SER A 478 34.10 -19.13 -32.38
CA SER A 478 32.91 -19.63 -33.05
C SER A 478 31.75 -19.79 -32.09
N ARG A 479 31.90 -19.27 -30.88
CA ARG A 479 30.89 -19.42 -29.84
C ARG A 479 30.29 -18.09 -29.43
N THR A 480 28.98 -17.94 -29.61
CA THR A 480 28.29 -16.72 -29.23
C THR A 480 28.20 -16.61 -27.71
N PRO A 481 28.73 -15.51 -27.15
CA PRO A 481 28.83 -15.28 -25.70
C PRO A 481 27.51 -15.41 -24.95
N ARG A 482 27.61 -15.79 -23.68
CA ARG A 482 26.47 -15.89 -22.79
C ARG A 482 26.68 -14.90 -21.65
N PRO A 483 25.59 -14.50 -20.96
CA PRO A 483 25.70 -13.53 -19.87
C PRO A 483 26.69 -13.93 -18.77
N PHE A 484 27.46 -12.95 -18.28
CA PHE A 484 28.42 -13.17 -17.21
C PHE A 484 27.73 -13.67 -15.95
N PRO A 485 28.42 -14.52 -15.18
CA PRO A 485 27.85 -15.04 -13.92
C PRO A 485 27.89 -13.98 -12.82
N GLN A 486 27.48 -14.37 -11.62
CA GLN A 486 27.52 -13.49 -10.45
C GLN A 486 28.45 -14.08 -9.40
N LEU A 487 29.12 -13.21 -8.65
CA LEU A 487 30.00 -13.68 -7.57
C LEU A 487 29.59 -13.07 -6.24
N LYS A 488 29.23 -13.92 -5.28
CA LYS A 488 28.83 -13.44 -3.95
C LYS A 488 29.63 -14.12 -2.85
N PHE A 489 29.99 -13.36 -1.83
CA PHE A 489 30.69 -13.90 -0.68
C PHE A 489 29.69 -14.34 0.39
N LYS A 490 29.92 -15.52 0.97
CA LYS A 490 29.00 -16.08 1.94
C LYS A 490 29.16 -15.47 3.33
N ARG A 491 30.32 -14.87 3.59
CA ARG A 491 30.57 -14.26 4.89
C ARG A 491 31.51 -13.06 4.77
N LYS A 492 31.40 -12.14 5.71
CA LYS A 492 32.27 -10.98 5.75
C LYS A 492 33.44 -11.23 6.70
N VAL A 493 34.66 -11.10 6.18
CA VAL A 493 35.86 -11.37 6.96
C VAL A 493 36.44 -10.10 7.55
N GLU A 494 37.25 -10.26 8.59
CA GLU A 494 37.90 -9.11 9.22
C GLU A 494 39.27 -8.85 8.59
N ASN A 495 39.94 -9.92 8.18
CA ASN A 495 41.22 -9.81 7.48
C ASN A 495 41.08 -10.38 6.07
N ILE A 496 41.68 -9.70 5.09
CA ILE A 496 41.55 -10.09 3.69
C ILE A 496 42.20 -11.45 3.38
N GLU A 497 43.14 -11.87 4.23
CA GLU A 497 43.82 -13.13 4.02
C GLU A 497 43.03 -14.32 4.57
N ASP A 498 41.87 -14.03 5.16
CA ASP A 498 41.06 -15.07 5.78
C ASP A 498 40.02 -15.65 4.82
N PHE A 499 40.04 -15.20 3.57
CA PHE A 499 39.09 -15.69 2.57
C PHE A 499 39.33 -17.17 2.25
N LYS A 500 38.24 -17.92 2.10
CA LYS A 500 38.31 -19.34 1.79
C LYS A 500 37.49 -19.64 0.54
N TRP A 501 37.79 -20.77 -0.11
CA TRP A 501 37.08 -21.14 -1.32
C TRP A 501 35.62 -21.45 -1.07
N GLU A 502 35.32 -21.92 0.14
CA GLU A 502 33.96 -22.25 0.52
C GLU A 502 33.12 -20.98 0.72
N ASP A 503 33.80 -19.85 0.89
CA ASP A 503 33.12 -18.58 1.10
C ASP A 503 32.67 -17.97 -0.22
N ILE A 504 33.05 -18.59 -1.32
CA ILE A 504 32.72 -18.08 -2.65
C ILE A 504 31.53 -18.80 -3.30
N GLU A 505 30.56 -18.01 -3.74
CA GLU A 505 29.38 -18.54 -4.40
C GLU A 505 29.25 -17.96 -5.81
N LEU A 506 29.41 -18.84 -6.81
CA LEU A 506 29.30 -18.46 -8.21
C LEU A 506 27.93 -18.83 -8.76
N ILE A 507 27.14 -17.81 -9.10
CA ILE A 507 25.76 -18.01 -9.46
C ILE A 507 25.46 -17.75 -10.94
N GLY A 508 24.94 -18.76 -11.63
CA GLY A 508 24.49 -18.60 -12.99
C GLY A 508 25.59 -18.71 -14.05
N TYR A 509 26.57 -19.56 -13.79
CA TYR A 509 27.67 -19.73 -14.73
C TYR A 509 27.43 -20.96 -15.61
N TYR A 510 27.01 -20.71 -16.85
CA TYR A 510 26.76 -21.78 -17.81
C TYR A 510 27.61 -21.58 -19.05
N PRO A 511 28.91 -21.88 -18.96
CA PRO A 511 29.85 -21.61 -20.04
C PRO A 511 29.89 -22.71 -21.10
N TYR A 512 30.51 -22.41 -22.24
CA TYR A 512 30.78 -23.41 -23.27
C TYR A 512 31.84 -24.36 -22.74
N PRO A 513 31.93 -25.58 -23.32
CA PRO A 513 32.90 -26.57 -22.85
C PRO A 513 34.33 -26.05 -22.81
N THR A 514 35.15 -26.61 -21.93
CA THR A 514 36.53 -26.18 -21.75
C THR A 514 37.37 -26.43 -23.00
N ILE A 515 38.39 -25.62 -23.19
CA ILE A 515 39.30 -25.77 -24.32
C ILE A 515 40.73 -25.99 -23.82
N LYS A 516 41.25 -27.19 -24.06
CA LYS A 516 42.57 -27.56 -23.58
C LYS A 516 43.67 -26.85 -24.36
N MET A 517 44.53 -26.13 -23.64
CA MET A 517 45.65 -25.41 -24.25
C MET A 517 46.90 -25.54 -23.40
N ASP A 518 48.03 -25.84 -24.04
CA ASP A 518 49.28 -26.09 -23.34
C ASP A 518 50.06 -24.81 -23.05
N MET A 519 50.69 -24.76 -21.89
CA MET A 519 51.47 -23.60 -21.48
C MET A 519 52.91 -23.68 -22.00
N ALA A 520 53.38 -22.60 -22.60
CA ALA A 520 54.77 -22.53 -23.07
C ALA A 520 55.70 -22.21 -21.92
N VAL A 521 56.52 -23.18 -21.55
CA VAL A 521 57.44 -23.03 -20.42
C VAL A 521 58.60 -22.10 -20.76
N GLU B 3 -28.99 34.51 -1.85
CA GLU B 3 -29.16 33.07 -2.07
C GLU B 3 -29.35 32.33 -0.74
N LYS B 4 -30.31 31.41 -0.72
CA LYS B 4 -30.61 30.66 0.48
C LYS B 4 -30.91 29.20 0.12
N ASN B 5 -30.55 28.28 1.02
CA ASN B 5 -30.71 26.86 0.74
C ASN B 5 -32.16 26.38 0.86
N VAL B 6 -32.63 25.67 -0.16
CA VAL B 6 -33.99 25.13 -0.15
C VAL B 6 -33.97 23.61 -0.24
N SER B 7 -34.30 22.96 0.87
CA SER B 7 -34.26 21.50 0.94
C SER B 7 -35.66 20.89 0.97
N ILE B 8 -35.80 19.68 0.44
CA ILE B 8 -37.07 18.98 0.49
C ILE B 8 -37.01 17.86 1.53
N VAL B 9 -38.01 17.82 2.39
CA VAL B 9 -38.12 16.76 3.39
C VAL B 9 -39.37 15.95 3.11
N VAL B 10 -39.22 14.64 2.94
CA VAL B 10 -40.34 13.79 2.56
C VAL B 10 -40.13 12.32 2.96
N ALA B 11 -41.19 11.70 3.45
CA ALA B 11 -41.17 10.27 3.74
C ALA B 11 -42.06 9.54 2.74
N ALA B 12 -41.45 8.76 1.87
CA ALA B 12 -42.20 8.04 0.85
C ALA B 12 -41.95 6.54 0.95
N SER B 13 -42.85 5.74 0.39
CA SER B 13 -42.67 4.30 0.37
C SER B 13 -41.48 3.95 -0.53
N VAL B 14 -40.90 2.78 -0.32
CA VAL B 14 -39.67 2.40 -1.01
C VAL B 14 -39.84 2.29 -2.53
N LEU B 15 -40.95 1.71 -2.98
CA LEU B 15 -41.15 1.45 -4.40
C LEU B 15 -42.01 2.51 -5.09
N SER B 16 -43.30 2.54 -4.76
CA SER B 16 -44.23 3.43 -5.44
C SER B 16 -44.15 4.88 -4.93
N SER B 17 -43.33 5.10 -3.92
CA SER B 17 -43.09 6.44 -3.38
C SER B 17 -44.36 7.13 -2.90
N GLY B 18 -45.25 6.36 -2.28
CA GLY B 18 -46.47 6.90 -1.71
C GLY B 18 -46.16 7.66 -0.43
N ILE B 19 -46.81 8.82 -0.27
CA ILE B 19 -46.60 9.66 0.92
C ILE B 19 -47.84 9.89 1.79
N GLY B 20 -49.03 9.63 1.25
CA GLY B 20 -50.27 9.86 1.98
C GLY B 20 -51.47 9.04 1.53
N ILE B 21 -52.47 8.93 2.41
CA ILE B 21 -53.71 8.26 2.07
C ILE B 21 -54.89 8.87 2.83
N ASN B 22 -55.92 9.28 2.09
CA ASN B 22 -57.13 9.86 2.67
C ASN B 22 -56.89 11.06 3.59
N GLY B 23 -55.94 11.91 3.21
CA GLY B 23 -55.66 13.11 3.97
C GLY B 23 -54.81 12.89 5.19
N GLN B 24 -54.13 11.75 5.23
CA GLN B 24 -53.23 11.44 6.35
C GLN B 24 -52.13 10.48 5.93
N LEU B 25 -51.19 10.24 6.84
CA LEU B 25 -50.05 9.36 6.56
C LEU B 25 -50.45 7.89 6.64
N PRO B 26 -49.90 7.07 5.74
CA PRO B 26 -50.14 5.62 5.71
C PRO B 26 -49.27 4.87 6.72
N TRP B 27 -48.65 5.59 7.64
CA TRP B 27 -47.84 4.97 8.69
C TRP B 27 -47.72 5.89 9.91
N SER B 28 -47.24 5.33 11.01
CA SER B 28 -47.01 6.11 12.22
C SER B 28 -45.62 5.80 12.79
N ILE B 29 -44.64 6.63 12.42
CA ILE B 29 -43.27 6.45 12.87
C ILE B 29 -42.78 7.68 13.63
N SER B 30 -42.69 7.56 14.94
CA SER B 30 -42.28 8.67 15.80
C SER B 30 -40.87 9.14 15.47
N GLU B 31 -39.99 8.20 15.13
CA GLU B 31 -38.62 8.52 14.79
C GLU B 31 -38.55 9.37 13.53
N ASP B 32 -39.49 9.16 12.62
CA ASP B 32 -39.54 9.91 11.37
C ASP B 32 -39.99 11.35 11.59
N LEU B 33 -41.05 11.52 12.38
CA LEU B 33 -41.56 12.84 12.70
C LEU B 33 -40.51 13.60 13.50
N LYS B 34 -39.84 12.91 14.41
CA LYS B 34 -38.77 13.51 15.19
C LYS B 34 -37.63 13.94 14.27
N PHE B 35 -37.32 13.09 13.29
CA PHE B 35 -36.30 13.41 12.28
C PHE B 35 -36.67 14.67 11.53
N PHE B 36 -37.95 14.79 11.17
CA PHE B 36 -38.46 15.99 10.52
C PHE B 36 -38.24 17.21 11.41
N SER B 37 -38.59 17.07 12.68
CA SER B 37 -38.47 18.16 13.65
C SER B 37 -37.03 18.64 13.79
N LYS B 38 -36.11 17.70 13.93
CA LYS B 38 -34.70 18.03 14.12
C LYS B 38 -34.06 18.59 12.85
N ILE B 39 -34.43 18.03 11.70
CA ILE B 39 -33.88 18.46 10.42
C ILE B 39 -34.45 19.80 9.98
N THR B 40 -35.59 20.18 10.55
CA THR B 40 -36.19 21.47 10.23
C THR B 40 -35.84 22.53 11.27
N ASN B 41 -35.44 22.09 12.46
CA ASN B 41 -35.02 23.01 13.52
C ASN B 41 -33.52 23.29 13.49
N ASN B 42 -32.81 22.63 12.58
CA ASN B 42 -31.36 22.80 12.49
C ASN B 42 -30.99 24.17 11.90
N LYS B 43 -30.26 24.96 12.69
CA LYS B 43 -29.87 26.30 12.26
C LYS B 43 -28.62 26.78 12.98
N CYS B 44 -27.99 27.82 12.45
CA CYS B 44 -26.79 28.39 13.05
C CYS B 44 -27.12 29.66 13.85
N ASP B 45 -27.81 30.59 13.23
CA ASP B 45 -28.16 31.86 13.87
C ASP B 45 -29.38 31.69 14.78
N SER B 46 -29.22 32.09 16.03
CA SER B 46 -30.31 32.01 17.00
C SER B 46 -31.36 33.09 16.73
N ASN B 47 -30.94 34.16 16.08
CA ASN B 47 -31.83 35.27 15.75
C ASN B 47 -32.65 34.99 14.49
N LYS B 48 -32.38 33.86 13.86
CA LYS B 48 -33.09 33.49 12.64
C LYS B 48 -33.98 32.26 12.84
N LYS B 49 -34.91 32.06 11.92
CA LYS B 49 -35.79 30.89 11.94
C LYS B 49 -35.79 30.21 10.59
N ASN B 50 -36.39 29.02 10.53
CA ASN B 50 -36.53 28.31 9.26
C ASN B 50 -37.97 28.36 8.75
N ALA B 51 -38.12 28.59 7.44
CA ALA B 51 -39.45 28.67 6.83
C ALA B 51 -39.87 27.32 6.29
N LEU B 52 -41.10 26.92 6.61
CA LEU B 52 -41.62 25.66 6.11
C LEU B 52 -42.72 25.98 5.11
N ILE B 53 -42.51 25.51 3.89
CA ILE B 53 -43.53 25.63 2.85
C ILE B 53 -44.30 24.32 2.71
N MET B 54 -45.62 24.41 2.73
CA MET B 54 -46.48 23.23 2.60
C MET B 54 -47.79 23.58 1.92
N GLY B 55 -48.44 22.58 1.35
CA GLY B 55 -49.71 22.76 0.68
C GLY B 55 -50.83 23.02 1.67
N ARG B 56 -52.00 23.41 1.15
CA ARG B 56 -53.14 23.70 2.00
C ARG B 56 -53.66 22.45 2.69
N LYS B 57 -53.70 21.35 1.95
CA LYS B 57 -54.19 20.08 2.47
C LYS B 57 -53.24 19.52 3.53
N THR B 58 -51.95 19.75 3.35
CA THR B 58 -50.97 19.35 4.35
C THR B 58 -51.14 20.22 5.60
N TRP B 59 -51.44 21.50 5.39
CA TRP B 59 -51.71 22.42 6.49
C TRP B 59 -52.95 21.98 7.26
N ASP B 60 -53.88 21.35 6.56
CA ASP B 60 -55.06 20.79 7.20
C ASP B 60 -54.69 19.50 7.94
N SER B 61 -53.73 18.77 7.38
CA SER B 61 -53.30 17.49 7.94
C SER B 61 -52.72 17.64 9.34
N ILE B 62 -51.99 18.73 9.58
CA ILE B 62 -51.38 18.96 10.89
C ILE B 62 -52.34 19.64 11.85
N GLY B 63 -53.61 19.70 11.48
CA GLY B 63 -54.63 20.26 12.34
C GLY B 63 -54.65 21.78 12.34
N ARG B 64 -53.97 22.37 11.36
CA ARG B 64 -53.87 23.82 11.23
C ARG B 64 -53.31 24.48 12.49
N ARG B 65 -52.27 23.87 13.06
CA ARG B 65 -51.60 24.41 14.23
C ARG B 65 -50.12 24.60 13.93
N PRO B 66 -49.55 25.76 14.28
CA PRO B 66 -48.18 26.12 13.93
C PRO B 66 -47.13 25.24 14.61
N LEU B 67 -45.96 25.13 13.99
CA LEU B 67 -44.85 24.40 14.58
C LEU B 67 -43.90 25.37 15.27
N LYS B 68 -43.49 25.03 16.49
CA LYS B 68 -42.68 25.93 17.30
C LYS B 68 -41.30 26.19 16.69
N ASN B 69 -40.79 27.39 16.89
CA ASN B 69 -39.47 27.80 16.42
C ASN B 69 -39.30 27.73 14.89
N ARG B 70 -40.43 27.71 14.18
CA ARG B 70 -40.43 27.66 12.73
C ARG B 70 -41.58 28.49 12.17
N ILE B 71 -41.45 28.93 10.93
CA ILE B 71 -42.48 29.71 10.28
C ILE B 71 -43.13 28.91 9.15
N ILE B 72 -44.37 28.51 9.35
CA ILE B 72 -45.08 27.70 8.36
C ILE B 72 -45.65 28.56 7.25
N VAL B 73 -45.29 28.23 6.02
CA VAL B 73 -45.78 28.93 4.84
C VAL B 73 -46.80 28.06 4.11
N VAL B 74 -48.06 28.48 4.14
CA VAL B 74 -49.13 27.71 3.52
C VAL B 74 -49.42 28.20 2.11
N ILE B 75 -49.43 27.27 1.15
CA ILE B 75 -49.76 27.59 -0.22
C ILE B 75 -51.23 27.33 -0.47
N SER B 76 -52.00 28.39 -0.71
CA SER B 76 -53.43 28.26 -0.95
C SER B 76 -53.98 29.44 -1.74
N SER B 77 -54.98 29.17 -2.57
CA SER B 77 -55.62 30.21 -3.36
C SER B 77 -56.89 30.71 -2.67
N SER B 78 -57.27 30.05 -1.59
CA SER B 78 -58.49 30.39 -0.87
C SER B 78 -58.22 30.95 0.52
N LEU B 79 -57.20 30.43 1.19
CA LEU B 79 -56.88 30.84 2.56
C LEU B 79 -56.47 32.31 2.63
N PRO B 80 -57.22 33.09 3.41
CA PRO B 80 -56.97 34.52 3.59
C PRO B 80 -55.68 34.73 4.37
N GLN B 81 -54.94 35.81 4.11
CA GLN B 81 -53.68 35.97 4.77
C GLN B 81 -54.06 36.49 6.13
N ASP B 82 -53.92 35.61 7.11
CA ASP B 82 -54.16 35.94 8.49
C ASP B 82 -52.87 36.50 9.06
N GLU B 83 -52.92 37.80 9.22
CA GLU B 83 -51.88 38.65 9.82
C GLU B 83 -51.86 38.50 11.34
N ALA B 84 -52.80 37.71 11.86
CA ALA B 84 -52.89 37.48 13.30
C ALA B 84 -51.70 36.66 13.78
N ASP B 85 -51.61 35.42 13.33
CA ASP B 85 -50.52 34.53 13.70
C ASP B 85 -49.25 34.90 12.96
N PRO B 86 -48.21 35.32 13.70
CA PRO B 86 -46.93 35.73 13.11
C PRO B 86 -46.05 34.54 12.75
N ASN B 87 -46.51 33.33 13.07
CA ASN B 87 -45.76 32.12 12.80
C ASN B 87 -46.27 31.38 11.56
N VAL B 88 -47.42 31.83 11.04
CA VAL B 88 -48.00 31.24 9.85
C VAL B 88 -48.30 32.31 8.81
N VAL B 89 -47.94 32.06 7.57
CA VAL B 89 -48.17 33.01 6.48
C VAL B 89 -48.68 32.29 5.23
N VAL B 90 -49.55 32.94 4.46
CA VAL B 90 -50.14 32.33 3.28
C VAL B 90 -49.76 33.07 2.01
N PHE B 91 -49.34 32.31 0.99
CA PHE B 91 -49.03 32.88 -0.32
C PHE B 91 -49.93 32.26 -1.39
N ARG B 92 -50.12 32.98 -2.49
CA ARG B 92 -51.03 32.53 -3.54
C ARG B 92 -50.40 31.51 -4.48
N ASN B 93 -49.10 31.61 -4.69
CA ASN B 93 -48.38 30.65 -5.53
C ASN B 93 -47.00 30.32 -4.96
N LEU B 94 -46.42 29.22 -5.42
CA LEU B 94 -45.13 28.75 -4.91
C LEU B 94 -43.98 29.70 -5.25
N GLU B 95 -43.99 30.24 -6.46
CA GLU B 95 -42.92 31.13 -6.90
C GLU B 95 -42.89 32.40 -6.06
N ASP B 96 -44.05 33.01 -5.87
CA ASP B 96 -44.17 34.20 -5.04
C ASP B 96 -43.85 33.87 -3.60
N SER B 97 -44.11 32.62 -3.22
CA SER B 97 -43.86 32.17 -1.85
C SER B 97 -42.38 32.21 -1.52
N ILE B 98 -41.54 32.01 -2.53
CA ILE B 98 -40.09 32.06 -2.34
C ILE B 98 -39.59 33.51 -2.43
N GLU B 99 -40.13 34.35 -1.55
CA GLU B 99 -39.65 35.70 -1.35
C GLU B 99 -38.56 35.69 -0.28
N ASN B 100 -38.56 34.63 0.50
CA ASN B 100 -37.66 34.50 1.63
C ASN B 100 -36.20 34.74 1.23
N LEU B 101 -35.92 34.55 -0.06
CA LEU B 101 -34.60 34.83 -0.61
C LEU B 101 -34.36 36.33 -0.64
N MET B 102 -35.19 37.04 -1.39
CA MET B 102 -35.00 38.47 -1.64
C MET B 102 -35.21 39.33 -0.40
N ASN B 103 -36.14 38.91 0.45
CA ASN B 103 -36.43 39.67 1.67
C ASN B 103 -36.51 38.78 2.91
N ASP B 104 -36.77 39.39 4.07
CA ASP B 104 -36.83 38.67 5.34
C ASP B 104 -35.53 37.92 5.63
N ASP B 105 -34.53 38.66 6.13
CA ASP B 105 -33.23 38.05 6.44
C ASP B 105 -33.28 37.31 7.77
N SER B 106 -34.49 37.22 8.34
CA SER B 106 -34.72 36.49 9.57
C SER B 106 -34.88 35.00 9.30
N ILE B 107 -34.88 34.64 8.02
CA ILE B 107 -34.96 33.24 7.61
C ILE B 107 -33.57 32.74 7.21
N GLU B 108 -33.16 31.61 7.78
CA GLU B 108 -31.85 31.06 7.50
C GLU B 108 -31.91 29.94 6.47
N ASN B 109 -32.93 29.09 6.57
CA ASN B 109 -33.11 27.99 5.64
C ASN B 109 -34.57 27.83 5.21
N ILE B 110 -34.77 27.26 4.03
CA ILE B 110 -36.12 27.05 3.51
C ILE B 110 -36.36 25.57 3.25
N PHE B 111 -37.49 25.05 3.74
CA PHE B 111 -37.82 23.65 3.57
C PHE B 111 -39.18 23.46 2.91
N VAL B 112 -39.14 22.70 1.83
CA VAL B 112 -40.28 22.39 1.03
C VAL B 112 -40.70 21.11 1.67
N CYS B 113 -41.79 21.30 2.31
CA CYS B 113 -42.27 20.41 3.35
C CYS B 113 -43.42 19.51 3.07
N GLY B 114 -44.10 19.70 1.89
CA GLY B 114 -45.23 18.83 1.73
C GLY B 114 -45.97 19.04 0.47
N GLY B 115 -46.82 17.92 0.27
CA GLY B 115 -47.79 18.25 -0.75
C GLY B 115 -47.32 17.86 -2.14
N GLU B 116 -47.88 16.79 -2.70
CA GLU B 116 -47.51 16.32 -4.03
C GLU B 116 -47.64 17.43 -5.04
N SER B 117 -48.71 18.22 -4.90
CA SER B 117 -48.92 19.34 -5.80
C SER B 117 -47.75 20.27 -5.63
N ILE B 118 -47.28 20.42 -4.39
CA ILE B 118 -46.19 21.32 -4.08
C ILE B 118 -44.83 20.75 -4.50
N TYR B 119 -44.59 19.48 -4.14
CA TYR B 119 -43.36 18.80 -4.50
C TYR B 119 -43.12 18.82 -6.01
N ARG B 120 -44.14 18.45 -6.76
CA ARG B 120 -44.04 18.28 -8.20
C ARG B 120 -43.64 19.58 -8.92
N ASP B 121 -44.25 20.69 -8.56
CA ASP B 121 -43.91 21.97 -9.20
C ASP B 121 -42.79 22.71 -8.48
N ALA B 122 -42.31 22.16 -7.37
CA ALA B 122 -41.10 22.67 -6.74
C ALA B 122 -39.90 22.02 -7.41
N LEU B 123 -40.13 20.82 -7.96
CA LEU B 123 -39.12 20.13 -8.73
C LEU B 123 -39.13 20.58 -10.19
N LYS B 124 -40.33 20.78 -10.73
CA LYS B 124 -40.51 21.16 -12.12
C LYS B 124 -39.92 22.52 -12.45
N ASP B 125 -40.03 23.46 -11.50
CA ASP B 125 -39.51 24.80 -11.70
C ASP B 125 -38.11 24.95 -11.14
N ASN B 126 -37.56 23.85 -10.63
CA ASN B 126 -36.19 23.81 -10.13
C ASN B 126 -35.89 24.85 -9.04
N PHE B 127 -36.43 24.61 -7.86
CA PHE B 127 -36.21 25.50 -6.72
C PHE B 127 -35.51 24.77 -5.58
N VAL B 128 -35.41 23.46 -5.71
CA VAL B 128 -34.90 22.60 -4.65
C VAL B 128 -33.41 22.31 -4.79
N ASP B 129 -32.67 22.50 -3.71
CA ASP B 129 -31.23 22.24 -3.68
C ASP B 129 -30.94 20.84 -3.11
N ARG B 130 -31.63 20.50 -2.03
CA ARG B 130 -31.39 19.24 -1.33
C ARG B 130 -32.68 18.47 -1.10
N ILE B 131 -32.58 17.16 -1.00
CA ILE B 131 -33.76 16.32 -0.75
C ILE B 131 -33.50 15.34 0.39
N TYR B 132 -34.31 15.43 1.44
CA TYR B 132 -34.22 14.48 2.54
C TYR B 132 -35.31 13.42 2.44
N LEU B 133 -34.97 12.30 1.81
CA LEU B 133 -35.94 11.25 1.55
C LEU B 133 -35.92 10.16 2.62
N THR B 134 -37.08 9.89 3.21
CA THR B 134 -37.21 8.83 4.19
C THR B 134 -37.96 7.66 3.56
N ARG B 135 -37.23 6.71 3.00
CA ARG B 135 -37.83 5.55 2.35
C ARG B 135 -38.45 4.62 3.39
N VAL B 136 -39.71 4.23 3.15
CA VAL B 136 -40.43 3.36 4.06
C VAL B 136 -40.79 2.04 3.39
N ALA B 137 -40.65 0.93 4.12
CA ALA B 137 -40.78 -0.41 3.54
C ALA B 137 -42.17 -1.02 3.68
N LEU B 138 -43.13 -0.44 2.99
CA LEU B 138 -44.45 -1.01 2.81
C LEU B 138 -44.89 -0.72 1.39
N GLU B 139 -45.67 -1.61 0.79
CA GLU B 139 -46.20 -1.34 -0.54
C GLU B 139 -47.53 -2.04 -0.82
N ASP B 140 -47.92 -2.96 0.04
CA ASP B 140 -49.17 -3.69 -0.16
C ASP B 140 -50.35 -2.97 0.49
N ILE B 141 -50.29 -1.64 0.50
CA ILE B 141 -51.38 -0.83 1.03
C ILE B 141 -51.87 0.16 -0.03
N GLU B 142 -52.78 1.05 0.36
CA GLU B 142 -53.38 1.98 -0.59
C GLU B 142 -52.84 3.39 -0.43
N PHE B 143 -52.52 4.01 -1.57
CA PHE B 143 -52.05 5.40 -1.59
C PHE B 143 -52.93 6.24 -2.50
N ASP B 144 -52.97 7.55 -2.26
CA ASP B 144 -53.67 8.48 -3.14
C ASP B 144 -52.79 9.70 -3.43
N THR B 145 -51.69 9.80 -2.71
CA THR B 145 -50.75 10.90 -2.89
C THR B 145 -49.33 10.35 -2.93
N TYR B 146 -48.63 10.63 -4.03
CA TYR B 146 -47.30 10.08 -4.25
C TYR B 146 -46.23 11.16 -4.28
N PHE B 147 -44.97 10.74 -4.16
CA PHE B 147 -43.84 11.65 -4.31
C PHE B 147 -43.26 11.52 -5.71
N PRO B 148 -43.15 12.65 -6.43
CA PRO B 148 -42.69 12.67 -7.82
C PRO B 148 -41.29 12.08 -7.98
N GLU B 149 -41.03 11.43 -9.10
CA GLU B 149 -39.74 10.81 -9.37
C GLU B 149 -38.62 11.85 -9.41
N ILE B 150 -37.56 11.58 -8.66
CA ILE B 150 -36.42 12.49 -8.57
C ILE B 150 -35.70 12.61 -9.91
N PRO B 151 -35.58 13.84 -10.42
CA PRO B 151 -34.91 14.12 -11.70
C PRO B 151 -33.43 13.74 -11.66
N GLU B 152 -32.82 13.60 -12.84
CA GLU B 152 -31.43 13.16 -12.93
C GLU B 152 -30.44 14.22 -12.45
N THR B 153 -30.93 15.43 -12.18
CA THR B 153 -30.08 16.51 -11.71
C THR B 153 -29.64 16.29 -10.27
N PHE B 154 -30.32 15.37 -9.58
CA PHE B 154 -29.99 15.04 -8.20
C PHE B 154 -29.21 13.73 -8.11
N LEU B 155 -28.33 13.65 -7.13
CA LEU B 155 -27.56 12.44 -6.89
C LEU B 155 -27.52 12.12 -5.40
N PRO B 156 -27.71 10.84 -5.06
CA PRO B 156 -27.64 10.41 -3.65
C PRO B 156 -26.22 10.55 -3.11
N VAL B 157 -26.10 11.05 -1.89
CA VAL B 157 -24.80 11.23 -1.26
C VAL B 157 -24.76 10.53 0.09
N TYR B 158 -25.91 10.01 0.51
CA TYR B 158 -26.02 9.35 1.80
C TYR B 158 -27.17 8.35 1.84
N MET B 159 -26.95 7.23 2.52
CA MET B 159 -27.98 6.22 2.73
C MET B 159 -27.76 5.54 4.06
N SER B 160 -28.57 5.92 5.06
CA SER B 160 -28.41 5.42 6.41
C SER B 160 -28.69 3.92 6.52
N GLN B 161 -28.35 3.35 7.67
CA GLN B 161 -28.64 1.95 7.94
C GLN B 161 -30.16 1.78 8.05
N THR B 162 -30.63 0.55 7.92
CA THR B 162 -32.05 0.27 8.02
C THR B 162 -32.52 0.32 9.47
N PHE B 163 -33.52 1.15 9.75
CA PHE B 163 -34.08 1.24 11.09
C PHE B 163 -35.43 0.55 11.15
N CYS B 164 -35.86 0.20 12.36
CA CYS B 164 -37.10 -0.54 12.55
C CYS B 164 -38.00 0.09 13.61
N THR B 165 -39.25 0.31 13.25
CA THR B 165 -40.25 0.81 14.19
C THR B 165 -41.59 0.13 13.89
N LYS B 166 -42.12 -0.58 14.88
CA LYS B 166 -43.34 -1.38 14.71
C LYS B 166 -43.19 -2.37 13.55
N ASN B 167 -42.05 -3.03 13.50
CA ASN B 167 -41.73 -4.00 12.44
C ASN B 167 -41.70 -3.40 11.05
N ILE B 168 -41.48 -2.09 10.97
CA ILE B 168 -41.38 -1.41 9.68
C ILE B 168 -39.96 -0.92 9.42
N SER B 169 -39.41 -1.31 8.28
CA SER B 169 -38.05 -0.92 7.92
C SER B 169 -38.04 0.44 7.23
N TYR B 170 -37.04 1.25 7.51
CA TYR B 170 -36.91 2.56 6.85
C TYR B 170 -35.48 3.10 6.80
N ASP B 171 -35.23 3.96 5.81
CA ASP B 171 -33.90 4.53 5.60
C ASP B 171 -33.93 6.03 5.38
N PHE B 172 -32.81 6.68 5.67
CA PHE B 172 -32.69 8.14 5.57
C PHE B 172 -31.64 8.48 4.51
N MET B 173 -32.09 9.11 3.42
CA MET B 173 -31.18 9.47 2.33
C MET B 173 -31.17 10.95 2.01
N ILE B 174 -30.03 11.40 1.49
CA ILE B 174 -29.87 12.80 1.08
C ILE B 174 -29.49 12.87 -0.39
N PHE B 175 -30.26 13.64 -1.16
CA PHE B 175 -29.97 13.85 -2.57
C PHE B 175 -29.53 15.29 -2.79
N GLU B 176 -28.40 15.47 -3.47
CA GLU B 176 -27.86 16.79 -3.71
C GLU B 176 -27.90 17.12 -5.20
N LYS B 177 -28.19 18.38 -5.51
CA LYS B 177 -28.27 18.82 -6.91
C LYS B 177 -26.89 19.25 -7.41
N GLN B 178 -26.16 18.32 -8.01
CA GLN B 178 -24.84 18.62 -8.55
C GLN B 178 -24.76 18.33 -10.04
N LEU B 193 -6.97 17.53 1.36
CA LEU B 193 -6.00 18.36 0.64
C LEU B 193 -5.23 17.55 -0.41
N LYS B 194 -4.88 18.23 -1.50
CA LYS B 194 -4.25 17.60 -2.66
C LYS B 194 -2.88 16.99 -2.37
N SER B 195 -2.17 17.55 -1.39
CA SER B 195 -0.80 17.14 -1.08
C SER B 195 -0.66 15.64 -0.75
N ILE B 196 -1.47 15.15 0.18
CA ILE B 196 -1.41 13.74 0.58
C ILE B 196 -1.73 12.83 -0.60
N ASP B 197 -2.77 13.17 -1.35
CA ASP B 197 -3.16 12.38 -2.52
C ASP B 197 -2.03 12.30 -3.54
N ASP B 198 -1.41 13.44 -3.82
CA ASP B 198 -0.29 13.51 -4.74
C ASP B 198 0.88 12.66 -4.26
N THR B 199 1.21 12.77 -2.98
CA THR B 199 2.30 12.01 -2.39
C THR B 199 2.06 10.50 -2.50
N VAL B 200 0.86 10.07 -2.13
CA VAL B 200 0.49 8.66 -2.20
C VAL B 200 0.53 8.15 -3.64
N ASP B 201 0.07 8.97 -4.58
CA ASP B 201 0.11 8.61 -6.00
C ASP B 201 1.54 8.45 -6.48
N LEU B 202 2.41 9.38 -6.08
CA LEU B 202 3.82 9.33 -6.47
C LEU B 202 4.50 8.09 -5.90
N LEU B 203 4.24 7.80 -4.63
CA LEU B 203 4.77 6.59 -4.02
C LEU B 203 4.23 5.35 -4.72
N GLY B 204 3.01 5.45 -5.23
CA GLY B 204 2.40 4.37 -5.97
C GLY B 204 3.02 4.22 -7.35
N GLU B 205 3.67 5.27 -7.82
CA GLU B 205 4.37 5.24 -9.10
C GLU B 205 5.77 4.68 -8.94
N ILE B 206 6.46 5.12 -7.88
CA ILE B 206 7.79 4.63 -7.57
C ILE B 206 7.77 3.15 -7.23
N PHE B 207 7.18 2.82 -6.10
CA PHE B 207 6.97 1.44 -5.71
C PHE B 207 5.76 0.90 -6.47
N GLY B 208 5.85 -0.34 -6.94
CA GLY B 208 4.76 -0.93 -7.68
C GLY B 208 3.88 -1.77 -6.78
N ILE B 209 3.96 -3.09 -6.95
CA ILE B 209 3.22 -4.02 -6.12
C ILE B 209 3.85 -4.07 -4.73
N ARG B 210 5.03 -3.49 -4.60
CA ARG B 210 5.72 -3.37 -3.32
C ARG B 210 4.87 -2.61 -2.32
N LYS B 211 4.28 -1.52 -2.78
CA LYS B 211 3.37 -0.72 -1.96
C LYS B 211 2.04 -1.44 -1.80
N MET B 212 1.70 -1.82 -0.57
CA MET B 212 0.49 -2.58 -0.29
C MET B 212 -0.77 -1.83 -0.70
N GLY B 213 -0.71 -0.50 -0.68
CA GLY B 213 -1.83 0.33 -1.09
C GLY B 213 -2.21 0.09 -2.54
N ASN B 214 -1.24 -0.27 -3.36
CA ASN B 214 -1.50 -0.57 -4.77
C ASN B 214 -2.04 -1.98 -4.97
N ARG B 215 -1.91 -2.81 -3.94
CA ARG B 215 -2.45 -4.16 -3.99
C ARG B 215 -3.93 -4.12 -3.62
N HIS B 216 -4.32 -3.08 -2.90
CA HIS B 216 -5.71 -2.89 -2.52
C HIS B 216 -6.24 -1.59 -3.12
N LYS B 217 -6.29 -1.52 -4.44
CA LYS B 217 -6.74 -0.32 -5.14
C LYS B 217 -8.23 -0.07 -4.93
N PHE B 218 -8.59 1.21 -4.80
CA PHE B 218 -9.98 1.60 -4.66
C PHE B 218 -10.72 1.32 -5.96
N PRO B 219 -11.90 0.69 -5.86
CA PRO B 219 -12.69 0.28 -7.03
C PRO B 219 -13.01 1.46 -7.96
N LYS B 220 -12.95 1.22 -9.26
CA LYS B 220 -13.28 2.24 -10.26
C LYS B 220 -14.77 2.55 -10.24
N GLU B 221 -15.14 3.71 -10.76
CA GLU B 221 -16.52 4.15 -10.77
C GLU B 221 -17.42 3.20 -11.57
N GLU B 222 -16.86 2.60 -12.61
CA GLU B 222 -17.62 1.71 -13.49
C GLU B 222 -18.11 0.46 -12.78
N ILE B 223 -17.43 0.08 -11.69
CA ILE B 223 -17.81 -1.10 -10.93
C ILE B 223 -18.09 -0.77 -9.47
N TYR B 224 -18.31 0.51 -9.19
CA TYR B 224 -18.64 0.96 -7.84
C TYR B 224 -20.13 1.23 -7.71
N ASN B 225 -20.80 0.45 -6.85
CA ASN B 225 -22.24 0.57 -6.66
C ASN B 225 -22.66 1.93 -6.13
N THR B 226 -23.47 2.65 -6.90
CA THR B 226 -23.90 4.00 -6.57
C THR B 226 -22.69 4.89 -6.23
N PRO B 227 -21.94 5.30 -7.26
CA PRO B 227 -20.68 6.03 -7.09
C PRO B 227 -20.88 7.39 -6.43
N SER B 228 -22.05 8.00 -6.61
CA SER B 228 -22.32 9.33 -6.07
C SER B 228 -22.26 9.35 -4.55
N ILE B 229 -22.66 8.25 -3.93
CA ILE B 229 -22.58 8.13 -2.48
C ILE B 229 -21.14 7.80 -2.08
N ARG B 230 -20.42 8.81 -1.61
CA ARG B 230 -19.00 8.65 -1.30
C ARG B 230 -18.75 8.52 0.19
N PHE B 231 -19.24 9.49 0.97
CA PHE B 231 -18.97 9.54 2.40
C PHE B 231 -20.15 9.06 3.23
N GLY B 232 -21.29 8.86 2.58
CA GLY B 232 -22.50 8.47 3.28
C GLY B 232 -22.97 7.06 2.99
N ARG B 233 -22.03 6.15 2.79
CA ARG B 233 -22.37 4.75 2.50
C ARG B 233 -22.62 3.99 3.79
N GLU B 234 -23.64 4.39 4.52
CA GLU B 234 -23.91 3.84 5.85
C GLU B 234 -24.66 2.51 5.81
N HIS B 235 -25.47 2.32 4.76
CA HIS B 235 -26.23 1.09 4.59
C HIS B 235 -25.29 -0.11 4.57
N TYR B 236 -25.67 -1.17 5.27
CA TYR B 236 -24.77 -2.30 5.49
C TYR B 236 -24.75 -3.32 4.35
N GLU B 237 -25.56 -3.08 3.31
CA GLU B 237 -25.49 -3.89 2.11
C GLU B 237 -24.28 -3.45 1.32
N PHE B 238 -23.82 -2.23 1.61
CA PHE B 238 -22.61 -1.70 1.01
C PHE B 238 -21.38 -2.46 1.51
N GLN B 239 -21.51 -3.08 2.68
CA GLN B 239 -20.44 -3.91 3.22
C GLN B 239 -20.17 -5.11 2.30
N TYR B 240 -21.21 -5.53 1.58
CA TYR B 240 -21.11 -6.63 0.64
C TYR B 240 -20.84 -6.14 -0.77
N LEU B 241 -21.54 -5.09 -1.18
CA LEU B 241 -21.41 -4.55 -2.52
C LEU B 241 -20.03 -3.95 -2.78
N ASP B 242 -19.49 -3.23 -1.80
CA ASP B 242 -18.16 -2.67 -1.93
C ASP B 242 -17.11 -3.76 -1.93
N LEU B 243 -17.39 -4.87 -1.26
CA LEU B 243 -16.54 -6.04 -1.31
C LEU B 243 -16.55 -6.61 -2.72
N LEU B 244 -17.75 -6.69 -3.30
CA LEU B 244 -17.92 -7.14 -4.67
C LEU B 244 -17.11 -6.28 -5.62
N SER B 245 -17.13 -4.97 -5.39
CA SER B 245 -16.36 -4.03 -6.20
C SER B 245 -14.85 -4.24 -6.00
N ARG B 246 -14.46 -4.53 -4.76
CA ARG B 246 -13.05 -4.73 -4.44
C ARG B 246 -12.46 -5.98 -5.07
N VAL B 247 -13.21 -7.07 -5.02
CA VAL B 247 -12.84 -8.30 -5.72
C VAL B 247 -12.85 -8.08 -7.22
N LEU B 248 -13.85 -7.33 -7.70
CA LEU B 248 -13.97 -7.03 -9.12
C LEU B 248 -12.84 -6.16 -9.63
N GLU B 249 -12.17 -5.46 -8.70
CA GLU B 249 -11.07 -4.56 -9.06
C GLU B 249 -9.70 -5.20 -8.91
N ASN B 250 -9.43 -5.77 -7.74
CA ASN B 250 -8.11 -6.30 -7.41
C ASN B 250 -8.02 -7.82 -7.50
N GLY B 251 -9.07 -8.44 -8.02
CA GLY B 251 -9.15 -9.89 -8.09
C GLY B 251 -8.13 -10.53 -8.99
N ALA B 252 -7.25 -11.34 -8.40
CA ALA B 252 -6.26 -12.08 -9.17
C ALA B 252 -6.93 -13.27 -9.85
N TYR B 253 -6.87 -13.29 -11.17
CA TYR B 253 -7.46 -14.40 -11.87
C TYR B 253 -6.62 -15.57 -11.41
N ARG B 254 -7.31 -16.61 -10.94
CA ARG B 254 -6.68 -17.87 -10.54
C ARG B 254 -7.61 -19.06 -10.81
N GLU B 255 -7.02 -20.25 -10.94
CA GLU B 255 -7.78 -21.48 -11.12
C GLU B 255 -8.15 -22.12 -9.78
N ASN B 256 -8.92 -23.21 -9.86
CA ASN B 256 -9.34 -23.94 -8.66
C ASN B 256 -9.70 -25.38 -8.97
N ARG B 257 -10.34 -26.05 -8.02
CA ARG B 257 -10.72 -27.44 -8.17
C ARG B 257 -11.75 -27.65 -9.28
N THR B 258 -12.56 -26.63 -9.53
CA THR B 258 -13.56 -26.68 -10.59
C THR B 258 -12.96 -26.16 -11.89
N GLY B 259 -13.63 -26.44 -13.01
CA GLY B 259 -13.17 -25.99 -14.30
C GLY B 259 -13.31 -24.50 -14.50
N ILE B 260 -14.09 -23.86 -13.63
CA ILE B 260 -14.33 -22.43 -13.70
C ILE B 260 -13.36 -21.64 -12.82
N SER B 261 -12.52 -20.83 -13.44
CA SER B 261 -11.55 -20.02 -12.73
C SER B 261 -12.21 -18.82 -12.06
N THR B 262 -11.58 -18.29 -11.01
CA THR B 262 -12.15 -17.18 -10.26
C THR B 262 -11.19 -16.01 -10.15
N TYR B 263 -11.73 -14.82 -9.88
CA TYR B 263 -10.89 -13.69 -9.50
C TYR B 263 -10.89 -13.64 -7.99
N SER B 264 -9.71 -13.74 -7.38
CA SER B 264 -9.59 -13.92 -5.93
C SER B 264 -8.83 -12.83 -5.16
N ILE B 265 -9.41 -12.41 -4.03
CA ILE B 265 -8.77 -11.48 -3.11
C ILE B 265 -8.75 -12.08 -1.71
N PHE B 266 -7.69 -11.85 -0.94
CA PHE B 266 -7.54 -12.54 0.34
C PHE B 266 -7.60 -11.57 1.53
N GLY B 267 -8.35 -11.96 2.55
CA GLY B 267 -8.46 -11.17 3.76
C GLY B 267 -9.43 -10.00 3.66
N GLN B 268 -10.70 -10.27 3.92
CA GLN B 268 -11.74 -9.24 3.85
C GLN B 268 -12.70 -9.37 5.02
N MET B 269 -13.64 -8.43 5.14
CA MET B 269 -14.67 -8.52 6.16
C MET B 269 -15.92 -7.71 5.82
N MET B 270 -17.03 -8.12 6.42
CA MET B 270 -18.31 -7.42 6.26
C MET B 270 -19.01 -7.32 7.61
N ARG B 271 -19.51 -6.13 7.93
CA ARG B 271 -20.24 -5.94 9.17
C ARG B 271 -21.72 -5.79 8.88
N PHE B 272 -22.54 -6.21 9.85
CA PHE B 272 -23.99 -6.16 9.67
C PHE B 272 -24.69 -5.87 10.98
N ASP B 273 -25.79 -5.11 10.89
CA ASP B 273 -26.64 -4.83 12.03
C ASP B 273 -27.83 -5.77 12.00
N MET B 274 -28.18 -6.32 13.16
CA MET B 274 -29.32 -7.22 13.26
C MET B 274 -30.34 -6.71 14.28
N ARG B 275 -29.97 -5.63 14.98
CA ARG B 275 -30.86 -5.02 15.97
C ARG B 275 -32.05 -4.35 15.30
N GLU B 276 -31.78 -3.53 14.31
CA GLU B 276 -32.82 -2.73 13.67
C GLU B 276 -33.21 -3.25 12.29
N SER B 277 -32.62 -4.37 11.87
CA SER B 277 -32.92 -4.94 10.57
C SER B 277 -32.45 -6.38 10.44
N PHE B 278 -32.57 -6.93 9.24
CA PHE B 278 -32.11 -8.28 8.94
C PHE B 278 -31.31 -8.28 7.65
N PRO B 279 -30.02 -8.63 7.72
CA PRO B 279 -29.09 -8.55 6.59
C PRO B 279 -29.45 -9.48 5.44
N LEU B 280 -30.58 -9.23 4.79
CA LEU B 280 -30.97 -9.96 3.59
C LEU B 280 -30.88 -9.01 2.41
N LEU B 281 -30.06 -9.37 1.43
CA LEU B 281 -29.79 -8.51 0.28
C LEU B 281 -31.05 -8.12 -0.50
N THR B 282 -31.12 -6.87 -0.92
CA THR B 282 -32.27 -6.36 -1.65
C THR B 282 -31.94 -6.15 -3.12
N THR B 283 -30.66 -6.11 -3.46
CA THR B 283 -30.22 -5.95 -4.84
C THR B 283 -30.48 -7.21 -5.65
N LYS B 284 -30.80 -8.30 -4.97
CA LYS B 284 -31.13 -9.56 -5.60
C LYS B 284 -32.08 -10.34 -4.71
N LYS B 285 -33.14 -10.89 -5.31
CA LYS B 285 -34.11 -11.67 -4.56
C LYS B 285 -33.48 -12.98 -4.09
N VAL B 286 -33.23 -13.07 -2.79
CA VAL B 286 -32.57 -14.24 -2.22
C VAL B 286 -33.59 -15.25 -1.67
N ALA B 287 -33.41 -16.51 -2.05
CA ALA B 287 -34.30 -17.58 -1.57
C ALA B 287 -34.11 -17.82 -0.08
N ILE B 288 -34.86 -17.08 0.74
CA ILE B 288 -34.75 -17.19 2.19
C ILE B 288 -35.12 -18.58 2.69
N ARG B 289 -36.17 -19.14 2.11
CA ARG B 289 -36.69 -20.44 2.54
C ARG B 289 -35.62 -21.53 2.45
N SER B 290 -34.87 -21.53 1.36
CA SER B 290 -33.80 -22.49 1.16
C SER B 290 -32.71 -22.32 2.22
N ILE B 291 -32.42 -21.07 2.53
CA ILE B 291 -31.43 -20.73 3.54
C ILE B 291 -31.83 -21.27 4.89
N PHE B 292 -33.07 -20.97 5.30
CA PHE B 292 -33.59 -21.46 6.58
C PHE B 292 -33.58 -22.98 6.63
N GLU B 293 -34.12 -23.60 5.58
CA GLU B 293 -34.24 -25.05 5.53
C GLU B 293 -32.87 -25.71 5.65
N GLU B 294 -31.87 -25.09 5.03
CA GLU B 294 -30.50 -25.57 5.13
C GLU B 294 -29.98 -25.39 6.54
N LEU B 295 -30.36 -24.28 7.17
CA LEU B 295 -29.91 -23.98 8.53
C LEU B 295 -30.44 -24.99 9.55
N ILE B 296 -31.75 -25.24 9.53
CA ILE B 296 -32.32 -26.22 10.45
C ILE B 296 -31.89 -27.63 10.05
N TRP B 297 -31.55 -27.81 8.78
CA TRP B 297 -30.98 -29.07 8.32
C TRP B 297 -29.63 -29.29 9.00
N PHE B 298 -28.88 -28.20 9.18
CA PHE B 298 -27.62 -28.25 9.91
C PHE B 298 -27.87 -28.54 11.38
N ILE B 299 -28.78 -27.77 11.98
CA ILE B 299 -29.05 -27.86 13.41
C ILE B 299 -29.43 -29.27 13.85
N LYS B 300 -30.22 -29.97 13.04
CA LYS B 300 -30.62 -31.34 13.35
C LYS B 300 -29.44 -32.31 13.25
N GLY B 301 -28.37 -31.88 12.60
CA GLY B 301 -27.20 -32.71 12.41
C GLY B 301 -27.38 -33.68 11.27
N ASP B 302 -28.33 -33.39 10.40
CA ASP B 302 -28.63 -34.26 9.27
C ASP B 302 -27.62 -34.06 8.14
N THR B 303 -27.20 -35.17 7.53
CA THR B 303 -26.23 -35.12 6.44
C THR B 303 -26.85 -35.64 5.15
N ASN B 304 -28.10 -36.10 5.23
CA ASN B 304 -28.82 -36.60 4.07
C ASN B 304 -29.26 -35.46 3.16
N GLY B 305 -28.70 -35.39 1.96
CA GLY B 305 -29.02 -34.34 1.02
C GLY B 305 -30.43 -34.45 0.48
N ASN B 306 -30.95 -35.68 0.45
CA ASN B 306 -32.30 -35.90 -0.04
C ASN B 306 -33.34 -35.19 0.82
N HIS B 307 -33.09 -35.13 2.12
CA HIS B 307 -33.99 -34.43 3.04
C HIS B 307 -34.13 -32.96 2.65
N LEU B 308 -33.06 -32.42 2.06
CA LEU B 308 -33.07 -31.06 1.57
C LEU B 308 -33.74 -30.99 0.20
N ILE B 309 -33.50 -32.02 -0.61
CA ILE B 309 -34.09 -32.11 -1.95
C ILE B 309 -35.59 -32.38 -1.89
N GLU B 310 -36.00 -33.17 -0.91
CA GLU B 310 -37.43 -33.49 -0.73
C GLU B 310 -38.25 -32.23 -0.45
N LYS B 311 -37.60 -31.23 0.16
CA LYS B 311 -38.27 -29.97 0.46
C LYS B 311 -37.96 -28.93 -0.63
N LYS B 312 -37.61 -29.42 -1.81
CA LYS B 312 -37.32 -28.58 -2.97
C LYS B 312 -36.23 -27.54 -2.74
N VAL B 313 -35.15 -27.97 -2.09
CA VAL B 313 -33.97 -27.13 -1.92
C VAL B 313 -32.78 -27.84 -2.56
N TYR B 314 -32.28 -27.28 -3.67
CA TYR B 314 -31.28 -27.96 -4.48
C TYR B 314 -29.90 -27.31 -4.44
N ILE B 315 -29.54 -26.73 -3.31
CA ILE B 315 -28.23 -26.08 -3.20
C ILE B 315 -27.12 -27.09 -2.95
N TRP B 316 -27.48 -28.27 -2.48
CA TRP B 316 -26.51 -29.34 -2.24
C TRP B 316 -26.69 -30.48 -3.24
N SER B 317 -27.16 -30.16 -4.43
CA SER B 317 -27.38 -31.17 -5.47
C SER B 317 -26.08 -31.51 -6.19
N GLY B 318 -25.40 -30.48 -6.68
CA GLY B 318 -24.17 -30.66 -7.43
C GLY B 318 -23.06 -31.30 -6.63
N ASN B 319 -22.94 -30.92 -5.36
CA ASN B 319 -21.92 -31.47 -4.47
C ASN B 319 -22.34 -32.79 -3.84
N GLY B 320 -23.44 -33.35 -4.33
CA GLY B 320 -23.96 -34.59 -3.80
C GLY B 320 -24.05 -35.68 -4.86
N SER B 321 -24.14 -35.28 -6.12
CA SER B 321 -24.33 -36.21 -7.24
C SER B 321 -23.34 -37.37 -7.25
N LYS B 322 -23.76 -38.49 -7.82
CA LYS B 322 -22.96 -39.71 -7.86
C LYS B 322 -21.66 -39.50 -8.63
N GLU B 323 -21.73 -38.71 -9.69
CA GLU B 323 -20.57 -38.43 -10.52
C GLU B 323 -19.52 -37.64 -9.75
N TYR B 324 -19.98 -36.60 -9.05
CA TYR B 324 -19.09 -35.76 -8.25
C TYR B 324 -18.47 -36.53 -7.09
N LEU B 325 -19.27 -37.39 -6.47
CA LEU B 325 -18.80 -38.20 -5.35
C LEU B 325 -17.75 -39.20 -5.81
N GLU B 326 -18.02 -39.88 -6.92
CA GLU B 326 -17.08 -40.85 -7.47
C GLU B 326 -15.81 -40.13 -7.94
N ARG B 327 -15.97 -38.89 -8.38
CA ARG B 327 -14.85 -38.09 -8.85
C ARG B 327 -13.90 -37.68 -7.71
N ILE B 328 -14.46 -37.37 -6.56
CA ILE B 328 -13.65 -36.94 -5.41
C ILE B 328 -13.22 -38.11 -4.53
N GLY B 329 -13.39 -39.32 -5.05
CA GLY B 329 -12.94 -40.52 -4.37
C GLY B 329 -13.92 -41.05 -3.33
N LEU B 330 -15.21 -40.78 -3.53
CA LEU B 330 -16.24 -41.26 -2.63
C LEU B 330 -17.32 -42.02 -3.41
N GLY B 331 -16.88 -42.93 -4.27
CA GLY B 331 -17.79 -43.71 -5.09
C GLY B 331 -18.59 -44.73 -4.30
N HIS B 332 -18.09 -45.08 -3.13
CA HIS B 332 -18.75 -46.03 -2.25
C HIS B 332 -19.96 -45.38 -1.59
N ARG B 333 -20.04 -44.08 -1.67
CA ARG B 333 -21.08 -43.29 -1.04
C ARG B 333 -22.41 -43.40 -1.74
N GLU B 334 -23.48 -43.15 -1.00
CA GLU B 334 -24.81 -43.20 -1.60
C GLU B 334 -25.08 -41.94 -2.43
N GLU B 335 -26.17 -41.95 -3.18
CA GLU B 335 -26.53 -40.87 -4.12
C GLU B 335 -26.45 -39.46 -3.56
N ASN B 336 -26.79 -39.28 -2.28
CA ASN B 336 -26.76 -37.95 -1.68
C ASN B 336 -26.20 -37.90 -0.28
N ASP B 337 -25.38 -38.88 0.08
CA ASP B 337 -24.73 -38.89 1.39
C ASP B 337 -23.52 -37.96 1.38
N LEU B 338 -23.67 -36.80 2.01
CA LEU B 338 -22.63 -35.78 1.97
C LEU B 338 -21.51 -36.03 2.98
N GLY B 339 -21.73 -36.94 3.92
CA GLY B 339 -20.74 -37.26 4.93
C GLY B 339 -20.71 -36.30 6.10
N PRO B 340 -19.63 -36.34 6.86
CA PRO B 340 -19.58 -35.61 8.13
C PRO B 340 -19.33 -34.15 7.83
N ILE B 341 -20.36 -33.58 7.20
CA ILE B 341 -20.50 -32.16 6.89
C ILE B 341 -21.29 -31.38 7.96
N TYR B 342 -21.46 -30.10 7.78
CA TYR B 342 -21.85 -29.25 8.87
C TYR B 342 -23.12 -29.78 9.51
N GLY B 343 -23.21 -29.58 10.80
CA GLY B 343 -24.25 -30.17 11.61
C GLY B 343 -23.78 -31.43 12.28
N PHE B 344 -23.16 -32.32 11.51
CA PHE B 344 -22.59 -33.54 12.06
C PHE B 344 -21.40 -33.18 12.94
N GLN B 345 -20.71 -32.10 12.60
CA GLN B 345 -19.61 -31.61 13.41
C GLN B 345 -20.12 -30.72 14.53
N TRP B 346 -21.33 -30.20 14.36
CA TRP B 346 -21.96 -29.36 15.37
C TRP B 346 -22.53 -30.21 16.49
N ARG B 347 -23.09 -31.36 16.14
CA ARG B 347 -23.79 -32.20 17.11
C ARG B 347 -23.02 -33.46 17.49
N HIS B 348 -22.13 -33.90 16.61
CA HIS B 348 -21.37 -35.13 16.84
C HIS B 348 -19.92 -34.98 16.40
N TYR B 349 -19.19 -34.06 17.01
CA TYR B 349 -17.80 -33.82 16.64
C TYR B 349 -16.93 -35.03 16.95
N ASN B 350 -16.01 -35.32 16.03
CA ASN B 350 -15.13 -36.49 16.12
C ASN B 350 -15.86 -37.83 16.14
N GLY B 351 -17.12 -37.84 15.71
CA GLY B 351 -17.89 -39.06 15.64
C GLY B 351 -17.61 -39.84 14.38
N GLU B 352 -17.34 -41.13 14.52
CA GLU B 352 -17.04 -41.98 13.38
C GLU B 352 -18.25 -42.10 12.45
N TYR B 353 -18.13 -41.50 11.28
CA TYR B 353 -19.23 -41.47 10.31
C TYR B 353 -19.31 -42.76 9.49
N LYS B 354 -20.50 -43.32 9.41
CA LYS B 354 -20.74 -44.49 8.57
C LYS B 354 -21.52 -44.08 7.34
N THR B 355 -22.84 -44.10 7.44
CA THR B 355 -23.72 -43.64 6.37
C THR B 355 -24.69 -42.58 6.89
N MET B 356 -25.50 -42.04 5.99
CA MET B 356 -26.47 -41.01 6.36
C MET B 356 -27.70 -41.62 7.01
N HIS B 357 -27.76 -42.94 7.01
CA HIS B 357 -28.92 -43.65 7.54
C HIS B 357 -28.73 -44.06 9.00
N ASP B 358 -27.47 -44.16 9.42
CA ASP B 358 -27.16 -44.56 10.79
C ASP B 358 -27.63 -43.53 11.81
N ASP B 359 -27.87 -43.99 13.03
CA ASP B 359 -28.36 -43.11 14.09
C ASP B 359 -27.20 -42.70 15.01
N TYR B 360 -26.70 -41.48 14.78
CA TYR B 360 -25.54 -41.00 15.52
C TYR B 360 -25.92 -40.28 16.80
N THR B 361 -27.01 -40.69 17.43
CA THR B 361 -27.46 -40.06 18.66
C THR B 361 -26.55 -40.39 19.84
N GLY B 362 -26.20 -39.36 20.62
CA GLY B 362 -25.36 -39.54 21.79
C GLY B 362 -23.88 -39.66 21.51
N VAL B 363 -23.53 -39.90 20.25
CA VAL B 363 -22.12 -40.06 19.89
C VAL B 363 -21.50 -38.73 19.51
N GLY B 364 -20.18 -38.63 19.65
CA GLY B 364 -19.47 -37.41 19.33
C GLY B 364 -19.70 -36.31 20.34
N VAL B 365 -19.14 -35.13 20.06
CA VAL B 365 -19.30 -33.98 20.95
C VAL B 365 -20.36 -33.02 20.42
N ASP B 366 -21.39 -32.79 21.22
CA ASP B 366 -22.47 -31.87 20.82
C ASP B 366 -22.05 -30.44 21.11
N GLN B 367 -21.42 -29.81 20.11
CA GLN B 367 -20.96 -28.43 20.26
C GLN B 367 -22.11 -27.44 20.43
N LEU B 368 -23.18 -27.64 19.67
CA LEU B 368 -24.32 -26.71 19.69
C LEU B 368 -24.99 -26.64 21.06
N ALA B 369 -25.25 -27.80 21.65
CA ALA B 369 -25.90 -27.89 22.96
C ALA B 369 -25.06 -27.21 24.04
N LYS B 370 -23.77 -27.56 24.08
CA LYS B 370 -22.85 -26.98 25.04
C LYS B 370 -22.70 -25.48 24.80
N LEU B 371 -22.85 -25.07 23.53
CA LEU B 371 -22.78 -23.66 23.15
C LEU B 371 -23.95 -22.90 23.75
N ILE B 372 -25.15 -23.44 23.60
CA ILE B 372 -26.34 -22.83 24.17
C ILE B 372 -26.25 -22.77 25.70
N GLU B 373 -25.93 -23.91 26.30
CA GLU B 373 -25.84 -24.03 27.75
C GLU B 373 -24.81 -23.05 28.32
N THR B 374 -23.69 -22.88 27.62
CA THR B 374 -22.65 -21.96 28.06
C THR B 374 -23.10 -20.51 27.84
N LEU B 375 -23.84 -20.29 26.77
CA LEU B 375 -24.36 -18.96 26.44
C LEU B 375 -25.32 -18.45 27.51
N LYS B 376 -26.14 -19.34 28.05
CA LYS B 376 -27.11 -18.92 29.06
C LYS B 376 -26.61 -19.05 30.50
N ASN B 377 -25.67 -19.96 30.73
CA ASN B 377 -25.11 -20.12 32.08
C ASN B 377 -23.86 -19.28 32.34
N ASN B 378 -23.21 -18.84 31.27
CA ASN B 378 -22.02 -18.01 31.38
C ASN B 378 -21.84 -17.13 30.15
N PRO B 379 -22.59 -16.03 30.09
CA PRO B 379 -22.63 -15.15 28.91
C PRO B 379 -21.30 -14.43 28.66
N LYS B 380 -20.63 -14.00 29.73
CA LYS B 380 -19.39 -13.24 29.60
C LYS B 380 -18.18 -14.14 29.35
N ASP B 381 -18.43 -15.40 29.02
CA ASP B 381 -17.36 -16.33 28.67
C ASP B 381 -16.77 -15.94 27.31
N ARG B 382 -15.53 -16.34 27.07
CA ARG B 382 -14.86 -16.03 25.81
C ARG B 382 -14.57 -17.28 25.00
N ARG B 383 -15.28 -18.36 25.32
CA ARG B 383 -15.08 -19.63 24.63
C ARG B 383 -16.30 -20.09 23.85
N HIS B 384 -17.25 -19.17 23.64
CA HIS B 384 -18.47 -19.48 22.89
C HIS B 384 -18.12 -19.74 21.43
N ILE B 385 -17.67 -20.95 21.12
CA ILE B 385 -17.18 -21.25 19.77
C ILE B 385 -17.77 -22.51 19.17
N LEU B 386 -18.25 -22.40 17.94
CA LEU B 386 -18.76 -23.54 17.19
C LEU B 386 -17.91 -23.74 15.93
N THR B 387 -17.22 -24.87 15.87
CA THR B 387 -16.33 -25.15 14.74
C THR B 387 -16.82 -26.33 13.92
N ALA B 388 -16.34 -26.41 12.68
CA ALA B 388 -16.72 -27.48 11.77
C ALA B 388 -15.52 -28.10 11.09
N TRP B 389 -14.34 -27.52 11.33
CA TRP B 389 -13.12 -27.99 10.70
C TRP B 389 -12.50 -29.15 11.47
N ASN B 390 -12.69 -30.36 10.95
CA ASN B 390 -12.14 -31.55 11.57
C ASN B 390 -11.22 -32.29 10.60
N PRO B 391 -9.90 -32.12 10.77
CA PRO B 391 -8.86 -32.72 9.93
C PRO B 391 -9.01 -34.24 9.77
N SER B 392 -9.53 -34.90 10.80
CA SER B 392 -9.69 -36.34 10.77
C SER B 392 -10.85 -36.77 9.88
N ALA B 393 -11.79 -35.85 9.64
CA ALA B 393 -12.99 -36.18 8.89
C ALA B 393 -13.05 -35.49 7.52
N LEU B 394 -12.08 -34.63 7.25
CA LEU B 394 -12.04 -33.88 5.99
C LEU B 394 -12.08 -34.77 4.75
N SER B 395 -11.41 -35.92 4.82
CA SER B 395 -11.33 -36.84 3.69
C SER B 395 -12.67 -37.50 3.38
N GLN B 396 -13.46 -37.74 4.43
CA GLN B 396 -14.81 -38.24 4.30
C GLN B 396 -15.80 -37.27 3.66
N MET B 397 -15.68 -35.99 4.04
CA MET B 397 -16.64 -34.96 3.69
C MET B 397 -16.76 -34.76 2.19
N ALA B 398 -17.98 -34.51 1.72
CA ALA B 398 -18.19 -34.24 0.30
C ALA B 398 -17.62 -32.87 -0.05
N LEU B 399 -17.58 -31.98 0.93
CA LEU B 399 -17.02 -30.65 0.75
C LEU B 399 -16.61 -30.08 2.10
N PRO B 400 -15.31 -29.80 2.27
CA PRO B 400 -14.76 -29.21 3.49
C PRO B 400 -15.45 -27.90 3.86
N PRO B 401 -15.51 -27.59 5.16
CA PRO B 401 -16.25 -26.43 5.67
C PRO B 401 -15.76 -25.10 5.08
N CYS B 402 -16.67 -24.36 4.46
CA CYS B 402 -16.36 -23.03 3.94
C CYS B 402 -16.55 -22.01 5.07
N HIS B 403 -17.74 -21.95 5.63
CA HIS B 403 -17.93 -21.20 6.85
C HIS B 403 -17.38 -22.03 8.01
N VAL B 404 -16.08 -21.88 8.26
CA VAL B 404 -15.34 -22.78 9.12
C VAL B 404 -15.68 -22.70 10.60
N LEU B 405 -15.43 -21.54 11.21
CA LEU B 405 -15.56 -21.40 12.65
C LEU B 405 -16.30 -20.14 13.04
N SER B 406 -17.17 -20.25 14.06
CA SER B 406 -17.97 -19.12 14.53
C SER B 406 -17.84 -18.89 16.04
N GLN B 407 -17.81 -17.61 16.43
CA GLN B 407 -17.71 -17.25 17.84
C GLN B 407 -18.87 -16.32 18.21
N TYR B 408 -19.39 -16.49 19.42
CA TYR B 408 -20.54 -15.71 19.86
C TYR B 408 -20.29 -14.87 21.08
N TYR B 409 -20.95 -13.73 21.18
CA TYR B 409 -20.63 -12.75 22.19
C TYR B 409 -21.90 -12.13 22.78
N VAL B 410 -22.24 -12.29 23.98
CA VAL B 410 -23.40 -11.69 24.66
C VAL B 410 -23.04 -10.34 25.26
N THR B 411 -23.40 -9.22 24.81
CA THR B 411 -23.09 -7.87 25.26
C THR B 411 -23.69 -7.58 26.63
N ASN B 412 -23.35 -6.42 27.18
CA ASN B 412 -23.84 -6.04 28.50
C ASN B 412 -25.33 -5.74 28.52
N ASP B 413 -25.87 -5.32 27.39
CA ASP B 413 -27.31 -5.04 27.28
C ASP B 413 -28.06 -6.23 26.72
N ASN B 414 -27.56 -7.44 27.03
CA ASN B 414 -28.21 -8.68 26.64
C ASN B 414 -28.47 -8.86 25.15
N CYS B 415 -27.49 -8.49 24.33
CA CYS B 415 -27.58 -8.72 22.90
C CYS B 415 -26.60 -9.80 22.46
N LEU B 416 -26.96 -10.52 21.40
CA LEU B 416 -26.12 -11.61 20.91
C LEU B 416 -25.46 -11.26 19.57
N SER B 417 -24.14 -11.14 19.59
CA SER B 417 -23.36 -10.85 18.39
C SER B 417 -22.65 -12.10 17.89
N CYS B 418 -22.46 -12.19 16.58
CA CYS B 418 -21.86 -13.36 15.96
C CYS B 418 -20.72 -13.03 15.01
N ASN B 419 -19.60 -13.71 15.17
CA ASN B 419 -18.47 -13.61 14.24
C ASN B 419 -18.28 -14.92 13.50
N LEU B 420 -18.11 -14.84 12.19
CA LEU B 420 -17.93 -16.06 11.39
C LEU B 420 -16.71 -15.94 10.49
N TYR B 421 -15.85 -16.96 10.52
CA TYR B 421 -14.71 -17.00 9.60
C TYR B 421 -15.01 -17.94 8.44
N GLN B 422 -14.76 -17.47 7.23
CA GLN B 422 -15.06 -18.23 6.02
C GLN B 422 -13.82 -18.34 5.15
N ARG B 423 -13.32 -19.57 5.00
CA ARG B 423 -12.09 -19.80 4.25
C ARG B 423 -12.24 -19.49 2.77
N SER B 424 -13.42 -19.80 2.22
CA SER B 424 -13.68 -19.58 0.80
C SER B 424 -15.08 -19.01 0.63
N CYS B 425 -15.20 -18.01 -0.23
CA CYS B 425 -16.47 -17.29 -0.38
C CYS B 425 -16.87 -17.10 -1.84
N ASP B 426 -17.99 -17.71 -2.22
CA ASP B 426 -18.58 -17.46 -3.53
C ASP B 426 -19.47 -16.23 -3.42
N LEU B 427 -18.95 -15.09 -3.86
CA LEU B 427 -19.67 -13.82 -3.76
C LEU B 427 -20.95 -13.80 -4.59
N GLY B 428 -21.10 -14.77 -5.48
CA GLY B 428 -22.29 -14.86 -6.31
C GLY B 428 -23.40 -15.68 -5.70
N LEU B 429 -23.03 -16.83 -5.11
CA LEU B 429 -24.02 -17.75 -4.56
C LEU B 429 -23.89 -17.93 -3.05
N GLY B 430 -22.72 -18.36 -2.61
CA GLY B 430 -22.49 -18.69 -1.22
C GLY B 430 -22.64 -17.57 -0.22
N SER B 431 -22.11 -16.40 -0.55
CA SER B 431 -22.05 -15.27 0.39
C SER B 431 -23.39 -14.82 0.99
N PRO B 432 -24.39 -14.49 0.15
CA PRO B 432 -25.66 -14.02 0.73
C PRO B 432 -26.30 -15.10 1.60
N PHE B 433 -26.20 -16.34 1.14
CA PHE B 433 -26.73 -17.48 1.86
C PHE B 433 -26.06 -17.61 3.24
N ASN B 434 -24.74 -17.42 3.27
CA ASN B 434 -24.01 -17.49 4.54
C ASN B 434 -24.40 -16.36 5.49
N ILE B 435 -24.47 -15.15 4.97
CA ILE B 435 -24.87 -13.98 5.77
C ILE B 435 -26.23 -14.20 6.41
N ALA B 436 -27.21 -14.50 5.58
CA ALA B 436 -28.57 -14.73 6.07
C ALA B 436 -28.65 -15.93 7.02
N SER B 437 -27.92 -16.98 6.69
CA SER B 437 -27.93 -18.20 7.50
C SER B 437 -27.42 -17.96 8.92
N TYR B 438 -26.26 -17.31 9.03
CA TYR B 438 -25.71 -17.05 10.36
C TYR B 438 -26.45 -15.92 11.08
N ALA B 439 -27.14 -15.07 10.32
CA ALA B 439 -28.01 -14.08 10.93
C ALA B 439 -29.18 -14.77 11.62
N ILE B 440 -29.85 -15.64 10.88
CA ILE B 440 -30.99 -16.40 11.41
C ILE B 440 -30.54 -17.28 12.58
N LEU B 441 -29.37 -17.91 12.44
CA LEU B 441 -28.83 -18.75 13.51
C LEU B 441 -28.56 -17.92 14.76
N THR B 442 -28.04 -16.72 14.57
CA THR B 442 -27.78 -15.81 15.70
C THR B 442 -29.09 -15.45 16.38
N MET B 443 -30.13 -15.21 15.60
CA MET B 443 -31.44 -14.89 16.15
C MET B 443 -32.05 -16.07 16.93
N MET B 444 -31.88 -17.28 16.39
CA MET B 444 -32.35 -18.49 17.05
C MET B 444 -31.66 -18.66 18.40
N LEU B 445 -30.33 -18.61 18.38
CA LEU B 445 -29.54 -18.72 19.60
C LEU B 445 -29.91 -17.62 20.59
N ALA B 446 -30.31 -16.46 20.07
CA ALA B 446 -30.73 -15.35 20.91
C ALA B 446 -32.05 -15.65 21.62
N GLN B 447 -33.01 -16.18 20.87
CA GLN B 447 -34.32 -16.48 21.44
C GLN B 447 -34.26 -17.65 22.42
N VAL B 448 -33.47 -18.67 22.08
CA VAL B 448 -33.34 -19.87 22.91
C VAL B 448 -32.62 -19.55 24.22
N CYS B 449 -31.62 -18.68 24.15
CA CYS B 449 -30.85 -18.30 25.34
C CYS B 449 -31.44 -17.07 26.02
N GLY B 450 -32.52 -16.53 25.45
CA GLY B 450 -33.21 -15.40 26.04
C GLY B 450 -32.52 -14.06 25.83
N TYR B 451 -31.93 -13.88 24.65
CA TYR B 451 -31.28 -12.62 24.31
C TYR B 451 -31.92 -12.00 23.07
N GLU B 452 -31.35 -10.87 22.63
CA GLU B 452 -31.80 -10.22 21.42
C GLU B 452 -30.65 -10.18 20.40
N PRO B 453 -30.98 -10.17 19.10
CA PRO B 453 -29.94 -10.13 18.08
C PRO B 453 -29.12 -8.85 18.14
N GLY B 454 -27.83 -8.95 17.82
CA GLY B 454 -26.93 -7.81 17.88
C GLY B 454 -26.30 -7.51 16.53
N GLU B 455 -25.02 -7.83 16.41
CA GLU B 455 -24.27 -7.56 15.18
C GLU B 455 -23.69 -8.83 14.58
N LEU B 456 -23.49 -8.82 13.27
CA LEU B 456 -22.91 -9.96 12.57
C LEU B 456 -21.68 -9.57 11.77
N ALA B 457 -20.52 -10.07 12.19
CA ALA B 457 -19.27 -9.79 11.49
C ALA B 457 -18.74 -11.03 10.79
N ILE B 458 -18.58 -10.93 9.48
CA ILE B 458 -18.07 -12.04 8.68
C ILE B 458 -16.69 -11.73 8.12
N PHE B 459 -15.71 -12.53 8.53
CA PHE B 459 -14.33 -12.40 8.10
C PHE B 459 -14.04 -13.44 7.03
N ILE B 460 -13.65 -12.97 5.85
CA ILE B 460 -13.50 -13.84 4.68
C ILE B 460 -12.04 -14.06 4.28
N GLY B 461 -11.67 -15.31 4.06
CA GLY B 461 -10.36 -15.65 3.55
C GLY B 461 -10.27 -15.43 2.05
N ASP B 462 -10.56 -16.47 1.29
CA ASP B 462 -10.51 -16.40 -0.17
C ASP B 462 -11.81 -15.84 -0.74
N ALA B 463 -11.89 -14.52 -0.86
CA ALA B 463 -13.05 -13.87 -1.44
C ALA B 463 -12.92 -13.83 -2.96
N HIS B 464 -13.73 -14.62 -3.65
CA HIS B 464 -13.56 -14.79 -5.09
C HIS B 464 -14.87 -14.70 -5.88
N ILE B 465 -14.75 -14.34 -7.16
CA ILE B 465 -15.89 -14.33 -8.07
C ILE B 465 -15.62 -15.24 -9.27
N TYR B 466 -16.49 -16.21 -9.49
CA TYR B 466 -16.35 -17.10 -10.64
C TYR B 466 -16.55 -16.34 -11.94
N GLU B 467 -15.81 -16.73 -12.97
CA GLU B 467 -15.78 -15.99 -14.23
C GLU B 467 -17.11 -16.06 -15.00
N ASN B 468 -17.98 -16.97 -14.60
CA ASN B 468 -19.30 -17.10 -15.24
C ASN B 468 -20.37 -16.30 -14.51
N HIS B 469 -19.96 -15.52 -13.51
CA HIS B 469 -20.89 -14.70 -12.74
C HIS B 469 -20.65 -13.22 -12.98
N LEU B 470 -19.71 -12.93 -13.88
CA LEU B 470 -19.29 -11.56 -14.14
C LEU B 470 -20.42 -10.62 -14.56
N THR B 471 -21.05 -10.91 -15.69
CA THR B 471 -22.13 -10.07 -16.21
C THR B 471 -23.28 -9.95 -15.21
N GLN B 472 -23.53 -11.03 -14.49
CA GLN B 472 -24.61 -11.08 -13.51
C GLN B 472 -24.35 -10.15 -12.33
N LEU B 473 -23.16 -10.24 -11.75
CA LEU B 473 -22.80 -9.40 -10.61
C LEU B 473 -22.62 -7.94 -11.02
N LYS B 474 -22.14 -7.72 -12.24
CA LYS B 474 -22.03 -6.38 -12.79
C LYS B 474 -23.42 -5.79 -13.01
N GLU B 475 -24.38 -6.67 -13.28
CA GLU B 475 -25.78 -6.27 -13.37
C GLU B 475 -26.33 -5.93 -11.98
N GLN B 476 -25.95 -6.73 -10.99
CA GLN B 476 -26.39 -6.52 -9.62
C GLN B 476 -25.86 -5.20 -9.05
N LEU B 477 -24.66 -4.82 -9.48
CA LEU B 477 -24.04 -3.58 -9.00
C LEU B 477 -24.72 -2.33 -9.55
N SER B 478 -25.55 -2.51 -10.57
CA SER B 478 -26.25 -1.40 -11.19
C SER B 478 -27.57 -1.09 -10.47
N ARG B 479 -27.77 -1.70 -9.31
CA ARG B 479 -29.01 -1.54 -8.57
C ARG B 479 -28.78 -0.86 -7.22
N THR B 480 -29.42 0.29 -7.03
CA THR B 480 -29.30 1.03 -5.77
C THR B 480 -30.06 0.30 -4.67
N PRO B 481 -29.35 -0.03 -3.58
CA PRO B 481 -29.88 -0.83 -2.46
C PRO B 481 -31.16 -0.28 -1.84
N ARG B 482 -31.96 -1.18 -1.28
CA ARG B 482 -33.18 -0.82 -0.58
C ARG B 482 -33.03 -1.28 0.87
N PRO B 483 -33.82 -0.69 1.78
CA PRO B 483 -33.71 -1.04 3.21
C PRO B 483 -33.89 -2.53 3.50
N PHE B 484 -33.07 -3.06 4.41
CA PHE B 484 -33.14 -4.46 4.81
C PHE B 484 -34.50 -4.80 5.40
N PRO B 485 -34.99 -6.03 5.18
CA PRO B 485 -36.27 -6.45 5.74
C PRO B 485 -36.17 -6.74 7.23
N GLN B 486 -37.27 -7.21 7.82
CA GLN B 486 -37.30 -7.58 9.24
C GLN B 486 -37.60 -9.07 9.37
N LEU B 487 -37.06 -9.70 10.39
CA LEU B 487 -37.32 -11.11 10.63
C LEU B 487 -37.89 -11.34 12.03
N LYS B 488 -39.10 -11.87 12.10
CA LYS B 488 -39.73 -12.13 13.39
C LYS B 488 -40.20 -13.57 13.51
N PHE B 489 -40.03 -14.15 14.70
CA PHE B 489 -40.51 -15.49 14.97
C PHE B 489 -41.93 -15.46 15.52
N LYS B 490 -42.78 -16.35 15.01
CA LYS B 490 -44.19 -16.36 15.40
C LYS B 490 -44.42 -17.04 16.74
N ARG B 491 -43.47 -17.88 17.17
CA ARG B 491 -43.60 -18.58 18.45
C ARG B 491 -42.25 -18.82 19.08
N LYS B 492 -42.24 -18.95 20.41
CA LYS B 492 -41.01 -19.25 21.14
C LYS B 492 -40.91 -20.75 21.40
N VAL B 493 -39.82 -21.36 20.94
CA VAL B 493 -39.64 -22.80 21.08
C VAL B 493 -38.80 -23.14 22.31
N GLU B 494 -38.91 -24.39 22.76
CA GLU B 494 -38.14 -24.86 23.90
C GLU B 494 -36.81 -25.46 23.45
N ASN B 495 -36.84 -26.12 22.29
CA ASN B 495 -35.62 -26.67 21.70
C ASN B 495 -35.34 -26.00 20.35
N ILE B 496 -34.07 -25.68 20.11
CA ILE B 496 -33.68 -24.95 18.91
C ILE B 496 -33.93 -25.73 17.62
N GLU B 497 -34.03 -27.05 17.73
CA GLU B 497 -34.26 -27.89 16.55
C GLU B 497 -35.74 -27.99 16.20
N ASP B 498 -36.59 -27.32 16.98
CA ASP B 498 -38.03 -27.38 16.77
C ASP B 498 -38.54 -26.24 15.87
N PHE B 499 -37.63 -25.42 15.37
CA PHE B 499 -38.00 -24.32 14.48
C PHE B 499 -38.58 -24.83 13.16
N LYS B 500 -39.63 -24.17 12.70
CA LYS B 500 -40.27 -24.52 11.43
C LYS B 500 -40.34 -23.31 10.52
N TRP B 501 -40.51 -23.55 9.23
CA TRP B 501 -40.56 -22.47 8.24
C TRP B 501 -41.79 -21.59 8.43
N GLU B 502 -42.85 -22.18 8.94
CA GLU B 502 -44.10 -21.46 9.18
C GLU B 502 -43.95 -20.49 10.35
N ASP B 503 -42.94 -20.73 11.18
CA ASP B 503 -42.70 -19.89 12.36
C ASP B 503 -41.95 -18.62 11.99
N ILE B 504 -41.54 -18.52 10.74
CA ILE B 504 -40.76 -17.37 10.27
C ILE B 504 -41.60 -16.35 9.52
N GLU B 505 -41.51 -15.10 9.95
CA GLU B 505 -42.23 -14.00 9.31
C GLU B 505 -41.26 -12.94 8.81
N LEU B 506 -41.18 -12.81 7.48
CA LEU B 506 -40.30 -11.84 6.83
C LEU B 506 -41.10 -10.60 6.42
N ILE B 507 -40.81 -9.48 7.06
CA ILE B 507 -41.61 -8.27 6.89
C ILE B 507 -40.89 -7.15 6.14
N GLY B 508 -41.48 -6.72 5.04
CA GLY B 508 -40.97 -5.56 4.32
C GLY B 508 -39.83 -5.88 3.36
N TYR B 509 -39.85 -7.06 2.76
CA TYR B 509 -38.81 -7.44 1.82
C TYR B 509 -39.24 -7.18 0.38
N TYR B 510 -38.73 -6.10 -0.20
CA TYR B 510 -39.04 -5.74 -1.58
C TYR B 510 -37.77 -5.64 -2.40
N PRO B 511 -37.20 -6.80 -2.77
CA PRO B 511 -35.90 -6.82 -3.45
C PRO B 511 -36.01 -6.65 -4.95
N TYR B 512 -34.87 -6.40 -5.59
CA TYR B 512 -34.78 -6.38 -7.05
C TYR B 512 -34.97 -7.80 -7.56
N PRO B 513 -35.35 -7.96 -8.85
CA PRO B 513 -35.57 -9.30 -9.41
C PRO B 513 -34.39 -10.24 -9.24
N THR B 514 -34.67 -11.54 -9.18
CA THR B 514 -33.64 -12.54 -8.97
C THR B 514 -32.64 -12.59 -10.13
N ILE B 515 -31.42 -13.00 -9.82
CA ILE B 515 -30.38 -13.14 -10.83
C ILE B 515 -29.88 -14.58 -10.89
N LYS B 516 -30.15 -15.25 -12.00
CA LYS B 516 -29.79 -16.65 -12.17
C LYS B 516 -28.29 -16.82 -12.35
N MET B 517 -27.69 -17.64 -11.48
CA MET B 517 -26.26 -17.92 -11.56
C MET B 517 -25.99 -19.40 -11.28
N ASP B 518 -25.13 -20.01 -12.11
CA ASP B 518 -24.86 -21.44 -12.01
C ASP B 518 -23.76 -21.76 -11.02
N MET B 519 -23.92 -22.87 -10.30
CA MET B 519 -22.94 -23.30 -9.31
C MET B 519 -21.85 -24.15 -9.95
N ALA B 520 -20.59 -23.82 -9.63
CA ALA B 520 -19.46 -24.59 -10.13
C ALA B 520 -19.26 -25.84 -9.28
N VAL B 521 -19.53 -27.01 -9.86
CA VAL B 521 -19.43 -28.27 -9.15
C VAL B 521 -17.98 -28.66 -8.89
N GLU C 3 20.85 15.61 -61.68
CA GLU C 3 21.71 16.05 -60.59
C GLU C 3 22.99 15.22 -60.53
N LYS C 4 24.12 15.89 -60.35
CA LYS C 4 25.41 15.23 -60.30
C LYS C 4 26.28 15.87 -59.23
N ASN C 5 27.15 15.07 -58.60
CA ASN C 5 27.96 15.55 -57.49
C ASN C 5 29.15 16.39 -57.97
N VAL C 6 29.31 17.57 -57.36
CA VAL C 6 30.43 18.45 -57.70
C VAL C 6 31.31 18.69 -56.48
N SER C 7 32.51 18.11 -56.50
CA SER C 7 33.42 18.21 -55.37
C SER C 7 34.62 19.11 -55.68
N ILE C 8 35.15 19.75 -54.66
CA ILE C 8 36.34 20.58 -54.82
C ILE C 8 37.56 19.86 -54.24
N VAL C 9 38.62 19.80 -55.03
CA VAL C 9 39.87 19.21 -54.57
C VAL C 9 40.95 20.29 -54.55
N VAL C 10 41.57 20.49 -53.39
CA VAL C 10 42.54 21.57 -53.24
C VAL C 10 43.53 21.31 -52.11
N ALA C 11 44.79 21.64 -52.36
CA ALA C 11 45.83 21.59 -51.33
C ALA C 11 46.26 23.00 -50.96
N ALA C 12 45.91 23.42 -49.75
CA ALA C 12 46.24 24.76 -49.28
C ALA C 12 47.09 24.70 -48.02
N SER C 13 47.79 25.79 -47.73
CA SER C 13 48.56 25.88 -46.50
C SER C 13 47.62 25.90 -45.30
N VAL C 14 48.12 25.54 -44.13
CA VAL C 14 47.28 25.38 -42.96
C VAL C 14 46.63 26.69 -42.50
N LEU C 15 47.39 27.78 -42.53
CA LEU C 15 46.90 29.05 -42.00
C LEU C 15 46.37 29.99 -43.09
N SER C 16 47.26 30.51 -43.93
CA SER C 16 46.87 31.50 -44.93
C SER C 16 46.21 30.88 -46.16
N SER C 17 46.14 29.55 -46.17
CA SER C 17 45.47 28.82 -47.25
C SER C 17 46.03 29.12 -48.63
N GLY C 18 47.34 29.28 -48.72
CA GLY C 18 48.01 29.49 -50.00
C GLY C 18 48.06 28.21 -50.80
N ILE C 19 47.88 28.33 -52.12
CA ILE C 19 47.84 27.15 -52.98
C ILE C 19 48.89 27.18 -54.10
N GLY C 20 49.38 28.37 -54.42
CA GLY C 20 50.33 28.53 -55.51
C GLY C 20 51.28 29.72 -55.40
N ILE C 21 52.39 29.65 -56.13
CA ILE C 21 53.34 30.76 -56.20
C ILE C 21 54.05 30.80 -57.55
N ASN C 22 53.99 31.96 -58.22
CA ASN C 22 54.62 32.16 -59.51
C ASN C 22 54.24 31.15 -60.59
N GLY C 23 52.97 30.76 -60.60
CA GLY C 23 52.46 29.85 -61.62
C GLY C 23 52.77 28.40 -61.34
N GLN C 24 53.11 28.09 -60.11
CA GLN C 24 53.40 26.71 -59.71
C GLN C 24 53.14 26.49 -58.22
N LEU C 25 53.23 25.24 -57.79
CA LEU C 25 52.99 24.86 -56.40
C LEU C 25 54.16 25.23 -55.51
N PRO C 26 53.86 25.71 -54.29
CA PRO C 26 54.89 26.05 -53.29
C PRO C 26 55.41 24.83 -52.54
N TRP C 27 55.11 23.63 -53.03
CA TRP C 27 55.59 22.39 -52.43
C TRP C 27 55.60 21.26 -53.44
N SER C 28 56.27 20.16 -53.08
CA SER C 28 56.30 18.98 -53.93
C SER C 28 56.00 17.73 -53.09
N ILE C 29 54.74 17.33 -53.09
CA ILE C 29 54.30 16.16 -52.32
C ILE C 29 53.68 15.12 -53.23
N SER C 30 54.41 14.04 -53.49
CA SER C 30 53.94 12.99 -54.39
C SER C 30 52.67 12.32 -53.88
N GLU C 31 52.57 12.19 -52.56
CA GLU C 31 51.40 11.58 -51.94
C GLU C 31 50.15 12.42 -52.18
N ASP C 32 50.34 13.73 -52.26
CA ASP C 32 49.23 14.65 -52.49
C ASP C 32 48.71 14.58 -53.91
N LEU C 33 49.64 14.58 -54.86
CA LEU C 33 49.29 14.47 -56.28
C LEU C 33 48.64 13.12 -56.54
N LYS C 34 49.18 12.08 -55.90
CA LYS C 34 48.61 10.74 -56.02
C LYS C 34 47.21 10.73 -55.43
N PHE C 35 47.02 11.40 -54.31
CA PHE C 35 45.70 11.53 -53.69
C PHE C 35 44.72 12.20 -54.63
N PHE C 36 45.19 13.23 -55.33
CA PHE C 36 44.39 13.90 -56.34
C PHE C 36 43.99 12.93 -57.43
N SER C 37 44.98 12.23 -57.97
CA SER C 37 44.78 11.33 -59.09
C SER C 37 43.77 10.25 -58.73
N LYS C 38 43.97 9.61 -57.59
CA LYS C 38 42.98 8.66 -57.08
C LYS C 38 41.56 9.27 -56.91
N ILE C 39 41.46 10.29 -56.06
CA ILE C 39 40.18 10.90 -55.68
C ILE C 39 39.43 11.43 -56.91
N THR C 40 40.17 11.63 -58.01
CA THR C 40 39.53 12.09 -59.24
C THR C 40 39.25 10.93 -60.20
N ASN C 41 39.92 9.80 -59.99
CA ASN C 41 39.68 8.60 -60.79
C ASN C 41 38.64 7.68 -60.18
N ASN C 42 38.16 8.04 -58.99
CA ASN C 42 37.17 7.22 -58.29
C ASN C 42 35.81 7.28 -58.97
N LYS C 43 35.31 6.13 -59.42
CA LYS C 43 34.03 6.07 -60.11
C LYS C 43 33.41 4.67 -60.02
N CYS C 44 32.11 4.59 -60.31
CA CYS C 44 31.39 3.32 -60.28
C CYS C 44 31.23 2.73 -61.68
N ASP C 45 30.71 3.52 -62.60
CA ASP C 45 30.48 3.07 -63.97
C ASP C 45 31.77 3.12 -64.79
N SER C 46 32.10 1.99 -65.41
CA SER C 46 33.30 1.90 -66.24
C SER C 46 33.09 2.62 -67.57
N ASN C 47 31.82 2.73 -67.97
CA ASN C 47 31.47 3.41 -69.22
C ASN C 47 31.44 4.92 -69.07
N LYS C 48 31.65 5.40 -67.86
CA LYS C 48 31.62 6.83 -67.59
C LYS C 48 32.99 7.36 -67.18
N LYS C 49 33.15 8.68 -67.26
CA LYS C 49 34.39 9.33 -66.85
C LYS C 49 34.09 10.48 -65.91
N ASN C 50 35.13 11.05 -65.31
CA ASN C 50 34.98 12.21 -64.45
C ASN C 50 35.48 13.48 -65.12
N ALA C 51 34.73 14.57 -64.98
CA ALA C 51 35.11 15.84 -65.59
C ALA C 51 35.90 16.69 -64.61
N LEU C 52 37.01 17.26 -65.05
CA LEU C 52 37.80 18.11 -64.19
C LEU C 52 37.76 19.51 -64.72
N ILE C 53 37.23 20.41 -63.94
CA ILE C 53 37.18 21.83 -64.26
C ILE C 53 38.36 22.56 -63.65
N MET C 54 39.07 23.35 -64.46
CA MET C 54 40.21 24.10 -63.98
C MET C 54 40.38 25.39 -64.76
N GLY C 55 41.08 26.35 -64.15
CA GLY C 55 41.40 27.64 -64.75
C GLY C 55 42.47 27.57 -65.83
N ARG C 56 42.49 28.56 -66.72
CA ARG C 56 43.41 28.57 -67.84
C ARG C 56 44.85 28.49 -67.36
N LYS C 57 45.15 29.23 -66.30
CA LYS C 57 46.50 29.27 -65.74
C LYS C 57 46.88 27.94 -65.11
N THR C 58 45.90 27.26 -64.52
CA THR C 58 46.12 25.93 -63.99
C THR C 58 46.36 24.95 -65.13
N TRP C 59 45.63 25.13 -66.22
CA TRP C 59 45.80 24.32 -67.43
C TRP C 59 47.19 24.53 -68.00
N ASP C 60 47.74 25.72 -67.81
CA ASP C 60 49.12 26.00 -68.23
C ASP C 60 50.09 25.35 -67.25
N SER C 61 49.69 25.30 -65.98
CA SER C 61 50.54 24.75 -64.93
C SER C 61 50.88 23.28 -65.14
N ILE C 62 49.92 22.52 -65.65
CA ILE C 62 50.12 21.09 -65.89
C ILE C 62 50.78 20.84 -67.25
N GLY C 63 51.27 21.89 -67.89
CA GLY C 63 51.96 21.77 -69.15
C GLY C 63 51.03 21.59 -70.33
N ARG C 64 49.75 21.87 -70.11
CA ARG C 64 48.73 21.73 -71.15
C ARG C 64 48.68 20.32 -71.73
N ARG C 65 48.76 19.32 -70.86
CA ARG C 65 48.66 17.94 -71.27
C ARG C 65 47.56 17.24 -70.49
N PRO C 66 46.69 16.49 -71.20
CA PRO C 66 45.50 15.88 -70.60
C PRO C 66 45.82 14.82 -69.56
N LEU C 67 44.88 14.60 -68.63
CA LEU C 67 45.02 13.56 -67.62
C LEU C 67 44.24 12.33 -68.06
N LYS C 68 44.87 11.17 -67.96
CA LYS C 68 44.29 9.92 -68.44
C LYS C 68 43.02 9.54 -67.69
N ASN C 69 42.08 8.92 -68.42
CA ASN C 69 40.82 8.43 -67.85
C ASN C 69 39.95 9.54 -67.25
N ARG C 70 40.22 10.78 -67.64
CA ARG C 70 39.47 11.93 -67.16
C ARG C 70 39.31 12.96 -68.26
N ILE C 71 38.30 13.80 -68.15
CA ILE C 71 38.06 14.85 -69.13
C ILE C 71 38.31 16.23 -68.51
N ILE C 72 39.38 16.87 -68.97
CA ILE C 72 39.75 18.18 -68.42
C ILE C 72 38.95 19.30 -69.07
N VAL C 73 38.28 20.08 -68.23
CA VAL C 73 37.50 21.22 -68.68
C VAL C 73 38.23 22.52 -68.36
N VAL C 74 38.70 23.21 -69.39
CA VAL C 74 39.46 24.44 -69.19
C VAL C 74 38.55 25.67 -69.29
N ILE C 75 38.62 26.54 -68.29
CA ILE C 75 37.86 27.78 -68.31
C ILE C 75 38.74 28.89 -68.84
N SER C 76 38.40 29.41 -70.01
CA SER C 76 39.16 30.50 -70.62
C SER C 76 38.32 31.30 -71.61
N SER C 77 38.62 32.59 -71.70
CA SER C 77 37.91 33.47 -72.61
C SER C 77 38.69 33.64 -73.92
N SER C 78 39.90 33.09 -73.94
CA SER C 78 40.78 33.23 -75.10
C SER C 78 41.03 31.90 -75.82
N LEU C 79 41.13 30.83 -75.04
CA LEU C 79 41.42 29.50 -75.61
C LEU C 79 40.32 29.03 -76.54
N PRO C 80 40.70 28.70 -77.80
CA PRO C 80 39.76 28.23 -78.83
C PRO C 80 39.16 26.88 -78.49
N GLN C 81 37.97 26.59 -78.98
CA GLN C 81 37.29 25.36 -78.58
C GLN C 81 37.85 24.20 -79.37
N ASP C 82 38.95 23.65 -78.85
CA ASP C 82 39.70 22.58 -79.50
C ASP C 82 38.85 21.31 -79.63
N GLU C 83 38.43 21.01 -80.85
CA GLU C 83 37.65 19.80 -81.11
C GLU C 83 38.54 18.62 -81.46
N ALA C 84 39.85 18.87 -81.53
CA ALA C 84 40.81 17.83 -81.82
C ALA C 84 40.90 16.83 -80.68
N ASP C 85 41.38 17.28 -79.53
CA ASP C 85 41.50 16.44 -78.35
C ASP C 85 40.14 16.21 -77.71
N PRO C 86 39.70 14.93 -77.68
CA PRO C 86 38.39 14.58 -77.12
C PRO C 86 38.44 14.48 -75.60
N ASN C 87 39.62 14.66 -75.02
CA ASN C 87 39.79 14.57 -73.58
C ASN C 87 39.88 15.94 -72.92
N VAL C 88 39.96 16.99 -73.74
CA VAL C 88 40.03 18.36 -73.23
C VAL C 88 38.98 19.21 -73.93
N VAL C 89 38.26 20.01 -73.13
CA VAL C 89 37.22 20.88 -73.66
C VAL C 89 37.28 22.26 -73.00
N VAL C 90 36.96 23.30 -73.77
CA VAL C 90 37.04 24.67 -73.26
C VAL C 90 35.67 25.35 -73.23
N PHE C 91 35.37 25.98 -72.10
CA PHE C 91 34.12 26.75 -71.97
C PHE C 91 34.45 28.21 -71.66
N ARG C 92 33.53 29.11 -71.99
CA ARG C 92 33.74 30.54 -71.82
C ARG C 92 33.51 31.02 -70.39
N ASN C 93 32.59 30.38 -69.69
CA ASN C 93 32.33 30.72 -68.29
C ASN C 93 32.06 29.49 -67.45
N LEU C 94 32.16 29.64 -66.13
CA LEU C 94 31.99 28.51 -65.22
C LEU C 94 30.55 27.97 -65.20
N GLU C 95 29.57 28.85 -65.26
CA GLU C 95 28.17 28.44 -65.23
C GLU C 95 27.82 27.60 -66.45
N ASP C 96 28.21 28.08 -67.63
CA ASP C 96 27.99 27.36 -68.87
C ASP C 96 28.79 26.07 -68.88
N SER C 97 29.91 26.07 -68.17
CA SER C 97 30.79 24.90 -68.09
C SER C 97 30.09 23.74 -67.41
N ILE C 98 29.19 24.07 -66.48
CA ILE C 98 28.40 23.08 -65.80
C ILE C 98 27.19 22.72 -66.65
N GLU C 99 27.47 22.19 -67.84
CA GLU C 99 26.47 21.55 -68.68
C GLU C 99 26.53 20.03 -68.56
N ASN C 100 27.50 19.55 -67.79
CA ASN C 100 27.68 18.13 -67.53
C ASN C 100 26.49 17.53 -66.79
N LEU C 101 25.80 18.39 -66.02
CA LEU C 101 24.53 18.05 -65.35
C LEU C 101 23.28 17.82 -66.22
N MET C 102 23.08 18.69 -67.22
CA MET C 102 21.94 18.60 -68.14
C MET C 102 22.20 17.64 -69.30
N ASN C 103 23.44 17.59 -69.76
CA ASN C 103 23.79 16.71 -70.86
C ASN C 103 25.06 15.90 -70.61
N ASP C 104 25.45 15.08 -71.58
CA ASP C 104 26.61 14.19 -71.45
C ASP C 104 26.49 13.26 -70.23
N ASP C 105 25.74 12.18 -70.39
CA ASP C 105 25.54 11.22 -69.31
C ASP C 105 26.74 10.30 -69.17
N SER C 106 27.79 10.60 -69.94
CA SER C 106 29.04 9.86 -69.88
C SER C 106 29.91 10.36 -68.73
N ILE C 107 29.44 11.41 -68.06
CA ILE C 107 30.14 11.94 -66.90
C ILE C 107 29.44 11.48 -65.61
N GLU C 108 30.21 10.93 -64.68
CA GLU C 108 29.65 10.41 -63.44
C GLU C 108 29.82 11.39 -62.29
N ASN C 109 30.98 12.05 -62.24
CA ASN C 109 31.27 13.02 -61.19
C ASN C 109 31.97 14.26 -61.75
N ILE C 110 31.81 15.38 -61.07
CA ILE C 110 32.42 16.64 -61.49
C ILE C 110 33.34 17.17 -60.39
N PHE C 111 34.56 17.53 -60.76
CA PHE C 111 35.54 18.04 -59.80
C PHE C 111 36.08 19.40 -60.20
N VAL C 112 35.92 20.32 -59.26
CA VAL C 112 36.36 21.68 -59.41
C VAL C 112 37.74 21.59 -58.84
N CYS C 113 38.58 21.74 -59.80
CA CYS C 113 39.96 21.31 -59.68
C CYS C 113 41.03 22.35 -59.54
N GLY C 114 40.66 23.66 -59.70
CA GLY C 114 41.76 24.58 -59.59
C GLY C 114 41.37 25.99 -59.79
N GLY C 115 42.44 26.80 -59.33
CA GLY C 115 42.25 28.15 -59.81
C GLY C 115 41.47 29.00 -58.83
N GLU C 116 42.16 29.91 -58.14
CA GLU C 116 41.51 30.78 -57.16
C GLU C 116 40.35 31.52 -57.79
N SER C 117 40.57 32.00 -59.02
CA SER C 117 39.51 32.68 -59.76
C SER C 117 38.35 31.73 -60.02
N ILE C 118 38.66 30.43 -60.10
CA ILE C 118 37.63 29.41 -60.29
C ILE C 118 37.00 28.99 -58.97
N TYR C 119 37.84 28.72 -57.97
CA TYR C 119 37.37 28.34 -56.64
C TYR C 119 36.40 29.37 -56.07
N ARG C 120 36.81 30.63 -56.12
CA ARG C 120 36.07 31.71 -55.49
C ARG C 120 34.65 31.89 -56.05
N ASP C 121 34.52 31.84 -57.37
CA ASP C 121 33.19 31.97 -57.97
C ASP C 121 32.47 30.63 -58.15
N ALA C 122 33.13 29.54 -57.80
CA ALA C 122 32.48 28.24 -57.71
C ALA C 122 31.82 28.13 -56.34
N LEU C 123 32.40 28.84 -55.38
CA LEU C 123 31.83 28.92 -54.03
C LEU C 123 30.78 30.02 -53.95
N LYS C 124 31.05 31.14 -54.61
CA LYS C 124 30.16 32.31 -54.57
C LYS C 124 28.80 32.02 -55.20
N ASP C 125 28.80 31.24 -56.28
CA ASP C 125 27.57 30.92 -56.99
C ASP C 125 26.96 29.61 -56.49
N ASN C 126 27.60 29.02 -55.48
CA ASN C 126 27.12 27.79 -54.85
C ASN C 126 26.90 26.64 -55.81
N PHE C 127 27.99 26.05 -56.28
CA PHE C 127 27.92 24.92 -57.21
C PHE C 127 28.60 23.68 -56.60
N VAL C 128 29.27 23.90 -55.49
CA VAL C 128 30.09 22.85 -54.87
C VAL C 128 29.33 22.10 -53.78
N ASP C 129 29.38 20.77 -53.84
CA ASP C 129 28.74 19.92 -52.84
C ASP C 129 29.74 19.46 -51.79
N ARG C 130 30.94 19.07 -52.22
CA ARG C 130 31.95 18.53 -51.32
C ARG C 130 33.29 19.23 -51.52
N ILE C 131 34.11 19.25 -50.48
CA ILE C 131 35.43 19.87 -50.56
C ILE C 131 36.51 18.94 -50.00
N TYR C 132 37.48 18.60 -50.83
CA TYR C 132 38.61 17.79 -50.40
C TYR C 132 39.82 18.67 -50.15
N LEU C 133 39.99 19.09 -48.90
CA LEU C 133 41.06 20.01 -48.53
C LEU C 133 42.29 19.30 -48.00
N THR C 134 43.45 19.57 -48.62
CA THR C 134 44.70 19.01 -48.16
C THR C 134 45.52 20.11 -47.49
N ARG C 135 45.36 20.22 -46.17
CA ARG C 135 46.11 21.22 -45.43
C ARG C 135 47.59 20.88 -45.49
N VAL C 136 48.42 21.90 -45.67
CA VAL C 136 49.86 21.73 -45.66
C VAL C 136 50.52 22.65 -44.64
N ALA C 137 51.52 22.11 -43.92
CA ALA C 137 52.10 22.82 -42.78
C ALA C 137 53.36 23.62 -43.11
N LEU C 138 53.19 24.71 -43.86
CA LEU C 138 54.26 25.69 -44.07
C LEU C 138 53.67 27.07 -44.39
N GLU C 139 54.17 28.09 -43.71
CA GLU C 139 53.59 29.42 -43.81
C GLU C 139 54.62 30.54 -43.92
N ASP C 140 55.89 30.22 -43.68
CA ASP C 140 56.95 31.22 -43.75
C ASP C 140 57.52 31.34 -45.15
N ILE C 141 56.67 31.14 -46.16
CA ILE C 141 57.07 31.28 -47.56
C ILE C 141 56.18 32.28 -48.26
N GLU C 142 56.36 32.42 -49.58
CA GLU C 142 55.61 33.42 -50.34
C GLU C 142 54.50 32.79 -51.18
N PHE C 143 53.33 33.41 -51.15
CA PHE C 143 52.19 32.97 -51.96
C PHE C 143 51.69 34.12 -52.81
N ASP C 144 51.03 33.79 -53.91
CA ASP C 144 50.38 34.79 -54.75
C ASP C 144 48.96 34.34 -55.12
N THR C 145 48.66 33.09 -54.81
CA THR C 145 47.35 32.53 -55.10
C THR C 145 46.84 31.77 -53.88
N TYR C 146 45.68 32.17 -53.36
CA TYR C 146 45.15 31.60 -52.13
C TYR C 146 43.84 30.85 -52.38
N PHE C 147 43.45 30.04 -51.39
CA PHE C 147 42.17 29.36 -51.43
C PHE C 147 41.17 30.13 -50.58
N PRO C 148 40.02 30.48 -51.17
CA PRO C 148 38.99 31.29 -50.51
C PRO C 148 38.46 30.63 -49.23
N GLU C 149 38.11 31.46 -48.24
CA GLU C 149 37.62 30.95 -46.97
C GLU C 149 36.31 30.17 -47.13
N ILE C 150 36.28 28.97 -46.57
CA ILE C 150 35.11 28.10 -46.67
C ILE C 150 33.91 28.70 -45.96
N PRO C 151 32.80 28.87 -46.70
CA PRO C 151 31.55 29.43 -46.15
C PRO C 151 30.97 28.56 -45.05
N GLU C 152 30.07 29.13 -44.24
CA GLU C 152 29.50 28.42 -43.10
C GLU C 152 28.53 27.31 -43.52
N THR C 153 28.21 27.24 -44.81
CA THR C 153 27.31 26.23 -45.32
C THR C 153 27.98 24.86 -45.35
N PHE C 154 29.30 24.85 -45.22
CA PHE C 154 30.06 23.60 -45.20
C PHE C 154 30.47 23.22 -43.79
N LEU C 155 30.55 21.92 -43.54
CA LEU C 155 30.99 21.41 -42.24
C LEU C 155 31.96 20.25 -42.43
N PRO C 156 33.05 20.26 -41.66
CA PRO C 156 34.03 19.18 -41.70
C PRO C 156 33.43 17.87 -41.19
N VAL C 157 33.70 16.77 -41.90
CA VAL C 157 33.19 15.47 -41.50
C VAL C 157 34.32 14.47 -41.35
N TYR C 158 35.53 14.91 -41.70
CA TYR C 158 36.70 14.03 -41.65
C TYR C 158 37.99 14.82 -41.53
N MET C 159 38.93 14.30 -40.74
CA MET C 159 40.26 14.89 -40.60
C MET C 159 41.27 13.78 -40.36
N SER C 160 42.03 13.44 -41.39
CA SER C 160 42.99 12.34 -41.33
C SER C 160 44.12 12.61 -40.36
N GLN C 161 44.90 11.58 -40.08
CA GLN C 161 46.11 11.68 -39.26
C GLN C 161 47.21 12.44 -39.99
N THR C 162 48.08 13.10 -39.25
CA THR C 162 49.12 13.93 -39.85
C THR C 162 50.13 13.06 -40.59
N PHE C 163 50.35 13.35 -41.86
CA PHE C 163 51.33 12.62 -42.66
C PHE C 163 52.56 13.49 -42.89
N CYS C 164 53.67 12.84 -43.22
CA CYS C 164 54.94 13.53 -43.40
C CYS C 164 55.63 13.16 -44.70
N THR C 165 56.02 14.18 -45.46
CA THR C 165 56.79 14.00 -46.68
C THR C 165 57.81 15.12 -46.81
N LYS C 166 59.09 14.75 -46.85
CA LYS C 166 60.19 15.72 -46.85
C LYS C 166 60.10 16.66 -45.66
N ASN C 167 59.83 16.09 -44.49
CA ASN C 167 59.68 16.85 -43.24
C ASN C 167 58.53 17.85 -43.27
N ILE C 168 57.55 17.62 -44.14
CA ILE C 168 56.37 18.48 -44.21
C ILE C 168 55.13 17.77 -43.73
N SER C 169 54.44 18.37 -42.76
CA SER C 169 53.22 17.79 -42.20
C SER C 169 52.01 18.17 -43.04
N TYR C 170 51.15 17.21 -43.28
CA TYR C 170 49.93 17.49 -44.00
C TYR C 170 48.85 16.56 -43.60
N ASP C 171 47.62 17.00 -43.91
CA ASP C 171 46.39 16.29 -43.60
C ASP C 171 45.32 16.44 -44.70
N PHE C 172 44.37 15.50 -44.71
CA PHE C 172 43.29 15.44 -45.67
C PHE C 172 41.97 15.50 -44.93
N MET C 173 41.18 16.47 -45.32
CA MET C 173 39.87 16.73 -44.75
C MET C 173 38.77 16.79 -45.81
N ILE C 174 37.55 16.46 -45.36
CA ILE C 174 36.38 16.51 -46.24
C ILE C 174 35.32 17.43 -45.63
N PHE C 175 34.87 18.39 -46.42
CA PHE C 175 33.81 19.30 -46.00
C PHE C 175 32.54 19.04 -46.80
N GLU C 176 31.43 18.86 -46.09
CA GLU C 176 30.17 18.56 -46.75
C GLU C 176 29.19 19.72 -46.58
N LYS C 177 28.40 19.99 -47.61
CA LYS C 177 27.43 21.06 -47.57
C LYS C 177 26.10 20.58 -47.00
N GLN C 178 25.93 20.72 -45.69
CA GLN C 178 24.71 20.30 -45.02
C GLN C 178 24.04 21.47 -44.30
N LEU C 193 20.50 1.82 -37.32
CA LEU C 193 19.06 1.70 -37.21
C LEU C 193 18.55 2.15 -35.84
N LYS C 194 17.35 2.71 -35.83
CA LYS C 194 16.75 3.32 -34.65
C LYS C 194 16.50 2.33 -33.50
N SER C 195 16.28 1.07 -33.84
CA SER C 195 15.91 0.05 -32.86
C SER C 195 16.93 -0.12 -31.73
N ILE C 196 18.20 -0.29 -32.08
CA ILE C 196 19.24 -0.47 -31.08
C ILE C 196 19.38 0.76 -30.18
N ASP C 197 19.36 1.94 -30.79
CA ASP C 197 19.44 3.19 -30.05
C ASP C 197 18.29 3.31 -29.05
N ASP C 198 17.08 3.01 -29.51
CA ASP C 198 15.90 3.05 -28.65
C ASP C 198 16.02 2.08 -27.49
N THR C 199 16.45 0.85 -27.80
CA THR C 199 16.62 -0.18 -26.78
C THR C 199 17.62 0.24 -25.71
N VAL C 200 18.78 0.73 -26.15
CA VAL C 200 19.83 1.18 -25.23
C VAL C 200 19.34 2.36 -24.38
N ASP C 201 18.59 3.28 -24.98
CA ASP C 201 18.03 4.40 -24.24
C ASP C 201 17.04 3.94 -23.18
N LEU C 202 16.19 2.98 -23.55
CA LEU C 202 15.22 2.44 -22.61
C LEU C 202 15.89 1.73 -21.45
N LEU C 203 16.91 0.94 -21.75
CA LEU C 203 17.69 0.27 -20.71
C LEU C 203 18.38 1.30 -19.82
N GLY C 204 18.75 2.43 -20.42
CA GLY C 204 19.36 3.53 -19.70
C GLY C 204 18.37 4.25 -18.82
N GLU C 205 17.08 4.08 -19.13
CA GLU C 205 16.01 4.68 -18.33
C GLU C 205 15.66 3.76 -17.17
N ILE C 206 15.55 2.47 -17.46
CA ILE C 206 15.26 1.47 -16.43
C ILE C 206 16.36 1.41 -15.40
N PHE C 207 17.53 0.91 -15.83
CA PHE C 207 18.71 0.90 -14.98
C PHE C 207 19.32 2.29 -15.00
N GLY C 208 19.77 2.76 -13.85
CA GLY C 208 20.37 4.08 -13.77
C GLY C 208 21.88 4.02 -13.88
N ILE C 209 22.56 4.25 -12.76
CA ILE C 209 24.01 4.17 -12.70
C ILE C 209 24.43 2.70 -12.74
N ARG C 210 23.46 1.81 -12.57
CA ARG C 210 23.70 0.37 -12.67
C ARG C 210 24.24 0.00 -14.05
N LYS C 211 23.65 0.61 -15.08
CA LYS C 211 24.13 0.40 -16.44
C LYS C 211 25.41 1.18 -16.67
N MET C 212 26.49 0.47 -16.94
CA MET C 212 27.82 1.07 -17.11
C MET C 212 27.86 2.06 -18.26
N GLY C 213 27.00 1.84 -19.26
CA GLY C 213 26.91 2.75 -20.39
C GLY C 213 26.50 4.15 -19.99
N ASN C 214 25.72 4.26 -18.92
CA ASN C 214 25.30 5.55 -18.40
C ASN C 214 26.37 6.21 -17.54
N ARG C 215 27.37 5.43 -17.15
CA ARG C 215 28.49 5.96 -16.39
C ARG C 215 29.51 6.57 -17.33
N HIS C 216 29.47 6.11 -18.58
CA HIS C 216 30.35 6.62 -19.62
C HIS C 216 29.53 7.25 -20.74
N LYS C 217 28.80 8.31 -20.41
CA LYS C 217 27.94 8.99 -21.38
C LYS C 217 28.75 9.68 -22.47
N PHE C 218 28.23 9.65 -23.69
CA PHE C 218 28.85 10.33 -24.81
C PHE C 218 28.76 11.84 -24.60
N PRO C 219 29.87 12.56 -24.79
CA PRO C 219 29.94 14.01 -24.55
C PRO C 219 28.90 14.77 -25.36
N LYS C 220 28.32 15.81 -24.75
CA LYS C 220 27.34 16.65 -25.41
C LYS C 220 28.01 17.50 -26.49
N GLU C 221 27.21 18.00 -27.42
CA GLU C 221 27.72 18.80 -28.53
C GLU C 221 28.39 20.08 -28.05
N GLU C 222 27.88 20.63 -26.96
CA GLU C 222 28.40 21.89 -26.42
C GLU C 222 29.84 21.77 -25.93
N ILE C 223 30.27 20.56 -25.60
CA ILE C 223 31.62 20.34 -25.12
C ILE C 223 32.37 19.33 -25.98
N TYR C 224 31.85 19.09 -27.19
CA TYR C 224 32.49 18.16 -28.11
C TYR C 224 33.25 18.93 -29.19
N ASN C 225 34.57 18.75 -29.23
CA ASN C 225 35.42 19.47 -30.17
C ASN C 225 35.10 19.13 -31.63
N THR C 226 34.70 20.14 -32.38
CA THR C 226 34.29 19.98 -33.78
C THR C 226 33.24 18.87 -33.91
N PRO C 227 32.00 19.18 -33.48
CA PRO C 227 30.91 18.19 -33.42
C PRO C 227 30.54 17.62 -34.78
N SER C 228 30.73 18.40 -35.84
CA SER C 228 30.35 17.98 -37.17
C SER C 228 31.13 16.75 -37.64
N ILE C 229 32.38 16.64 -37.20
CA ILE C 229 33.19 15.45 -37.50
C ILE C 229 32.79 14.31 -36.57
N ARG C 230 32.00 13.38 -37.09
CA ARG C 230 31.45 12.30 -36.29
C ARG C 230 32.19 10.99 -36.50
N PHE C 231 32.29 10.56 -37.76
CA PHE C 231 32.88 9.27 -38.08
C PHE C 231 34.30 9.39 -38.62
N GLY C 232 34.73 10.61 -38.90
CA GLY C 232 36.03 10.84 -39.48
C GLY C 232 37.02 11.54 -38.56
N ARG C 233 36.93 11.24 -37.27
CA ARG C 233 37.84 11.84 -36.29
C ARG C 233 39.15 11.07 -36.22
N GLU C 234 39.88 11.07 -37.32
CA GLU C 234 41.08 10.26 -37.46
C GLU C 234 42.32 10.91 -36.82
N HIS C 235 42.33 12.24 -36.80
CA HIS C 235 43.44 13.00 -36.22
C HIS C 235 43.63 12.58 -34.77
N TYR C 236 44.88 12.39 -34.36
CA TYR C 236 45.18 11.82 -33.05
C TYR C 236 45.19 12.83 -31.91
N GLU C 237 44.95 14.09 -32.23
CA GLU C 237 44.77 15.11 -31.19
C GLU C 237 43.38 14.93 -30.62
N PHE C 238 42.51 14.28 -31.40
CA PHE C 238 41.17 13.95 -30.96
C PHE C 238 41.20 12.91 -29.84
N GLN C 239 42.30 12.15 -29.78
CA GLN C 239 42.49 11.17 -28.71
C GLN C 239 42.58 11.87 -27.37
N TYR C 240 43.05 13.11 -27.40
CA TYR C 240 43.18 13.93 -26.19
C TYR C 240 41.95 14.82 -25.99
N LEU C 241 41.48 15.43 -27.07
CA LEU C 241 40.34 16.35 -27.01
C LEU C 241 39.05 15.64 -26.63
N ASP C 242 38.83 14.46 -27.19
CA ASP C 242 37.64 13.68 -26.85
C ASP C 242 37.72 13.19 -25.42
N LEU C 243 38.93 12.95 -24.93
CA LEU C 243 39.13 12.63 -23.52
C LEU C 243 38.74 13.80 -22.66
N LEU C 244 39.16 15.00 -23.09
CA LEU C 244 38.81 16.24 -22.41
C LEU C 244 37.30 16.39 -22.34
N SER C 245 36.62 16.06 -23.44
CA SER C 245 35.16 16.11 -23.49
C SER C 245 34.54 15.06 -22.55
N ARG C 246 35.13 13.87 -22.52
CA ARG C 246 34.66 12.78 -21.67
C ARG C 246 34.75 13.08 -20.17
N VAL C 247 35.88 13.65 -19.76
CA VAL C 247 36.06 14.12 -18.39
C VAL C 247 35.11 15.28 -18.11
N LEU C 248 34.96 16.17 -19.09
CA LEU C 248 34.09 17.33 -18.96
C LEU C 248 32.62 16.93 -18.86
N GLU C 249 32.30 15.71 -19.31
CA GLU C 249 30.93 15.22 -19.29
C GLU C 249 30.62 14.34 -18.07
N ASN C 250 31.45 13.34 -17.84
CA ASN C 250 31.20 12.34 -16.81
C ASN C 250 32.04 12.54 -15.55
N GLY C 251 32.75 13.67 -15.49
CA GLY C 251 33.65 13.95 -14.39
C GLY C 251 32.98 14.12 -13.05
N ALA C 252 33.30 13.21 -12.12
CA ALA C 252 32.78 13.30 -10.76
C ALA C 252 33.53 14.40 -9.99
N TYR C 253 32.81 15.37 -9.46
CA TYR C 253 33.46 16.47 -8.79
C TYR C 253 33.91 15.97 -7.47
N ARG C 254 35.21 15.91 -7.28
CA ARG C 254 35.83 15.39 -6.06
C ARG C 254 37.02 16.24 -5.61
N GLU C 255 37.32 16.16 -4.31
CA GLU C 255 38.42 16.93 -3.72
C GLU C 255 39.75 16.18 -3.84
N ASN C 256 40.82 16.84 -3.39
CA ASN C 256 42.15 16.24 -3.43
C ASN C 256 43.09 16.89 -2.41
N ARG C 257 44.38 16.60 -2.54
CA ARG C 257 45.39 17.13 -1.62
C ARG C 257 45.49 18.65 -1.69
N THR C 258 45.20 19.21 -2.86
CA THR C 258 45.23 20.66 -3.04
C THR C 258 43.87 21.25 -2.72
N GLY C 259 43.81 22.57 -2.54
CA GLY C 259 42.57 23.25 -2.22
C GLY C 259 41.63 23.30 -3.41
N ILE C 260 42.15 23.01 -4.59
CA ILE C 260 41.36 23.04 -5.82
C ILE C 260 40.80 21.67 -6.16
N SER C 261 39.47 21.54 -6.14
CA SER C 261 38.80 20.29 -6.44
C SER C 261 38.79 20.02 -7.95
N THR C 262 38.67 18.75 -8.32
CA THR C 262 38.71 18.37 -9.73
C THR C 262 37.49 17.55 -10.14
N TYR C 263 37.17 17.60 -11.43
CA TYR C 263 36.19 16.69 -12.02
C TYR C 263 36.96 15.49 -12.55
N SER C 264 36.68 14.30 -12.01
CA SER C 264 37.52 13.14 -12.29
C SER C 264 36.79 11.92 -12.84
N ILE C 265 37.47 11.24 -13.77
CA ILE C 265 37.02 9.97 -14.34
C ILE C 265 38.19 8.98 -14.29
N PHE C 266 37.89 7.68 -14.24
CA PHE C 266 38.91 6.67 -14.01
C PHE C 266 38.99 5.66 -15.15
N GLY C 267 40.21 5.36 -15.59
CA GLY C 267 40.43 4.37 -16.64
C GLY C 267 40.21 4.90 -18.04
N GLN C 268 41.24 5.51 -18.62
CA GLN C 268 41.15 6.05 -19.97
C GLN C 268 42.43 5.74 -20.76
N MET C 269 42.43 6.09 -22.05
CA MET C 269 43.63 5.93 -22.85
C MET C 269 43.66 6.85 -24.07
N MET C 270 44.86 7.12 -24.56
CA MET C 270 45.08 7.93 -25.74
C MET C 270 46.15 7.28 -26.62
N ARG C 271 45.87 7.19 -27.91
CA ARG C 271 46.83 6.62 -28.85
C ARG C 271 47.44 7.72 -29.71
N PHE C 272 48.67 7.53 -30.13
CA PHE C 272 49.38 8.53 -30.91
C PHE C 272 50.32 7.90 -31.93
N ASP C 273 50.41 8.53 -33.09
CA ASP C 273 51.34 8.13 -34.13
C ASP C 273 52.59 8.98 -34.04
N MET C 274 53.75 8.35 -34.16
CA MET C 274 55.03 9.08 -34.13
C MET C 274 55.83 8.83 -35.41
N ARG C 275 55.32 7.93 -36.25
CA ARG C 275 56.00 7.62 -37.50
C ARG C 275 55.90 8.77 -38.49
N GLU C 276 54.69 9.30 -38.67
CA GLU C 276 54.45 10.33 -39.67
C GLU C 276 54.26 11.71 -39.07
N SER C 277 54.39 11.82 -37.75
CA SER C 277 54.22 13.10 -37.07
C SER C 277 54.77 13.09 -35.64
N PHE C 278 54.53 14.17 -34.93
CA PHE C 278 54.94 14.29 -33.53
C PHE C 278 53.78 14.83 -32.70
N PRO C 279 53.31 14.02 -31.74
CA PRO C 279 52.12 14.34 -30.93
C PRO C 279 52.27 15.58 -30.05
N LEU C 280 52.43 16.75 -30.68
CA LEU C 280 52.46 18.01 -29.96
C LEU C 280 51.18 18.78 -30.29
N LEU C 281 50.40 19.09 -29.26
CA LEU C 281 49.10 19.72 -29.43
C LEU C 281 49.16 21.05 -30.18
N THR C 282 48.19 21.26 -31.07
CA THR C 282 48.14 22.48 -31.88
C THR C 282 47.03 23.41 -31.40
N THR C 283 46.09 22.88 -30.62
CA THR C 283 45.00 23.68 -30.10
C THR C 283 45.48 24.63 -29.00
N LYS C 284 46.72 24.42 -28.55
CA LYS C 284 47.34 25.27 -27.55
C LYS C 284 48.85 25.26 -27.76
N LYS C 285 49.48 26.43 -27.73
CA LYS C 285 50.92 26.53 -27.89
C LYS C 285 51.62 25.94 -26.67
N VAL C 286 52.23 24.77 -26.85
CA VAL C 286 52.90 24.07 -25.76
C VAL C 286 54.39 24.39 -25.70
N ALA C 287 54.87 24.73 -24.51
CA ALA C 287 56.29 25.02 -24.33
C ALA C 287 57.13 23.76 -24.49
N ILE C 288 57.55 23.49 -25.72
CA ILE C 288 58.33 22.29 -26.02
C ILE C 288 59.68 22.30 -25.30
N ARG C 289 60.31 23.46 -25.26
CA ARG C 289 61.65 23.60 -24.68
C ARG C 289 61.67 23.16 -23.22
N SER C 290 60.65 23.55 -22.47
CA SER C 290 60.53 23.19 -21.07
C SER C 290 60.37 21.67 -20.93
N ILE C 291 59.58 21.09 -21.83
CA ILE C 291 59.35 19.66 -21.85
C ILE C 291 60.65 18.90 -22.07
N PHE C 292 61.39 19.29 -23.11
CA PHE C 292 62.68 18.67 -23.41
C PHE C 292 63.64 18.82 -22.24
N GLU C 293 63.77 20.04 -21.74
CA GLU C 293 64.71 20.32 -20.67
C GLU C 293 64.39 19.48 -19.44
N GLU C 294 63.11 19.29 -19.17
CA GLU C 294 62.67 18.44 -18.07
C GLU C 294 63.03 16.99 -18.36
N LEU C 295 62.90 16.60 -19.62
CA LEU C 295 63.19 15.22 -20.02
C LEU C 295 64.66 14.87 -19.84
N ILE C 296 65.56 15.70 -20.36
CA ILE C 296 66.99 15.45 -20.20
C ILE C 296 67.41 15.68 -18.75
N TRP C 297 66.63 16.50 -18.03
CA TRP C 297 66.84 16.66 -16.60
C TRP C 297 66.57 15.34 -15.88
N PHE C 298 65.57 14.60 -16.37
CA PHE C 298 65.27 13.28 -15.85
C PHE C 298 66.38 12.30 -16.22
N ILE C 299 66.75 12.29 -17.50
CA ILE C 299 67.73 11.34 -18.02
C ILE C 299 69.06 11.40 -17.27
N LYS C 300 69.50 12.60 -16.92
CA LYS C 300 70.74 12.77 -16.18
C LYS C 300 70.63 12.26 -14.75
N GLY C 301 69.40 12.06 -14.28
CA GLY C 301 69.14 11.61 -12.93
C GLY C 301 69.24 12.73 -11.92
N ASP C 302 69.12 13.96 -12.42
CA ASP C 302 69.22 15.14 -11.57
C ASP C 302 67.92 15.38 -10.81
N THR C 303 68.04 15.73 -9.54
CA THR C 303 66.87 16.01 -8.71
C THR C 303 66.85 17.46 -8.25
N ASN C 304 67.89 18.21 -8.62
CA ASN C 304 67.98 19.62 -8.28
C ASN C 304 67.04 20.46 -9.12
N GLY C 305 66.04 21.05 -8.49
CA GLY C 305 65.05 21.85 -9.19
C GLY C 305 65.65 23.14 -9.73
N ASN C 306 66.68 23.64 -9.06
CA ASN C 306 67.33 24.87 -9.48
C ASN C 306 67.94 24.75 -10.87
N HIS C 307 68.46 23.56 -11.18
CA HIS C 307 69.04 23.30 -12.49
C HIS C 307 68.00 23.50 -13.58
N LEU C 308 66.74 23.26 -13.24
CA LEU C 308 65.63 23.47 -14.15
C LEU C 308 65.23 24.95 -14.15
N ILE C 309 65.30 25.56 -12.97
CA ILE C 309 64.97 26.98 -12.83
C ILE C 309 66.03 27.89 -13.46
N GLU C 310 67.29 27.46 -13.38
CA GLU C 310 68.39 28.22 -13.99
C GLU C 310 68.22 28.35 -15.49
N LYS C 311 67.57 27.36 -16.10
CA LYS C 311 67.32 27.36 -17.53
C LYS C 311 65.93 27.90 -17.84
N LYS C 312 65.39 28.67 -16.90
CA LYS C 312 64.08 29.31 -17.04
C LYS C 312 62.94 28.34 -17.32
N VAL C 313 62.93 27.23 -16.58
CA VAL C 313 61.84 26.27 -16.63
C VAL C 313 61.25 26.15 -15.23
N TYR C 314 60.02 26.63 -15.05
CA TYR C 314 59.44 26.77 -13.72
C TYR C 314 58.27 25.82 -13.46
N ILE C 315 58.30 24.63 -14.07
CA ILE C 315 57.22 23.68 -13.88
C ILE C 315 57.34 22.93 -12.56
N TRP C 316 58.54 22.91 -12.00
CA TRP C 316 58.76 22.28 -10.69
C TRP C 316 59.04 23.31 -9.60
N SER C 317 58.47 24.49 -9.75
CA SER C 317 58.66 25.56 -8.77
C SER C 317 57.74 25.39 -7.57
N GLY C 318 56.46 25.24 -7.84
CA GLY C 318 55.45 25.09 -6.80
C GLY C 318 55.65 23.87 -5.93
N ASN C 319 56.03 22.75 -6.55
CA ASN C 319 56.26 21.51 -5.82
C ASN C 319 57.66 21.43 -5.22
N GLY C 320 58.37 22.55 -5.26
CA GLY C 320 59.72 22.61 -4.73
C GLY C 320 59.88 23.63 -3.62
N SER C 321 59.01 24.63 -3.59
CA SER C 321 59.08 25.72 -2.64
C SER C 321 59.24 25.27 -1.19
N LYS C 322 59.87 26.12 -0.38
CA LYS C 322 60.14 25.82 1.02
C LYS C 322 58.85 25.61 1.81
N GLU C 323 57.83 26.39 1.49
CA GLU C 323 56.54 26.30 2.16
C GLU C 323 55.87 24.96 1.89
N TYR C 324 55.87 24.56 0.63
CA TYR C 324 55.27 23.29 0.21
C TYR C 324 56.02 22.10 0.81
N LEU C 325 57.35 22.20 0.84
CA LEU C 325 58.18 21.13 1.39
C LEU C 325 57.96 20.99 2.89
N GLU C 326 57.93 22.11 3.60
CA GLU C 326 57.69 22.08 5.04
C GLU C 326 56.28 21.59 5.33
N ARG C 327 55.36 21.88 4.41
CA ARG C 327 53.97 21.47 4.56
C ARG C 327 53.78 19.96 4.41
N ILE C 328 54.53 19.35 3.51
CA ILE C 328 54.42 17.91 3.27
C ILE C 328 55.37 17.10 4.16
N GLY C 329 55.95 17.76 5.16
CA GLY C 329 56.80 17.09 6.12
C GLY C 329 58.25 16.94 5.68
N LEU C 330 58.70 17.85 4.82
CA LEU C 330 60.08 17.83 4.35
C LEU C 330 60.74 19.18 4.58
N GLY C 331 60.60 19.71 5.80
CA GLY C 331 61.15 21.01 6.14
C GLY C 331 62.66 21.00 6.24
N HIS C 332 63.22 19.80 6.44
CA HIS C 332 64.67 19.64 6.54
C HIS C 332 65.32 19.78 5.17
N ARG C 333 64.49 19.65 4.13
CA ARG C 333 64.95 19.70 2.73
C ARG C 333 65.35 21.11 2.28
N GLU C 334 66.26 21.17 1.31
CA GLU C 334 66.73 22.46 0.79
C GLU C 334 65.65 23.11 -0.08
N GLU C 335 65.88 24.37 -0.45
CA GLU C 335 64.91 25.19 -1.18
C GLU C 335 64.29 24.51 -2.41
N ASN C 336 65.06 23.71 -3.13
CA ASN C 336 64.54 23.05 -4.32
C ASN C 336 64.95 21.60 -4.49
N ASP C 337 65.27 20.95 -3.38
CA ASP C 337 65.62 19.53 -3.41
C ASP C 337 64.35 18.69 -3.45
N LEU C 338 64.00 18.18 -4.62
CA LEU C 338 62.81 17.39 -4.77
C LEU C 338 62.87 16.00 -4.18
N GLY C 339 64.07 15.48 -4.04
CA GLY C 339 64.23 14.12 -3.55
C GLY C 339 64.26 13.07 -4.64
N PRO C 340 64.07 11.82 -4.24
CA PRO C 340 64.27 10.70 -5.16
C PRO C 340 63.07 10.60 -6.07
N ILE C 341 62.97 11.65 -6.88
CA ILE C 341 62.00 11.82 -7.98
C ILE C 341 62.54 11.36 -9.34
N TYR C 342 61.74 11.40 -10.37
CA TYR C 342 62.06 10.61 -11.52
C TYR C 342 63.43 10.99 -11.98
N GLY C 343 64.05 10.07 -12.67
CA GLY C 343 65.45 10.14 -13.04
C GLY C 343 66.32 9.48 -12.00
N PHE C 344 66.10 9.82 -10.74
CA PHE C 344 66.82 9.19 -9.64
C PHE C 344 66.41 7.73 -9.52
N GLN C 345 65.16 7.45 -9.88
CA GLN C 345 64.65 6.08 -9.89
C GLN C 345 64.99 5.40 -11.21
N TRP C 346 65.27 6.21 -12.23
CA TRP C 346 65.66 5.70 -13.53
C TRP C 346 67.11 5.26 -13.54
N ARG C 347 67.96 6.02 -12.85
CA ARG C 347 69.40 5.79 -12.88
C ARG C 347 69.94 5.17 -11.60
N HIS C 348 69.24 5.37 -10.49
CA HIS C 348 69.70 4.88 -9.20
C HIS C 348 68.54 4.33 -8.36
N TYR C 349 67.87 3.30 -8.86
CA TYR C 349 66.73 2.72 -8.17
C TYR C 349 67.15 2.10 -6.84
N ASN C 350 66.31 2.30 -5.81
CA ASN C 350 66.58 1.83 -4.46
C ASN C 350 67.85 2.42 -3.83
N GLY C 351 68.33 3.53 -4.39
CA GLY C 351 69.49 4.20 -3.86
C GLY C 351 69.13 5.12 -2.71
N GLU C 352 69.86 5.00 -1.60
CA GLU C 352 69.61 5.82 -0.42
C GLU C 352 69.86 7.30 -0.72
N TYR C 353 68.79 8.08 -0.75
CA TYR C 353 68.88 9.49 -1.09
C TYR C 353 69.28 10.35 0.11
N LYS C 354 70.27 11.21 -0.09
CA LYS C 354 70.68 12.15 0.94
C LYS C 354 70.21 13.55 0.57
N THR C 355 71.04 14.26 -0.18
CA THR C 355 70.66 15.58 -0.69
C THR C 355 70.85 15.64 -2.20
N MET C 356 70.49 16.77 -2.81
CA MET C 356 70.60 16.94 -4.25
C MET C 356 72.04 17.24 -4.65
N HIS C 357 72.89 17.45 -3.66
CA HIS C 357 74.28 17.83 -3.91
C HIS C 357 75.21 16.62 -3.94
N ASP C 358 74.78 15.53 -3.30
CA ASP C 358 75.59 14.32 -3.23
C ASP C 358 75.76 13.68 -4.60
N ASP C 359 76.85 12.92 -4.76
CA ASP C 359 77.16 12.26 -6.02
C ASP C 359 76.73 10.81 -5.99
N TYR C 360 75.57 10.51 -6.58
CA TYR C 360 75.00 9.18 -6.54
C TYR C 360 75.46 8.31 -7.71
N THR C 361 76.68 8.54 -8.17
CA THR C 361 77.21 7.76 -9.30
C THR C 361 77.51 6.33 -8.89
N GLY C 362 77.11 5.38 -9.74
CA GLY C 362 77.37 3.97 -9.49
C GLY C 362 76.44 3.30 -8.49
N VAL C 363 75.72 4.11 -7.72
CA VAL C 363 74.81 3.56 -6.70
C VAL C 363 73.42 3.31 -7.28
N GLY C 364 72.70 2.39 -6.68
CA GLY C 364 71.36 2.05 -7.13
C GLY C 364 71.35 1.27 -8.43
N VAL C 365 70.15 1.00 -8.94
CA VAL C 365 70.01 0.26 -10.18
C VAL C 365 69.73 1.20 -11.35
N ASP C 366 70.61 1.18 -12.35
CA ASP C 366 70.45 2.02 -13.53
C ASP C 366 69.47 1.37 -14.50
N GLN C 367 68.19 1.69 -14.35
CA GLN C 367 67.16 1.13 -15.20
C GLN C 367 67.28 1.57 -16.65
N LEU C 368 67.61 2.84 -16.87
CA LEU C 368 67.69 3.40 -18.21
C LEU C 368 68.77 2.72 -19.07
N ALA C 369 69.96 2.56 -18.48
CA ALA C 369 71.08 1.94 -19.17
C ALA C 369 70.76 0.49 -19.56
N LYS C 370 70.27 -0.27 -18.59
CA LYS C 370 69.90 -1.66 -18.83
C LYS C 370 68.75 -1.74 -19.84
N LEU C 371 67.91 -0.71 -19.84
CA LEU C 371 66.80 -0.63 -20.78
C LEU C 371 67.32 -0.50 -22.20
N ILE C 372 68.25 0.42 -22.40
CA ILE C 372 68.86 0.63 -23.72
C ILE C 372 69.59 -0.64 -24.17
N GLU C 373 70.44 -1.17 -23.29
CA GLU C 373 71.24 -2.34 -23.60
C GLU C 373 70.36 -3.54 -23.96
N THR C 374 69.24 -3.68 -23.25
CA THR C 374 68.30 -4.77 -23.53
C THR C 374 67.55 -4.51 -24.83
N LEU C 375 67.25 -3.24 -25.09
CA LEU C 375 66.56 -2.84 -26.31
C LEU C 375 67.37 -3.15 -27.56
N LYS C 376 68.68 -2.97 -27.49
CA LYS C 376 69.51 -3.22 -28.66
C LYS C 376 70.08 -4.65 -28.73
N ASN C 377 70.23 -5.29 -27.57
CA ASN C 377 70.74 -6.67 -27.54
C ASN C 377 69.64 -7.73 -27.59
N ASN C 378 68.43 -7.34 -27.23
CA ASN C 378 67.29 -8.25 -27.25
C ASN C 378 65.98 -7.50 -27.46
N PRO C 379 65.69 -7.13 -28.71
CA PRO C 379 64.53 -6.29 -29.06
C PRO C 379 63.20 -7.00 -28.80
N LYS C 380 63.12 -8.29 -29.10
CA LYS C 380 61.88 -9.03 -28.95
C LYS C 380 61.60 -9.46 -27.50
N ASP C 381 62.35 -8.89 -26.57
CA ASP C 381 62.13 -9.15 -25.16
C ASP C 381 60.82 -8.49 -24.71
N ARG C 382 60.20 -9.04 -23.67
CA ARG C 382 58.90 -8.55 -23.21
C ARG C 382 59.00 -7.97 -21.81
N ARG C 383 60.23 -7.60 -21.44
CA ARG C 383 60.53 -7.03 -20.13
C ARG C 383 61.10 -5.61 -20.22
N HIS C 384 60.99 -4.98 -21.39
CA HIS C 384 61.49 -3.63 -21.52
C HIS C 384 60.66 -2.71 -20.68
N ILE C 385 61.10 -2.47 -19.44
CA ILE C 385 60.28 -1.67 -18.53
C ILE C 385 61.08 -0.68 -17.69
N LEU C 386 60.62 0.56 -17.67
CA LEU C 386 61.20 1.60 -16.85
C LEU C 386 60.17 2.10 -15.83
N THR C 387 60.43 1.86 -14.55
CA THR C 387 59.50 2.25 -13.50
C THR C 387 60.06 3.34 -12.60
N ALA C 388 59.17 4.04 -11.90
CA ALA C 388 59.58 5.11 -10.99
C ALA C 388 58.90 4.99 -9.64
N TRP C 389 58.00 4.01 -9.52
CA TRP C 389 57.25 3.83 -8.28
C TRP C 389 58.02 2.99 -7.28
N ASN C 390 58.62 3.66 -6.29
CA ASN C 390 59.37 2.99 -5.25
C ASN C 390 58.78 3.29 -3.87
N PRO C 391 58.01 2.32 -3.32
CA PRO C 391 57.33 2.43 -2.02
C PRO C 391 58.27 2.83 -0.89
N SER C 392 59.54 2.42 -0.97
CA SER C 392 60.50 2.72 0.06
C SER C 392 60.96 4.18 0.03
N ALA C 393 60.79 4.82 -1.13
CA ALA C 393 61.27 6.18 -1.32
C ALA C 393 60.14 7.20 -1.46
N LEU C 394 58.90 6.73 -1.50
CA LEU C 394 57.75 7.60 -1.68
C LEU C 394 57.66 8.71 -0.63
N SER C 395 58.02 8.38 0.60
CA SER C 395 57.93 9.34 1.71
C SER C 395 58.94 10.47 1.56
N GLN C 396 60.05 10.21 0.89
CA GLN C 396 61.09 11.21 0.71
C GLN C 396 60.84 12.10 -0.49
N MET C 397 60.08 11.60 -1.46
CA MET C 397 59.82 12.34 -2.69
C MET C 397 58.94 13.55 -2.45
N ALA C 398 59.22 14.63 -3.18
CA ALA C 398 58.42 15.85 -3.08
C ALA C 398 57.05 15.61 -3.70
N LEU C 399 57.01 14.71 -4.67
CA LEU C 399 55.77 14.33 -5.34
C LEU C 399 55.90 12.96 -5.98
N PRO C 400 55.08 12.00 -5.52
CA PRO C 400 55.06 10.62 -6.05
C PRO C 400 54.85 10.60 -7.56
N PRO C 401 55.39 9.58 -8.24
CA PRO C 401 55.36 9.48 -9.69
C PRO C 401 53.94 9.48 -10.27
N CYS C 402 53.67 10.44 -11.16
CA CYS C 402 52.39 10.48 -11.86
C CYS C 402 52.47 9.59 -13.09
N HIS C 403 53.42 9.87 -13.97
CA HIS C 403 53.72 8.93 -15.05
C HIS C 403 54.55 7.80 -14.44
N VAL C 404 53.85 6.79 -13.93
CA VAL C 404 54.45 5.77 -13.07
C VAL C 404 55.38 4.81 -13.78
N LEU C 405 54.84 4.03 -14.72
CA LEU C 405 55.61 2.96 -15.34
C LEU C 405 55.47 2.95 -16.85
N SER C 406 56.57 2.70 -17.55
CA SER C 406 56.55 2.65 -19.02
C SER C 406 57.13 1.34 -19.54
N GLN C 407 56.60 0.88 -20.67
CA GLN C 407 57.09 -0.33 -21.32
C GLN C 407 57.36 -0.04 -22.79
N TYR C 408 58.43 -0.62 -23.33
CA TYR C 408 58.82 -0.35 -24.70
C TYR C 408 58.81 -1.60 -25.58
N TYR C 409 58.54 -1.41 -26.86
CA TYR C 409 58.29 -2.52 -27.77
C TYR C 409 58.95 -2.30 -29.12
N VAL C 410 59.98 -3.09 -29.52
CA VAL C 410 60.62 -2.98 -30.81
C VAL C 410 59.83 -3.84 -31.78
N THR C 411 59.26 -3.22 -32.83
CA THR C 411 58.45 -3.90 -33.87
C THR C 411 59.26 -4.67 -34.94
N ASN C 412 58.62 -5.58 -35.69
CA ASN C 412 59.36 -6.37 -36.67
C ASN C 412 60.04 -5.52 -37.73
N ASP C 413 59.48 -4.35 -38.00
CA ASP C 413 60.06 -3.43 -38.98
C ASP C 413 60.94 -2.38 -38.31
N ASN C 414 61.56 -2.78 -37.20
CA ASN C 414 62.50 -1.93 -36.46
C ASN C 414 61.95 -0.57 -36.02
N CYS C 415 60.72 -0.57 -35.51
CA CYS C 415 60.14 0.64 -34.95
C CYS C 415 60.00 0.52 -33.43
N LEU C 416 60.09 1.65 -32.74
CA LEU C 416 60.03 1.67 -31.29
C LEU C 416 58.71 2.28 -30.78
N SER C 417 57.89 1.45 -30.16
CA SER C 417 56.62 1.89 -29.58
C SER C 417 56.73 1.99 -28.07
N CYS C 418 55.96 2.92 -27.49
CA CYS C 418 56.02 3.19 -26.07
C CYS C 418 54.65 3.21 -25.40
N ASN C 419 54.52 2.48 -24.30
CA ASN C 419 53.31 2.52 -23.48
C ASN C 419 53.61 3.14 -22.13
N LEU C 420 52.77 4.06 -21.69
CA LEU C 420 52.98 4.73 -20.41
C LEU C 420 51.73 4.68 -19.55
N TYR C 421 51.88 4.26 -18.29
CA TYR C 421 50.77 4.30 -17.35
C TYR C 421 50.89 5.51 -16.43
N GLN C 422 49.80 6.26 -16.30
CA GLN C 422 49.79 7.47 -15.51
C GLN C 422 48.68 7.42 -14.46
N ARG C 423 49.08 7.39 -13.19
CA ARG C 423 48.12 7.26 -12.09
C ARG C 423 47.21 8.48 -11.97
N SER C 424 47.78 9.65 -12.21
CA SER C 424 47.03 10.90 -12.10
C SER C 424 47.39 11.82 -13.26
N CYS C 425 46.37 12.45 -13.85
CA CYS C 425 46.57 13.24 -15.04
C CYS C 425 45.90 14.61 -14.97
N ASP C 426 46.70 15.66 -15.01
CA ASP C 426 46.19 17.02 -15.13
C ASP C 426 45.99 17.32 -16.60
N LEU C 427 44.75 17.21 -17.06
CA LEU C 427 44.43 17.41 -18.48
C LEU C 427 44.70 18.84 -18.95
N GLY C 428 44.91 19.75 -18.01
CA GLY C 428 45.20 21.13 -18.35
C GLY C 428 46.68 21.42 -18.51
N LEU C 429 47.48 20.88 -17.60
CA LEU C 429 48.92 21.16 -17.60
C LEU C 429 49.77 19.92 -17.85
N GLY C 430 49.59 18.92 -16.99
CA GLY C 430 50.43 17.72 -17.03
C GLY C 430 50.35 16.89 -18.30
N SER C 431 49.14 16.68 -18.81
CA SER C 431 48.91 15.78 -19.94
C SER C 431 49.74 16.06 -21.20
N PRO C 432 49.65 17.28 -21.77
CA PRO C 432 50.39 17.54 -23.01
C PRO C 432 51.89 17.38 -22.79
N PHE C 433 52.36 17.84 -21.63
CA PHE C 433 53.76 17.72 -21.26
C PHE C 433 54.20 16.27 -21.21
N ASN C 434 53.34 15.41 -20.65
CA ASN C 434 53.65 13.98 -20.58
C ASN C 434 53.69 13.32 -21.95
N ILE C 435 52.69 13.63 -22.77
CA ILE C 435 52.62 13.09 -24.13
C ILE C 435 53.89 13.44 -24.92
N ALA C 436 54.19 14.73 -24.97
CA ALA C 436 55.37 15.20 -25.69
C ALA C 436 56.66 14.65 -25.11
N SER C 437 56.73 14.58 -23.77
CA SER C 437 57.92 14.11 -23.09
C SER C 437 58.25 12.67 -23.43
N TYR C 438 57.25 11.80 -23.33
CA TYR C 438 57.48 10.39 -23.63
C TYR C 438 57.59 10.13 -25.13
N ALA C 439 57.05 11.03 -25.94
CA ALA C 439 57.26 10.96 -27.38
C ALA C 439 58.74 11.21 -27.70
N ILE C 440 59.27 12.32 -27.17
CA ILE C 440 60.67 12.67 -27.36
C ILE C 440 61.58 11.60 -26.79
N LEU C 441 61.23 11.07 -25.62
CA LEU C 441 62.01 10.01 -25.00
C LEU C 441 62.02 8.76 -25.87
N THR C 442 60.87 8.44 -26.46
CA THR C 442 60.78 7.29 -27.35
C THR C 442 61.67 7.50 -28.57
N MET C 443 61.69 8.72 -29.09
CA MET C 443 62.54 9.04 -30.24
C MET C 443 64.03 8.94 -29.90
N MET C 444 64.39 9.40 -28.70
CA MET C 444 65.78 9.33 -28.22
C MET C 444 66.20 7.88 -28.12
N LEU C 445 65.41 7.08 -27.42
CA LEU C 445 65.68 5.66 -27.27
C LEU C 445 65.74 4.96 -28.62
N ALA C 446 64.97 5.47 -29.59
CA ALA C 446 64.98 4.92 -30.93
C ALA C 446 66.29 5.20 -31.65
N GLN C 447 66.77 6.44 -31.55
CA GLN C 447 68.02 6.82 -32.21
C GLN C 447 69.23 6.16 -31.57
N VAL C 448 69.23 6.09 -30.23
CA VAL C 448 70.34 5.50 -29.50
C VAL C 448 70.43 3.99 -29.74
N CYS C 449 69.29 3.33 -29.84
CA CYS C 449 69.26 1.89 -30.07
C CYS C 449 69.20 1.56 -31.56
N GLY C 450 69.18 2.59 -32.40
CA GLY C 450 69.18 2.41 -33.84
C GLY C 450 67.85 1.99 -34.43
N TYR C 451 66.77 2.53 -33.88
CA TYR C 451 65.42 2.25 -34.40
C TYR C 451 64.75 3.54 -34.86
N GLU C 452 63.49 3.40 -35.28
CA GLU C 452 62.68 4.55 -35.66
C GLU C 452 61.46 4.64 -34.75
N PRO C 453 60.95 5.86 -34.54
CA PRO C 453 59.77 6.05 -33.68
C PRO C 453 58.54 5.32 -34.23
N GLY C 454 57.70 4.81 -33.35
CA GLY C 454 56.51 4.08 -33.75
C GLY C 454 55.24 4.71 -33.23
N GLU C 455 54.63 4.06 -32.24
CA GLU C 455 53.37 4.55 -31.66
C GLU C 455 53.52 4.83 -30.17
N LEU C 456 52.68 5.73 -29.66
CA LEU C 456 52.69 6.08 -28.25
C LEU C 456 51.30 5.90 -27.64
N ALA C 457 51.18 4.94 -26.73
CA ALA C 457 49.91 4.69 -26.04
C ALA C 457 50.00 5.07 -24.57
N ILE C 458 49.15 6.00 -24.16
CA ILE C 458 49.11 6.45 -22.77
C ILE C 458 47.83 6.01 -22.08
N PHE C 459 47.99 5.19 -21.04
CA PHE C 459 46.89 4.68 -20.25
C PHE C 459 46.79 5.47 -18.95
N ILE C 460 45.64 6.11 -18.74
CA ILE C 460 45.46 7.04 -17.62
C ILE C 460 44.54 6.50 -16.53
N GLY C 461 45.00 6.60 -15.28
CA GLY C 461 44.18 6.24 -14.14
C GLY C 461 43.19 7.34 -13.81
N ASP C 462 43.59 8.25 -12.93
CA ASP C 462 42.73 9.35 -12.52
C ASP C 462 42.82 10.53 -13.49
N ALA C 463 41.98 10.50 -14.51
CA ALA C 463 41.93 11.58 -15.49
C ALA C 463 41.00 12.69 -14.98
N HIS C 464 41.59 13.83 -14.61
CA HIS C 464 40.83 14.88 -13.95
C HIS C 464 41.10 16.27 -14.50
N ILE C 465 40.12 17.16 -14.32
CA ILE C 465 40.27 18.56 -14.68
C ILE C 465 40.03 19.45 -13.46
N TYR C 466 41.01 20.28 -13.12
CA TYR C 466 40.87 21.20 -12.00
C TYR C 466 39.81 22.26 -12.30
N GLU C 467 39.06 22.66 -11.28
CA GLU C 467 37.91 23.54 -11.46
C GLU C 467 38.29 24.96 -11.89
N ASN C 468 39.58 25.29 -11.79
CA ASN C 468 40.06 26.61 -12.23
C ASN C 468 40.57 26.59 -13.67
N HIS C 469 40.41 25.45 -14.35
CA HIS C 469 40.85 25.32 -15.73
C HIS C 469 39.66 25.17 -16.66
N LEU C 470 38.45 25.27 -16.11
CA LEU C 470 37.22 25.04 -16.86
C LEU C 470 37.06 25.94 -18.08
N THR C 471 36.99 27.26 -17.86
CA THR C 471 36.81 28.21 -18.95
C THR C 471 37.93 28.12 -19.98
N GLN C 472 39.14 27.83 -19.49
CA GLN C 472 40.31 27.72 -20.35
C GLN C 472 40.22 26.53 -21.30
N LEU C 473 39.90 25.37 -20.75
CA LEU C 473 39.79 24.14 -21.55
C LEU C 473 38.56 24.18 -22.46
N LYS C 474 37.49 24.82 -21.99
CA LYS C 474 36.31 25.01 -22.80
C LYS C 474 36.62 25.96 -23.95
N GLU C 475 37.57 26.86 -23.73
CA GLU C 475 38.08 27.73 -24.78
C GLU C 475 38.93 26.94 -25.77
N GLN C 476 39.74 26.02 -25.24
CA GLN C 476 40.60 25.18 -26.07
C GLN C 476 39.78 24.26 -26.97
N LEU C 477 38.63 23.80 -26.48
CA LEU C 477 37.76 22.91 -27.23
C LEU C 477 37.08 23.61 -28.41
N SER C 478 37.12 24.93 -28.42
CA SER C 478 36.49 25.70 -29.49
C SER C 478 37.44 25.91 -30.66
N ARG C 479 38.55 25.19 -30.66
CA ARG C 479 39.57 25.34 -31.70
C ARG C 479 39.74 24.06 -32.51
N THR C 480 39.48 24.15 -33.81
CA THR C 480 39.65 23.00 -34.70
C THR C 480 41.13 22.68 -34.90
N PRO C 481 41.52 21.44 -34.58
CA PRO C 481 42.92 20.98 -34.58
C PRO C 481 43.63 21.20 -35.92
N ARG C 482 44.96 21.36 -35.83
CA ARG C 482 45.81 21.51 -36.99
C ARG C 482 46.79 20.33 -37.00
N PRO C 483 47.37 20.01 -38.18
CA PRO C 483 48.29 18.88 -38.27
C PRO C 483 49.48 18.95 -37.31
N PHE C 484 49.81 17.80 -36.72
CA PHE C 484 50.94 17.69 -35.80
C PHE C 484 52.25 18.10 -36.47
N PRO C 485 53.17 18.71 -35.72
CA PRO C 485 54.47 19.09 -36.27
C PRO C 485 55.39 17.90 -36.45
N GLN C 486 56.63 18.17 -36.88
CA GLN C 486 57.63 17.13 -37.03
C GLN C 486 58.80 17.39 -36.09
N LEU C 487 59.43 16.33 -35.61
CA LEU C 487 60.59 16.48 -34.73
C LEU C 487 61.79 15.75 -35.30
N LYS C 488 62.87 16.50 -35.58
CA LYS C 488 64.08 15.89 -36.12
C LYS C 488 65.30 16.26 -35.30
N PHE C 489 66.20 15.30 -35.12
CA PHE C 489 67.46 15.54 -34.42
C PHE C 489 68.54 15.96 -35.40
N LYS C 490 69.31 16.99 -35.02
CA LYS C 490 70.33 17.55 -35.91
C LYS C 490 71.61 16.70 -35.93
N ARG C 491 71.81 15.91 -34.89
CA ARG C 491 73.01 15.07 -34.80
C ARG C 491 72.73 13.78 -34.05
N LYS C 492 73.51 12.74 -34.35
CA LYS C 492 73.39 11.46 -33.67
C LYS C 492 74.40 11.39 -32.53
N VAL C 493 73.91 11.16 -31.31
CA VAL C 493 74.76 11.11 -30.15
C VAL C 493 75.16 9.69 -29.79
N GLU C 494 76.24 9.56 -29.02
CA GLU C 494 76.70 8.25 -28.58
C GLU C 494 76.08 7.87 -27.24
N ASN C 495 75.88 8.88 -26.39
CA ASN C 495 75.21 8.67 -25.11
C ASN C 495 73.91 9.46 -25.07
N ILE C 496 72.86 8.86 -24.53
CA ILE C 496 71.53 9.48 -24.52
C ILE C 496 71.46 10.74 -23.65
N GLU C 497 72.40 10.87 -22.72
CA GLU C 497 72.41 12.04 -21.84
C GLU C 497 73.13 13.23 -22.47
N ASP C 498 73.62 13.05 -23.70
CA ASP C 498 74.37 14.09 -24.39
C ASP C 498 73.48 14.97 -25.27
N PHE C 499 72.18 14.71 -25.25
CA PHE C 499 71.23 15.50 -26.04
C PHE C 499 71.16 16.94 -25.57
N LYS C 500 71.11 17.87 -26.52
CA LYS C 500 71.01 19.29 -26.22
C LYS C 500 69.81 19.90 -26.91
N TRP C 501 69.35 21.05 -26.42
CA TRP C 501 68.19 21.72 -26.98
C TRP C 501 68.44 22.21 -28.40
N GLU C 502 69.70 22.53 -28.70
CA GLU C 502 70.09 23.01 -30.02
C GLU C 502 70.04 21.87 -31.04
N ASP C 503 70.05 20.63 -30.55
CA ASP C 503 70.03 19.47 -31.43
C ASP C 503 68.62 19.13 -31.88
N ILE C 504 67.64 19.87 -31.35
CA ILE C 504 66.24 19.61 -31.67
C ILE C 504 65.68 20.59 -32.71
N GLU C 505 65.08 20.04 -33.75
CA GLU C 505 64.46 20.84 -34.80
C GLU C 505 62.98 20.52 -34.94
N LEU C 506 62.14 21.50 -34.60
CA LEU C 506 60.70 21.36 -34.67
C LEU C 506 60.16 22.01 -35.93
N ILE C 507 59.64 21.19 -36.84
CA ILE C 507 59.27 21.66 -38.17
C ILE C 507 57.76 21.67 -38.41
N GLY C 508 57.23 22.85 -38.73
CA GLY C 508 55.83 22.97 -39.12
C GLY C 508 54.86 23.06 -37.96
N TYR C 509 55.28 23.69 -36.87
CA TYR C 509 54.42 23.85 -35.71
C TYR C 509 53.72 25.20 -35.71
N TYR C 510 52.45 25.22 -36.09
CA TYR C 510 51.67 26.45 -36.13
C TYR C 510 50.44 26.31 -35.24
N PRO C 511 50.62 26.40 -33.91
CA PRO C 511 49.54 26.14 -32.97
C PRO C 511 48.68 27.37 -32.71
N TYR C 512 47.53 27.15 -32.08
CA TYR C 512 46.68 28.24 -31.60
C TYR C 512 47.39 28.92 -30.44
N PRO C 513 47.01 30.18 -30.14
CA PRO C 513 47.67 30.93 -29.06
C PRO C 513 47.67 30.19 -27.72
N THR C 514 48.66 30.49 -26.88
CA THR C 514 48.81 29.81 -25.60
C THR C 514 47.65 30.13 -24.66
N ILE C 515 47.37 29.20 -23.76
CA ILE C 515 46.31 29.38 -22.78
C ILE C 515 46.89 29.30 -21.36
N LYS C 516 46.86 30.42 -20.65
CA LYS C 516 47.45 30.50 -19.31
C LYS C 516 46.60 29.75 -18.30
N MET C 517 47.21 28.81 -17.60
CA MET C 517 46.54 28.03 -16.56
C MET C 517 47.45 27.84 -15.35
N ASP C 518 46.90 28.04 -14.16
CA ASP C 518 47.67 27.98 -12.93
C ASP C 518 47.77 26.56 -12.37
N MET C 519 48.94 26.25 -11.82
CA MET C 519 49.18 24.92 -11.24
C MET C 519 48.74 24.86 -9.78
N ALA C 520 47.99 23.82 -9.44
CA ALA C 520 47.55 23.62 -8.06
C ALA C 520 48.67 22.98 -7.24
N VAL C 521 49.23 23.74 -6.31
CA VAL C 521 50.34 23.28 -5.50
C VAL C 521 49.90 22.25 -4.47
N GLU D 3 2.45 35.22 -2.76
CA GLU D 3 2.68 34.10 -1.85
C GLU D 3 2.94 32.81 -2.62
N LYS D 4 3.95 32.06 -2.19
CA LYS D 4 4.31 30.81 -2.84
C LYS D 4 4.69 29.77 -1.80
N ASN D 5 4.41 28.50 -2.10
CA ASN D 5 4.64 27.43 -1.15
C ASN D 5 6.11 27.04 -1.04
N VAL D 6 6.61 26.97 0.21
CA VAL D 6 7.99 26.58 0.45
C VAL D 6 8.06 25.31 1.29
N SER D 7 8.44 24.21 0.66
CA SER D 7 8.49 22.92 1.34
C SER D 7 9.93 22.46 1.60
N ILE D 8 10.12 21.70 2.67
CA ILE D 8 11.43 21.14 2.98
C ILE D 8 11.45 19.65 2.64
N VAL D 9 12.47 19.23 1.90
CA VAL D 9 12.64 17.83 1.58
C VAL D 9 13.94 17.35 2.20
N VAL D 10 13.85 16.29 3.02
CA VAL D 10 15.03 15.81 3.76
C VAL D 10 14.90 14.35 4.16
N ALA D 11 16.01 13.62 4.04
CA ALA D 11 16.08 12.24 4.51
C ALA D 11 17.00 12.17 5.73
N ALA D 12 16.43 11.92 6.89
CA ALA D 12 17.19 11.85 8.12
C ALA D 12 17.03 10.49 8.79
N SER D 13 17.97 10.14 9.68
CA SER D 13 17.87 8.90 10.43
C SER D 13 16.69 9.00 11.39
N VAL D 14 16.19 7.85 11.82
CA VAL D 14 14.97 7.81 12.64
C VAL D 14 15.12 8.50 13.99
N LEU D 15 16.26 8.29 14.65
CA LEU D 15 16.46 8.79 16.00
C LEU D 15 17.24 10.11 16.05
N SER D 16 18.53 10.04 15.73
CA SER D 16 19.40 11.21 15.84
C SER D 16 19.25 12.17 14.67
N SER D 17 18.42 11.82 13.70
CA SER D 17 18.12 12.68 12.56
C SER D 17 19.35 13.08 11.77
N GLY D 18 20.30 12.17 11.62
CA GLY D 18 21.48 12.42 10.82
C GLY D 18 21.16 12.41 9.34
N ILE D 19 21.79 13.29 8.58
CA ILE D 19 21.50 13.39 7.16
C ILE D 19 22.74 13.21 6.28
N GLY D 20 23.92 13.40 6.84
CA GLY D 20 25.16 13.30 6.07
C GLY D 20 26.40 12.90 6.86
N ILE D 21 27.41 12.41 6.15
CA ILE D 21 28.69 12.07 6.76
C ILE D 21 29.84 12.28 5.77
N ASN D 22 30.84 13.07 6.19
CA ASN D 22 32.02 13.35 5.38
C ASN D 22 31.72 13.88 3.98
N GLY D 23 30.73 14.75 3.89
CA GLY D 23 30.39 15.40 2.63
C GLY D 23 29.56 14.54 1.69
N GLN D 24 28.95 13.49 2.26
CA GLN D 24 28.09 12.61 1.47
C GLN D 24 27.03 11.93 2.34
N LEU D 25 26.12 11.21 1.69
CA LEU D 25 25.04 10.52 2.39
C LEU D 25 25.53 9.25 3.07
N PRO D 26 25.00 8.98 4.28
CA PRO D 26 25.33 7.76 5.02
C PRO D 26 24.53 6.54 4.56
N TRP D 27 23.88 6.66 3.40
CA TRP D 27 23.12 5.55 2.82
C TRP D 27 22.96 5.72 1.32
N SER D 28 22.53 4.64 0.65
CA SER D 28 22.27 4.69 -0.77
C SER D 28 20.91 4.07 -1.08
N ILE D 29 19.88 4.90 -1.18
CA ILE D 29 18.52 4.44 -1.44
C ILE D 29 17.97 5.09 -2.70
N SER D 30 17.90 4.30 -3.78
CA SER D 30 17.44 4.80 -5.07
C SER D 30 16.01 5.30 -5.01
N GLU D 31 15.19 4.61 -4.22
CA GLU D 31 13.79 4.98 -4.06
C GLU D 31 13.64 6.35 -3.41
N ASP D 32 14.60 6.68 -2.54
CA ASP D 32 14.57 7.96 -1.83
C ASP D 32 14.95 9.11 -2.77
N LEU D 33 16.00 8.92 -3.55
CA LEU D 33 16.44 9.92 -4.51
C LEU D 33 15.36 10.12 -5.57
N LYS D 34 14.74 9.02 -5.98
CA LYS D 34 13.66 9.07 -6.95
C LYS D 34 12.48 9.84 -6.34
N PHE D 35 12.20 9.59 -5.08
CA PHE D 35 11.15 10.32 -4.36
C PHE D 35 11.44 11.82 -4.35
N PHE D 36 12.70 12.16 -4.13
CA PHE D 36 13.14 13.55 -4.18
C PHE D 36 12.86 14.13 -5.56
N SER D 37 13.24 13.40 -6.59
CA SER D 37 13.06 13.83 -7.97
C SER D 37 11.60 14.09 -8.32
N LYS D 38 10.75 13.16 -7.91
CA LYS D 38 9.32 13.23 -8.12
C LYS D 38 8.64 14.34 -7.41
N ILE D 39 9.01 14.49 -6.16
CA ILE D 39 8.41 15.47 -5.26
C ILE D 39 8.89 16.89 -5.58
N THR D 40 10.03 16.99 -6.28
CA THR D 40 10.55 18.29 -6.67
C THR D 40 10.15 18.65 -8.11
N ASN D 41 9.79 17.63 -8.90
CA ASN D 41 9.33 17.87 -10.26
C ASN D 41 7.82 18.04 -10.36
N ASN D 42 7.13 17.90 -9.23
CA ASN D 42 5.68 18.01 -9.21
C ASN D 42 5.22 19.45 -9.39
N LYS D 43 4.46 19.70 -10.46
CA LYS D 43 3.99 21.04 -10.77
C LYS D 43 2.72 21.01 -11.61
N CYS D 44 2.03 22.15 -11.66
CA CYS D 44 0.81 22.27 -12.46
C CYS D 44 1.06 22.97 -13.80
N ASP D 45 1.70 24.13 -13.74
CA ASP D 45 1.98 24.90 -14.94
C ASP D 45 3.22 24.37 -15.67
N SER D 46 3.07 24.07 -16.95
CA SER D 46 4.16 23.56 -17.76
C SER D 46 5.14 24.70 -18.09
N ASN D 47 4.65 25.93 -18.07
CA ASN D 47 5.47 27.10 -18.36
C ASN D 47 6.29 27.55 -17.15
N LYS D 48 6.08 26.88 -16.03
CA LYS D 48 6.80 27.22 -14.80
C LYS D 48 7.75 26.11 -14.37
N LYS D 49 8.68 26.45 -13.48
CA LYS D 49 9.62 25.50 -12.93
C LYS D 49 9.65 25.60 -11.42
N ASN D 50 10.31 24.65 -10.77
CA ASN D 50 10.49 24.68 -9.32
C ASN D 50 11.90 25.07 -8.93
N ALA D 51 12.03 25.93 -7.92
CA ALA D 51 13.33 26.39 -7.46
C ALA D 51 13.83 25.52 -6.31
N LEU D 52 15.09 25.10 -6.39
CA LEU D 52 15.68 24.25 -5.36
C LEU D 52 16.80 24.97 -4.62
N ILE D 53 16.54 25.35 -3.37
CA ILE D 53 17.52 26.03 -2.55
C ILE D 53 18.38 25.01 -1.79
N MET D 54 19.70 25.17 -1.87
CA MET D 54 20.61 24.27 -1.18
C MET D 54 21.90 24.99 -0.79
N GLY D 55 22.59 24.44 0.20
CA GLY D 55 23.84 25.01 0.66
C GLY D 55 24.96 24.80 -0.34
N ARG D 56 26.08 25.47 -0.11
CA ARG D 56 27.24 25.36 -1.01
C ARG D 56 27.82 23.95 -0.97
N LYS D 57 27.92 23.40 0.22
CA LYS D 57 28.49 22.06 0.41
C LYS D 57 27.60 20.98 -0.21
N THR D 58 26.28 21.20 -0.16
CA THR D 58 25.34 20.30 -0.80
C THR D 58 25.48 20.42 -2.31
N TRP D 59 25.71 21.64 -2.78
CA TRP D 59 25.93 21.89 -4.20
C TRP D 59 27.21 21.20 -4.67
N ASP D 60 28.17 21.05 -3.76
CA ASP D 60 29.39 20.31 -4.05
C ASP D 60 29.10 18.82 -4.02
N SER D 61 28.18 18.41 -3.16
CA SER D 61 27.82 17.01 -2.98
C SER D 61 27.25 16.38 -4.25
N ILE D 62 26.47 17.15 -5.00
CA ILE D 62 25.86 16.66 -6.23
C ILE D 62 26.80 16.81 -7.43
N GLY D 63 28.07 17.10 -7.15
CA GLY D 63 29.07 17.22 -8.19
C GLY D 63 29.02 18.54 -8.94
N ARG D 64 28.26 19.49 -8.41
CA ARG D 64 28.07 20.80 -9.04
C ARG D 64 27.49 20.69 -10.45
N ARG D 65 26.50 19.83 -10.61
CA ARG D 65 25.81 19.67 -11.88
C ARG D 65 24.32 19.89 -11.69
N PRO D 66 23.71 20.68 -12.57
CA PRO D 66 22.29 21.09 -12.44
C PRO D 66 21.32 19.93 -12.56
N LEU D 67 20.14 20.07 -11.95
CA LEU D 67 19.08 19.09 -12.06
C LEU D 67 18.09 19.52 -13.12
N LYS D 68 17.72 18.58 -14.01
CA LYS D 68 16.86 18.90 -15.14
C LYS D 68 15.47 19.35 -14.72
N ASN D 69 14.89 20.26 -15.50
CA ASN D 69 13.53 20.78 -15.27
C ASN D 69 13.36 21.48 -13.93
N ARG D 70 14.47 21.88 -13.33
CA ARG D 70 14.46 22.58 -12.05
C ARG D 70 15.55 23.64 -12.02
N ILE D 71 15.37 24.64 -11.16
CA ILE D 71 16.36 25.71 -11.01
C ILE D 71 17.02 25.63 -9.65
N ILE D 72 18.30 25.25 -9.64
CA ILE D 72 19.04 25.09 -8.39
C ILE D 72 19.55 26.43 -7.87
N VAL D 73 19.18 26.75 -6.63
CA VAL D 73 19.62 27.98 -5.99
C VAL D 73 20.67 27.66 -4.94
N VAL D 74 21.90 28.09 -5.20
CA VAL D 74 23.01 27.80 -4.29
C VAL D 74 23.25 28.95 -3.33
N ILE D 75 23.30 28.64 -2.03
CA ILE D 75 23.59 29.64 -1.02
C ILE D 75 25.08 29.62 -0.69
N SER D 76 25.77 30.70 -1.03
CA SER D 76 27.21 30.78 -0.79
C SER D 76 27.68 32.23 -0.72
N SER D 77 28.69 32.47 0.11
CA SER D 77 29.25 33.81 0.26
C SER D 77 30.49 33.96 -0.62
N SER D 78 30.92 32.86 -1.23
CA SER D 78 32.14 32.86 -2.03
C SER D 78 31.86 32.62 -3.52
N LEU D 79 30.88 31.77 -3.80
CA LEU D 79 30.54 31.42 -5.19
C LEU D 79 30.06 32.62 -5.98
N PRO D 80 30.73 32.90 -7.11
CA PRO D 80 30.42 34.03 -8.00
C PRO D 80 29.06 33.86 -8.67
N GLN D 81 28.40 34.96 -9.01
CA GLN D 81 27.04 34.87 -9.52
C GLN D 81 27.08 34.48 -10.99
N ASP D 82 27.17 33.17 -11.22
CA ASP D 82 27.30 32.60 -12.56
C ASP D 82 26.09 32.91 -13.43
N GLU D 83 26.27 33.80 -14.40
CA GLU D 83 25.21 34.15 -15.32
C GLU D 83 25.22 33.25 -16.55
N ALA D 84 26.21 32.37 -16.62
CA ALA D 84 26.33 31.44 -17.74
C ALA D 84 25.19 30.42 -17.73
N ASP D 85 25.18 29.57 -16.70
CA ASP D 85 24.15 28.56 -16.54
C ASP D 85 22.84 29.20 -16.07
N PRO D 86 21.79 29.11 -16.91
CA PRO D 86 20.49 29.69 -16.59
C PRO D 86 19.67 28.80 -15.65
N ASN D 87 20.21 27.63 -15.33
CA ASN D 87 19.52 26.69 -14.46
C ASN D 87 20.06 26.71 -13.04
N VAL D 88 21.16 27.42 -12.83
CA VAL D 88 21.77 27.55 -11.51
C VAL D 88 22.00 29.02 -11.17
N VAL D 89 21.63 29.41 -9.96
CA VAL D 89 21.78 30.79 -9.52
C VAL D 89 22.31 30.83 -8.08
N VAL D 90 23.13 31.83 -7.78
CA VAL D 90 23.74 31.94 -6.45
C VAL D 90 23.31 33.21 -5.71
N PHE D 91 22.91 33.04 -4.45
CA PHE D 91 22.56 34.18 -3.60
C PHE D 91 23.47 34.24 -2.38
N ARG D 92 23.61 35.44 -1.80
CA ARG D 92 24.52 35.64 -0.70
C ARG D 92 23.94 35.20 0.65
N ASN D 93 22.63 35.31 0.80
CA ASN D 93 21.96 34.88 2.03
C ASN D 93 20.61 34.23 1.72
N LEU D 94 20.10 33.48 2.69
CA LEU D 94 18.85 32.74 2.51
C LEU D 94 17.63 33.67 2.35
N GLU D 95 17.60 34.75 3.12
CA GLU D 95 16.47 35.68 3.06
C GLU D 95 16.37 36.34 1.68
N ASP D 96 17.50 36.84 1.20
CA ASP D 96 17.56 37.44 -0.12
C ASP D 96 17.29 36.41 -1.20
N SER D 97 17.62 35.16 -0.90
CA SER D 97 17.41 34.05 -1.83
C SER D 97 15.93 33.84 -2.12
N ILE D 98 15.10 34.14 -1.13
CA ILE D 98 13.66 34.00 -1.30
C ILE D 98 13.08 35.26 -1.94
N GLU D 99 13.65 35.64 -3.07
CA GLU D 99 13.07 36.58 -4.01
C GLU D 99 11.86 35.96 -4.70
N ASN D 100 12.01 34.68 -5.02
CA ASN D 100 11.14 33.93 -5.91
C ASN D 100 9.67 34.26 -5.66
N LEU D 101 9.38 34.74 -4.45
CA LEU D 101 8.04 35.18 -4.10
C LEU D 101 7.71 36.48 -4.83
N MET D 102 8.49 37.51 -4.56
CA MET D 102 8.22 38.86 -5.06
C MET D 102 8.39 38.98 -6.56
N ASN D 103 9.35 38.24 -7.11
CA ASN D 103 9.61 38.29 -8.54
C ASN D 103 9.76 36.90 -9.17
N ASP D 104 10.01 36.85 -10.47
CA ASP D 104 10.12 35.59 -11.21
C ASP D 104 8.87 34.73 -11.06
N ASP D 105 7.84 35.04 -11.84
CA ASP D 105 6.58 34.30 -11.78
C ASP D 105 6.70 32.98 -12.55
N SER D 106 7.92 32.69 -13.00
CA SER D 106 8.20 31.45 -13.71
C SER D 106 8.45 30.32 -12.72
N ILE D 107 8.44 30.66 -11.43
CA ILE D 107 8.60 29.66 -10.38
C ILE D 107 7.24 29.36 -9.76
N GLU D 108 6.91 28.07 -9.66
CA GLU D 108 5.61 27.67 -9.12
C GLU D 108 5.72 27.24 -7.66
N ASN D 109 6.80 26.52 -7.34
CA ASN D 109 7.03 26.05 -5.98
C ASN D 109 8.49 26.21 -5.55
N ILE D 110 8.72 26.33 -4.25
CA ILE D 110 10.06 26.49 -3.72
C ILE D 110 10.39 25.36 -2.75
N PHE D 111 11.54 24.74 -2.93
CA PHE D 111 11.95 23.63 -2.07
C PHE D 111 13.31 23.88 -1.43
N VAL D 112 13.28 23.79 -0.10
CA VAL D 112 14.45 24.00 0.72
C VAL D 112 14.95 22.58 0.81
N CYS D 113 16.04 22.50 0.14
CA CYS D 113 16.58 21.22 -0.30
C CYS D 113 17.78 20.66 0.37
N GLY D 114 18.43 21.47 1.28
CA GLY D 114 19.60 20.85 1.84
C GLY D 114 20.31 21.73 2.81
N GLY D 115 21.21 20.91 3.53
CA GLY D 115 22.15 21.77 4.22
C GLY D 115 21.69 22.11 5.63
N GLU D 116 22.35 21.54 6.63
CA GLU D 116 21.93 21.75 8.01
C GLU D 116 22.00 23.23 8.33
N SER D 117 23.04 23.89 7.83
CA SER D 117 23.18 25.33 7.99
C SER D 117 22.03 26.06 7.31
N ILE D 118 21.48 25.44 6.26
CA ILE D 118 20.34 26.00 5.55
C ILE D 118 19.01 25.64 6.22
N TYR D 119 18.86 24.36 6.57
CA TYR D 119 17.66 23.88 7.25
C TYR D 119 17.39 24.66 8.54
N ARG D 120 18.43 24.77 9.35
CA ARG D 120 18.31 25.36 10.68
C ARG D 120 17.83 26.82 10.66
N ASP D 121 18.39 27.62 9.76
CA ASP D 121 17.96 29.02 9.67
C ASP D 121 16.80 29.24 8.69
N ALA D 122 16.38 28.17 8.02
CA ALA D 122 15.14 28.21 7.25
C ALA D 122 13.98 27.93 8.18
N LEU D 123 14.27 27.20 9.24
CA LEU D 123 13.28 26.93 10.28
C LEU D 123 13.26 28.06 11.32
N LYS D 124 14.43 28.58 11.65
CA LYS D 124 14.57 29.63 12.66
C LYS D 124 13.88 30.93 12.26
N ASP D 125 13.97 31.26 10.97
CA ASP D 125 13.37 32.48 10.46
C ASP D 125 11.96 32.25 9.93
N ASN D 126 11.49 31.02 10.06
CA ASN D 126 10.13 30.65 9.68
C ASN D 126 9.79 30.97 8.22
N PHE D 127 10.35 30.19 7.30
CA PHE D 127 10.10 30.37 5.87
C PHE D 127 9.46 29.12 5.28
N VAL D 128 9.44 28.05 6.06
CA VAL D 128 8.99 26.74 5.58
C VAL D 128 7.51 26.49 5.88
N ASP D 129 6.78 26.05 4.87
CA ASP D 129 5.37 25.73 5.01
C ASP D 129 5.16 24.23 5.23
N ARG D 130 5.88 23.43 4.46
CA ARG D 130 5.72 21.97 4.51
C ARG D 130 7.06 21.27 4.67
N ILE D 131 7.04 20.08 5.26
CA ILE D 131 8.27 19.30 5.44
C ILE D 131 8.08 17.86 4.97
N TYR D 132 8.90 17.45 4.00
CA TYR D 132 8.88 16.07 3.52
C TYR D 132 10.02 15.29 4.14
N LEU D 133 9.74 14.62 5.26
CA LEU D 133 10.77 13.90 6.00
C LEU D 133 10.83 12.41 5.63
N THR D 134 12.01 11.95 5.23
CA THR D 134 12.21 10.55 4.93
C THR D 134 13.02 9.91 6.05
N ARG D 135 12.36 9.29 7.01
CA ARG D 135 13.05 8.70 8.11
C ARG D 135 13.72 7.43 7.70
N VAL D 136 14.97 7.27 8.10
CA VAL D 136 15.74 6.09 7.75
C VAL D 136 16.17 5.32 9.00
N ALA D 137 16.10 3.99 8.93
CA ALA D 137 16.30 3.15 10.11
C ALA D 137 17.73 2.62 10.29
N LEU D 138 18.65 3.52 10.60
CA LEU D 138 20.01 3.13 11.00
C LEU D 138 20.64 4.21 11.89
N GLU D 139 21.21 3.78 13.01
CA GLU D 139 21.71 4.73 14.01
C GLU D 139 23.07 4.35 14.59
N ASP D 140 23.53 3.13 14.30
CA ASP D 140 24.81 2.68 14.82
C ASP D 140 25.97 3.04 13.88
N ILE D 141 25.83 4.17 13.20
CA ILE D 141 26.87 4.67 12.31
C ILE D 141 27.29 6.08 12.70
N GLU D 142 28.16 6.69 11.90
CA GLU D 142 28.69 8.00 12.23
C GLU D 142 28.06 9.12 11.39
N PHE D 143 27.69 10.22 12.06
CA PHE D 143 27.15 11.39 11.38
C PHE D 143 27.97 12.62 11.73
N ASP D 144 27.93 13.62 10.85
CA ASP D 144 28.56 14.90 11.14
C ASP D 144 27.62 16.05 10.78
N THR D 145 26.51 15.71 10.12
CA THR D 145 25.51 16.69 9.73
C THR D 145 24.12 16.18 10.07
N TYR D 146 23.39 16.93 10.90
CA TYR D 146 22.09 16.49 11.38
C TYR D 146 20.96 17.37 10.89
N PHE D 147 19.73 16.88 11.02
CA PHE D 147 18.55 17.67 10.69
C PHE D 147 17.96 18.23 11.98
N PRO D 148 17.78 19.56 12.03
CA PRO D 148 17.29 20.26 13.23
C PRO D 148 15.93 19.76 13.68
N GLU D 149 15.69 19.76 15.00
CA GLU D 149 14.44 19.29 15.56
C GLU D 149 13.26 20.13 15.09
N ILE D 150 12.22 19.46 14.59
CA ILE D 150 11.03 20.14 14.07
C ILE D 150 10.30 20.87 15.18
N PRO D 151 10.10 22.20 14.99
CA PRO D 151 9.39 23.04 15.97
C PRO D 151 7.93 22.61 16.14
N GLU D 152 7.31 23.05 17.24
CA GLU D 152 5.95 22.64 17.58
C GLU D 152 4.91 23.25 16.65
N THR D 153 5.34 24.18 15.79
CA THR D 153 4.43 24.82 14.85
C THR D 153 4.03 23.87 13.73
N PHE D 154 4.77 22.78 13.59
CA PHE D 154 4.48 21.77 12.58
C PHE D 154 3.78 20.56 13.18
N LEU D 155 2.91 19.93 12.39
CA LEU D 155 2.21 18.73 12.80
C LEU D 155 2.21 17.69 11.68
N PRO D 156 2.48 16.43 12.03
CA PRO D 156 2.47 15.34 11.06
C PRO D 156 1.05 15.11 10.54
N VAL D 157 0.91 14.92 9.24
CA VAL D 157 -0.39 14.67 8.64
C VAL D 157 -0.37 13.38 7.82
N TYR D 158 0.82 12.79 7.70
CA TYR D 158 0.98 11.57 6.92
C TYR D 158 2.19 10.75 7.37
N MET D 159 2.04 9.44 7.36
CA MET D 159 3.14 8.53 7.68
C MET D 159 2.98 7.25 6.87
N SER D 160 3.77 7.11 5.81
CA SER D 160 3.66 5.99 4.90
C SER D 160 4.02 4.66 5.57
N GLN D 161 3.74 3.56 4.88
CA GLN D 161 4.13 2.24 5.35
C GLN D 161 5.64 2.12 5.31
N THR D 162 6.17 1.16 6.04
CA THR D 162 7.62 0.96 6.06
C THR D 162 8.10 0.28 4.78
N PHE D 163 9.06 0.91 4.11
CA PHE D 163 9.62 0.35 2.89
C PHE D 163 11.01 -0.21 3.18
N CYS D 164 11.48 -1.09 2.30
CA CYS D 164 12.77 -1.75 2.49
C CYS D 164 13.63 -1.70 1.24
N THR D 165 14.87 -1.26 1.41
CA THR D 165 15.86 -1.25 0.34
C THR D 165 17.23 -1.61 0.92
N LYS D 166 17.81 -2.70 0.42
CA LYS D 166 19.07 -3.23 0.95
C LYS D 166 18.97 -3.49 2.45
N ASN D 167 17.86 -4.11 2.85
CA ASN D 167 17.58 -4.41 4.26
C ASN D 167 17.51 -3.18 5.16
N ILE D 168 17.20 -2.03 4.56
CA ILE D 168 17.05 -0.80 5.33
C ILE D 168 15.60 -0.33 5.33
N SER D 169 15.05 -0.13 6.52
CA SER D 169 13.67 0.33 6.66
C SER D 169 13.58 1.84 6.56
N TYR D 170 12.53 2.34 5.92
CA TYR D 170 12.33 3.78 5.83
C TYR D 170 10.87 4.21 5.62
N ASP D 171 10.55 5.42 6.05
CA ASP D 171 9.18 5.94 5.97
C ASP D 171 9.11 7.36 5.38
N PHE D 172 7.96 7.70 4.82
CA PHE D 172 7.76 9.00 4.18
C PHE D 172 6.69 9.78 4.93
N MET D 173 7.08 10.89 5.53
CA MET D 173 6.13 11.70 6.32
C MET D 173 6.03 13.13 5.84
N ILE D 174 4.86 13.73 6.08
CA ILE D 174 4.61 15.11 5.72
C ILE D 174 4.21 15.91 6.96
N PHE D 175 4.92 17.00 7.21
CA PHE D 175 4.60 17.88 8.33
C PHE D 175 4.07 19.21 7.80
N GLU D 176 2.93 19.64 8.31
CA GLU D 176 2.31 20.87 7.86
C GLU D 176 2.30 21.92 8.97
N LYS D 177 2.52 23.17 8.60
CA LYS D 177 2.55 24.25 9.57
C LYS D 177 1.14 24.82 9.81
N GLN D 178 0.46 24.28 10.81
CA GLN D 178 -0.89 24.73 11.14
C GLN D 178 -0.95 25.23 12.58
N LEU D 193 -18.51 17.74 3.48
CA LEU D 193 -19.54 18.76 3.71
C LEU D 193 -20.27 18.55 5.03
N LYS D 194 -20.68 19.67 5.63
CA LYS D 194 -21.29 19.68 6.95
C LYS D 194 -22.62 18.93 7.04
N SER D 195 -23.34 18.88 5.92
CA SER D 195 -24.69 18.29 5.90
C SER D 195 -24.73 16.84 6.37
N ILE D 196 -23.88 15.99 5.80
CA ILE D 196 -23.85 14.57 6.17
C ILE D 196 -23.50 14.39 7.65
N ASP D 197 -22.48 15.12 8.11
CA ASP D 197 -22.06 15.07 9.51
C ASP D 197 -23.20 15.45 10.44
N ASP D 198 -23.90 16.54 10.10
CA ASP D 198 -25.03 17.00 10.89
C ASP D 198 -26.14 15.95 10.94
N THR D 199 -26.46 15.39 9.78
CA THR D 199 -27.49 14.37 9.68
C THR D 199 -27.17 13.15 10.53
N VAL D 200 -25.95 12.65 10.41
CA VAL D 200 -25.50 11.51 11.18
C VAL D 200 -25.53 11.79 12.69
N ASP D 201 -25.12 13.00 13.06
CA ASP D 201 -25.17 13.41 14.47
C ASP D 201 -26.59 13.44 15.00
N LEU D 202 -27.50 13.98 14.20
CA LEU D 202 -28.91 14.06 14.58
C LEU D 202 -29.52 12.67 14.72
N LEU D 203 -29.22 11.78 13.78
CA LEU D 203 -29.68 10.39 13.87
C LEU D 203 -29.07 9.72 15.09
N GLY D 204 -27.87 10.14 15.47
CA GLY D 204 -27.21 9.62 16.65
C GLY D 204 -27.83 10.15 17.92
N GLU D 205 -28.54 11.27 17.80
CA GLU D 205 -29.26 11.84 18.94
C GLU D 205 -30.63 11.20 19.10
N ILE D 206 -31.33 11.01 17.98
CA ILE D 206 -32.63 10.35 17.99
C ILE D 206 -32.51 8.91 18.45
N PHE D 207 -31.88 8.08 17.62
CA PHE D 207 -31.59 6.70 17.99
C PHE D 207 -30.37 6.69 18.89
N GLY D 208 -30.40 5.87 19.92
CA GLY D 208 -29.28 5.80 20.85
C GLY D 208 -28.33 4.67 20.49
N ILE D 209 -28.35 3.62 21.30
CA ILE D 209 -27.54 2.44 21.04
C ILE D 209 -28.15 1.65 19.88
N ARG D 210 -29.36 2.02 19.49
CA ARG D 210 -30.03 1.42 18.35
C ARG D 210 -29.22 1.62 17.08
N LYS D 211 -28.70 2.83 16.91
CA LYS D 211 -27.84 3.15 15.78
C LYS D 211 -26.45 2.53 16.00
N MET D 212 -26.08 1.60 15.12
CA MET D 212 -24.82 0.86 15.24
C MET D 212 -23.60 1.79 15.19
N GLY D 213 -23.75 2.93 14.50
CA GLY D 213 -22.69 3.91 14.41
C GLY D 213 -22.30 4.46 15.77
N ASN D 214 -23.26 4.52 16.69
CA ASN D 214 -23.02 4.99 18.04
C ASN D 214 -22.39 3.91 18.92
N ARG D 215 -22.45 2.67 18.46
CA ARG D 215 -21.84 1.57 19.18
C ARG D 215 -20.36 1.49 18.83
N HIS D 216 -20.01 2.04 17.67
CA HIS D 216 -18.63 2.10 17.22
C HIS D 216 -18.19 3.54 17.06
N LYS D 217 -18.17 4.28 18.17
CA LYS D 217 -17.80 5.68 18.14
C LYS D 217 -16.33 5.88 17.80
N PHE D 218 -16.04 6.93 17.05
CA PHE D 218 -14.67 7.28 16.69
C PHE D 218 -13.93 7.73 17.94
N PRO D 219 -12.72 7.21 18.16
CA PRO D 219 -11.93 7.51 19.37
C PRO D 219 -11.69 9.01 19.56
N LYS D 220 -11.74 9.45 20.81
CA LYS D 220 -11.50 10.85 21.13
C LYS D 220 -10.02 11.20 20.94
N GLU D 221 -9.73 12.48 20.79
CA GLU D 221 -8.37 12.94 20.56
C GLU D 221 -7.43 12.58 21.70
N GLU D 222 -7.96 12.57 22.93
CA GLU D 222 -7.17 12.30 24.11
C GLU D 222 -6.60 10.87 24.13
N ILE D 223 -7.25 9.97 23.39
CA ILE D 223 -6.79 8.59 23.33
C ILE D 223 -6.50 8.14 21.91
N TYR D 224 -6.35 9.12 21.01
CA TYR D 224 -6.04 8.83 19.62
C TYR D 224 -4.56 9.08 19.35
N ASN D 225 -3.84 8.02 18.98
CA ASN D 225 -2.40 8.11 18.74
C ASN D 225 -2.05 9.03 17.56
N THR D 226 -1.30 10.08 17.86
CA THR D 226 -0.95 11.11 16.89
C THR D 226 -2.18 11.63 16.16
N PRO D 227 -2.98 12.46 16.86
CA PRO D 227 -4.28 12.93 16.35
C PRO D 227 -4.16 13.78 15.09
N SER D 228 -3.03 14.45 14.93
CA SER D 228 -2.83 15.35 13.78
C SER D 228 -2.86 14.59 12.45
N ILE D 229 -2.38 13.34 12.47
CA ILE D 229 -2.45 12.50 11.29
C ILE D 229 -3.85 11.93 11.13
N ARG D 230 -4.63 12.52 10.23
CA ARG D 230 -6.02 12.15 10.07
C ARG D 230 -6.26 11.26 8.85
N PHE D 231 -5.80 11.73 7.68
CA PHE D 231 -6.05 11.03 6.43
C PHE D 231 -4.84 10.26 5.94
N GLY D 232 -3.70 10.48 6.57
CA GLY D 232 -2.45 9.86 6.15
C GLY D 232 -1.90 8.82 7.11
N ARG D 233 -2.80 8.09 7.77
CA ARG D 233 -2.39 7.06 8.72
C ARG D 233 -2.08 5.76 7.99
N GLU D 234 -1.06 5.79 7.13
CA GLU D 234 -0.74 4.66 6.27
C GLU D 234 0.08 3.59 6.97
N HIS D 235 0.88 4.00 7.95
CA HIS D 235 1.71 3.07 8.71
C HIS D 235 0.84 1.99 9.34
N TYR D 236 1.29 0.75 9.28
CA TYR D 236 0.45 -0.38 9.68
C TYR D 236 0.49 -0.68 11.19
N GLU D 237 1.27 0.09 11.93
CA GLU D 237 1.23 0.01 13.38
C GLU D 237 -0.03 0.72 13.87
N PHE D 238 -0.54 1.59 13.01
CA PHE D 238 -1.79 2.28 13.27
C PHE D 238 -2.96 1.31 13.25
N GLN D 239 -2.79 0.18 12.57
CA GLN D 239 -3.80 -0.87 12.53
C GLN D 239 -4.01 -1.44 13.93
N TYR D 240 -2.97 -1.38 14.74
CA TYR D 240 -3.01 -1.86 16.12
C TYR D 240 -3.33 -0.73 17.09
N LEU D 241 -2.70 0.42 16.89
CA LEU D 241 -2.87 1.56 17.79
C LEU D 241 -4.29 2.13 17.73
N ASP D 242 -4.85 2.21 16.53
CA ASP D 242 -6.22 2.69 16.37
C ASP D 242 -7.20 1.70 16.96
N LEU D 243 -6.84 0.41 16.92
CA LEU D 243 -7.64 -0.62 17.58
C LEU D 243 -7.61 -0.38 19.08
N LEU D 244 -6.42 -0.10 19.60
CA LEU D 244 -6.23 0.22 21.01
C LEU D 244 -7.11 1.40 21.40
N SER D 245 -7.16 2.40 20.54
CA SER D 245 -8.00 3.57 20.77
C SER D 245 -9.48 3.21 20.73
N ARG D 246 -9.84 2.31 19.83
CA ARG D 246 -11.23 1.90 19.66
C ARG D 246 -11.76 1.11 20.86
N VAL D 247 -10.95 0.19 21.36
CA VAL D 247 -11.24 -0.54 22.58
C VAL D 247 -11.28 0.43 23.77
N LEU D 248 -10.34 1.36 23.78
CA LEU D 248 -10.24 2.35 24.85
C LEU D 248 -11.44 3.30 24.87
N GLU D 249 -12.13 3.38 23.74
CA GLU D 249 -13.27 4.28 23.60
C GLU D 249 -14.62 3.57 23.82
N ASN D 250 -14.83 2.48 23.10
CA ASN D 250 -16.11 1.78 23.10
C ASN D 250 -16.12 0.52 23.96
N GLY D 251 -15.04 0.31 24.71
CA GLY D 251 -14.87 -0.90 25.51
C GLY D 251 -15.87 -1.06 26.63
N ALA D 252 -16.70 -2.10 26.54
CA ALA D 252 -17.66 -2.41 27.60
C ALA D 252 -16.93 -3.04 28.78
N TYR D 253 -17.08 -2.48 29.96
CA TYR D 253 -16.39 -3.02 31.11
C TYR D 253 -17.10 -4.25 31.48
N ARG D 254 -16.39 -5.35 31.39
CA ARG D 254 -16.94 -6.66 31.74
C ARG D 254 -15.93 -7.53 32.48
N GLU D 255 -16.44 -8.48 33.26
CA GLU D 255 -15.61 -9.40 34.03
C GLU D 255 -15.18 -10.61 33.20
N ASN D 256 -14.37 -11.46 33.79
CA ASN D 256 -13.89 -12.66 33.12
C ASN D 256 -13.44 -13.74 34.12
N ARG D 257 -12.76 -14.76 33.63
CA ARG D 257 -12.29 -15.87 34.45
C ARG D 257 -11.27 -15.42 35.51
N THR D 258 -10.52 -14.36 35.19
CA THR D 258 -9.54 -13.81 36.11
C THR D 258 -10.19 -12.74 36.98
N GLY D 259 -9.52 -12.38 38.06
CA GLY D 259 -10.03 -11.35 38.97
C GLY D 259 -9.97 -9.96 38.37
N ILE D 260 -9.22 -9.82 37.28
CA ILE D 260 -9.06 -8.53 36.61
C ILE D 260 -10.07 -8.37 35.47
N SER D 261 -10.96 -7.39 35.61
CA SER D 261 -11.97 -7.11 34.60
C SER D 261 -11.36 -6.38 33.40
N THR D 262 -12.00 -6.50 32.24
CA THR D 262 -11.49 -5.90 31.02
C THR D 262 -12.53 -4.99 30.36
N TYR D 263 -12.03 -4.04 29.57
CA TYR D 263 -12.88 -3.26 28.67
C TYR D 263 -12.86 -3.95 27.33
N SER D 264 -14.02 -4.42 26.86
CA SER D 264 -14.06 -5.30 25.70
C SER D 264 -14.96 -4.83 24.56
N ILE D 265 -14.48 -5.07 23.34
CA ILE D 265 -15.23 -4.83 22.11
C ILE D 265 -15.13 -6.09 21.23
N PHE D 266 -16.11 -6.30 20.36
CA PHE D 266 -16.22 -7.55 19.62
C PHE D 266 -16.20 -7.32 18.11
N GLY D 267 -15.41 -8.13 17.41
CA GLY D 267 -15.33 -8.06 15.96
C GLY D 267 -14.43 -6.95 15.44
N GLN D 268 -13.14 -7.24 15.33
CA GLN D 268 -12.17 -6.26 14.85
C GLN D 268 -11.17 -6.90 13.89
N MET D 269 -10.29 -6.11 13.29
CA MET D 269 -9.26 -6.65 12.43
C MET D 269 -8.06 -5.71 12.30
N MET D 270 -6.91 -6.30 11.97
CA MET D 270 -5.68 -5.55 11.74
C MET D 270 -4.97 -6.11 10.51
N ARG D 271 -4.54 -5.22 9.63
CA ARG D 271 -3.81 -5.64 8.43
C ARG D 271 -2.33 -5.28 8.58
N PHE D 272 -1.48 -6.08 7.95
CA PHE D 272 -0.04 -5.87 8.04
C PHE D 272 0.67 -6.25 6.76
N ASP D 273 1.71 -5.49 6.44
CA ASP D 273 2.57 -5.78 5.30
C ASP D 273 3.81 -6.51 5.78
N MET D 274 4.20 -7.55 5.06
CA MET D 274 5.40 -8.30 5.40
C MET D 274 6.40 -8.32 4.25
N ARG D 275 5.98 -7.77 3.11
CA ARG D 275 6.84 -7.71 1.93
C ARG D 275 7.98 -6.72 2.14
N GLU D 276 7.65 -5.52 2.59
CA GLU D 276 8.64 -4.45 2.70
C GLU D 276 9.04 -4.17 4.15
N SER D 277 8.51 -4.96 5.08
CA SER D 277 8.82 -4.77 6.50
C SER D 277 8.43 -5.98 7.36
N PHE D 278 8.57 -5.82 8.67
CA PHE D 278 8.18 -6.86 9.62
C PHE D 278 7.37 -6.24 10.75
N PRO D 279 6.10 -6.66 10.88
CA PRO D 279 5.15 -6.07 11.83
C PRO D 279 5.54 -6.27 13.30
N LEU D 280 6.65 -5.66 13.70
CA LEU D 280 7.07 -5.66 15.09
C LEU D 280 6.91 -4.24 15.64
N LEU D 281 6.10 -4.09 16.68
CA LEU D 281 5.76 -2.79 17.23
C LEU D 281 6.99 -2.00 17.69
N THR D 282 6.97 -0.70 17.40
CA THR D 282 8.08 0.18 17.76
C THR D 282 7.73 1.09 18.94
N THR D 283 6.43 1.22 19.22
CA THR D 283 5.96 2.03 20.33
C THR D 283 6.28 1.37 21.67
N LYS D 284 6.69 0.11 21.62
CA LYS D 284 7.08 -0.63 22.81
C LYS D 284 8.09 -1.70 22.42
N LYS D 285 9.16 -1.80 23.20
CA LYS D 285 10.19 -2.81 22.92
C LYS D 285 9.65 -4.21 23.20
N VAL D 286 9.41 -4.96 22.13
CA VAL D 286 8.83 -6.30 22.24
C VAL D 286 9.91 -7.37 22.27
N ALA D 287 9.81 -8.28 23.23
CA ALA D 287 10.76 -9.38 23.36
C ALA D 287 10.60 -10.36 22.19
N ILE D 288 11.32 -10.11 21.11
CA ILE D 288 11.23 -10.94 19.91
C ILE D 288 11.70 -12.36 20.18
N ARG D 289 12.77 -12.50 20.95
CA ARG D 289 13.36 -13.80 21.23
C ARG D 289 12.37 -14.76 21.88
N SER D 290 11.60 -14.24 22.83
CA SER D 290 10.58 -15.04 23.50
C SER D 290 9.50 -15.48 22.53
N ILE D 291 9.15 -14.58 21.62
CA ILE D 291 8.15 -14.86 20.60
C ILE D 291 8.61 -15.99 19.69
N PHE D 292 9.82 -15.86 19.18
CA PHE D 292 10.39 -16.90 18.32
C PHE D 292 10.48 -18.24 19.05
N GLU D 293 11.03 -18.20 20.25
CA GLU D 293 11.24 -19.42 21.03
C GLU D 293 9.90 -20.12 21.29
N GLU D 294 8.86 -19.33 21.52
CA GLU D 294 7.52 -19.87 21.71
C GLU D 294 7.01 -20.47 20.40
N LEU D 295 7.34 -19.82 19.29
CA LEU D 295 6.89 -20.27 17.98
C LEU D 295 7.49 -21.63 17.61
N ILE D 296 8.81 -21.76 17.72
CA ILE D 296 9.45 -23.03 17.43
C ILE D 296 9.11 -24.07 18.49
N TRP D 297 8.75 -23.60 19.68
CA TRP D 297 8.25 -24.49 20.73
C TRP D 297 6.93 -25.09 20.28
N PHE D 298 6.11 -24.30 19.59
CA PHE D 298 4.87 -24.78 19.00
C PHE D 298 5.15 -25.77 17.87
N ILE D 299 6.03 -25.35 16.95
CA ILE D 299 6.33 -26.14 15.77
C ILE D 299 6.79 -27.56 16.09
N LYS D 300 7.61 -27.70 17.13
CA LYS D 300 8.09 -29.00 17.55
C LYS D 300 6.98 -29.86 18.15
N GLY D 301 5.86 -29.21 18.52
CA GLY D 301 4.75 -29.91 19.12
C GLY D 301 4.97 -30.16 20.60
N ASP D 302 5.89 -29.40 21.18
CA ASP D 302 6.23 -29.55 22.59
C ASP D 302 5.20 -28.87 23.49
N THR D 303 4.82 -29.54 24.57
CA THR D 303 3.84 -28.99 25.50
C THR D 303 4.47 -28.75 26.88
N ASN D 304 5.74 -29.11 27.01
CA ASN D 304 6.47 -28.91 28.25
C ASN D 304 6.84 -27.45 28.45
N GLY D 305 6.25 -26.81 29.46
CA GLY D 305 6.49 -25.41 29.74
C GLY D 305 7.91 -25.16 30.22
N ASN D 306 8.50 -26.17 30.87
CA ASN D 306 9.85 -26.03 31.38
C ASN D 306 10.86 -25.80 30.26
N HIS D 307 10.63 -26.41 29.10
CA HIS D 307 11.50 -26.24 27.95
C HIS D 307 11.54 -24.77 27.53
N LEU D 308 10.44 -24.07 27.79
CA LEU D 308 10.36 -22.64 27.52
C LEU D 308 11.00 -21.85 28.66
N ILE D 309 10.81 -22.34 29.88
CA ILE D 309 11.38 -21.70 31.06
C ILE D 309 12.90 -21.87 31.12
N GLU D 310 13.38 -23.03 30.67
CA GLU D 310 14.81 -23.31 30.65
C GLU D 310 15.56 -22.32 29.76
N LYS D 311 14.87 -21.82 28.74
CA LYS D 311 15.46 -20.84 27.83
C LYS D 311 15.09 -19.42 28.24
N LYS D 312 14.74 -19.25 29.51
CA LYS D 312 14.40 -17.96 30.09
C LYS D 312 13.25 -17.25 29.38
N VAL D 313 12.20 -18.01 29.06
CA VAL D 313 10.97 -17.44 28.51
C VAL D 313 9.82 -17.79 29.45
N TYR D 314 9.28 -16.78 30.12
CA TYR D 314 8.31 -17.01 31.19
C TYR D 314 6.90 -16.55 30.86
N ILE D 315 6.52 -16.64 29.58
CA ILE D 315 5.18 -16.22 29.18
C ILE D 315 4.13 -17.27 29.51
N TRP D 316 4.57 -18.50 29.68
CA TRP D 316 3.66 -19.59 30.04
C TRP D 316 3.88 -20.07 31.47
N SER D 317 4.33 -19.16 32.33
CA SER D 317 4.58 -19.49 33.73
C SER D 317 3.30 -19.49 34.55
N GLY D 318 2.56 -18.40 34.47
CA GLY D 318 1.32 -18.23 35.21
C GLY D 318 0.27 -19.26 34.87
N ASN D 319 0.15 -19.58 33.58
CA ASN D 319 -0.83 -20.55 33.13
C ASN D 319 -0.33 -21.98 33.25
N GLY D 320 0.81 -22.15 33.93
CA GLY D 320 1.40 -23.46 34.11
C GLY D 320 1.53 -23.86 35.55
N SER D 321 1.59 -22.88 36.44
CA SER D 321 1.81 -23.09 37.87
C SER D 321 0.89 -24.15 38.49
N LYS D 322 1.37 -24.79 39.54
CA LYS D 322 0.64 -25.86 40.21
C LYS D 322 -0.68 -25.36 40.78
N GLU D 323 -0.67 -24.14 41.30
CA GLU D 323 -1.86 -23.54 41.89
C GLU D 323 -2.94 -23.31 40.84
N TYR D 324 -2.54 -22.76 39.70
CA TYR D 324 -3.46 -22.49 38.60
C TYR D 324 -4.01 -23.78 38.01
N LEU D 325 -3.16 -24.79 37.90
CA LEU D 325 -3.57 -26.07 37.35
C LEU D 325 -4.56 -26.77 38.28
N GLU D 326 -4.27 -26.76 39.58
CA GLU D 326 -5.17 -27.37 40.55
C GLU D 326 -6.48 -26.60 40.61
N ARG D 327 -6.39 -25.29 40.35
CA ARG D 327 -7.57 -24.42 40.38
C ARG D 327 -8.53 -24.70 39.22
N ILE D 328 -7.97 -24.99 38.04
CA ILE D 328 -8.79 -25.25 36.85
C ILE D 328 -9.14 -26.73 36.70
N GLY D 329 -8.90 -27.50 37.75
CA GLY D 329 -9.27 -28.90 37.78
C GLY D 329 -8.24 -29.83 37.14
N LEU D 330 -6.99 -29.42 37.16
CA LEU D 330 -5.91 -30.24 36.62
C LEU D 330 -4.80 -30.43 37.65
N GLY D 331 -5.19 -30.80 38.86
CA GLY D 331 -4.25 -30.99 39.95
C GLY D 331 -3.38 -32.22 39.77
N HIS D 332 -3.85 -33.15 38.94
CA HIS D 332 -3.12 -34.38 38.66
C HIS D 332 -1.93 -34.09 37.75
N ARG D 333 -1.95 -32.93 37.12
CA ARG D 333 -0.94 -32.54 36.17
C ARG D 333 0.39 -32.19 36.82
N GLU D 334 1.45 -32.27 36.05
CA GLU D 334 2.77 -31.93 36.56
C GLU D 334 2.96 -30.41 36.63
N GLU D 335 4.04 -29.97 37.26
CA GLU D 335 4.33 -28.56 37.52
C GLU D 335 4.16 -27.64 36.31
N ASN D 336 4.51 -28.11 35.12
CA ASN D 336 4.41 -27.26 33.93
C ASN D 336 3.87 -27.98 32.69
N ASP D 337 3.11 -29.04 32.91
CA ASP D 337 2.49 -29.76 31.80
C ASP D 337 1.22 -29.02 31.36
N LEU D 338 1.31 -28.34 30.22
CA LEU D 338 0.22 -27.50 29.75
C LEU D 338 -0.88 -28.30 29.03
N GLY D 339 -0.58 -29.54 28.69
CA GLY D 339 -1.55 -30.39 28.02
C GLY D 339 -1.59 -30.17 26.53
N PRO D 340 -2.60 -30.75 25.86
CA PRO D 340 -2.76 -30.71 24.40
C PRO D 340 -3.05 -29.30 23.87
N ILE D 341 -2.09 -28.41 24.15
CA ILE D 341 -2.06 -27.01 23.70
C ILE D 341 -1.30 -26.83 22.37
N TYR D 342 -1.21 -25.62 21.88
CA TYR D 342 -0.86 -25.44 20.50
C TYR D 342 0.43 -26.18 20.21
N GLY D 343 0.57 -26.61 18.98
CA GLY D 343 1.65 -27.48 18.57
C GLY D 343 1.25 -28.93 18.64
N PHE D 344 0.68 -29.33 19.78
CA PHE D 344 0.18 -30.69 19.92
C PHE D 344 -1.01 -30.91 19.01
N GLN D 345 -1.76 -29.84 18.76
CA GLN D 345 -2.88 -29.90 17.83
C GLN D 345 -2.41 -29.67 16.41
N TRP D 346 -1.23 -29.06 16.28
CA TRP D 346 -0.63 -28.82 14.98
C TRP D 346 -0.01 -30.08 14.42
N ARG D 347 0.62 -30.86 15.29
CA ARG D 347 1.38 -32.03 14.87
C ARG D 347 0.68 -33.36 15.20
N HIS D 348 -0.20 -33.34 16.19
CA HIS D 348 -0.87 -34.57 16.63
C HIS D 348 -2.33 -34.31 16.97
N TYR D 349 -3.11 -33.86 15.98
CA TYR D 349 -4.51 -33.53 16.20
C TYR D 349 -5.31 -34.78 16.58
N ASN D 350 -6.22 -34.63 17.53
CA ASN D 350 -7.04 -35.73 18.06
C ASN D 350 -6.22 -36.85 18.70
N GLY D 351 -4.99 -36.55 19.06
CA GLY D 351 -4.13 -37.53 19.72
C GLY D 351 -4.39 -37.57 21.21
N GLU D 352 -4.58 -38.77 21.76
CA GLU D 352 -4.85 -38.94 23.17
C GLU D 352 -3.65 -38.50 24.01
N TYR D 353 -3.81 -37.39 24.72
CA TYR D 353 -2.74 -36.82 25.52
C TYR D 353 -2.60 -37.50 26.87
N LYS D 354 -1.36 -37.88 27.21
CA LYS D 354 -1.07 -38.45 28.51
C LYS D 354 -0.33 -37.42 29.37
N THR D 355 0.99 -37.41 29.25
CA THR D 355 1.82 -36.43 29.93
C THR D 355 2.73 -35.73 28.93
N MET D 356 3.50 -34.76 29.42
CA MET D 356 4.41 -34.00 28.56
C MET D 356 5.69 -34.79 28.28
N HIS D 357 5.83 -35.92 28.96
CA HIS D 357 7.03 -36.74 28.84
C HIS D 357 6.88 -37.83 27.80
N ASP D 358 5.64 -38.20 27.51
CA ASP D 358 5.37 -39.27 26.53
C ASP D 358 5.80 -38.87 25.12
N ASP D 359 6.09 -39.87 24.30
CA ASP D 359 6.53 -39.63 22.93
C ASP D 359 5.37 -39.80 21.96
N TYR D 360 4.79 -38.68 21.54
CA TYR D 360 3.61 -38.70 20.68
C TYR D 360 3.98 -38.71 19.20
N THR D 361 5.10 -39.32 18.86
CA THR D 361 5.52 -39.38 17.47
C THR D 361 4.64 -40.31 16.63
N GLY D 362 4.26 -39.84 15.45
CA GLY D 362 3.45 -40.64 14.54
C GLY D 362 1.96 -40.68 14.88
N VAL D 363 1.60 -40.28 16.09
CA VAL D 363 0.21 -40.31 16.52
C VAL D 363 -0.49 -39.00 16.17
N GLY D 364 -1.82 -39.06 16.01
CA GLY D 364 -2.60 -37.90 15.68
C GLY D 364 -2.42 -37.44 14.25
N VAL D 365 -3.04 -36.33 13.89
CA VAL D 365 -2.95 -35.78 12.55
C VAL D 365 -1.95 -34.62 12.50
N ASP D 366 -0.93 -34.77 11.68
CA ASP D 366 0.09 -33.73 11.52
C ASP D 366 -0.40 -32.66 10.57
N GLN D 367 -1.08 -31.65 11.11
CA GLN D 367 -1.62 -30.57 10.30
C GLN D 367 -0.53 -29.73 9.62
N LEU D 368 0.54 -29.45 10.35
CA LEU D 368 1.62 -28.61 9.85
C LEU D 368 2.30 -29.20 8.62
N ALA D 369 2.64 -30.49 8.70
CA ALA D 369 3.31 -31.18 7.61
C ALA D 369 2.45 -31.20 6.35
N LYS D 370 1.19 -31.59 6.52
CA LYS D 370 0.25 -31.63 5.41
C LYS D 370 0.01 -30.23 4.86
N LEU D 371 0.11 -29.24 5.74
CA LEU D 371 -0.04 -27.83 5.35
C LEU D 371 1.08 -27.42 4.42
N ILE D 372 2.32 -27.74 4.81
CA ILE D 372 3.48 -27.44 3.98
C ILE D 372 3.40 -28.16 2.65
N GLU D 373 3.15 -29.47 2.71
CA GLU D 373 3.09 -30.31 1.52
C GLU D 373 2.02 -29.82 0.55
N THR D 374 0.89 -29.39 1.09
CA THR D 374 -0.20 -28.87 0.26
C THR D 374 0.16 -27.50 -0.29
N LEU D 375 0.87 -26.71 0.51
CA LEU D 375 1.31 -25.37 0.10
C LEU D 375 2.26 -25.42 -1.09
N LYS D 376 3.13 -26.41 -1.12
CA LYS D 376 4.09 -26.51 -2.23
C LYS D 376 3.62 -27.37 -3.39
N ASN D 377 2.73 -28.34 -3.12
CA ASN D 377 2.20 -29.20 -4.18
C ASN D 377 0.91 -28.67 -4.80
N ASN D 378 0.22 -27.80 -4.09
CA ASN D 378 -1.01 -27.20 -4.59
C ASN D 378 -1.27 -25.83 -3.97
N PRO D 379 -0.57 -24.80 -4.50
CA PRO D 379 -0.61 -23.45 -3.93
C PRO D 379 -1.98 -22.78 -4.05
N LYS D 380 -2.65 -22.99 -5.18
CA LYS D 380 -3.94 -22.35 -5.43
C LYS D 380 -5.09 -23.05 -4.74
N ASP D 381 -4.78 -23.97 -3.82
CA ASP D 381 -5.80 -24.64 -3.03
C ASP D 381 -6.42 -23.66 -2.04
N ARG D 382 -7.64 -23.94 -1.62
CA ARG D 382 -8.35 -23.07 -0.68
C ARG D 382 -8.58 -23.75 0.66
N ARG D 383 -7.81 -24.79 0.93
CA ARG D 383 -7.94 -25.56 2.17
C ARG D 383 -6.70 -25.48 3.05
N HIS D 384 -5.81 -24.54 2.75
CA HIS D 384 -4.60 -24.36 3.53
C HIS D 384 -4.94 -23.85 4.92
N ILE D 385 -5.33 -24.75 5.81
CA ILE D 385 -5.82 -24.36 7.13
C ILE D 385 -5.16 -25.11 8.28
N LEU D 386 -4.70 -24.35 9.28
CA LEU D 386 -4.14 -24.92 10.50
C LEU D 386 -4.99 -24.51 11.70
N THR D 387 -5.63 -25.48 12.33
CA THR D 387 -6.51 -25.20 13.46
C THR D 387 -5.97 -25.77 14.78
N ALA D 388 -6.45 -25.24 15.88
CA ALA D 388 -6.02 -25.68 17.20
C ALA D 388 -7.21 -25.93 18.13
N TRP D 389 -8.40 -25.62 17.64
CA TRP D 389 -9.61 -25.78 18.45
C TRP D 389 -10.15 -27.20 18.38
N ASN D 390 -9.89 -27.96 19.44
CA ASN D 390 -10.36 -29.34 19.52
C ASN D 390 -11.25 -29.53 20.76
N PRO D 391 -12.58 -29.55 20.54
CA PRO D 391 -13.59 -29.70 21.58
C PRO D 391 -13.36 -30.91 22.49
N SER D 392 -12.80 -31.97 21.93
CA SER D 392 -12.54 -33.20 22.69
C SER D 392 -11.37 -33.04 23.64
N ALA D 393 -10.50 -32.07 23.36
CA ALA D 393 -9.28 -31.90 24.16
C ALA D 393 -9.28 -30.61 24.99
N LEU D 394 -10.31 -29.79 24.81
CA LEU D 394 -10.41 -28.51 25.52
C LEU D 394 -10.33 -28.64 27.04
N SER D 395 -10.93 -29.70 27.56
CA SER D 395 -10.99 -29.91 29.00
C SER D 395 -9.61 -30.25 29.58
N GLN D 396 -8.74 -30.84 28.77
CA GLN D 396 -7.40 -31.22 29.21
C GLN D 396 -6.40 -30.07 29.10
N MET D 397 -6.68 -29.12 28.21
CA MET D 397 -5.78 -28.01 27.96
C MET D 397 -5.70 -27.06 29.16
N ALA D 398 -4.51 -26.54 29.41
CA ALA D 398 -4.32 -25.57 30.48
C ALA D 398 -4.98 -24.25 30.11
N LEU D 399 -5.06 -23.99 28.81
CA LEU D 399 -5.70 -22.79 28.30
C LEU D 399 -6.12 -23.00 26.85
N PRO D 400 -7.43 -22.93 26.58
CA PRO D 400 -8.00 -23.07 25.24
C PRO D 400 -7.38 -22.09 24.25
N PRO D 401 -7.32 -22.48 22.97
CA PRO D 401 -6.65 -21.69 21.92
C PRO D 401 -7.22 -20.29 21.77
N CYS D 402 -6.35 -19.29 21.91
CA CYS D 402 -6.76 -17.91 21.69
C CYS D 402 -6.62 -17.59 20.20
N HIS D 403 -5.41 -17.75 19.67
CA HIS D 403 -5.25 -17.71 18.22
C HIS D 403 -5.73 -19.05 17.67
N VAL D 404 -7.03 -19.11 17.39
CA VAL D 404 -7.72 -20.37 17.12
C VAL D 404 -7.36 -21.03 15.80
N LEU D 405 -7.68 -20.36 14.69
CA LEU D 405 -7.53 -20.97 13.37
C LEU D 405 -6.85 -20.04 12.37
N SER D 406 -5.96 -20.59 11.56
CA SER D 406 -5.25 -19.80 10.55
C SER D 406 -5.42 -20.39 9.15
N GLN D 407 -5.45 -19.51 8.15
CA GLN D 407 -5.54 -19.94 6.76
C GLN D 407 -4.45 -19.25 5.94
N TYR D 408 -3.86 -19.98 5.00
CA TYR D 408 -2.75 -19.44 4.22
C TYR D 408 -3.08 -19.37 2.73
N TYR D 409 -2.55 -18.33 2.07
CA TYR D 409 -2.84 -18.10 0.67
C TYR D 409 -1.55 -17.90 -0.10
N VAL D 410 -1.47 -18.45 -1.31
CA VAL D 410 -0.35 -18.18 -2.18
C VAL D 410 -0.76 -17.25 -3.33
N THR D 411 -0.10 -16.11 -3.41
CA THR D 411 -0.36 -15.11 -4.45
C THR D 411 0.19 -15.53 -5.81
N ASN D 412 -0.42 -15.04 -6.88
CA ASN D 412 0.07 -15.34 -8.22
C ASN D 412 1.57 -15.10 -8.31
N ASP D 413 2.04 -14.05 -7.67
CA ASP D 413 3.45 -13.66 -7.74
C ASP D 413 4.27 -14.37 -6.66
N ASN D 414 3.85 -15.58 -6.31
CA ASN D 414 4.56 -16.43 -5.36
C ASN D 414 4.81 -15.80 -3.99
N CYS D 415 3.80 -15.13 -3.46
CA CYS D 415 3.88 -14.58 -2.10
C CYS D 415 2.95 -15.34 -1.16
N LEU D 416 3.34 -15.40 0.12
CA LEU D 416 2.56 -16.14 1.10
C LEU D 416 1.86 -15.20 2.09
N SER D 417 0.53 -15.17 2.03
CA SER D 417 -0.26 -14.37 2.94
C SER D 417 -0.91 -15.23 4.01
N CYS D 418 -1.13 -14.65 5.18
CA CYS D 418 -1.66 -15.39 6.33
C CYS D 418 -2.83 -14.67 7.00
N ASN D 419 -3.91 -15.41 7.23
CA ASN D 419 -5.04 -14.91 7.99
C ASN D 419 -5.17 -15.68 9.30
N LEU D 420 -5.36 -14.95 10.40
CA LEU D 420 -5.49 -15.60 11.70
C LEU D 420 -6.72 -15.12 12.45
N TYR D 421 -7.52 -16.05 12.95
CA TYR D 421 -8.66 -15.69 13.78
C TYR D 421 -8.33 -15.89 15.26
N GLN D 422 -8.62 -14.87 16.06
CA GLN D 422 -8.30 -14.90 17.48
C GLN D 422 -9.54 -14.63 18.31
N ARG D 423 -9.97 -15.64 19.07
CA ARG D 423 -11.20 -15.53 19.86
C ARG D 423 -11.08 -14.49 20.98
N SER D 424 -9.91 -14.42 21.59
CA SER D 424 -9.67 -13.50 22.68
C SER D 424 -8.30 -12.83 22.53
N CYS D 425 -8.26 -11.52 22.76
CA CYS D 425 -7.04 -10.77 22.50
C CYS D 425 -6.66 -9.85 23.65
N ASP D 426 -5.51 -10.10 24.26
CA ASP D 426 -4.96 -9.19 25.25
C ASP D 426 -4.15 -8.13 24.53
N LEU D 427 -4.74 -6.95 24.34
CA LEU D 427 -4.09 -5.88 23.58
C LEU D 427 -2.82 -5.36 24.27
N GLY D 428 -2.63 -5.73 25.53
CA GLY D 428 -1.45 -5.33 26.28
C GLY D 428 -0.29 -6.29 26.13
N LEU D 429 -0.57 -7.59 26.21
CA LEU D 429 0.47 -8.61 26.20
C LEU D 429 0.37 -9.53 24.99
N GLY D 430 -0.78 -10.19 24.85
CA GLY D 430 -0.96 -11.20 23.83
C GLY D 430 -0.86 -10.73 22.39
N SER D 431 -1.46 -9.58 22.09
CA SER D 431 -1.57 -9.10 20.71
C SER D 431 -0.25 -8.95 19.95
N PRO D 432 0.72 -8.18 20.48
CA PRO D 432 1.96 -8.00 19.72
C PRO D 432 2.68 -9.32 19.50
N PHE D 433 2.65 -10.16 20.54
CA PHE D 433 3.25 -11.48 20.48
C PHE D 433 2.61 -12.32 19.38
N ASN D 434 1.29 -12.26 19.26
CA ASN D 434 0.57 -12.99 18.22
C ASN D 434 0.91 -12.49 16.82
N ILE D 435 0.90 -11.18 16.65
CA ILE D 435 1.23 -10.56 15.37
C ILE D 435 2.61 -11.00 14.90
N ALA D 436 3.61 -10.79 15.76
CA ALA D 436 4.99 -11.14 15.43
C ALA D 436 5.15 -12.65 15.21
N SER D 437 4.47 -13.45 16.04
CA SER D 437 4.56 -14.90 15.96
C SER D 437 4.06 -15.43 14.64
N TYR D 438 2.87 -15.00 14.23
CA TYR D 438 2.33 -15.47 12.96
C TYR D 438 3.00 -14.83 11.76
N ALA D 439 3.63 -13.68 11.97
CA ALA D 439 4.45 -13.08 10.92
C ALA D 439 5.67 -13.96 10.65
N ILE D 440 6.39 -14.31 11.73
CA ILE D 440 7.56 -15.16 11.63
C ILE D 440 7.19 -16.53 11.08
N LEU D 441 6.07 -17.07 11.53
CA LEU D 441 5.57 -18.36 11.06
C LEU D 441 5.28 -18.31 9.55
N THR D 442 4.68 -17.20 9.12
CA THR D 442 4.39 -17.01 7.70
C THR D 442 5.68 -16.98 6.90
N MET D 443 6.70 -16.31 7.44
CA MET D 443 8.00 -16.24 6.78
C MET D 443 8.68 -17.61 6.69
N MET D 444 8.58 -18.39 7.77
CA MET D 444 9.12 -19.74 7.81
C MET D 444 8.47 -20.61 6.75
N LEU D 445 7.13 -20.63 6.77
CA LEU D 445 6.38 -21.39 5.79
C LEU D 445 6.69 -20.93 4.37
N ALA D 446 7.01 -19.65 4.21
CA ALA D 446 7.37 -19.10 2.92
C ALA D 446 8.72 -19.64 2.44
N GLN D 447 9.70 -19.66 3.34
CA GLN D 447 11.04 -20.13 2.97
C GLN D 447 11.06 -21.64 2.73
N VAL D 448 10.33 -22.38 3.56
CA VAL D 448 10.28 -23.84 3.45
C VAL D 448 9.56 -24.27 2.17
N CYS D 449 8.51 -23.55 1.81
CA CYS D 449 7.74 -23.87 0.61
C CYS D 449 8.26 -23.12 -0.62
N GLY D 450 9.29 -22.32 -0.42
CA GLY D 450 9.93 -21.60 -1.51
C GLY D 450 9.17 -20.38 -2.00
N TYR D 451 8.54 -19.67 -1.07
CA TYR D 451 7.83 -18.44 -1.40
C TYR D 451 8.41 -17.25 -0.66
N GLU D 452 7.77 -16.09 -0.85
CA GLU D 452 8.16 -14.88 -0.13
C GLU D 452 7.00 -14.39 0.74
N PRO D 453 7.31 -13.71 1.85
CA PRO D 453 6.26 -13.21 2.74
C PRO D 453 5.35 -12.20 2.03
N GLY D 454 4.08 -12.19 2.39
CA GLY D 454 3.12 -11.30 1.78
C GLY D 454 2.44 -10.38 2.78
N GLU D 455 1.18 -10.67 3.08
CA GLU D 455 0.41 -9.86 4.01
C GLU D 455 -0.11 -10.69 5.19
N LEU D 456 -0.33 -10.02 6.32
CA LEU D 456 -0.85 -10.68 7.51
C LEU D 456 -2.11 -10.00 8.01
N ALA D 457 -3.24 -10.71 7.93
CA ALA D 457 -4.51 -10.18 8.40
C ALA D 457 -4.98 -10.92 9.65
N ILE D 458 -5.16 -10.17 10.74
CA ILE D 458 -5.62 -10.75 11.99
C ILE D 458 -7.03 -10.29 12.35
N PHE D 459 -7.95 -11.24 12.41
CA PHE D 459 -9.34 -10.99 12.75
C PHE D 459 -9.58 -11.36 14.20
N ILE D 460 -10.01 -10.38 14.99
CA ILE D 460 -10.13 -10.54 16.44
C ILE D 460 -11.58 -10.60 16.91
N GLY D 461 -11.88 -11.60 17.75
CA GLY D 461 -13.18 -11.70 18.38
C GLY D 461 -13.30 -10.76 19.57
N ASP D 462 -12.96 -11.25 20.75
CA ASP D 462 -13.04 -10.44 21.97
C ASP D 462 -11.77 -9.60 22.15
N ALA D 463 -11.78 -8.39 21.58
CA ALA D 463 -10.66 -7.48 21.74
C ALA D 463 -10.82 -6.68 23.02
N HIS D 464 -9.97 -6.95 24.00
CA HIS D 464 -10.14 -6.39 25.33
C HIS D 464 -8.85 -5.84 25.95
N ILE D 465 -9.02 -4.89 26.86
CA ILE D 465 -7.89 -4.35 27.63
C ILE D 465 -8.14 -4.54 29.13
N TYR D 466 -7.20 -5.21 29.79
CA TYR D 466 -7.30 -5.40 31.24
C TYR D 466 -7.17 -4.07 31.96
N GLU D 467 -7.91 -3.92 33.07
CA GLU D 467 -7.98 -2.65 33.77
C GLU D 467 -6.68 -2.24 34.45
N ASN D 468 -5.74 -3.18 34.55
CA ASN D 468 -4.44 -2.88 35.14
C ASN D 468 -3.39 -2.51 34.10
N HIS D 469 -3.83 -2.38 32.85
CA HIS D 469 -2.93 -2.01 31.75
C HIS D 469 -3.28 -0.63 31.21
N LEU D 470 -4.24 0.03 31.85
CA LEU D 470 -4.74 1.32 31.37
C LEU D 470 -3.68 2.40 31.24
N THR D 471 -3.06 2.77 32.37
CA THR D 471 -2.03 3.81 32.36
C THR D 471 -0.87 3.47 31.43
N GLN D 472 -0.55 2.18 31.35
CA GLN D 472 0.55 1.70 30.51
C GLN D 472 0.26 1.90 29.02
N LEU D 473 -0.93 1.46 28.59
CA LEU D 473 -1.32 1.59 27.19
C LEU D 473 -1.59 3.04 26.80
N LYS D 474 -2.09 3.81 27.75
CA LYS D 474 -2.29 5.25 27.55
C LYS D 474 -0.94 5.94 27.42
N GLU D 475 0.07 5.36 28.08
CA GLU D 475 1.45 5.84 27.93
C GLU D 475 1.99 5.46 26.54
N GLN D 476 1.67 4.24 26.10
CA GLN D 476 2.11 3.75 24.79
C GLN D 476 1.52 4.57 23.66
N LEU D 477 0.29 5.05 23.85
CA LEU D 477 -0.39 5.83 22.82
C LEU D 477 0.21 7.21 22.65
N SER D 478 1.03 7.63 23.61
CA SER D 478 1.66 8.95 23.56
C SER D 478 2.96 8.92 22.77
N ARG D 479 3.21 7.82 22.07
CA ARG D 479 4.46 7.65 21.33
C ARG D 479 4.20 7.54 19.83
N THR D 480 4.78 8.47 19.06
CA THR D 480 4.64 8.46 17.61
C THR D 480 5.45 7.31 17.02
N PRO D 481 4.78 6.43 16.26
CA PRO D 481 5.36 5.21 15.69
C PRO D 481 6.62 5.43 14.86
N ARG D 482 7.48 4.43 14.83
CA ARG D 482 8.68 4.45 14.01
C ARG D 482 8.58 3.31 13.00
N PRO D 483 9.34 3.39 11.90
CA PRO D 483 9.28 2.36 10.85
C PRO D 483 9.55 0.95 11.35
N PHE D 484 8.78 -0.01 10.86
CA PHE D 484 8.94 -1.42 11.22
C PHE D 484 10.33 -1.93 10.85
N PRO D 485 10.86 -2.86 11.65
CA PRO D 485 12.18 -3.43 11.36
C PRO D 485 12.13 -4.44 10.23
N GLN D 486 13.25 -5.07 9.94
CA GLN D 486 13.33 -6.12 8.91
C GLN D 486 13.72 -7.44 9.55
N LEU D 487 13.22 -8.54 9.01
CA LEU D 487 13.58 -9.86 9.51
C LEU D 487 14.18 -10.72 8.41
N LYS D 488 15.42 -11.15 8.59
CA LYS D 488 16.08 -11.99 7.60
C LYS D 488 16.64 -13.27 8.22
N PHE D 489 16.51 -14.38 7.49
CA PHE D 489 17.06 -15.65 7.95
C PHE D 489 18.49 -15.82 7.43
N LYS D 490 19.38 -16.27 8.31
CA LYS D 490 20.79 -16.40 7.95
C LYS D 490 21.08 -17.66 7.13
N ARG D 491 20.20 -18.64 7.21
CA ARG D 491 20.39 -19.87 6.46
C ARG D 491 19.05 -20.50 6.06
N LYS D 492 19.07 -21.28 4.98
CA LYS D 492 17.86 -21.98 4.53
C LYS D 492 17.86 -23.40 5.07
N VAL D 493 16.80 -23.75 5.79
CA VAL D 493 16.70 -25.07 6.40
C VAL D 493 15.91 -26.05 5.53
N GLU D 494 16.09 -27.33 5.78
CA GLU D 494 15.37 -28.37 5.04
C GLU D 494 14.07 -28.73 5.77
N ASN D 495 14.12 -28.70 7.09
CA ASN D 495 12.94 -28.95 7.90
C ASN D 495 12.60 -27.70 8.72
N ILE D 496 11.31 -27.39 8.80
CA ILE D 496 10.86 -26.15 9.47
C ILE D 496 11.13 -26.16 10.98
N GLU D 497 11.31 -27.35 11.55
CA GLU D 497 11.57 -27.46 12.98
C GLU D 497 13.05 -27.27 13.31
N ASP D 498 13.87 -27.05 12.28
CA ASP D 498 15.31 -26.91 12.47
C ASP D 498 15.74 -25.45 12.67
N PHE D 499 14.78 -24.55 12.70
CA PHE D 499 15.08 -23.13 12.89
C PHE D 499 15.66 -22.85 14.27
N LYS D 500 16.67 -21.99 14.31
CA LYS D 500 17.32 -21.63 15.57
C LYS D 500 17.30 -20.11 15.75
N TRP D 501 17.46 -19.65 16.98
CA TRP D 501 17.42 -18.23 17.28
C TRP D 501 18.60 -17.49 16.65
N GLU D 502 19.72 -18.20 16.49
CA GLU D 502 20.92 -17.62 15.89
C GLU D 502 20.73 -17.41 14.39
N ASP D 503 19.75 -18.09 13.82
CA ASP D 503 19.48 -17.98 12.38
C ASP D 503 18.64 -16.74 12.07
N ILE D 504 18.22 -16.04 13.10
CA ILE D 504 17.37 -14.86 12.93
C ILE D 504 18.13 -13.56 13.05
N GLU D 505 17.97 -12.69 12.04
CA GLU D 505 18.63 -11.40 12.02
C GLU D 505 17.58 -10.28 11.94
N LEU D 506 17.48 -9.50 13.01
CA LEU D 506 16.54 -8.39 13.09
C LEU D 506 17.25 -7.07 12.81
N ILE D 507 16.92 -6.43 11.69
CA ILE D 507 17.65 -5.28 11.21
C ILE D 507 16.85 -3.98 11.30
N GLY D 508 17.39 -2.99 12.02
CA GLY D 508 16.81 -1.68 12.08
C GLY D 508 15.67 -1.52 13.07
N TYR D 509 15.75 -2.23 14.19
CA TYR D 509 14.72 -2.15 15.21
C TYR D 509 15.12 -1.16 16.31
N TYR D 510 14.54 0.03 16.26
CA TYR D 510 14.81 1.06 17.26
C TYR D 510 13.52 1.49 17.95
N PRO D 511 13.02 0.65 18.87
CA PRO D 511 11.71 0.90 19.49
C PRO D 511 11.78 1.82 20.69
N TYR D 512 10.63 2.30 21.13
CA TYR D 512 10.51 3.05 22.38
C TYR D 512 10.77 2.09 23.54
N PRO D 513 11.15 2.64 24.71
CA PRO D 513 11.44 1.79 25.88
C PRO D 513 10.32 0.82 26.23
N THR D 514 10.67 -0.31 26.83
CA THR D 514 9.71 -1.35 27.18
C THR D 514 8.69 -0.85 28.22
N ILE D 515 7.50 -1.43 28.19
CA ILE D 515 6.46 -1.09 29.15
C ILE D 515 6.04 -2.32 29.93
N LYS D 516 6.34 -2.33 31.23
CA LYS D 516 6.07 -3.47 32.09
C LYS D 516 4.57 -3.61 32.36
N MET D 517 4.03 -4.78 32.03
CA MET D 517 2.62 -5.07 32.27
C MET D 517 2.43 -6.49 32.78
N ASP D 518 1.61 -6.65 33.82
CA ASP D 518 1.42 -7.94 34.48
C ASP D 518 0.35 -8.79 33.80
N MET D 519 0.59 -10.09 33.74
CA MET D 519 -0.35 -11.03 33.13
C MET D 519 -1.40 -11.49 34.13
N ALA D 520 -2.67 -11.44 33.71
CA ALA D 520 -3.76 -11.92 34.55
C ALA D 520 -3.88 -13.43 34.45
N VAL D 521 -3.55 -14.12 35.55
CA VAL D 521 -3.56 -15.58 35.57
C VAL D 521 -4.99 -16.12 35.57
N GLU E 3 -27.28 23.83 53.59
CA GLU E 3 -28.25 22.77 53.36
C GLU E 3 -28.49 22.54 51.87
N LYS E 4 -28.52 21.28 51.46
CA LYS E 4 -28.72 20.94 50.06
C LYS E 4 -29.63 19.72 49.95
N ASN E 5 -30.42 19.66 48.89
CA ASN E 5 -31.40 18.60 48.71
C ASN E 5 -30.77 17.28 48.27
N VAL E 6 -31.10 16.20 48.97
CA VAL E 6 -30.60 14.88 48.63
C VAL E 6 -31.73 13.93 48.28
N SER E 7 -31.85 13.60 47.01
CA SER E 7 -32.93 12.74 46.54
C SER E 7 -32.43 11.35 46.14
N ILE E 8 -33.31 10.35 46.29
CA ILE E 8 -32.97 9.00 45.88
C ILE E 8 -33.69 8.65 44.58
N VAL E 9 -32.95 8.14 43.61
CA VAL E 9 -33.52 7.69 42.34
C VAL E 9 -33.31 6.19 42.21
N VAL E 10 -34.40 5.45 42.02
CA VAL E 10 -34.32 4.00 42.00
C VAL E 10 -35.48 3.37 41.24
N ALA E 11 -35.18 2.34 40.45
CA ALA E 11 -36.20 1.56 39.76
C ALA E 11 -36.26 0.17 40.39
N ALA E 12 -37.35 -0.12 41.08
CA ALA E 12 -37.52 -1.41 41.74
C ALA E 12 -38.77 -2.12 41.24
N SER E 13 -38.82 -3.44 41.44
CA SER E 13 -40.01 -4.19 41.07
C SER E 13 -41.17 -3.79 41.97
N VAL E 14 -42.39 -4.02 41.52
CA VAL E 14 -43.58 -3.56 42.23
C VAL E 14 -43.75 -4.19 43.62
N LEU E 15 -43.52 -5.49 43.71
CA LEU E 15 -43.72 -6.22 44.96
C LEU E 15 -42.45 -6.35 45.80
N SER E 16 -41.54 -7.20 45.35
CA SER E 16 -40.34 -7.54 46.13
C SER E 16 -39.27 -6.45 46.07
N SER E 17 -39.54 -5.41 45.29
CA SER E 17 -38.65 -4.25 45.18
C SER E 17 -37.23 -4.62 44.74
N GLY E 18 -37.11 -5.58 43.84
CA GLY E 18 -35.83 -5.97 43.29
C GLY E 18 -35.31 -4.91 42.33
N ILE E 19 -33.99 -4.68 42.35
CA ILE E 19 -33.41 -3.63 41.51
C ILE E 19 -32.31 -4.16 40.59
N GLY E 20 -31.75 -5.32 40.92
CA GLY E 20 -30.65 -5.87 40.13
C GLY E 20 -30.51 -7.39 40.18
N ILE E 21 -29.82 -7.94 39.19
CA ILE E 21 -29.51 -9.37 39.14
C ILE E 21 -28.17 -9.64 38.44
N ASN E 22 -27.29 -10.35 39.13
CA ASN E 22 -25.98 -10.71 38.59
C ASN E 22 -25.14 -9.53 38.09
N GLY E 23 -25.21 -8.43 38.82
CA GLY E 23 -24.40 -7.25 38.48
C GLY E 23 -24.98 -6.42 37.36
N GLN E 24 -26.26 -6.60 37.09
CA GLN E 24 -26.94 -5.83 36.06
C GLN E 24 -28.44 -5.73 36.32
N LEU E 25 -29.13 -4.91 35.52
CA LEU E 25 -30.56 -4.71 35.67
C LEU E 25 -31.37 -5.89 35.13
N PRO E 26 -32.46 -6.26 35.82
CA PRO E 26 -33.36 -7.32 35.40
C PRO E 26 -34.36 -6.87 34.34
N TRP E 27 -34.13 -5.71 33.74
CA TRP E 27 -34.99 -5.19 32.68
C TRP E 27 -34.24 -4.19 31.81
N SER E 28 -34.82 -3.87 30.66
CA SER E 28 -34.26 -2.87 29.77
C SER E 28 -35.33 -1.88 29.33
N ILE E 29 -35.41 -0.76 30.03
CA ILE E 29 -36.41 0.26 29.73
C ILE E 29 -35.74 1.60 29.42
N SER E 30 -35.72 1.97 28.15
CA SER E 30 -35.06 3.20 27.71
C SER E 30 -35.70 4.44 28.34
N GLU E 31 -37.02 4.39 28.51
CA GLU E 31 -37.75 5.50 29.11
C GLU E 31 -37.33 5.73 30.56
N ASP E 32 -36.98 4.64 31.24
CA ASP E 32 -36.56 4.71 32.63
C ASP E 32 -35.18 5.32 32.77
N LEU E 33 -34.25 4.88 31.94
CA LEU E 33 -32.89 5.42 31.93
C LEU E 33 -32.93 6.89 31.54
N LYS E 34 -33.77 7.21 30.57
CA LYS E 34 -33.94 8.58 30.13
C LYS E 34 -34.51 9.42 31.28
N PHE E 35 -35.46 8.84 32.01
CA PHE E 35 -36.04 9.51 33.18
C PHE E 35 -34.96 9.80 34.21
N PHE E 36 -34.07 8.83 34.42
CA PHE E 36 -32.93 9.01 35.31
C PHE E 36 -32.07 10.17 34.84
N SER E 37 -31.77 10.20 33.55
CA SER E 37 -30.93 11.24 32.97
C SER E 37 -31.52 12.63 33.16
N LYS E 38 -32.81 12.77 32.87
CA LYS E 38 -33.49 14.05 32.97
C LYS E 38 -33.66 14.51 34.42
N ILE E 39 -33.97 13.55 35.30
CA ILE E 39 -34.20 13.87 36.71
C ILE E 39 -32.89 14.15 37.44
N THR E 40 -31.77 13.70 36.87
CA THR E 40 -30.46 13.98 37.45
C THR E 40 -29.79 15.18 36.81
N ASN E 41 -30.23 15.53 35.61
CA ASN E 41 -29.70 16.72 34.92
C ASN E 41 -30.49 17.99 35.23
N ASN E 42 -31.57 17.84 35.98
CA ASN E 42 -32.42 18.98 36.32
C ASN E 42 -31.75 19.93 37.31
N LYS E 43 -31.55 21.17 36.89
CA LYS E 43 -30.88 22.16 37.72
C LYS E 43 -31.28 23.59 37.33
N CYS E 44 -30.99 24.54 38.22
CA CYS E 44 -31.29 25.94 37.98
C CYS E 44 -30.05 26.70 37.53
N ASP E 45 -28.98 26.60 38.31
CA ASP E 45 -27.74 27.30 38.01
C ASP E 45 -26.94 26.57 36.94
N SER E 46 -26.57 27.30 35.88
CA SER E 46 -25.79 26.72 34.80
C SER E 46 -24.34 26.54 35.23
N ASN E 47 -23.91 27.33 36.21
CA ASN E 47 -22.54 27.26 36.72
C ASN E 47 -22.36 26.13 37.73
N LYS E 48 -23.45 25.44 38.04
CA LYS E 48 -23.41 24.34 39.00
C LYS E 48 -23.70 23.00 38.35
N LYS E 49 -23.34 21.93 39.04
CA LYS E 49 -23.60 20.57 38.57
C LYS E 49 -24.28 19.75 39.67
N ASN E 50 -24.75 18.57 39.31
CA ASN E 50 -25.35 17.66 40.28
C ASN E 50 -24.41 16.50 40.60
N ALA E 51 -24.32 16.15 41.88
CA ALA E 51 -23.45 15.06 42.31
C ALA E 51 -24.24 13.75 42.39
N LEU E 52 -23.66 12.70 41.80
CA LEU E 52 -24.29 11.40 41.86
C LEU E 52 -23.46 10.50 42.76
N ILE E 53 -24.10 10.01 43.82
CA ILE E 53 -23.48 9.04 44.69
C ILE E 53 -23.94 7.63 44.36
N MET E 54 -22.98 6.72 44.19
CA MET E 54 -23.29 5.34 43.86
C MET E 54 -22.25 4.38 44.44
N GLY E 55 -22.64 3.12 44.61
CA GLY E 55 -21.73 2.12 45.13
C GLY E 55 -20.65 1.74 44.12
N ARG E 56 -19.67 0.98 44.56
CA ARG E 56 -18.57 0.56 43.70
C ARG E 56 -19.06 -0.39 42.62
N LYS E 57 -19.94 -1.31 43.01
CA LYS E 57 -20.47 -2.30 42.09
C LYS E 57 -21.38 -1.65 41.05
N THR E 58 -22.09 -0.61 41.45
CA THR E 58 -22.90 0.15 40.51
C THR E 58 -22.00 0.91 39.55
N TRP E 59 -20.89 1.42 40.07
CA TRP E 59 -19.90 2.11 39.26
C TRP E 59 -19.28 1.15 38.24
N ASP E 60 -19.22 -0.13 38.60
CA ASP E 60 -18.76 -1.15 37.68
C ASP E 60 -19.85 -1.47 36.67
N SER E 61 -21.10 -1.36 37.11
CA SER E 61 -22.26 -1.68 36.26
C SER E 61 -22.36 -0.76 35.05
N ILE E 62 -22.02 0.51 35.24
CA ILE E 62 -22.08 1.49 34.16
C ILE E 62 -20.86 1.44 33.26
N GLY E 63 -19.97 0.48 33.52
CA GLY E 63 -18.78 0.31 32.71
C GLY E 63 -17.67 1.26 33.13
N ARG E 64 -17.80 1.81 34.32
CA ARG E 64 -16.82 2.74 34.87
C ARG E 64 -16.54 3.92 33.94
N ARG E 65 -17.61 4.47 33.36
CA ARG E 65 -17.50 5.64 32.50
C ARG E 65 -18.41 6.75 33.02
N PRO E 66 -17.87 7.98 33.10
CA PRO E 66 -18.58 9.11 33.71
C PRO E 66 -19.82 9.53 32.95
N LEU E 67 -20.77 10.15 33.65
CA LEU E 67 -21.98 10.68 33.03
C LEU E 67 -21.81 12.16 32.78
N LYS E 68 -22.17 12.61 31.58
CA LYS E 68 -21.95 13.99 31.17
C LYS E 68 -22.77 14.98 32.01
N ASN E 69 -22.19 16.16 32.23
CA ASN E 69 -22.84 17.24 32.97
C ASN E 69 -23.19 16.89 34.40
N ARG E 70 -22.55 15.85 34.93
CA ARG E 70 -22.78 15.40 36.29
C ARG E 70 -21.47 14.91 36.91
N ILE E 71 -21.40 14.92 38.24
CA ILE E 71 -20.21 14.45 38.95
C ILE E 71 -20.52 13.17 39.70
N ILE E 72 -19.96 12.06 39.23
CA ILE E 72 -20.20 10.77 39.85
C ILE E 72 -19.33 10.55 41.09
N VAL E 73 -19.99 10.27 42.21
CA VAL E 73 -19.29 10.00 43.46
C VAL E 73 -19.35 8.51 43.76
N VAL E 74 -18.18 7.85 43.70
CA VAL E 74 -18.12 6.42 43.93
C VAL E 74 -17.75 6.10 45.37
N ILE E 75 -18.55 5.24 46.01
CA ILE E 75 -18.27 4.81 47.37
C ILE E 75 -17.52 3.49 47.34
N SER E 76 -16.26 3.51 47.76
CA SER E 76 -15.43 2.31 47.77
C SER E 76 -14.30 2.41 48.79
N SER E 77 -13.93 1.28 49.35
CA SER E 77 -12.84 1.22 50.33
C SER E 77 -11.54 0.80 49.65
N SER E 78 -11.63 0.43 48.38
CA SER E 78 -10.48 -0.05 47.63
C SER E 78 -10.06 0.89 46.51
N LEU E 79 -11.05 1.50 45.86
CA LEU E 79 -10.78 2.39 44.73
C LEU E 79 -9.96 3.62 45.13
N PRO E 80 -8.85 3.88 44.43
CA PRO E 80 -7.96 5.03 44.71
C PRO E 80 -8.53 6.41 44.34
N GLN E 81 -8.02 7.52 44.92
CA GLN E 81 -8.68 8.80 44.73
C GLN E 81 -8.16 9.44 43.45
N ASP E 82 -8.79 9.06 42.35
CA ASP E 82 -8.25 9.30 41.05
C ASP E 82 -8.53 10.75 40.79
N GLU E 83 -7.46 11.50 40.90
CA GLU E 83 -7.45 12.95 40.71
C GLU E 83 -7.36 13.30 39.23
N ALA E 84 -7.26 12.29 38.39
CA ALA E 84 -7.19 12.48 36.94
C ALA E 84 -8.52 12.99 36.40
N ASP E 85 -9.55 12.15 36.49
CA ASP E 85 -10.88 12.51 36.02
C ASP E 85 -11.54 13.47 37.01
N PRO E 86 -11.84 14.70 36.55
CA PRO E 86 -12.46 15.72 37.40
C PRO E 86 -13.97 15.53 37.52
N ASN E 87 -14.51 14.53 36.80
CA ASN E 87 -15.94 14.25 36.82
C ASN E 87 -16.29 13.07 37.71
N VAL E 88 -15.27 12.37 38.19
CA VAL E 88 -15.47 11.22 39.07
C VAL E 88 -14.61 11.38 40.33
N VAL E 89 -15.21 11.12 41.49
CA VAL E 89 -14.49 11.23 42.76
C VAL E 89 -14.85 10.06 43.67
N VAL E 90 -13.88 9.61 44.47
CA VAL E 90 -14.09 8.46 45.34
C VAL E 90 -13.97 8.83 46.82
N PHE E 91 -14.93 8.38 47.61
CA PHE E 91 -14.90 8.58 49.06
C PHE E 91 -14.90 7.23 49.78
N ARG E 92 -14.27 7.21 50.96
CA ARG E 92 -14.20 6.02 51.81
C ARG E 92 -15.53 5.55 52.38
N ASN E 93 -16.35 6.50 52.84
CA ASN E 93 -17.63 6.19 53.45
C ASN E 93 -18.72 7.16 52.99
N LEU E 94 -19.98 6.77 53.20
CA LEU E 94 -21.11 7.57 52.74
C LEU E 94 -21.23 8.90 53.49
N GLU E 95 -20.99 8.88 54.80
CA GLU E 95 -21.11 10.09 55.61
C GLU E 95 -20.09 11.14 55.17
N ASP E 96 -18.84 10.72 55.02
CA ASP E 96 -17.78 11.61 54.56
C ASP E 96 -18.05 12.05 53.12
N SER E 97 -18.74 11.20 52.37
CA SER E 97 -19.06 11.49 50.98
C SER E 97 -19.99 12.70 50.88
N ILE E 98 -20.82 12.89 51.89
CA ILE E 98 -21.72 14.05 51.90
C ILE E 98 -21.00 15.28 52.47
N GLU E 99 -19.92 15.65 51.81
CA GLU E 99 -19.22 16.90 52.09
C GLU E 99 -19.66 17.97 51.10
N ASN E 100 -20.49 17.57 50.14
CA ASN E 100 -21.05 18.47 49.15
C ASN E 100 -21.89 19.57 49.79
N LEU E 101 -22.39 19.29 51.00
CA LEU E 101 -23.14 20.27 51.77
C LEU E 101 -22.20 21.38 52.26
N MET E 102 -21.22 20.98 53.06
CA MET E 102 -20.33 21.93 53.74
C MET E 102 -19.41 22.66 52.77
N ASN E 103 -18.97 21.97 51.73
CA ASN E 103 -18.08 22.57 50.75
C ASN E 103 -18.51 22.32 49.31
N ASP E 104 -17.73 22.83 48.36
CA ASP E 104 -18.06 22.72 46.94
C ASP E 104 -19.44 23.30 46.61
N ASP E 105 -19.51 24.62 46.47
CA ASP E 105 -20.77 25.28 46.17
C ASP E 105 -21.10 25.16 44.69
N SER E 106 -20.30 24.39 43.98
CA SER E 106 -20.52 24.13 42.56
C SER E 106 -21.54 23.01 42.38
N ILE E 107 -21.97 22.42 43.49
CA ILE E 107 -22.99 21.39 43.46
C ILE E 107 -24.34 21.98 43.88
N GLU E 108 -25.36 21.75 43.07
CA GLU E 108 -26.69 22.29 43.35
C GLU E 108 -27.60 21.26 44.00
N ASN E 109 -27.53 20.02 43.53
CA ASN E 109 -28.34 18.94 44.07
C ASN E 109 -27.54 17.66 44.24
N ILE E 110 -27.96 16.81 45.18
CA ILE E 110 -27.29 15.55 45.44
C ILE E 110 -28.24 14.38 45.22
N PHE E 111 -27.81 13.37 44.47
CA PHE E 111 -28.64 12.21 44.18
C PHE E 111 -27.96 10.91 44.58
N VAL E 112 -28.69 10.17 45.41
CA VAL E 112 -28.25 8.91 45.93
C VAL E 112 -28.83 7.99 44.89
N CYS E 113 -27.87 7.49 44.20
CA CYS E 113 -28.07 6.88 42.90
C CYS E 113 -28.00 5.41 42.75
N GLY E 114 -27.56 4.69 43.84
CA GLY E 114 -27.48 3.28 43.59
C GLY E 114 -26.98 2.51 44.76
N GLY E 115 -27.27 1.14 44.52
CA GLY E 115 -26.50 0.34 45.45
C GLY E 115 -27.29 0.04 46.72
N GLU E 116 -27.77 -1.20 46.87
CA GLU E 116 -28.53 -1.57 48.04
C GLU E 116 -27.75 -1.28 49.31
N SER E 117 -26.46 -1.57 49.28
CA SER E 117 -25.58 -1.28 50.40
C SER E 117 -25.53 0.23 50.65
N ILE E 118 -25.73 1.00 49.58
CA ILE E 118 -25.75 2.46 49.70
C ILE E 118 -27.13 2.97 50.10
N TYR E 119 -28.17 2.47 49.44
CA TYR E 119 -29.54 2.85 49.75
C TYR E 119 -29.88 2.61 51.21
N ARG E 120 -29.57 1.42 51.68
CA ARG E 120 -29.95 0.99 53.03
C ARG E 120 -29.36 1.86 54.14
N ASP E 121 -28.08 2.20 54.02
CA ASP E 121 -27.45 3.05 55.04
C ASP E 121 -27.57 4.55 54.71
N ALA E 122 -28.15 4.88 53.56
CA ALA E 122 -28.51 6.25 53.26
C ALA E 122 -29.86 6.54 53.87
N LEU E 123 -30.66 5.48 54.03
CA LEU E 123 -31.95 5.57 54.69
C LEU E 123 -31.80 5.42 56.20
N LYS E 124 -30.91 4.51 56.61
CA LYS E 124 -30.71 4.22 58.02
C LYS E 124 -30.15 5.40 58.80
N ASP E 125 -29.26 6.17 58.15
CA ASP E 125 -28.63 7.31 58.79
C ASP E 125 -29.40 8.60 58.49
N ASN E 126 -30.50 8.46 57.77
CA ASN E 126 -31.39 9.59 57.46
C ASN E 126 -30.68 10.76 56.75
N PHE E 127 -30.35 10.56 55.49
CA PHE E 127 -29.68 11.59 54.69
C PHE E 127 -30.54 11.98 53.49
N VAL E 128 -31.59 11.21 53.26
CA VAL E 128 -32.42 11.36 52.07
C VAL E 128 -33.65 12.23 52.32
N ASP E 129 -33.87 13.20 51.43
CA ASP E 129 -35.02 14.09 51.52
C ASP E 129 -36.15 13.62 50.63
N ARG E 130 -35.80 13.20 49.41
CA ARG E 130 -36.80 12.81 48.42
C ARG E 130 -36.47 11.45 47.81
N ILE E 131 -37.49 10.74 47.35
CA ILE E 131 -37.28 9.43 46.72
C ILE E 131 -38.03 9.34 45.39
N TYR E 132 -37.28 9.10 44.32
CA TYR E 132 -37.90 8.90 43.00
C TYR E 132 -37.96 7.43 42.67
N LEU E 133 -39.09 6.80 42.98
CA LEU E 133 -39.25 5.36 42.81
C LEU E 133 -39.92 5.01 41.48
N THR E 134 -39.26 4.17 40.69
CA THR E 134 -39.84 3.69 39.44
C THR E 134 -40.27 2.24 39.60
N ARG E 135 -41.54 2.04 39.96
CA ARG E 135 -42.06 0.70 40.17
C ARG E 135 -42.19 -0.05 38.84
N VAL E 136 -41.67 -1.27 38.79
CA VAL E 136 -41.71 -2.08 37.57
C VAL E 136 -42.53 -3.35 37.79
N ALA E 137 -43.34 -3.71 36.80
CA ALA E 137 -44.30 -4.80 36.96
C ALA E 137 -43.81 -6.16 36.46
N LEU E 138 -42.79 -6.70 37.13
CA LEU E 138 -42.34 -8.07 36.91
C LEU E 138 -42.23 -8.81 38.24
N GLU E 139 -42.91 -9.95 38.35
CA GLU E 139 -42.95 -10.68 39.62
C GLU E 139 -42.44 -12.13 39.63
N ASP E 140 -41.76 -12.58 38.58
CA ASP E 140 -41.52 -14.03 38.48
C ASP E 140 -40.06 -14.34 38.72
N ILE E 141 -39.25 -13.41 38.25
CA ILE E 141 -37.86 -13.54 37.84
C ILE E 141 -36.95 -13.61 39.07
N GLU E 142 -35.64 -13.62 38.83
CA GLU E 142 -34.68 -13.75 39.92
C GLU E 142 -33.99 -12.43 40.25
N PHE E 143 -33.89 -12.13 41.54
CA PHE E 143 -33.18 -10.95 42.01
C PHE E 143 -32.11 -11.35 43.01
N ASP E 144 -31.09 -10.49 43.15
CA ASP E 144 -30.06 -10.68 44.16
C ASP E 144 -29.78 -9.38 44.89
N THR E 145 -30.35 -8.29 44.39
CA THR E 145 -30.19 -6.97 44.98
C THR E 145 -31.55 -6.28 45.06
N TYR E 146 -31.95 -5.92 46.28
CA TYR E 146 -33.28 -5.34 46.50
C TYR E 146 -33.20 -3.90 46.98
N PHE E 147 -34.34 -3.20 46.91
CA PHE E 147 -34.44 -1.85 47.45
C PHE E 147 -35.11 -1.91 48.82
N PRO E 148 -34.44 -1.35 49.84
CA PRO E 148 -34.92 -1.39 51.22
C PRO E 148 -36.30 -0.77 51.39
N GLU E 149 -37.09 -1.30 52.31
CA GLU E 149 -38.44 -0.82 52.56
C GLU E 149 -38.44 0.63 53.03
N ILE E 150 -39.25 1.46 52.38
CA ILE E 150 -39.32 2.88 52.71
C ILE E 150 -39.89 3.10 54.11
N PRO E 151 -39.14 3.80 54.96
CA PRO E 151 -39.54 4.10 56.33
C PRO E 151 -40.81 4.97 56.38
N GLU E 152 -41.46 4.99 57.54
CA GLU E 152 -42.73 5.70 57.69
C GLU E 152 -42.56 7.22 57.67
N THR E 153 -41.31 7.69 57.69
CA THR E 153 -41.02 9.11 57.67
C THR E 153 -41.28 9.71 56.29
N PHE E 154 -41.42 8.84 55.28
CA PHE E 154 -41.70 9.27 53.92
C PHE E 154 -43.16 9.06 53.57
N LEU E 155 -43.69 9.95 52.72
CA LEU E 155 -45.07 9.83 52.25
C LEU E 155 -45.14 10.09 50.75
N PRO E 156 -45.90 9.25 50.02
CA PRO E 156 -46.08 9.43 48.58
C PRO E 156 -46.86 10.72 48.29
N VAL E 157 -46.41 11.48 47.30
CA VAL E 157 -47.07 12.72 46.92
C VAL E 157 -47.43 12.70 45.44
N TYR E 158 -46.99 11.66 44.75
CA TYR E 158 -47.23 11.54 43.31
C TYR E 158 -47.19 10.09 42.84
N MET E 159 -48.07 9.75 41.91
CA MET E 159 -48.09 8.43 41.29
C MET E 159 -48.57 8.55 39.85
N SER E 160 -47.63 8.48 38.91
CA SER E 160 -47.92 8.68 37.50
C SER E 160 -48.82 7.58 36.94
N GLN E 161 -49.32 7.80 35.73
CA GLN E 161 -50.11 6.80 35.04
C GLN E 161 -49.21 5.62 34.68
N THR E 162 -49.82 4.47 34.42
CA THR E 162 -49.05 3.31 34.01
C THR E 162 -48.49 3.56 32.63
N PHE E 163 -47.21 3.25 32.45
CA PHE E 163 -46.59 3.28 31.13
C PHE E 163 -46.20 1.88 30.70
N CYS E 164 -46.00 1.69 29.39
CA CYS E 164 -45.69 0.38 28.85
C CYS E 164 -44.50 0.42 27.90
N THR E 165 -43.54 -0.47 28.13
CA THR E 165 -42.38 -0.63 27.26
C THR E 165 -42.03 -2.11 27.18
N LYS E 166 -42.08 -2.66 25.96
CA LYS E 166 -41.87 -4.09 25.74
C LYS E 166 -42.84 -4.93 26.57
N ASN E 167 -44.10 -4.50 26.58
CA ASN E 167 -45.15 -5.17 27.35
C ASN E 167 -44.91 -5.18 28.85
N ILE E 168 -44.11 -4.23 29.33
CA ILE E 168 -43.84 -4.11 30.76
C ILE E 168 -44.47 -2.84 31.33
N SER E 169 -45.28 -3.00 32.37
CA SER E 169 -45.95 -1.87 33.01
C SER E 169 -45.04 -1.23 34.05
N TYR E 170 -45.08 0.10 34.15
CA TYR E 170 -44.29 0.80 35.15
C TYR E 170 -44.84 2.17 35.55
N ASP E 171 -44.52 2.61 36.77
CA ASP E 171 -45.03 3.86 37.31
C ASP E 171 -43.93 4.71 37.95
N PHE E 172 -44.15 6.03 37.99
CA PHE E 172 -43.19 6.97 38.53
C PHE E 172 -43.76 7.64 39.77
N MET E 173 -43.15 7.41 40.92
CA MET E 173 -43.63 7.97 42.17
C MET E 173 -42.60 8.81 42.90
N ILE E 174 -43.08 9.77 43.68
CA ILE E 174 -42.23 10.63 44.48
C ILE E 174 -42.62 10.53 45.95
N PHE E 175 -41.64 10.24 46.79
CA PHE E 175 -41.86 10.17 48.23
C PHE E 175 -41.12 11.32 48.92
N GLU E 176 -41.84 12.05 49.75
CA GLU E 176 -41.26 13.21 50.44
C GLU E 176 -41.18 12.95 51.94
N LYS E 177 -40.11 13.43 52.56
CA LYS E 177 -39.92 13.24 54.00
C LYS E 177 -40.58 14.38 54.78
N GLN E 178 -41.83 14.16 55.17
CA GLN E 178 -42.57 15.17 55.94
C GLN E 178 -43.02 14.61 57.28
N LEU E 193 -54.01 30.42 48.55
CA LEU E 193 -54.14 31.43 49.59
C LEU E 193 -55.38 31.21 50.46
N LYS E 194 -55.26 31.56 51.73
CA LYS E 194 -56.29 31.30 52.73
C LYS E 194 -57.63 32.02 52.47
N SER E 195 -57.55 33.16 51.79
CA SER E 195 -58.73 34.00 51.56
C SER E 195 -59.89 33.29 50.84
N ILE E 196 -59.58 32.64 49.71
CA ILE E 196 -60.59 31.94 48.93
C ILE E 196 -61.21 30.81 49.74
N ASP E 197 -60.37 30.03 50.42
CA ASP E 197 -60.83 28.93 51.25
C ASP E 197 -61.78 29.41 52.34
N ASP E 198 -61.38 30.50 53.01
CA ASP E 198 -62.20 31.09 54.06
C ASP E 198 -63.55 31.56 53.51
N THR E 199 -63.51 32.24 52.37
CA THR E 199 -64.73 32.74 51.73
C THR E 199 -65.68 31.61 51.38
N VAL E 200 -65.16 30.56 50.75
CA VAL E 200 -65.95 29.40 50.36
C VAL E 200 -66.54 28.70 51.59
N ASP E 201 -65.75 28.60 52.66
CA ASP E 201 -66.23 28.00 53.90
C ASP E 201 -67.37 28.82 54.51
N LEU E 202 -67.21 30.14 54.51
CA LEU E 202 -68.23 31.04 55.04
C LEU E 202 -69.53 30.94 54.24
N LEU E 203 -69.41 30.92 52.91
CA LEU E 203 -70.57 30.74 52.05
C LEU E 203 -71.21 29.38 52.29
N GLY E 204 -70.39 28.40 52.64
CA GLY E 204 -70.87 27.06 52.97
C GLY E 204 -71.57 27.04 54.31
N GLU E 205 -71.28 28.03 55.15
CA GLU E 205 -71.95 28.15 56.44
C GLU E 205 -73.27 28.88 56.31
N ILE E 206 -73.27 29.96 55.53
CA ILE E 206 -74.49 30.73 55.26
C ILE E 206 -75.51 29.89 54.51
N PHE E 207 -75.21 29.59 53.26
CA PHE E 207 -76.04 28.69 52.47
C PHE E 207 -75.72 27.27 52.88
N GLY E 208 -76.75 26.43 52.99
CA GLY E 208 -76.54 25.04 53.38
C GLY E 208 -76.45 24.13 52.18
N ILE E 209 -77.50 23.34 51.96
CA ILE E 209 -77.58 22.45 50.82
C ILE E 209 -77.85 23.29 49.56
N ARG E 210 -78.20 24.55 49.76
CA ARG E 210 -78.42 25.49 48.66
C ARG E 210 -77.15 25.62 47.82
N LYS E 211 -76.01 25.74 48.50
CA LYS E 211 -74.73 25.80 47.82
C LYS E 211 -74.34 24.42 47.30
N MET E 212 -74.24 24.30 45.98
CA MET E 212 -73.95 23.02 45.33
C MET E 212 -72.60 22.43 45.77
N GLY E 213 -71.68 23.31 46.15
CA GLY E 213 -70.37 22.88 46.63
C GLY E 213 -70.47 22.03 47.89
N ASN E 214 -71.49 22.28 48.69
CA ASN E 214 -71.73 21.52 49.91
C ASN E 214 -72.42 20.19 49.63
N ARG E 215 -72.98 20.06 48.43
CA ARG E 215 -73.62 18.81 48.02
C ARG E 215 -72.56 17.86 47.48
N HIS E 216 -71.43 18.42 47.05
CA HIS E 216 -70.31 17.63 46.56
C HIS E 216 -69.09 17.89 47.43
N LYS E 217 -69.18 17.50 48.71
CA LYS E 217 -68.09 17.72 49.65
C LYS E 217 -66.88 16.85 49.32
N PHE E 218 -65.69 17.41 49.52
CA PHE E 218 -64.45 16.67 49.32
C PHE E 218 -64.34 15.58 50.37
N PRO E 219 -64.00 14.35 49.95
CA PRO E 219 -63.92 13.19 50.85
C PRO E 219 -62.97 13.42 52.01
N LYS E 220 -63.36 12.93 53.19
CA LYS E 220 -62.52 13.04 54.38
C LYS E 220 -61.29 12.14 54.26
N GLU E 221 -60.26 12.45 55.04
CA GLU E 221 -59.01 11.69 55.00
C GLU E 221 -59.21 10.22 55.37
N GLU E 222 -60.16 9.96 56.26
CA GLU E 222 -60.41 8.61 56.74
C GLU E 222 -60.92 7.68 55.64
N ILE E 223 -61.51 8.26 54.59
CA ILE E 223 -62.02 7.47 53.48
C ILE E 223 -61.40 7.88 52.15
N TYR E 224 -60.28 8.59 52.23
CA TYR E 224 -59.56 9.02 51.03
C TYR E 224 -58.35 8.12 50.79
N ASN E 225 -58.36 7.40 49.66
CA ASN E 225 -57.28 6.47 49.34
C ASN E 225 -55.94 7.16 49.16
N THR E 226 -54.98 6.79 50.00
CA THR E 226 -53.65 7.40 50.01
C THR E 226 -53.76 8.92 50.10
N PRO E 227 -54.10 9.44 51.29
CA PRO E 227 -54.38 10.86 51.50
C PRO E 227 -53.17 11.75 51.24
N SER E 228 -51.97 11.21 51.43
CA SER E 228 -50.75 11.98 51.27
C SER E 228 -50.56 12.48 49.83
N ILE E 229 -51.02 11.68 48.87
CA ILE E 229 -50.99 12.08 47.47
C ILE E 229 -52.13 13.04 47.19
N ARG E 230 -51.81 14.33 47.12
CA ARG E 230 -52.83 15.37 46.97
C ARG E 230 -52.90 15.90 45.54
N PHE E 231 -51.76 16.36 45.03
CA PHE E 231 -51.72 16.99 43.72
C PHE E 231 -51.17 16.07 42.63
N GLY E 232 -50.64 14.92 43.04
CA GLY E 232 -50.03 14.00 42.11
C GLY E 232 -50.79 12.69 41.92
N ARG E 233 -52.11 12.76 41.98
CA ARG E 233 -52.95 11.58 41.82
C ARG E 233 -53.18 11.29 40.33
N GLU E 234 -52.10 11.00 39.62
CA GLU E 234 -52.16 10.85 38.17
C GLU E 234 -52.63 9.46 37.74
N HIS E 235 -52.38 8.45 38.57
CA HIS E 235 -52.79 7.08 38.28
C HIS E 235 -54.30 7.03 38.07
N TYR E 236 -54.74 6.30 37.06
CA TYR E 236 -56.14 6.33 36.65
C TYR E 236 -57.03 5.38 37.44
N GLU E 237 -56.46 4.64 38.38
CA GLU E 237 -57.25 3.84 39.30
C GLU E 237 -57.84 4.78 40.34
N PHE E 238 -57.22 5.95 40.47
CA PHE E 238 -57.72 6.99 41.35
C PHE E 238 -59.02 7.56 40.82
N GLN E 239 -59.25 7.42 39.51
CA GLN E 239 -60.51 7.85 38.90
C GLN E 239 -61.68 7.05 39.47
N TYR E 240 -61.39 5.83 39.89
CA TYR E 240 -62.38 4.95 40.48
C TYR E 240 -62.38 5.05 42.00
N LEU E 241 -61.20 5.07 42.59
CA LEU E 241 -61.06 5.11 44.04
C LEU E 241 -61.58 6.41 44.64
N ASP E 242 -61.28 7.52 43.98
CA ASP E 242 -61.77 8.82 44.44
C ASP E 242 -63.28 8.91 44.28
N LEU E 243 -63.80 8.21 43.27
CA LEU E 243 -65.25 8.10 43.10
C LEU E 243 -65.84 7.34 44.27
N LEU E 244 -65.17 6.25 44.65
CA LEU E 244 -65.56 5.44 45.79
C LEU E 244 -65.61 6.30 47.05
N SER E 245 -64.60 7.16 47.20
CA SER E 245 -64.54 8.07 48.33
C SER E 245 -65.66 9.10 48.29
N ARG E 246 -65.98 9.56 47.08
CA ARG E 246 -67.02 10.58 46.89
C ARG E 246 -68.42 10.05 47.22
N VAL E 247 -68.71 8.84 46.77
CA VAL E 247 -69.95 8.15 47.12
C VAL E 247 -69.97 7.87 48.61
N LEU E 248 -68.82 7.45 49.15
CA LEU E 248 -68.70 7.12 50.56
C LEU E 248 -68.88 8.37 51.45
N GLU E 249 -68.70 9.54 50.86
CA GLU E 249 -68.82 10.80 51.60
C GLU E 249 -70.18 11.46 51.45
N ASN E 250 -70.62 11.63 50.20
CA ASN E 250 -71.85 12.37 49.91
C ASN E 250 -73.04 11.48 49.58
N GLY E 251 -72.85 10.18 49.76
CA GLY E 251 -73.87 9.20 49.40
C GLY E 251 -75.15 9.30 50.20
N ALA E 252 -76.25 9.61 49.53
CA ALA E 252 -77.56 9.67 50.17
C ALA E 252 -78.08 8.24 50.39
N TYR E 253 -78.31 7.90 51.65
CA TYR E 253 -78.82 6.58 52.00
C TYR E 253 -80.26 6.40 51.50
N ARG E 254 -80.42 5.59 50.46
CA ARG E 254 -81.72 5.37 49.87
C ARG E 254 -81.99 3.90 49.55
N GLU E 255 -83.27 3.55 49.42
CA GLU E 255 -83.68 2.18 49.15
C GLU E 255 -83.73 1.90 47.65
N ASN E 256 -84.03 0.65 47.30
CA ASN E 256 -84.13 0.24 45.91
C ASN E 256 -84.98 -1.01 45.74
N ARG E 257 -84.93 -1.61 44.55
CA ARG E 257 -85.71 -2.80 44.25
C ARG E 257 -85.33 -4.00 45.11
N THR E 258 -84.06 -4.04 45.54
CA THR E 258 -83.58 -5.11 46.41
C THR E 258 -83.76 -4.72 47.87
N GLY E 259 -83.66 -5.70 48.75
CA GLY E 259 -83.81 -5.45 50.17
C GLY E 259 -82.63 -4.69 50.77
N ILE E 260 -81.54 -4.62 50.02
CA ILE E 260 -80.34 -3.94 50.47
C ILE E 260 -80.31 -2.49 49.98
N SER E 261 -80.34 -1.55 50.92
CA SER E 261 -80.31 -0.13 50.60
C SER E 261 -78.89 0.32 50.22
N THR E 262 -78.79 1.40 49.46
CA THR E 262 -77.51 1.89 48.98
C THR E 262 -77.28 3.35 49.34
N TYR E 263 -76.00 3.73 49.43
CA TYR E 263 -75.63 5.14 49.52
C TYR E 263 -75.36 5.62 48.10
N SER E 264 -76.14 6.61 47.65
CA SER E 264 -76.11 6.97 46.24
C SER E 264 -75.83 8.44 45.95
N ILE E 265 -75.07 8.66 44.87
CA ILE E 265 -74.79 9.98 44.33
C ILE E 265 -75.05 9.95 42.82
N PHE E 266 -75.37 11.11 42.24
CA PHE E 266 -75.81 11.17 40.85
C PHE E 266 -74.92 12.05 39.98
N GLY E 267 -74.56 11.56 38.80
CA GLY E 267 -73.74 12.31 37.86
C GLY E 267 -72.26 12.29 38.18
N GLN E 268 -71.57 11.26 37.68
CA GLN E 268 -70.14 11.12 37.91
C GLN E 268 -69.43 10.67 36.63
N MET E 269 -68.11 10.60 36.68
CA MET E 269 -67.34 10.08 35.54
C MET E 269 -65.96 9.57 35.93
N MET E 270 -65.44 8.67 35.11
CA MET E 270 -64.10 8.12 35.29
C MET E 270 -63.39 8.05 33.95
N ARG E 271 -62.14 8.51 33.92
CA ARG E 271 -61.35 8.45 32.70
C ARG E 271 -60.29 7.38 32.81
N PHE E 272 -59.92 6.79 31.68
CA PHE E 272 -58.95 5.70 31.67
C PHE E 272 -58.09 5.74 30.41
N ASP E 273 -56.81 5.39 30.58
CA ASP E 273 -55.89 5.26 29.47
C ASP E 273 -55.79 3.80 29.07
N MET E 274 -55.81 3.54 27.77
CA MET E 274 -55.70 2.17 27.26
C MET E 274 -54.50 2.04 26.32
N ARG E 275 -53.87 3.17 26.01
CA ARG E 275 -52.71 3.18 25.13
C ARG E 275 -51.50 2.53 25.79
N GLU E 276 -51.21 2.95 27.02
CA GLU E 276 -50.01 2.49 27.70
C GLU E 276 -50.31 1.50 28.82
N SER E 277 -51.57 1.11 28.97
CA SER E 277 -51.97 0.17 30.00
C SER E 277 -53.36 -0.41 29.78
N PHE E 278 -53.83 -1.18 30.75
CA PHE E 278 -55.17 -1.75 30.70
C PHE E 278 -55.87 -1.55 32.04
N PRO E 279 -56.98 -0.79 32.03
CA PRO E 279 -57.69 -0.39 33.25
C PRO E 279 -58.28 -1.55 34.03
N LEU E 280 -57.43 -2.42 34.56
CA LEU E 280 -57.86 -3.49 35.45
C LEU E 280 -57.37 -3.19 36.86
N LEU E 281 -58.31 -3.08 37.80
CA LEU E 281 -58.00 -2.68 39.16
C LEU E 281 -56.99 -3.59 39.84
N THR E 282 -56.07 -2.99 40.59
CA THR E 282 -55.03 -3.73 41.29
C THR E 282 -55.28 -3.78 42.80
N THR E 283 -56.15 -2.91 43.28
CA THR E 283 -56.50 -2.88 44.70
C THR E 283 -57.37 -4.08 45.08
N LYS E 284 -57.86 -4.79 44.07
CA LYS E 284 -58.64 -5.99 44.27
C LYS E 284 -58.46 -6.92 43.08
N LYS E 285 -58.23 -8.20 43.36
CA LYS E 285 -58.06 -9.19 42.29
C LYS E 285 -59.38 -9.40 41.55
N VAL E 286 -59.46 -8.89 40.32
CA VAL E 286 -60.68 -8.97 39.53
C VAL E 286 -60.66 -10.17 38.60
N ALA E 287 -61.75 -10.94 38.61
CA ALA E 287 -61.88 -12.10 37.74
C ALA E 287 -61.99 -11.69 36.28
N ILE E 288 -60.85 -11.56 35.61
CA ILE E 288 -60.81 -11.12 34.23
C ILE E 288 -61.52 -12.11 33.30
N ARG E 289 -61.32 -13.41 33.56
CA ARG E 289 -61.86 -14.45 32.71
C ARG E 289 -63.37 -14.38 32.62
N SER E 290 -64.03 -14.12 33.75
CA SER E 290 -65.48 -14.00 33.80
C SER E 290 -65.93 -12.79 33.00
N ILE E 291 -65.16 -11.71 33.09
CA ILE E 291 -65.44 -10.48 32.36
C ILE E 291 -65.41 -10.73 30.87
N PHE E 292 -64.31 -11.33 30.40
CA PHE E 292 -64.16 -11.65 28.99
C PHE E 292 -65.27 -12.57 28.50
N GLU E 293 -65.49 -13.64 29.25
CA GLU E 293 -66.48 -14.65 28.87
C GLU E 293 -67.87 -14.00 28.75
N GLU E 294 -68.16 -13.07 29.65
CA GLU E 294 -69.42 -12.33 29.59
C GLU E 294 -69.45 -11.43 28.37
N LEU E 295 -68.30 -10.85 28.03
CA LEU E 295 -68.20 -9.96 26.89
C LEU E 295 -68.47 -10.67 25.57
N ILE E 296 -67.77 -11.78 25.35
CA ILE E 296 -67.99 -12.55 24.12
C ILE E 296 -69.36 -13.23 24.14
N TRP E 297 -69.89 -13.45 25.35
CA TRP E 297 -71.26 -13.94 25.49
C TRP E 297 -72.23 -12.89 24.96
N PHE E 298 -71.91 -11.62 25.20
CA PHE E 298 -72.69 -10.52 24.66
C PHE E 298 -72.54 -10.45 23.15
N ILE E 299 -71.29 -10.48 22.68
CA ILE E 299 -70.99 -10.32 21.26
C ILE E 299 -71.72 -11.34 20.38
N LYS E 300 -71.81 -12.58 20.85
CA LYS E 300 -72.50 -13.63 20.13
C LYS E 300 -74.01 -13.41 20.09
N GLY E 301 -74.49 -12.53 20.98
CA GLY E 301 -75.91 -12.24 21.06
C GLY E 301 -76.66 -13.30 21.84
N ASP E 302 -75.92 -14.07 22.64
CA ASP E 302 -76.49 -15.15 23.42
C ASP E 302 -77.18 -14.61 24.68
N THR E 303 -78.35 -15.15 24.99
CA THR E 303 -79.09 -14.73 26.17
C THR E 303 -79.23 -15.87 27.17
N ASN E 304 -78.72 -17.04 26.79
CA ASN E 304 -78.76 -18.22 27.67
C ASN E 304 -77.74 -18.10 28.80
N GLY E 305 -78.23 -17.99 30.02
CA GLY E 305 -77.37 -17.83 31.18
C GLY E 305 -76.58 -19.09 31.46
N ASN E 306 -77.13 -20.25 31.08
CA ASN E 306 -76.46 -21.52 31.31
C ASN E 306 -75.13 -21.59 30.56
N HIS E 307 -75.08 -20.99 29.38
CA HIS E 307 -73.85 -20.96 28.58
C HIS E 307 -72.74 -20.27 29.36
N LEU E 308 -73.13 -19.33 30.21
CA LEU E 308 -72.19 -18.62 31.07
C LEU E 308 -71.88 -19.47 32.30
N ILE E 309 -72.89 -20.16 32.80
CA ILE E 309 -72.74 -21.02 33.97
C ILE E 309 -71.93 -22.28 33.65
N GLU E 310 -72.10 -22.80 32.43
CA GLU E 310 -71.36 -23.98 31.99
C GLU E 310 -69.85 -23.72 31.98
N LYS E 311 -69.47 -22.46 31.77
CA LYS E 311 -68.06 -22.08 31.75
C LYS E 311 -67.65 -21.53 33.12
N LYS E 312 -68.40 -21.91 34.15
CA LYS E 312 -68.11 -21.51 35.53
C LYS E 312 -68.05 -20.00 35.76
N VAL E 313 -69.00 -19.29 35.15
CA VAL E 313 -69.16 -17.86 35.39
C VAL E 313 -70.55 -17.61 35.95
N TYR E 314 -70.61 -17.21 37.22
CA TYR E 314 -71.89 -17.14 37.93
C TYR E 314 -72.33 -15.72 38.25
N ILE E 315 -72.00 -14.76 37.39
CA ILE E 315 -72.37 -13.38 37.65
C ILE E 315 -73.83 -13.12 37.27
N TRP E 316 -74.40 -13.97 36.43
CA TRP E 316 -75.80 -13.84 36.03
C TRP E 316 -76.65 -14.96 36.62
N SER E 317 -76.25 -15.45 37.79
CA SER E 317 -76.98 -16.54 38.45
C SER E 317 -78.19 -16.01 39.21
N GLY E 318 -77.96 -15.01 40.07
CA GLY E 318 -79.00 -14.43 40.88
C GLY E 318 -80.11 -13.78 40.08
N ASN E 319 -79.73 -13.10 39.00
CA ASN E 319 -80.72 -12.43 38.14
C ASN E 319 -81.33 -13.38 37.11
N GLY E 320 -81.05 -14.67 37.27
CA GLY E 320 -81.55 -15.67 36.35
C GLY E 320 -82.43 -16.71 37.02
N SER E 321 -82.23 -16.89 38.33
CA SER E 321 -82.94 -17.92 39.10
C SER E 321 -84.45 -17.91 38.90
N LYS E 322 -85.06 -19.08 39.07
CA LYS E 322 -86.49 -19.25 38.87
C LYS E 322 -87.30 -18.39 39.82
N GLU E 323 -86.82 -18.26 41.05
CA GLU E 323 -87.50 -17.48 42.07
C GLU E 323 -87.52 -15.99 41.70
N TYR E 324 -86.36 -15.48 41.27
CA TYR E 324 -86.23 -14.09 40.86
C TYR E 324 -87.06 -13.78 39.62
N LEU E 325 -87.07 -14.72 38.68
CA LEU E 325 -87.84 -14.55 37.46
C LEU E 325 -89.34 -14.54 37.74
N GLU E 326 -89.80 -15.47 38.56
CA GLU E 326 -91.21 -15.52 38.92
C GLU E 326 -91.59 -14.29 39.74
N ARG E 327 -90.63 -13.77 40.49
CA ARG E 327 -90.85 -12.58 41.32
C ARG E 327 -91.04 -11.31 40.48
N ILE E 328 -90.28 -11.20 39.40
CA ILE E 328 -90.36 -10.01 38.54
C ILE E 328 -91.40 -10.17 37.43
N GLY E 329 -92.24 -11.19 37.55
CA GLY E 329 -93.33 -11.40 36.61
C GLY E 329 -92.93 -12.15 35.35
N LEU E 330 -91.91 -12.99 35.46
CA LEU E 330 -91.45 -13.79 34.33
C LEU E 330 -91.38 -15.26 34.72
N GLY E 331 -92.45 -15.76 35.32
CA GLY E 331 -92.52 -17.14 35.77
C GLY E 331 -92.63 -18.13 34.62
N HIS E 332 -93.07 -17.63 33.47
CA HIS E 332 -93.21 -18.46 32.28
C HIS E 332 -91.84 -18.77 31.68
N ARG E 333 -90.86 -18.00 32.12
CA ARG E 333 -89.49 -18.11 31.66
C ARG E 333 -88.71 -19.34 32.12
N GLU E 334 -87.79 -19.80 31.29
CA GLU E 334 -87.01 -20.97 31.69
C GLU E 334 -86.02 -20.62 32.80
N GLU E 335 -85.38 -21.65 33.36
CA GLU E 335 -84.48 -21.52 34.51
C GLU E 335 -83.42 -20.43 34.39
N ASN E 336 -82.90 -20.20 33.19
CA ASN E 336 -81.86 -19.19 33.01
C ASN E 336 -82.03 -18.34 31.75
N ASP E 337 -83.25 -18.23 31.25
CA ASP E 337 -83.52 -17.40 30.08
C ASP E 337 -83.65 -15.94 30.52
N LEU E 338 -82.62 -15.15 30.23
CA LEU E 338 -82.57 -13.77 30.69
C LEU E 338 -83.37 -12.82 29.81
N GLY E 339 -83.76 -13.28 28.63
CA GLY E 339 -84.56 -12.47 27.73
C GLY E 339 -83.71 -11.54 26.87
N PRO E 340 -84.37 -10.60 26.17
CA PRO E 340 -83.71 -9.68 25.24
C PRO E 340 -82.79 -8.69 25.94
N ILE E 341 -81.78 -9.26 26.63
CA ILE E 341 -80.70 -8.56 27.32
C ILE E 341 -79.46 -8.36 26.43
N TYR E 342 -78.44 -7.71 26.95
CA TYR E 342 -77.43 -7.15 26.11
C TYR E 342 -76.87 -8.24 25.21
N GLY E 343 -76.48 -7.84 24.01
CA GLY E 343 -76.12 -8.75 22.94
C GLY E 343 -77.27 -8.99 22.00
N PHE E 344 -78.44 -9.30 22.56
CA PHE E 344 -79.64 -9.47 21.76
C PHE E 344 -80.06 -8.13 21.18
N GLN E 345 -79.78 -7.06 21.91
CA GLN E 345 -80.06 -5.71 21.42
C GLN E 345 -78.90 -5.22 20.54
N TRP E 346 -77.74 -5.83 20.71
CA TRP E 346 -76.57 -5.49 19.90
C TRP E 346 -76.66 -6.10 18.51
N ARG E 347 -77.18 -7.34 18.45
CA ARG E 347 -77.20 -8.09 17.20
C ARG E 347 -78.59 -8.18 16.57
N HIS E 348 -79.64 -8.05 17.40
CA HIS E 348 -81.00 -8.19 16.91
C HIS E 348 -81.92 -7.17 17.57
N TYR E 349 -81.65 -5.88 17.36
CA TYR E 349 -82.45 -4.83 17.95
C TYR E 349 -83.89 -4.85 17.43
N ASN E 350 -84.83 -4.62 18.34
CA ASN E 350 -86.27 -4.66 18.03
C ASN E 350 -86.75 -6.02 17.53
N GLY E 351 -85.98 -7.06 17.78
CA GLY E 351 -86.36 -8.40 17.39
C GLY E 351 -87.29 -9.04 18.42
N GLU E 352 -88.40 -9.60 17.94
CA GLU E 352 -89.37 -10.24 18.81
C GLU E 352 -88.77 -11.46 19.51
N TYR E 353 -88.56 -11.34 20.82
CA TYR E 353 -87.92 -12.41 21.59
C TYR E 353 -88.93 -13.49 21.99
N LYS E 354 -88.56 -14.73 21.75
CA LYS E 354 -89.36 -15.87 22.18
C LYS E 354 -88.69 -16.55 23.37
N THR E 355 -87.81 -17.50 23.09
CA THR E 355 -87.03 -18.16 24.13
C THR E 355 -85.54 -18.07 23.81
N MET E 356 -84.72 -18.59 24.72
CA MET E 356 -83.26 -18.56 24.54
C MET E 356 -82.81 -19.64 23.58
N HIS E 357 -83.73 -20.52 23.19
CA HIS E 357 -83.42 -21.65 22.34
C HIS E 357 -83.66 -21.35 20.86
N ASP E 358 -84.52 -20.36 20.59
CA ASP E 358 -84.84 -19.99 19.23
C ASP E 358 -83.64 -19.41 18.49
N ASP E 359 -83.65 -19.51 17.16
CA ASP E 359 -82.55 -19.03 16.34
C ASP E 359 -82.90 -17.67 15.75
N TYR E 360 -82.38 -16.61 16.36
CA TYR E 360 -82.70 -15.24 15.96
C TYR E 360 -81.75 -14.72 14.90
N THR E 361 -81.24 -15.60 14.04
CA THR E 361 -80.32 -15.19 13.00
C THR E 361 -81.02 -14.37 11.90
N GLY E 362 -80.40 -13.27 11.50
CA GLY E 362 -80.93 -12.43 10.45
C GLY E 362 -82.05 -11.49 10.87
N VAL E 363 -82.63 -11.74 12.05
CA VAL E 363 -83.73 -10.92 12.54
C VAL E 363 -83.21 -9.74 13.35
N GLY E 364 -84.00 -8.67 13.41
CA GLY E 364 -83.63 -7.49 14.16
C GLY E 364 -82.52 -6.69 13.49
N VAL E 365 -82.08 -5.64 14.15
CA VAL E 365 -81.02 -4.79 13.62
C VAL E 365 -79.68 -5.13 14.27
N ASP E 366 -78.71 -5.51 13.44
CA ASP E 366 -77.38 -5.86 13.93
C ASP E 366 -76.56 -4.58 14.13
N GLN E 367 -76.64 -4.02 15.33
CA GLN E 367 -75.93 -2.78 15.65
C GLN E 367 -74.42 -2.96 15.63
N LEU E 368 -73.93 -4.09 16.14
CA LEU E 368 -72.50 -4.34 16.25
C LEU E 368 -71.82 -4.40 14.88
N ALA E 369 -72.42 -5.14 13.95
CA ALA E 369 -71.87 -5.29 12.61
C ALA E 369 -71.81 -3.95 11.88
N LYS E 370 -72.91 -3.22 11.90
CA LYS E 370 -72.98 -1.90 11.29
C LYS E 370 -72.00 -0.94 11.96
N LEU E 371 -71.77 -1.16 13.25
CA LEU E 371 -70.84 -0.35 14.03
C LEU E 371 -69.43 -0.56 13.51
N ILE E 372 -69.04 -1.82 13.35
CA ILE E 372 -67.72 -2.15 12.83
C ILE E 372 -67.54 -1.60 11.41
N GLU E 373 -68.52 -1.91 10.56
CA GLU E 373 -68.47 -1.49 9.15
C GLU E 373 -68.36 0.02 9.02
N THR E 374 -69.08 0.75 9.88
CA THR E 374 -69.03 2.20 9.88
C THR E 374 -67.71 2.71 10.44
N LEU E 375 -67.19 1.99 11.43
CA LEU E 375 -65.92 2.34 12.04
C LEU E 375 -64.76 2.25 11.05
N LYS E 376 -64.79 1.25 10.17
CA LYS E 376 -63.71 1.09 9.21
C LYS E 376 -63.95 1.80 7.87
N ASN E 377 -65.21 1.99 7.51
CA ASN E 377 -65.54 2.69 6.26
C ASN E 377 -65.72 4.19 6.42
N ASN E 378 -65.98 4.63 7.65
CA ASN E 378 -66.14 6.06 7.93
C ASN E 378 -65.78 6.37 9.37
N PRO E 379 -64.47 6.49 9.65
CA PRO E 379 -63.95 6.67 11.02
C PRO E 379 -64.35 8.00 11.62
N LYS E 380 -64.34 9.07 10.82
CA LYS E 380 -64.63 10.41 11.33
C LYS E 380 -66.13 10.67 11.47
N ASP E 381 -66.93 9.61 11.38
CA ASP E 381 -68.37 9.73 11.59
C ASP E 381 -68.65 10.00 13.06
N ARG E 382 -69.80 10.61 13.34
CA ARG E 382 -70.18 10.93 14.71
C ARG E 382 -71.40 10.14 15.16
N ARG E 383 -71.68 9.04 14.47
CA ARG E 383 -72.84 8.21 14.79
C ARG E 383 -72.45 6.80 15.24
N HIS E 384 -71.18 6.62 15.56
CA HIS E 384 -70.69 5.32 16.03
C HIS E 384 -71.29 4.99 17.40
N ILE E 385 -72.52 4.49 17.41
CA ILE E 385 -73.24 4.28 18.65
C ILE E 385 -73.86 2.89 18.79
N LEU E 386 -73.61 2.26 19.92
CA LEU E 386 -74.20 0.97 20.25
C LEU E 386 -75.07 1.11 21.50
N THR E 387 -76.39 0.92 21.32
CA THR E 387 -77.33 1.06 22.43
C THR E 387 -77.97 -0.27 22.82
N ALA E 388 -78.51 -0.32 24.03
CA ALA E 388 -79.16 -1.53 24.53
C ALA E 388 -80.51 -1.20 25.16
N TRP E 389 -80.83 0.08 25.25
CA TRP E 389 -82.08 0.50 25.87
C TRP E 389 -83.24 0.46 24.89
N ASN E 390 -84.06 -0.58 25.01
CA ASN E 390 -85.23 -0.73 24.15
C ASN E 390 -86.51 -0.79 24.98
N PRO E 391 -87.24 0.33 25.04
CA PRO E 391 -88.49 0.48 25.81
C PRO E 391 -89.51 -0.60 25.50
N SER E 392 -89.52 -1.10 24.26
CA SER E 392 -90.48 -2.11 23.85
C SER E 392 -90.13 -3.49 24.42
N ALA E 393 -88.86 -3.67 24.79
CA ALA E 393 -88.39 -4.97 25.26
C ALA E 393 -88.03 -4.98 26.75
N LEU E 394 -88.08 -3.82 27.39
CA LEU E 394 -87.72 -3.69 28.80
C LEU E 394 -88.51 -4.62 29.71
N SER E 395 -89.79 -4.82 29.41
CA SER E 395 -90.66 -5.64 30.23
C SER E 395 -90.28 -7.12 30.16
N GLN E 396 -89.69 -7.54 29.05
CA GLN E 396 -89.31 -8.94 28.86
C GLN E 396 -87.94 -9.24 29.45
N MET E 397 -87.10 -8.22 29.58
CA MET E 397 -85.74 -8.38 30.07
C MET E 397 -85.71 -8.78 31.55
N ALA E 398 -84.78 -9.65 31.92
CA ALA E 398 -84.60 -10.05 33.30
C ALA E 398 -84.04 -8.89 34.11
N LEU E 399 -83.29 -8.04 33.43
CA LEU E 399 -82.71 -6.86 34.05
C LEU E 399 -82.38 -5.81 32.99
N PRO E 400 -83.03 -4.63 33.07
CA PRO E 400 -82.80 -3.51 32.15
C PRO E 400 -81.34 -3.11 32.08
N PRO E 401 -80.90 -2.58 30.93
CA PRO E 401 -79.49 -2.26 30.69
C PRO E 401 -78.92 -1.26 31.69
N CYS E 402 -77.85 -1.65 32.37
CA CYS E 402 -77.15 -0.75 33.27
C CYS E 402 -76.14 0.06 32.49
N HIS E 403 -75.22 -0.61 31.81
CA HIS E 403 -74.37 0.06 30.82
C HIS E 403 -75.20 0.28 29.57
N VAL E 404 -75.93 1.40 29.55
CA VAL E 404 -76.98 1.64 28.57
C VAL E 404 -76.50 1.86 27.14
N LEU E 405 -75.74 2.93 26.93
CA LEU E 405 -75.36 3.34 25.58
C LEU E 405 -73.88 3.69 25.48
N SER E 406 -73.26 3.26 24.38
CA SER E 406 -71.84 3.55 24.16
C SER E 406 -71.61 4.24 22.82
N GLN E 407 -70.59 5.10 22.78
CA GLN E 407 -70.22 5.79 21.54
C GLN E 407 -68.72 5.64 21.31
N TYR E 408 -68.32 5.46 20.06
CA TYR E 408 -66.92 5.22 19.73
C TYR E 408 -66.34 6.32 18.84
N TYR E 409 -65.04 6.55 18.98
CA TYR E 409 -64.39 7.68 18.33
C TYR E 409 -63.02 7.31 17.79
N VAL E 410 -62.82 7.51 16.49
CA VAL E 410 -61.54 7.22 15.87
C VAL E 410 -60.70 8.50 15.73
N THR E 411 -59.62 8.58 16.49
CA THR E 411 -58.78 9.78 16.50
C THR E 411 -57.98 9.89 15.21
N ASN E 412 -57.30 11.03 15.05
CA ASN E 412 -56.52 11.29 13.85
C ASN E 412 -55.30 10.38 13.72
N ASP E 413 -54.78 9.91 14.85
CA ASP E 413 -53.63 9.02 14.84
C ASP E 413 -54.08 7.55 14.94
N ASN E 414 -55.25 7.27 14.37
CA ASN E 414 -55.79 5.91 14.28
C ASN E 414 -55.92 5.18 15.62
N CYS E 415 -56.42 5.89 16.63
CA CYS E 415 -56.71 5.28 17.92
C CYS E 415 -58.22 5.21 18.16
N LEU E 416 -58.65 4.20 18.90
CA LEU E 416 -60.06 4.01 19.18
C LEU E 416 -60.42 4.32 20.62
N SER E 417 -61.21 5.37 20.81
CA SER E 417 -61.67 5.77 22.14
C SER E 417 -63.14 5.38 22.33
N CYS E 418 -63.49 5.09 23.59
CA CYS E 418 -64.83 4.62 23.91
C CYS E 418 -65.47 5.39 25.07
N ASN E 419 -66.71 5.84 24.86
CA ASN E 419 -67.50 6.46 25.92
C ASN E 419 -68.68 5.58 26.27
N LEU E 420 -68.91 5.38 27.56
CA LEU E 420 -70.02 4.54 28.00
C LEU E 420 -70.88 5.24 29.04
N TYR E 421 -72.19 5.26 28.83
CA TYR E 421 -73.10 5.79 29.84
C TYR E 421 -73.74 4.67 30.64
N GLN E 422 -73.70 4.80 31.96
CA GLN E 422 -74.22 3.76 32.85
C GLN E 422 -75.25 4.36 33.80
N ARG E 423 -76.50 3.93 33.67
CA ARG E 423 -77.59 4.46 34.46
C ARG E 423 -77.45 4.12 35.94
N SER E 424 -76.97 2.91 36.22
CA SER E 424 -76.82 2.45 37.59
C SER E 424 -75.48 1.72 37.74
N CYS E 425 -74.78 2.01 38.83
CA CYS E 425 -73.43 1.46 39.01
C CYS E 425 -73.21 0.88 40.39
N ASP E 426 -72.95 -0.42 40.44
CA ASP E 426 -72.55 -1.08 41.68
C ASP E 426 -71.03 -0.94 41.81
N LEU E 427 -70.60 0.02 42.63
CA LEU E 427 -69.18 0.30 42.80
C LEU E 427 -68.41 -0.86 43.43
N GLY E 428 -69.15 -1.82 43.98
CA GLY E 428 -68.53 -2.99 44.59
C GLY E 428 -68.31 -4.13 43.61
N LEU E 429 -69.31 -4.40 42.78
CA LEU E 429 -69.26 -5.54 41.87
C LEU E 429 -69.28 -5.12 40.40
N GLY E 430 -70.33 -4.40 40.02
CA GLY E 430 -70.55 -4.04 38.62
C GLY E 430 -69.49 -3.17 37.97
N SER E 431 -69.03 -2.15 38.69
CA SER E 431 -68.12 -1.14 38.14
C SER E 431 -66.82 -1.68 37.51
N PRO E 432 -66.02 -2.45 38.28
CA PRO E 432 -64.75 -2.92 37.70
C PRO E 432 -64.99 -3.81 36.48
N PHE E 433 -66.03 -4.64 36.58
CA PHE E 433 -66.43 -5.52 35.49
C PHE E 433 -66.79 -4.72 34.25
N ASN E 434 -67.52 -3.62 34.43
CA ASN E 434 -67.90 -2.77 33.31
C ASN E 434 -66.69 -2.08 32.67
N ILE E 435 -65.82 -1.53 33.51
CA ILE E 435 -64.60 -0.87 33.02
C ILE E 435 -63.77 -1.82 32.18
N ALA E 436 -63.44 -2.98 32.75
CA ALA E 436 -62.64 -3.97 32.05
C ALA E 436 -63.33 -4.49 30.80
N SER E 437 -64.64 -4.70 30.89
CA SER E 437 -65.42 -5.23 29.78
C SER E 437 -65.40 -4.30 28.57
N TYR E 438 -65.68 -3.02 28.79
CA TYR E 438 -65.69 -2.08 27.69
C TYR E 438 -64.28 -1.71 27.22
N ALA E 439 -63.30 -1.92 28.11
CA ALA E 439 -61.90 -1.76 27.69
C ALA E 439 -61.54 -2.85 26.69
N ILE E 440 -61.82 -4.10 27.05
CA ILE E 440 -61.56 -5.25 26.18
C ILE E 440 -62.34 -5.13 24.88
N LEU E 441 -63.60 -4.70 24.98
CA LEU E 441 -64.44 -4.50 23.80
C LEU E 441 -63.86 -3.44 22.89
N THR E 442 -63.34 -2.37 23.47
CA THR E 442 -62.71 -1.31 22.70
C THR E 442 -61.49 -1.85 21.98
N MET E 443 -60.71 -2.68 22.66
CA MET E 443 -59.53 -3.30 22.05
C MET E 443 -59.90 -4.24 20.90
N MET E 444 -60.96 -5.01 21.09
CA MET E 444 -61.44 -5.92 20.05
C MET E 444 -61.86 -5.13 18.82
N LEU E 445 -62.71 -4.14 19.03
CA LEU E 445 -63.16 -3.27 17.93
C LEU E 445 -61.98 -2.58 17.26
N ALA E 446 -60.93 -2.30 18.03
CA ALA E 446 -59.73 -1.69 17.49
C ALA E 446 -58.98 -2.63 16.57
N GLN E 447 -58.81 -3.88 17.00
CA GLN E 447 -58.09 -4.86 16.20
C GLN E 447 -58.86 -5.26 14.94
N VAL E 448 -60.18 -5.42 15.09
CA VAL E 448 -61.04 -5.82 13.97
C VAL E 448 -61.12 -4.71 12.92
N CYS E 449 -61.16 -3.47 13.36
CA CYS E 449 -61.23 -2.34 12.44
C CYS E 449 -59.85 -1.81 12.07
N GLY E 450 -58.81 -2.43 12.62
CA GLY E 450 -57.45 -2.06 12.29
C GLY E 450 -56.96 -0.80 12.97
N TYR E 451 -57.37 -0.58 14.20
CA TYR E 451 -56.92 0.57 14.97
C TYR E 451 -56.20 0.13 16.25
N GLU E 452 -55.81 1.10 17.06
CA GLU E 452 -55.19 0.83 18.35
C GLU E 452 -56.05 1.41 19.47
N PRO E 453 -56.00 0.80 20.67
CA PRO E 453 -56.80 1.29 21.79
C PRO E 453 -56.40 2.71 22.19
N GLY E 454 -57.37 3.50 22.64
CA GLY E 454 -57.13 4.88 23.02
C GLY E 454 -57.50 5.15 24.47
N GLU E 455 -58.61 5.86 24.66
CA GLU E 455 -59.07 6.22 26.01
C GLU E 455 -60.46 5.68 26.28
N LEU E 456 -60.77 5.46 27.56
CA LEU E 456 -62.08 4.98 27.98
C LEU E 456 -62.71 5.90 29.00
N ALA E 457 -63.80 6.56 28.61
CA ALA E 457 -64.51 7.45 29.52
C ALA E 457 -65.87 6.87 29.90
N ILE E 458 -66.07 6.67 31.20
CA ILE E 458 -67.33 6.14 31.70
C ILE E 458 -68.11 7.18 32.50
N PHE E 459 -69.28 7.52 32.00
CA PHE E 459 -70.17 8.49 32.64
C PHE E 459 -71.27 7.75 33.39
N ILE E 460 -71.34 7.99 34.70
CA ILE E 460 -72.23 7.23 35.57
C ILE E 460 -73.41 8.05 36.09
N GLY E 461 -74.60 7.49 35.98
CA GLY E 461 -75.79 8.10 36.54
C GLY E 461 -75.89 7.87 38.04
N ASP E 462 -76.55 6.79 38.43
CA ASP E 462 -76.72 6.45 39.85
C ASP E 462 -75.51 5.69 40.37
N ALA E 463 -74.51 6.41 40.86
CA ALA E 463 -73.33 5.79 41.44
C ALA E 463 -73.60 5.48 42.91
N HIS E 464 -73.71 4.19 43.24
CA HIS E 464 -74.14 3.79 44.58
C HIS E 464 -73.30 2.67 45.18
N ILE E 465 -73.29 2.61 46.51
CA ILE E 465 -72.64 1.53 47.23
C ILE E 465 -73.65 0.83 48.14
N TYR E 466 -73.80 -0.48 47.96
CA TYR E 466 -74.69 -1.26 48.82
C TYR E 466 -74.17 -1.31 50.24
N GLU E 467 -75.09 -1.29 51.22
CA GLU E 467 -74.72 -1.18 52.63
C GLU E 467 -73.99 -2.41 53.17
N ASN E 468 -74.02 -3.51 52.42
CA ASN E 468 -73.32 -4.72 52.81
C ASN E 468 -71.92 -4.82 52.21
N HIS E 469 -71.50 -3.75 51.53
CA HIS E 469 -70.17 -3.71 50.91
C HIS E 469 -69.29 -2.68 51.59
N LEU E 470 -69.80 -2.07 52.65
CA LEU E 470 -69.12 -0.98 53.34
C LEU E 470 -67.72 -1.35 53.87
N THR E 471 -67.67 -2.32 54.78
CA THR E 471 -66.40 -2.74 55.37
C THR E 471 -65.42 -3.23 54.31
N GLN E 472 -65.95 -3.88 53.28
CA GLN E 472 -65.14 -4.42 52.19
C GLN E 472 -64.47 -3.32 51.38
N LEU E 473 -65.26 -2.33 50.96
CA LEU E 473 -64.74 -1.22 50.16
C LEU E 473 -63.83 -0.31 50.98
N LYS E 474 -64.15 -0.17 52.27
CA LYS E 474 -63.31 0.59 53.20
C LYS E 474 -61.99 -0.14 53.39
N GLU E 475 -62.02 -1.47 53.26
CA GLU E 475 -60.80 -2.27 53.28
C GLU E 475 -60.01 -2.07 51.99
N GLN E 476 -60.73 -1.99 50.86
CA GLN E 476 -60.10 -1.79 49.56
C GLN E 476 -59.41 -0.43 49.48
N LEU E 477 -59.99 0.57 50.14
CA LEU E 477 -59.44 1.93 50.13
C LEU E 477 -58.13 2.03 50.92
N SER E 478 -57.84 1.02 51.73
CA SER E 478 -56.64 1.01 52.55
C SER E 478 -55.44 0.45 51.79
N ARG E 479 -55.60 0.26 50.48
CA ARG E 479 -54.56 -0.35 49.66
C ARG E 479 -54.04 0.64 48.61
N THR E 480 -52.74 0.93 48.67
CA THR E 480 -52.12 1.82 47.70
C THR E 480 -52.01 1.14 46.34
N PRO E 481 -52.59 1.76 45.31
CA PRO E 481 -52.68 1.20 43.95
C PRO E 481 -51.34 0.79 43.35
N ARG E 482 -51.39 -0.19 42.47
CA ARG E 482 -50.22 -0.67 41.74
C ARG E 482 -50.46 -0.43 40.25
N PRO E 483 -49.40 -0.38 39.45
CA PRO E 483 -49.54 -0.10 38.01
C PRO E 483 -50.48 -1.08 37.29
N PHE E 484 -51.29 -0.55 36.38
CA PHE E 484 -52.21 -1.35 35.59
C PHE E 484 -51.47 -2.39 34.75
N PRO E 485 -52.09 -3.55 34.54
CA PRO E 485 -51.47 -4.59 33.72
C PRO E 485 -51.54 -4.28 32.23
N GLN E 486 -51.08 -5.20 31.40
CA GLN E 486 -51.15 -5.06 29.95
C GLN E 486 -52.02 -6.16 29.36
N LEU E 487 -52.73 -5.85 28.28
CA LEU E 487 -53.54 -6.85 27.61
C LEU E 487 -53.15 -7.00 26.15
N LYS E 488 -52.73 -8.20 25.77
CA LYS E 488 -52.33 -8.45 24.39
C LYS E 488 -53.05 -9.65 23.80
N PHE E 489 -53.44 -9.54 22.53
CA PHE E 489 -54.08 -10.65 21.83
C PHE E 489 -53.03 -11.51 21.13
N LYS E 490 -53.18 -12.82 21.24
CA LYS E 490 -52.20 -13.75 20.70
C LYS E 490 -52.36 -13.95 19.19
N ARG E 491 -53.55 -13.66 18.67
CA ARG E 491 -53.82 -13.82 17.24
C ARG E 491 -54.83 -12.80 16.74
N LYS E 492 -54.75 -12.49 15.45
CA LYS E 492 -55.70 -11.57 14.83
C LYS E 492 -56.83 -12.34 14.18
N VAL E 493 -58.05 -12.05 14.58
CA VAL E 493 -59.22 -12.76 14.06
C VAL E 493 -59.88 -12.01 12.90
N GLU E 494 -60.65 -12.73 12.10
CA GLU E 494 -61.36 -12.13 10.98
C GLU E 494 -62.76 -11.66 11.41
N ASN E 495 -63.37 -12.41 12.31
CA ASN E 495 -64.66 -12.02 12.88
C ASN E 495 -64.53 -11.79 14.38
N ILE E 496 -65.18 -10.75 14.87
CA ILE E 496 -65.05 -10.35 16.27
C ILE E 496 -65.63 -11.38 17.24
N GLU E 497 -66.52 -12.24 16.75
CA GLU E 497 -67.13 -13.26 17.59
C GLU E 497 -66.26 -14.51 17.71
N ASP E 498 -65.11 -14.49 17.05
CA ASP E 498 -64.20 -15.64 17.05
C ASP E 498 -63.17 -15.58 18.16
N PHE E 499 -63.23 -14.55 18.98
CA PHE E 499 -62.28 -14.39 20.09
C PHE E 499 -62.44 -15.50 21.13
N LYS E 500 -61.31 -16.00 21.62
CA LYS E 500 -61.30 -17.06 22.62
C LYS E 500 -60.49 -16.62 23.84
N TRP E 501 -60.73 -17.27 24.98
CA TRP E 501 -60.02 -16.91 26.22
C TRP E 501 -58.53 -17.22 26.13
N GLU E 502 -58.19 -18.22 25.33
CA GLU E 502 -56.80 -18.61 25.15
C GLU E 502 -56.04 -17.58 24.32
N ASP E 503 -56.78 -16.74 23.61
CA ASP E 503 -56.18 -15.72 22.76
C ASP E 503 -55.80 -14.48 23.56
N ILE E 504 -56.16 -14.48 24.85
CA ILE E 504 -55.89 -13.34 25.71
C ILE E 504 -54.67 -13.53 26.62
N GLU E 505 -53.76 -12.57 26.57
CA GLU E 505 -52.56 -12.60 27.40
C GLU E 505 -52.50 -11.38 28.31
N LEU E 506 -52.63 -11.62 29.61
CA LEU E 506 -52.58 -10.57 30.62
C LEU E 506 -51.20 -10.51 31.26
N ILE E 507 -50.48 -9.41 31.02
CA ILE E 507 -49.09 -9.31 31.41
C ILE E 507 -48.85 -8.31 32.54
N GLY E 508 -48.27 -8.78 33.64
CA GLY E 508 -47.87 -7.91 34.72
C GLY E 508 -48.97 -7.53 35.69
N TYR E 509 -49.90 -8.45 35.91
CA TYR E 509 -51.01 -8.19 36.83
C TYR E 509 -50.71 -8.76 38.21
N TYR E 510 -50.33 -7.88 39.14
CA TYR E 510 -50.04 -8.28 40.51
C TYR E 510 -50.93 -7.53 41.48
N PRO E 511 -52.21 -7.94 41.58
CA PRO E 511 -53.17 -7.19 42.39
C PRO E 511 -53.17 -7.58 43.86
N TYR E 512 -53.83 -6.78 44.69
CA TYR E 512 -54.06 -7.13 46.08
C TYR E 512 -55.05 -8.29 46.14
N PRO E 513 -55.08 -9.03 47.26
CA PRO E 513 -55.98 -10.18 47.38
C PRO E 513 -57.45 -9.84 47.11
N THR E 514 -58.20 -10.83 46.65
CA THR E 514 -59.60 -10.64 46.29
C THR E 514 -60.44 -10.27 47.50
N ILE E 515 -61.53 -9.54 47.25
CA ILE E 515 -62.45 -9.15 48.32
C ILE E 515 -63.85 -9.68 48.02
N LYS E 516 -64.30 -10.62 48.85
CA LYS E 516 -65.59 -11.27 48.66
C LYS E 516 -66.74 -10.33 48.97
N MET E 517 -67.62 -10.14 47.99
CA MET E 517 -68.79 -9.29 48.16
C MET E 517 -70.03 -9.92 47.52
N ASP E 518 -71.14 -9.91 48.24
CA ASP E 518 -72.36 -10.57 47.79
C ASP E 518 -73.20 -9.67 46.88
N MET E 519 -73.83 -10.27 45.87
CA MET E 519 -74.67 -9.54 44.93
C MET E 519 -76.09 -9.43 45.44
N ALA E 520 -76.66 -8.23 45.40
CA ALA E 520 -78.04 -8.02 45.80
C ALA E 520 -78.98 -8.39 44.66
N VAL E 521 -79.73 -9.47 44.84
CA VAL E 521 -80.63 -9.98 43.81
C VAL E 521 -81.85 -9.08 43.64
PA NDP F . -0.13 -20.18 -25.06
O1A NDP F . 0.42 -20.42 -26.46
O2A NDP F . 0.58 -19.02 -24.44
O5B NDP F . -1.63 -19.88 -25.14
C5B NDP F . -2.53 -20.92 -25.37
C4B NDP F . -3.79 -20.58 -26.08
O4B NDP F . -3.53 -20.26 -27.42
C3B NDP F . -4.70 -21.73 -26.11
O3B NDP F . -5.64 -21.64 -25.10
C2B NDP F . -5.34 -21.68 -27.40
O2B NDP F . -6.71 -21.37 -27.26
C1B NDP F . -4.68 -20.62 -28.15
N9A NDP F . -4.30 -21.10 -29.43
C8A NDP F . -3.06 -21.54 -29.78
N7A NDP F . -3.07 -21.91 -31.08
C5A NDP F . -4.33 -21.70 -31.58
C6A NDP F . -4.96 -21.90 -32.84
N6A NDP F . -4.16 -22.45 -33.98
N1A NDP F . -6.27 -21.59 -33.02
C2A NDP F . -6.99 -21.08 -31.97
N3A NDP F . -6.45 -20.89 -30.76
C4A NDP F . -5.11 -21.18 -30.54
O3 NDP F . 0.10 -21.48 -24.17
PN NDP F . 1.56 -21.84 -23.67
O1N NDP F . 1.50 -23.11 -22.81
O2N NDP F . 2.46 -22.07 -24.86
O5D NDP F . 2.13 -20.63 -22.77
C5D NDP F . 2.04 -20.66 -21.38
C4D NDP F . 3.18 -20.17 -20.62
O4D NDP F . 4.01 -19.35 -21.43
C3D NDP F . 2.73 -19.31 -19.50
O3D NDP F . 2.90 -19.97 -18.29
C2D NDP F . 3.57 -18.15 -19.54
O2D NDP F . 4.18 -17.96 -18.30
C1D NDP F . 4.59 -18.43 -20.59
N1N NDP F . 4.96 -17.23 -21.27
C2N NDP F . 6.23 -16.80 -21.16
C3N NDP F . 6.65 -15.62 -21.81
C7N NDP F . 8.10 -15.17 -21.66
O7N NDP F . 8.62 -14.52 -22.58
N7N NDP F . 8.87 -15.48 -20.49
C4N NDP F . 5.73 -14.90 -22.59
C5N NDP F . 4.42 -15.38 -22.68
C6N NDP F . 4.04 -16.55 -22.02
P2B NDP F . -7.79 -22.49 -27.28
O1X NDP F . -7.46 -23.55 -26.22
O2X NDP F . -9.11 -21.88 -26.99
O3X NDP F . -7.84 -23.14 -28.63
N1 UFP G . 51.46 -14.78 -18.48
C2 UFP G . 50.24 -14.18 -18.56
N3 UFP G . 49.55 -13.87 -17.45
C4 UFP G . 50.04 -14.15 -16.22
C5 UFP G . 51.31 -14.77 -16.12
C6 UFP G . 51.98 -15.08 -17.24
O2 UFP G . 49.73 -13.90 -19.62
O4 UFP G . 49.40 -13.86 -15.23
F5 UFP G . 51.83 -15.06 -14.90
C1' UFP G . 52.29 -15.15 -19.63
C2' UFP G . 52.60 -13.97 -20.58
C3' UFP G . 53.95 -14.34 -21.20
C4' UFP G . 54.47 -15.52 -20.35
O3' UFP G . 53.79 -14.78 -22.55
O4' UFP G . 53.60 -15.60 -19.19
C5' UFP G . 55.92 -15.28 -19.94
O5' UFP G . 56.15 -13.90 -19.64
P UFP G . 57.32 -13.36 -20.59
O1P UFP G . 56.75 -12.51 -21.65
O2P UFP G . 58.10 -14.59 -21.26
O3P UFP G . 58.36 -12.48 -19.72
OE1 2XB H . 43.97 -25.52 -13.47
CT4 2XB H . 43.47 -25.59 -14.62
OE2 2XB H . 42.94 -26.66 -15.03
CT3 2XB H . 43.48 -24.39 -15.51
CT2 2XB H . 43.99 -24.52 -16.91
CT1 2XB H . 44.06 -23.31 -17.78
CT5 2XB H . 42.95 -23.01 -18.71
OT1 2XB H . 43.06 -23.29 -19.94
OXT 2XB H . 41.88 -22.48 -18.28
NT1 2XB H . 44.96 -22.26 -17.41
CAV 2XB H . 46.36 -22.50 -17.26
OAD 2XB H . 46.82 -23.61 -17.45
CAY 2XB H . 47.25 -21.36 -16.89
CAJ 2XB H . 48.60 -21.59 -16.63
CAH 2XB H . 49.40 -20.52 -16.28
CAK 2XB H . 46.72 -20.08 -16.79
CAI 2XB H . 47.53 -19.01 -16.45
CAX 2XB H . 48.88 -19.24 -16.20
CAO 2XB H . 49.77 -18.10 -15.82
CAZ 2XB H . 51.14 -18.35 -16.34
CBC 2XB H . 51.52 -18.37 -17.71
CBA 2XB H . 50.83 -18.17 -18.95
OAE 2XB H . 49.48 -17.90 -18.96
NAS 2XB H . 51.53 -18.27 -20.14
CAW 2XB H . 52.96 -18.56 -20.14
NAA 2XB H . 53.69 -18.66 -21.35
NAP 2XB H . 53.59 -18.75 -18.89
CBB 2XB H . 52.88 -18.65 -17.71
NAR 2XB H . 53.32 -18.80 -16.39
CAL 2XB H . 52.24 -18.61 -15.53
OE1 2XB I . 6.26 -2.19 -15.02
CT4 2XB I . 5.64 -3.26 -14.77
OE2 2XB I . 6.16 -4.12 -14.01
CT3 2XB I . 4.30 -3.50 -15.36
CT2 2XB I . 3.98 -4.85 -15.92
CT1 2XB I . 3.61 -4.97 -17.36
CT5 2XB I . 3.17 -3.77 -18.12
OT1 2XB I . 3.33 -3.71 -19.36
OXT 2XB I . 2.65 -2.81 -17.50
NT1 2XB I . 3.99 -6.15 -18.09
CAV 2XB I . 3.45 -7.42 -17.70
OAD 2XB I . 2.69 -7.50 -16.76
CAY 2XB I . 3.84 -8.66 -18.45
CAJ 2XB I . 4.27 -9.77 -17.74
CAH 2XB I . 4.63 -10.92 -18.44
CAK 2XB I . 3.76 -8.66 -19.83
CAI 2XB I . 4.12 -9.81 -20.52
CAX 2XB I . 4.56 -10.92 -19.83
CAO 2XB I . 4.94 -12.16 -20.57
CAZ 2XB I . 5.92 -11.82 -21.65
CBC 2XB I . 7.26 -11.37 -21.41
CBA 2XB I . 8.04 -11.13 -20.24
OAE 2XB I . 7.51 -11.33 -19.00
NAS 2XB I . 9.36 -10.69 -20.38
CAW 2XB I . 9.92 -10.48 -21.71
NAA 2XB I . 11.27 -10.02 -21.86
NAP 2XB I . 9.11 -10.73 -22.82
CBB 2XB I . 7.81 -11.17 -22.67
NAR 2XB I . 6.85 -11.48 -23.64
CAL 2XB I . 5.67 -11.88 -23.00
PA NDP J . -51.13 19.40 -0.96
O1A NDP J . -50.23 19.67 -2.15
O2A NDP J . -50.30 18.90 0.19
O5B NDP J . -51.84 20.70 -0.55
C5B NDP J . -52.91 21.17 -1.32
C4B NDP J . -53.13 22.63 -1.33
O4B NDP J . -52.10 23.27 -2.04
C3B NDP J . -54.36 22.96 -2.05
O3B NDP J . -55.41 23.16 -1.15
C2B NDP J . -54.08 24.18 -2.78
O2B NDP J . -54.82 25.25 -2.24
C1B NDP J . -52.66 24.43 -2.61
N9A NDP J . -52.06 24.68 -3.88
C8A NDP J . -51.38 23.79 -4.63
N7A NDP J . -50.97 24.38 -5.76
C5A NDP J . -51.37 25.69 -5.74
C6A NDP J . -51.24 26.79 -6.62
N6A NDP J . -50.50 26.62 -7.91
N1A NDP J . -51.77 27.99 -6.31
C2A NDP J . -52.45 28.14 -5.13
N3A NDP J . -52.60 27.13 -4.27
C4A NDP J . -52.06 25.88 -4.54
O3 NDP J . -52.22 18.31 -1.34
PN NDP J . -51.78 16.79 -1.50
O1N NDP J . -53.01 15.94 -1.85
O2N NDP J . -50.76 16.68 -2.61
O5D NDP J . -51.14 16.27 -0.11
C5D NDP J . -51.93 15.56 0.82
C4D NDP J . -51.31 14.43 1.49
O4D NDP J . -49.89 14.52 1.40
C3D NDP J . -51.63 14.46 2.93
O3D NDP J . -52.53 13.45 3.23
C2D NDP J . -50.39 14.22 3.61
O2D NDP J . -50.53 13.14 4.48
C1D NDP J . -49.40 13.91 2.55
N1N NDP J . -48.11 14.41 2.90
C2N NDP J . -47.11 13.53 3.09
C3N NDP J . -45.81 13.95 3.43
C7N NDP J . -44.73 12.90 3.63
O7N NDP J . -43.54 13.22 3.42
N7N NDP J . -45.02 11.57 4.07
C4N NDP J . -45.56 15.32 3.60
C5N NDP J . -46.62 16.21 3.39
C6N NDP J . -47.89 15.75 3.04
P2B NDP J . -56.15 25.72 -2.89
O1X NDP J . -57.13 24.54 -3.00
O2X NDP J . -56.76 26.77 -2.04
O3X NDP J . -55.90 26.28 -4.25
N1 UFP K . -19.08 -22.00 -1.00
C2 UFP K . -19.47 -20.81 -0.48
N3 UFP K . -20.29 -20.76 0.59
C4 UFP K . -20.73 -21.89 1.18
C5 UFP K . -20.33 -23.14 0.65
C6 UFP K . -19.52 -23.17 -0.43
O2 UFP K . -19.12 -19.75 -0.96
O4 UFP K . -21.45 -21.84 2.15
F5 UFP K . -20.75 -24.29 1.21
C1' UFP K . -18.19 -22.15 -2.17
C2' UFP K . -16.83 -21.45 -1.99
C3' UFP K . -15.87 -22.28 -2.86
C4' UFP K . -16.67 -23.54 -3.23
O3' UFP K . -15.53 -21.57 -4.05
O4' UFP K . -17.83 -23.54 -2.36
C5' UFP K . -15.82 -24.79 -3.01
O5' UFP K . -15.06 -24.71 -1.80
P UFP K . -13.49 -24.85 -2.17
O1P UFP K . -12.87 -23.52 -2.23
O2P UFP K . -13.33 -25.58 -3.58
O3P UFP K . -12.75 -25.71 -1.03
OE1 2XB L . -32.80 -22.59 -4.16
CT4 2XB L . -32.56 -21.58 -4.90
OE2 2XB L . -33.34 -21.32 -5.86
CT3 2XB L . -31.40 -20.70 -4.62
CT2 2XB L . -30.45 -20.38 -5.73
CT1 2XB L . -29.24 -19.56 -5.45
CT5 2XB L . -29.28 -18.08 -5.68
OT1 2XB L . -28.77 -17.60 -6.71
OXT 2XB L . -29.84 -17.33 -4.83
NT1 2XB L . -28.24 -20.09 -4.58
CAV 2XB L . -27.58 -21.32 -4.88
OAD 2XB L . -27.87 -21.95 -5.89
CAY 2XB L . -26.54 -21.84 -3.95
CAJ 2XB L . -25.97 -23.08 -4.16
CAH 2XB L . -25.00 -23.53 -3.28
CAK 2XB L . -26.15 -21.04 -2.87
CAI 2XB L . -25.18 -21.50 -2.00
CAX 2XB L . -24.60 -22.75 -2.21
CAO 2XB L . -23.56 -23.25 -1.26
CAZ 2XB L . -22.60 -24.11 -2.01
CBC 2XB L . -21.68 -23.66 -3.01
CBA 2XB L . -21.37 -22.39 -3.58
OAE 2XB L . -22.03 -21.25 -3.17
NAS 2XB L . -20.38 -22.30 -4.56
CAW 2XB L . -19.69 -23.50 -5.00
NAA 2XB L . -18.67 -23.43 -6.01
NAP 2XB L . -20.03 -24.72 -4.40
CBB 2XB L . -21.00 -24.79 -3.44
NAR 2XB L . -21.48 -25.91 -2.73
CAL 2XB L . -22.47 -25.48 -1.85
OE1 2XB M . -41.41 15.03 17.79
CT4 2XB M . -42.56 15.01 17.29
OE2 2XB M . -43.14 13.91 17.09
CT3 2XB M . -43.24 16.29 16.92
CT2 2XB M . -43.96 16.39 15.63
CT1 2XB M . -43.54 17.42 14.64
CT5 2XB M . -42.71 18.57 15.07
OT1 2XB M . -41.94 19.15 14.27
OXT 2XB M . -42.76 18.96 16.27
NT1 2XB M . -43.66 17.14 13.23
CAV 2XB M . -44.95 16.90 12.66
OAD 2XB M . -45.94 16.95 13.36
CAY 2XB M . -45.07 16.61 11.20
CAJ 2XB M . -45.82 15.52 10.79
CAH 2XB M . -45.93 15.24 9.43
CAK 2XB M . -44.42 17.42 10.27
CAI 2XB M . -44.53 17.14 8.92
CAX 2XB M . -45.29 16.05 8.51
CAO 2XB M . -45.41 15.75 7.06
CAZ 2XB M . -44.06 15.70 6.43
CBC 2XB M . -43.08 14.70 6.70
CBA 2XB M . -43.03 13.54 7.52
OAE 2XB M . -44.12 13.20 8.30
NAS 2XB M . -41.89 12.75 7.54
CAW 2XB M . -40.74 13.11 6.72
NAA 2XB M . -39.56 12.32 6.72
NAP 2XB M . -40.84 14.26 5.92
CBB 2XB M . -41.98 15.03 5.91
NAR 2XB M . -42.27 16.21 5.19
CAL 2XB M . -43.57 16.61 5.52
PA NDP N . 43.34 30.20 -62.49
O1A NDP N . 42.02 30.56 -61.84
O2A NDP N . 43.79 28.86 -61.99
O5B NDP N . 43.16 30.15 -64.01
C5B NDP N . 43.07 31.34 -64.73
C4B NDP N . 42.28 31.31 -65.98
O4B NDP N . 40.91 31.17 -65.68
C3B NDP N . 42.40 32.59 -66.71
O3B NDP N . 43.35 32.49 -67.71
C2B NDP N . 41.09 32.83 -67.27
O2B NDP N . 41.13 32.72 -68.66
C1B NDP N . 40.21 31.80 -66.73
N9A NDP N . 39.03 32.41 -66.21
C8A NDP N . 38.79 32.70 -64.91
N7A NDP N . 37.57 33.25 -64.79
C5A NDP N . 37.00 33.33 -66.03
C6A NDP N . 35.77 33.81 -66.54
N6A NDP N . 34.77 34.39 -65.62
N1A NDP N . 35.50 33.73 -67.87
C2A NDP N . 36.43 33.20 -68.72
N3A NDP N . 37.61 32.74 -68.28
C4A NDP N . 37.93 32.79 -66.94
O3 NDP N . 44.44 31.29 -62.12
PN NDP N . 45.04 31.35 -60.66
O1N NDP N . 46.08 32.47 -60.57
O2N NDP N . 43.92 31.60 -59.66
O5D NDP N . 45.74 29.93 -60.32
C5D NDP N . 47.12 29.77 -60.49
C4D NDP N . 47.84 29.00 -59.49
O4D NDP N . 46.93 28.20 -58.74
C3D NDP N . 48.78 28.06 -60.11
O3D NDP N . 50.09 28.50 -59.92
C2D NDP N . 48.59 26.81 -59.45
O2D NDP N . 49.80 26.33 -58.96
C1D NDP N . 47.64 27.08 -58.35
N1N NDP N . 46.78 25.95 -58.13
C2N NDP N . 46.86 25.32 -56.94
C3N NDP N . 46.05 24.20 -56.66
C7N NDP N . 46.17 23.51 -55.31
O7N NDP N . 45.19 22.93 -54.83
N7N NDP N . 47.41 23.52 -54.57
C4N NDP N . 45.13 23.75 -57.63
C5N NDP N . 45.08 24.44 -58.85
C6N NDP N . 45.91 25.54 -59.09
P2B NDP N . 41.24 33.99 -69.58
O1X NDP N . 42.49 34.80 -69.16
O2X NDP N . 41.40 33.55 -70.98
O3X NDP N . 40.03 34.85 -69.45
N1 UFP O . 50.61 15.72 -12.67
C2 UFP O . 50.38 15.31 -13.95
N3 UFP O . 51.41 14.96 -14.74
C4 UFP O . 52.68 15.02 -14.30
C5 UFP O . 52.93 15.45 -12.97
C6 UFP O . 51.88 15.80 -12.20
O2 UFP O . 49.26 15.23 -14.42
O4 UFP O . 53.60 14.70 -15.03
F5 UFP O . 54.19 15.51 -12.51
C1' UFP O . 49.53 16.12 -11.73
C2' UFP O . 48.49 15.01 -11.49
C3' UFP O . 47.98 15.31 -10.07
C4' UFP O . 48.99 16.32 -9.48
O3' UFP O . 46.68 15.92 -10.11
O4' UFP O . 50.09 16.37 -10.42
C5' UFP O . 49.45 15.84 -8.10
O5' UFP O . 49.57 14.42 -8.08
P UFP O . 48.62 13.84 -6.90
O1P UFP O . 47.37 13.32 -7.49
O2P UFP O . 48.28 15.03 -5.88
O3P UFP O . 49.38 12.66 -6.13
OE1 2XB P . 57.13 26.75 -18.84
CT4 2XB P . 55.98 27.07 -19.26
OE2 2XB P . 55.74 28.26 -19.59
CT3 2XB P . 54.92 26.04 -19.36
CT2 2XB P . 53.58 26.30 -18.77
CT1 2XB P . 52.54 25.25 -18.82
CT5 2XB P . 51.52 25.26 -19.91
OT1 2XB P . 50.36 25.70 -19.69
OXT 2XB P . 51.83 24.84 -21.06
NT1 2XB P . 52.76 24.02 -18.11
CAV 2XB P . 52.99 24.01 -16.70
OAD 2XB P . 53.00 25.05 -16.07
CAY 2XB P . 53.21 22.71 -16.02
CAJ 2XB P . 53.55 22.67 -14.67
CAH 2XB P . 53.75 21.45 -14.04
CAK 2XB P . 53.08 21.52 -16.73
CAI 2XB P . 53.27 20.29 -16.11
CAX 2XB P . 53.61 20.27 -14.77
CAO 2XB P . 53.83 18.97 -14.09
CAZ 2XB P . 53.41 19.08 -12.65
CBC 2XB P . 52.07 19.24 -12.20
CBA 2XB P . 50.79 19.35 -12.83
OAE 2XB P . 50.69 19.29 -14.20
NAS 2XB P . 49.65 19.51 -12.06
CAW 2XB P . 49.76 19.58 -10.61
NAA 2XB P . 48.59 19.75 -9.80
NAP 2XB P . 51.03 19.47 -10.03
CBB 2XB P . 52.15 19.31 -10.81
NAR 2XB P . 53.51 19.18 -10.43
CAL 2XB P . 54.28 19.04 -11.58
OE1 2XB Q . 50.60 10.13 -59.44
CT4 2XB Q . 51.00 11.23 -59.90
OE2 2XB Q . 51.91 11.88 -59.31
CT3 2XB Q . 50.41 11.77 -61.16
CT2 2XB Q . 50.06 13.21 -61.25
CT1 2XB Q . 48.64 13.62 -61.50
CT5 2XB Q . 47.69 12.62 -62.07
OT1 2XB Q . 46.46 12.73 -61.84
OXT 2XB Q . 48.12 11.67 -62.77
NT1 2XB Q . 48.13 14.82 -60.92
CAV 2XB Q . 48.70 16.08 -61.27
OAD 2XB Q . 49.62 16.14 -62.08
CAY 2XB Q . 48.17 17.34 -60.66
CAJ 2XB Q . 49.05 18.26 -60.12
CAH 2XB Q . 48.55 19.42 -59.55
CAK 2XB Q . 46.80 17.57 -60.66
CAI 2XB Q . 46.31 18.74 -60.09
CAX 2XB Q . 47.19 19.65 -59.54
CAO 2XB Q . 46.67 20.91 -58.93
CAZ 2XB Q . 45.59 20.58 -57.95
CBC 2XB Q . 45.79 19.91 -56.72
CBA 2XB Q . 46.93 19.37 -56.05
OAE 2XB Q . 48.17 19.46 -56.61
NAS 2XB Q . 46.77 18.75 -54.80
CAW 2XB Q . 45.45 18.66 -54.20
NAA 2XB Q . 45.26 18.03 -52.93
NAP 2XB Q . 44.37 19.21 -54.90
CBB 2XB Q . 44.53 19.81 -56.13
NAR 2XB Q . 43.59 20.41 -56.98
CAL 2XB Q . 44.25 20.88 -58.12
PA NDP R . 25.43 23.05 3.76
O1A NDP R . 24.51 23.83 4.67
O2A NDP R . 24.65 21.99 3.04
O5B NDP R . 26.07 23.99 2.74
C5B NDP R . 27.11 24.85 3.14
C4B NDP R . 27.25 26.12 2.41
O4B NDP R . 26.16 26.98 2.72
C3B NDP R . 28.44 26.85 2.84
O3B NDP R . 29.48 26.61 1.94
C2B NDP R . 28.07 28.25 2.84
O2B NDP R . 28.76 28.94 1.83
C1B NDP R . 26.65 28.29 2.61
N9A NDP R . 26.02 29.12 3.57
C8A NDP R . 25.38 28.69 4.69
N7A NDP R . 24.91 29.75 5.37
C5A NDP R . 25.24 30.89 4.68
C6A NDP R . 25.03 32.27 4.89
N6A NDP R . 24.29 32.75 6.08
N1A NDP R . 25.50 33.19 3.99
C2A NDP R . 26.18 32.75 2.90
N3A NDP R . 26.40 31.46 2.66
C4A NDP R . 25.95 30.49 3.54
O3 NDP R . 26.58 22.36 4.63
PN NDP R . 26.23 21.10 5.54
O1N NDP R . 27.50 20.62 6.25
O2N NDP R . 25.20 21.52 6.57
O5D NDP R . 25.64 19.91 4.62
C5D NDP R . 26.48 18.89 4.17
C4D NDP R . 25.93 17.54 4.17
O4D NDP R . 24.52 17.58 4.23
C3D NDP R . 26.27 16.85 2.92
O3D NDP R . 27.24 15.88 3.15
C2D NDP R . 25.07 16.22 2.47
O2D NDP R . 25.27 14.86 2.26
C1D NDP R . 24.08 16.44 3.56
N1N NDP R . 22.76 16.62 3.02
C2N NDP R . 21.83 15.71 3.33
C3N NDP R . 20.51 15.82 2.84
C7N NDP R . 19.48 14.76 3.22
O7N NDP R . 18.28 15.08 3.26
N7N NDP R . 19.86 13.41 3.51
C4N NDP R . 20.17 16.91 2.01
C5N NDP R . 21.18 17.84 1.72
C6N NDP R . 22.47 17.69 2.22
P2B NDP R . 30.05 29.75 2.13
O1X NDP R . 31.09 28.83 2.80
O2X NDP R . 30.60 30.26 0.85
O3X NDP R . 29.75 30.91 3.02
N1 UFP S . -4.17 -14.31 25.08
C2 UFP S . -3.92 -13.57 23.98
N3 UFP S . -3.13 -14.06 22.99
C4 UFP S . -2.58 -15.28 23.08
C5 UFP S . -2.83 -16.06 24.24
C6 UFP S . -3.61 -15.56 25.21
O2 UFP S . -4.38 -12.45 23.82
O4 UFP S . -1.87 -15.70 22.19
F5 UFP S . -2.29 -17.30 24.35
C1' UFP S . -5.02 -13.86 26.21
C2' UFP S . -6.45 -13.47 25.77
C3' UFP S . -7.31 -13.77 27.01
C4' UFP S . -6.39 -14.58 27.95
O3' UFP S . -7.72 -12.57 27.65
O4' UFP S . -5.23 -14.94 27.16
C5' UFP S . -7.11 -15.81 28.48
O5' UFP S . -7.85 -16.45 27.44
P UFP S . -9.39 -16.53 27.89
O1P UFP S . -10.17 -15.47 27.21
O2P UFP S . -9.50 -16.32 29.48
O3P UFP S . -10.00 -17.97 27.50
OE1 2XB T . 9.51 -12.46 28.14
CT4 2XB T . 9.21 -11.25 28.27
OE2 2XB T . 9.95 -10.48 28.96
CT3 2XB T . 7.99 -10.70 27.62
CT2 2XB T . 7.02 -9.90 28.42
CT1 2XB T . 5.77 -9.41 27.78
CT5 2XB T . 5.72 -8.02 27.23
OT1 2XB T . 5.16 -7.11 27.88
OXT 2XB T . 6.24 -7.78 26.11
NT1 2XB T . 4.81 -10.37 27.32
CAV 2XB T . 4.22 -11.31 28.21
OAD 2XB T . 4.53 -11.32 29.39
CAY 2XB T . 3.22 -12.28 27.69
CAJ 2XB T . 2.72 -13.28 28.51
CAH 2XB T . 1.79 -14.18 28.00
CAK 2XB T . 2.80 -12.18 26.37
CAI 2XB T . 1.87 -13.07 25.87
CAX 2XB T . 1.37 -14.07 26.69
CAO 2XB T . 0.37 -15.04 26.16
CAZ 2XB T . -0.55 -15.44 27.25
CBC 2XB T . -1.51 -14.60 27.90
CBA 2XB T . -1.90 -13.24 27.74
OAE 2XB T . -1.31 -12.43 26.81
NAS 2XB T . -2.91 -12.72 28.56
CAW 2XB T . -3.54 -13.56 29.56
NAA 2XB T . -4.56 -13.06 30.41
NAP 2XB T . -3.12 -14.91 29.67
CBB 2XB T . -2.13 -15.40 28.85
NAR 2XB T . -1.57 -16.70 28.80
CAL 2XB T . -0.59 -16.72 27.81
OE1 2XB U . 16.27 9.20 -9.99
CT4 2XB U . 17.42 9.51 -9.56
OE2 2XB U . 18.06 8.70 -8.84
CT3 2XB U . 18.01 10.83 -9.91
CT2 2XB U . 18.71 11.61 -8.86
CT1 2XB U . 18.22 12.98 -8.52
CT5 2XB U . 17.33 13.70 -9.47
OT1 2XB U . 16.52 14.57 -9.04
OXT 2XB U . 17.37 13.44 -10.70
NT1 2XB U . 18.33 13.46 -7.16
CAV 2XB U . 19.62 13.63 -6.58
OAD 2XB U . 20.62 13.37 -7.22
CAY 2XB U . 19.74 14.11 -5.17
CAJ 2XB U . 20.55 13.43 -4.27
CAH 2XB U . 20.66 13.89 -2.97
CAK 2XB U . 19.03 15.25 -4.78
CAI 2XB U . 19.14 15.70 -3.47
CAX 2XB U . 19.95 15.02 -2.58
CAO 2XB U . 20.08 15.51 -1.17
CAZ 2XB U . 18.72 15.71 -0.59
CBC 2XB U . 17.80 14.66 -0.29
CBA 2XB U . 17.83 13.23 -0.41
OAE 2XB U . 18.95 12.61 -0.92
NAS 2XB U . 16.74 12.48 -0.01
CAW 2XB U . 15.56 13.15 0.54
NAA 2XB U . 14.42 12.39 0.95
NAP 2XB U . 15.58 14.54 0.64
CBB 2XB U . 16.67 15.27 0.23
NAR 2XB U . 16.89 16.67 0.25
CAL 2XB U . 18.16 16.93 -0.26
PA NDP V . -23.07 -1.45 45.45
O1A NDP V . -23.83 -1.09 46.70
O2A NDP V . -23.56 -0.61 44.30
O5B NDP V . -21.58 -1.19 45.66
C5B NDP V . -21.02 -1.42 46.92
C4B NDP V . -19.61 -1.03 47.10
O4B NDP V . -19.53 0.19 47.80
C3B NDP V . -18.89 -2.00 47.90
O3B NDP V . -18.34 -2.99 47.10
C2B NDP V . -17.84 -1.22 48.53
O2B NDP V . -16.73 -1.13 47.69
C1B NDP V . -18.43 0.10 48.70
N9A NDP V . -18.91 0.27 50.03
C8A NDP V . -20.17 0.04 50.46
N7A NDP V . -20.25 0.31 51.77
C5A NDP V . -19.02 0.70 52.21
C6A NDP V . -18.48 1.10 53.48
N6A NDP V . -19.36 1.14 54.67
N1A NDP V . -17.17 1.45 53.58
C2A NDP V . -16.37 1.41 52.48
N3A NDP V . -16.83 1.03 51.28
C4A NDP V . -18.16 0.68 51.11
O3 NDP V . -23.28 -2.97 45.08
PN NDP V . -24.72 -3.64 45.15
O1N NDP V . -24.62 -5.12 44.76
O2N NDP V . -25.27 -3.53 46.56
O5D NDP V . -25.70 -2.89 44.11
C5D NDP V . -25.56 -3.11 42.74
C4D NDP V . -26.53 -4.00 42.10
O4D NDP V . -27.82 -3.39 42.10
C3D NDP V . -26.18 -4.24 40.70
O3D NDP V . -26.63 -5.50 40.31
C2D NDP V . -26.89 -3.24 39.98
O2D NDP V . -27.25 -3.72 38.72
C1D NDP V . -28.09 -2.96 40.80
N1N NDP V . -28.42 -1.56 40.76
C2N NDP V . -29.68 -1.21 40.50
C3N NDP V . -30.07 0.15 40.46
C7N NDP V . -31.51 0.51 40.15
O7N NDP V . -31.86 1.70 40.19
N7N NDP V . -32.49 -0.49 39.83
C4N NDP V . -29.10 1.14 40.69
C5N NDP V . -27.78 0.73 40.96
C6N NDP V . -27.45 -0.62 41.00
P2B NDP V . -15.40 -1.88 48.01
O1X NDP V . -15.20 -3.02 47.00
O2X NDP V . -14.27 -0.93 47.90
O3X NDP V . -15.43 -2.44 49.39
N1 UFP W . -75.11 -3.44 37.86
C2 UFP W . -73.92 -2.81 37.62
N3 UFP W . -73.22 -3.06 36.51
C4 UFP W . -73.66 -3.94 35.59
C5 UFP W . -74.87 -4.61 35.82
C6 UFP W . -75.57 -4.36 36.94
O2 UFP W . -73.46 -2.00 38.41
O4 UFP W . -73.01 -4.16 34.59
F5 UFP W . -75.34 -5.51 34.92
C1' UFP W . -75.94 -3.22 39.05
C2' UFP W . -76.34 -1.75 39.25
C3' UFP W . -77.75 -1.82 39.88
C4' UFP W . -78.11 -3.32 39.88
O3' UFP W . -77.75 -1.34 41.23
O4' UFP W . -77.20 -3.93 38.92
C5' UFP W . -79.56 -3.51 39.46
O5' UFP W . -79.91 -2.63 38.39
P UFP W . -81.14 -1.70 38.87
O1P UFP W . -80.63 -0.45 39.48
O2P UFP W . -82.02 -2.49 39.97
O3P UFP W . -82.06 -1.33 37.62
OE1 2XB X . -66.90 -14.84 38.97
CT4 2XB X . -66.41 -14.27 39.99
OE2 2XB X . -65.83 -14.94 40.88
CT3 2XB X . -66.53 -12.78 40.13
CT2 2XB X . -67.05 -12.20 41.40
CT1 2XB X . -67.22 -10.73 41.52
CT5 2XB X . -66.14 -9.92 42.15
OT1 2XB X . -66.27 -9.53 43.35
OXT 2XB X . -65.11 -9.62 41.50
NT1 2XB X . -68.16 -10.08 40.68
CAV 2XB X . -69.55 -10.45 40.69
OAD 2XB X . -69.95 -11.33 41.44
CAY 2XB X . -70.50 -9.72 39.79
CAJ 2XB X . -71.82 -10.14 39.72
CAH 2XB X . -72.69 -9.46 38.87
CAK 2XB X . -70.05 -8.65 39.06
CAI 2XB X . -70.93 -7.96 38.22
CAX 2XB X . -72.24 -8.37 38.13
CAO 2XB X . -73.18 -7.64 37.24
CAZ 2XB X . -74.56 -7.69 37.83
CBC 2XB X . -74.96 -7.02 39.02
CBA 2XB X . -74.31 -6.17 39.97
OAE 2XB X . -72.99 -5.84 39.82
NAS 2XB X . -75.03 -5.68 41.06
CAW 2XB X . -76.44 -6.03 41.21
NAA 2XB X . -77.19 -5.53 42.32
NAP 2XB X . -77.02 -6.86 40.26
CBB 2XB X . -76.30 -7.34 39.19
NAR 2XB X . -76.71 -8.18 38.14
CAL 2XB X . -75.62 -8.40 37.29
OE1 2XB Y . -30.72 8.34 27.77
CT4 2XB Y . -30.02 7.33 28.09
OE2 2XB Y . -30.47 6.17 27.89
CT3 2XB Y . -28.69 7.51 28.70
CT2 2XB Y . -28.29 6.68 29.88
CT1 2XB Y . -27.96 7.34 31.16
CT5 2XB Y . -27.60 8.79 31.19
OT1 2XB Y . -27.79 9.47 32.22
OXT 2XB Y . -27.12 9.33 30.15
NT1 2XB Y . -28.27 6.68 32.40
CAV 2XB Y . -27.64 5.43 32.72
OAD 2XB Y . -26.85 4.93 31.94
CAY 2XB Y . -27.98 4.74 34.00
CAJ 2XB Y . -28.31 3.39 33.98
CAH 2XB Y . -28.62 2.75 35.17
CAK 2XB Y . -27.92 5.45 35.19
CAI 2XB Y . -28.22 4.80 36.38
CAX 2XB Y . -28.58 3.46 36.36
CAO 2XB Y . -28.90 2.77 37.65
CAZ 2XB Y . -29.92 3.55 38.39
CBC 2XB Y . -31.27 3.73 37.99
CBA 2XB Y . -32.05 3.28 36.88
OAE 2XB Y . -31.47 2.50 35.90
NAS 2XB Y . -33.39 3.64 36.78
CAW 2XB Y . -33.99 4.47 37.81
NAA 2XB Y . -35.37 4.85 37.74
NAP 2XB Y . -33.19 4.88 38.89
CBB 2XB Y . -31.86 4.51 38.96
NAR 2XB Y . -30.90 4.82 39.95
CAL 2XB Y . -29.69 4.22 39.58
#